data_6K7Y
#
_entry.id   6K7Y
#
_cell.length_a   1.00
_cell.length_b   1.00
_cell.length_c   1.00
_cell.angle_alpha   90.00
_cell.angle_beta   90.00
_cell.angle_gamma   90.00
#
_symmetry.space_group_name_H-M   'P 1'
#
loop_
_entity.id
_entity.type
_entity.pdbx_description
1 polymer 'Calcium uniporter protein, mitochondrial'
2 polymer 'Essential MCU regulator, mitochondrial'
3 polymer 'Calcium uptake protein 1, mitochondrial'
4 polymer 'Calcium uptake protein 2, mitochondrial'
5 non-polymer 'CALCIUM ION'
6 non-polymer CARDIOLIPIN
7 non-polymer (9R,11S)-9-({[(1S)-1-HYDROXYHEXADECYL]OXY}METHYL)-2,2-DIMETHYL-5,7,10-TRIOXA-2LAMBDA~5~-AZA-6LAMBDA~5~-PHOSPHAOCTACOSANE-6,6,11-TRIOL
#
loop_
_entity_poly.entity_id
_entity_poly.type
_entity_poly.pdbx_seq_one_letter_code
_entity_poly.pdbx_strand_id
1 'polypeptide(L)'
;DDVTVVYQNGLPVISVRLPSRRERCQFTLKPISDSVGVFLRQLQEEDRGIDRVAIYSPDGVRVAASTGIDLLLLDDFKLV
INDLTYHVRPPKRDLLSHENAATLNDVKTLVQQLYTTLCIEQHQLNKERELIERLEDLKEQLAPLEKVRIEISRKAEKRT
TLVLWGGLAYMATQFGILARLTWWEYSWDIMEPVTYFITYGSAMAMYAYFVMTRQEYVYPEARDRQYLLFFHKGAKKSRF
DLEKYNQLKDAIAQAEMDLKRLRDPLQVHLPLRQIG
;
A,B,C,D,N,O,P,Q
2 'polypeptide(L)' VIVTRSGAILPKPVKMSFGLLRVFSIVIPFLYVGTLISKNFAALLEEHDIFVPE E,F,G,H,R,S,T,U
3 'polypeptide(L)'
;MFRLNSLSALAELAVGSRWYHGGSQPIQIRRRLMMVAFLGASAVTASTGLLWKRAHAESPPCVDNLKSDIGDKGKNKDEG
DVCNHEKKTADLAPHPEEKKKKRSGFRDRKVMEYENRIRAYSTPDKIFRYFATLKVISEPGEAEVFMTPEDFVRSITPNE
KQPEHLGLDQYIIKRFDGKKISQEREKFADEGSIFYTLGECGLISFSDYIFLTTVLSTPQRNFEIAFKMFDLNGDGEVDM
EEFEQVQSIIRSQTSMGMRHRDRPTTGNTLKSGLCSALTTYFFGADLKGKLTIKNFLEFQRKLQHDVLKLEFERHDPVDG
RITERQFGGMLLAYSGVQSKKLTAMQRQLKKHFKEGKGLTFQEVENFFTFLKNINDVDTALSFYHMAGASLDKVTMQQVA
RTVAKVELSDHVCDVVFALFDCDGNGELSNKEFVSIMKQRLMRGLEKPKDMGFTRLMQAMWKCAQETAWDFALPKQ
;
I,V
4 'polypeptide(L)'
;PSLRKQRFMQFSSLEHEGEYYMTPRDFLFSVMFEQMERKTSVKKLTKKDIEDTLSGIQTAGCGSTFFRDLGDKGLISYTE
YLFLLTILTKPHSGFHVAFKMLDTDGNEMIEKREFFKLQKIISKQDDLMTVKTNETGYQEAIVKEPEINTTLQMRFFGKR
GQRKLHYKEFRRFMENLQTEIQEMEFLQFSKGLSFMRKEDFAEWLLFFTNTENKDIYWKNVREKLSAGESISLDEFKSFC
HFTTHLEDFAIAMQMFSLAHRPVRLAEFKRAVKVATGQELSNNILDTVFKIFDLDGDECLSHEEFLGVLKNRMHRGLWVP
QHQSIQEYWKCVKKES
;
J,W
#
# COMPACT_ATOMS: atom_id res chain seq x y z
N ASP A 1 -38.31 72.85 22.37
CA ASP A 1 -37.63 71.56 22.44
C ASP A 1 -37.85 70.74 21.18
N ASP A 2 -36.98 70.93 20.19
CA ASP A 2 -37.09 70.22 18.93
C ASP A 2 -35.69 70.00 18.38
N VAL A 3 -35.64 69.34 17.22
CA VAL A 3 -34.36 69.02 16.59
C VAL A 3 -33.76 70.29 16.00
N THR A 4 -32.48 70.54 16.29
CA THR A 4 -31.82 71.73 15.81
C THR A 4 -30.63 71.36 14.93
N VAL A 5 -30.51 72.04 13.78
CA VAL A 5 -29.39 71.84 12.86
C VAL A 5 -28.56 73.11 12.87
N VAL A 6 -27.28 72.98 13.22
CA VAL A 6 -26.38 74.12 13.32
C VAL A 6 -25.06 73.76 12.65
N TYR A 7 -24.57 74.64 11.79
CA TYR A 7 -23.32 74.40 11.11
C TYR A 7 -22.15 74.82 11.98
N GLN A 8 -21.27 73.87 12.30
CA GLN A 8 -20.08 74.13 13.09
C GLN A 8 -18.89 73.48 12.39
N ASN A 9 -17.81 74.25 12.25
CA ASN A 9 -16.57 73.77 11.66
C ASN A 9 -16.77 73.25 10.24
N GLY A 10 -17.71 73.83 9.51
CA GLY A 10 -18.01 73.40 8.17
C GLY A 10 -18.87 72.16 8.07
N LEU A 11 -19.26 71.57 9.19
CA LEU A 11 -20.06 70.36 9.19
C LEU A 11 -21.38 70.60 9.92
N PRO A 12 -22.47 70.00 9.47
CA PRO A 12 -23.74 70.15 10.19
C PRO A 12 -23.74 69.33 11.47
N VAL A 13 -24.43 69.85 12.47
CA VAL A 13 -24.61 69.19 13.76
C VAL A 13 -26.09 69.17 14.07
N ILE A 14 -26.63 67.97 14.29
CA ILE A 14 -28.05 67.78 14.58
C ILE A 14 -28.18 67.42 16.05
N SER A 15 -28.91 68.24 16.80
CA SER A 15 -29.19 67.97 18.20
C SER A 15 -30.62 67.47 18.31
N VAL A 16 -30.78 66.24 18.79
CA VAL A 16 -32.08 65.59 18.95
C VAL A 16 -32.28 65.24 20.42
N ARG A 17 -33.46 64.74 20.76
CA ARG A 17 -33.79 64.37 22.13
C ARG A 17 -34.08 62.86 22.16
N LEU A 18 -33.21 62.10 22.82
CA LEU A 18 -33.37 60.66 22.81
C LEU A 18 -34.38 60.23 23.86
N PRO A 19 -35.26 59.29 23.54
CA PRO A 19 -36.42 59.04 24.40
C PRO A 19 -36.13 58.23 25.66
N SER A 20 -35.22 57.26 25.59
CA SER A 20 -35.03 56.35 26.71
C SER A 20 -34.61 57.09 27.97
N ARG A 21 -33.46 57.74 27.93
CA ARG A 21 -33.04 58.68 28.97
C ARG A 21 -33.20 60.06 28.35
N ARG A 22 -34.14 60.84 28.88
CA ARG A 22 -34.59 62.05 28.18
C ARG A 22 -33.47 63.08 28.25
N GLU A 23 -32.53 62.94 27.33
CA GLU A 23 -31.41 63.87 27.21
C GLU A 23 -31.14 64.13 25.74
N ARG A 24 -30.45 65.23 25.48
CA ARG A 24 -30.15 65.63 24.12
C ARG A 24 -28.86 64.99 23.64
N CYS A 25 -28.76 64.82 22.32
CA CYS A 25 -27.61 64.20 21.69
C CYS A 25 -27.23 64.98 20.44
N GLN A 26 -25.94 65.22 20.28
CA GLN A 26 -25.39 65.93 19.14
C GLN A 26 -24.75 64.94 18.18
N PHE A 27 -25.20 64.94 16.93
CA PHE A 27 -24.66 64.09 15.89
C PHE A 27 -24.00 64.98 14.84
N THR A 28 -22.70 64.80 14.66
CA THR A 28 -21.94 65.57 13.67
C THR A 28 -21.94 64.79 12.36
N LEU A 29 -22.68 65.30 11.39
CA LEU A 29 -22.82 64.63 10.10
C LEU A 29 -21.76 65.11 9.12
N LYS A 30 -21.42 64.23 8.18
CA LYS A 30 -20.50 64.56 7.09
C LYS A 30 -21.26 64.48 5.79
N PRO A 31 -21.78 65.60 5.27
CA PRO A 31 -22.73 65.53 4.16
C PRO A 31 -22.15 65.03 2.86
N ILE A 32 -20.82 64.93 2.74
CA ILE A 32 -20.26 64.50 1.46
C ILE A 32 -20.24 62.98 1.32
N SER A 33 -20.19 62.25 2.44
CA SER A 33 -20.07 60.80 2.38
C SER A 33 -20.98 60.10 3.36
N ASP A 34 -22.17 60.66 3.61
CA ASP A 34 -23.13 60.04 4.51
C ASP A 34 -24.48 59.95 3.83
N SER A 35 -25.22 58.90 4.17
CA SER A 35 -26.58 58.70 3.71
C SER A 35 -27.54 58.83 4.90
N VAL A 36 -28.83 58.78 4.59
CA VAL A 36 -29.82 58.79 5.65
C VAL A 36 -29.73 57.51 6.47
N GLY A 37 -29.42 56.39 5.81
CA GLY A 37 -29.28 55.13 6.53
C GLY A 37 -28.21 55.19 7.61
N VAL A 38 -27.09 55.85 7.31
CA VAL A 38 -26.02 55.95 8.30
C VAL A 38 -26.45 56.80 9.48
N PHE A 39 -27.15 57.90 9.21
CA PHE A 39 -27.61 58.75 10.30
C PHE A 39 -28.60 58.00 11.19
N LEU A 40 -29.53 57.27 10.59
CA LEU A 40 -30.48 56.51 11.38
C LEU A 40 -29.80 55.37 12.14
N ARG A 41 -28.76 54.78 11.56
CA ARG A 41 -28.03 53.74 12.27
C ARG A 41 -27.32 54.29 13.50
N GLN A 42 -26.68 55.46 13.37
CA GLN A 42 -26.09 56.10 14.54
C GLN A 42 -27.14 56.47 15.56
N LEU A 43 -28.30 56.92 15.09
CA LEU A 43 -29.37 57.32 16.00
C LEU A 43 -29.89 56.12 16.79
N GLN A 44 -29.95 54.95 16.16
CA GLN A 44 -30.39 53.76 16.87
C GLN A 44 -29.30 53.19 17.76
N GLU A 45 -28.03 53.35 17.38
CA GLU A 45 -26.94 52.86 18.22
C GLU A 45 -26.78 53.69 19.48
N GLU A 46 -27.05 54.99 19.41
CA GLU A 46 -26.86 55.84 20.58
C GLU A 46 -27.92 55.62 21.65
N ASP A 47 -29.06 55.04 21.29
CA ASP A 47 -30.13 54.82 22.27
C ASP A 47 -30.43 53.36 22.51
N ARG A 48 -30.57 52.57 21.44
CA ARG A 48 -30.92 51.15 21.47
C ARG A 48 -32.35 50.92 21.91
N GLY A 49 -33.07 51.96 22.33
CA GLY A 49 -34.48 51.87 22.61
C GLY A 49 -35.35 52.44 21.53
N ILE A 50 -34.75 52.94 20.47
CA ILE A 50 -35.48 53.46 19.31
C ILE A 50 -35.69 52.30 18.35
N ASP A 51 -36.92 51.79 18.28
CA ASP A 51 -37.20 50.62 17.46
C ASP A 51 -37.72 50.96 16.07
N ARG A 52 -38.21 52.17 15.85
CA ARG A 52 -38.71 52.54 14.53
C ARG A 52 -38.47 54.04 14.33
N VAL A 53 -37.35 54.36 13.69
CA VAL A 53 -36.99 55.73 13.37
C VAL A 53 -37.06 55.89 11.86
N ALA A 54 -37.54 57.04 11.40
CA ALA A 54 -37.67 57.28 9.97
C ALA A 54 -37.58 58.77 9.69
N ILE A 55 -37.34 59.10 8.43
CA ILE A 55 -37.25 60.48 7.97
C ILE A 55 -38.26 60.68 6.85
N TYR A 56 -39.12 61.68 7.00
CA TYR A 56 -40.23 61.91 6.07
C TYR A 56 -40.07 63.24 5.38
N SER A 57 -40.45 63.28 4.10
CA SER A 57 -40.54 64.53 3.38
C SER A 57 -41.69 65.35 3.93
N PRO A 58 -41.63 66.68 3.81
CA PRO A 58 -42.74 67.51 4.33
C PRO A 58 -44.09 67.18 3.73
N ASP A 59 -44.14 66.56 2.55
CA ASP A 59 -45.42 66.16 1.99
C ASP A 59 -45.97 64.88 2.60
N GLY A 60 -45.12 64.11 3.27
CA GLY A 60 -45.54 62.86 3.90
C GLY A 60 -44.90 61.62 3.33
N VAL A 61 -44.24 61.70 2.19
CA VAL A 61 -43.61 60.53 1.60
C VAL A 61 -42.29 60.26 2.32
N ARG A 62 -41.96 58.98 2.50
CA ARG A 62 -40.74 58.63 3.18
C ARG A 62 -39.54 58.96 2.30
N VAL A 63 -38.36 58.92 2.90
CA VAL A 63 -37.10 59.16 2.20
C VAL A 63 -36.25 57.90 2.36
N ALA A 64 -35.83 57.34 1.24
CA ALA A 64 -35.08 56.09 1.27
C ALA A 64 -33.77 56.26 2.03
N ALA A 65 -33.30 55.16 2.61
CA ALA A 65 -32.06 55.17 3.38
C ALA A 65 -30.82 55.32 2.52
N SER A 66 -30.97 55.41 1.20
CA SER A 66 -29.84 55.62 0.31
C SER A 66 -29.67 57.06 -0.12
N THR A 67 -30.56 57.95 0.34
CA THR A 67 -30.46 59.36 -0.02
C THR A 67 -29.29 60.01 0.71
N GLY A 68 -28.47 60.73 -0.03
CA GLY A 68 -27.34 61.41 0.60
C GLY A 68 -27.80 62.46 1.59
N ILE A 69 -26.94 62.75 2.56
CA ILE A 69 -27.28 63.73 3.59
C ILE A 69 -27.30 65.14 3.00
N ASP A 70 -26.36 65.44 2.10
CA ASP A 70 -26.31 66.77 1.51
C ASP A 70 -27.55 67.07 0.68
N LEU A 71 -28.19 66.04 0.13
CA LEU A 71 -29.43 66.25 -0.59
C LEU A 71 -30.61 66.45 0.34
N LEU A 72 -30.48 66.06 1.60
CA LEU A 72 -31.58 66.18 2.56
C LEU A 72 -31.59 67.50 3.30
N LEU A 73 -30.43 68.09 3.56
CA LEU A 73 -30.35 69.35 4.28
C LEU A 73 -30.65 70.54 3.41
N LEU A 74 -31.11 70.33 2.19
CA LEU A 74 -31.52 71.40 1.31
C LEU A 74 -32.99 71.76 1.46
N ASP A 75 -33.72 71.07 2.33
CA ASP A 75 -35.13 71.33 2.54
C ASP A 75 -35.56 70.70 3.84
N ASP A 76 -36.49 71.35 4.53
CA ASP A 76 -36.92 70.87 5.84
C ASP A 76 -37.62 69.53 5.71
N PHE A 77 -37.63 68.77 6.81
CA PHE A 77 -38.18 67.43 6.80
C PHE A 77 -38.76 67.11 8.17
N LYS A 78 -39.24 65.88 8.32
CA LYS A 78 -39.74 65.38 9.58
C LYS A 78 -38.91 64.19 10.03
N LEU A 79 -38.76 64.04 11.33
CA LEU A 79 -37.99 62.96 11.93
C LEU A 79 -38.90 62.25 12.92
N VAL A 80 -39.14 60.97 12.70
CA VAL A 80 -39.97 60.16 13.58
C VAL A 80 -39.06 59.26 14.41
N ILE A 81 -39.13 59.38 15.72
CA ILE A 81 -38.21 58.64 16.59
C ILE A 81 -38.84 57.34 17.04
N ASN A 82 -39.91 57.41 17.83
CA ASN A 82 -40.76 56.25 18.08
C ASN A 82 -42.18 56.49 17.61
N ASP A 83 -42.83 57.53 18.12
CA ASP A 83 -44.09 58.01 17.59
C ASP A 83 -44.17 59.52 17.58
N LEU A 84 -43.10 60.21 17.99
CA LEU A 84 -43.07 61.66 17.99
C LEU A 84 -42.46 62.15 16.68
N THR A 85 -43.09 63.15 16.08
CA THR A 85 -42.64 63.71 14.81
C THR A 85 -42.06 65.09 15.07
N TYR A 86 -40.74 65.20 14.97
CA TYR A 86 -40.06 66.48 15.11
C TYR A 86 -39.87 67.11 13.74
N HIS A 87 -40.30 68.35 13.58
CA HIS A 87 -40.20 69.05 12.31
C HIS A 87 -38.83 69.72 12.24
N VAL A 88 -37.89 69.06 11.58
CA VAL A 88 -36.53 69.58 11.44
C VAL A 88 -36.51 70.59 10.31
N ARG A 89 -35.88 71.74 10.57
CA ARG A 89 -35.82 72.84 9.60
C ARG A 89 -34.39 73.37 9.56
N PRO A 90 -33.59 72.91 8.61
CA PRO A 90 -32.18 73.28 8.58
C PRO A 90 -31.99 74.66 8.00
N PRO A 91 -30.90 75.35 8.36
CA PRO A 91 -30.62 76.66 7.78
C PRO A 91 -30.12 76.54 6.35
N LYS A 92 -30.96 76.88 5.39
CA LYS A 92 -30.62 76.75 3.98
C LYS A 92 -30.41 78.13 3.36
N ARG A 93 -29.47 78.19 2.42
CA ARG A 93 -29.22 79.42 1.70
C ARG A 93 -30.38 79.71 0.76
N ASP A 94 -30.97 80.89 0.89
CA ASP A 94 -32.17 81.25 0.14
C ASP A 94 -31.86 81.75 -1.27
N LEU A 95 -30.68 81.45 -1.79
CA LEU A 95 -30.31 81.89 -3.14
C LEU A 95 -30.78 80.87 -4.17
N LEU A 96 -30.74 81.28 -5.43
CA LEU A 96 -31.36 80.55 -6.53
C LEU A 96 -30.28 80.08 -7.52
N SER A 97 -30.73 79.54 -8.64
CA SER A 97 -29.83 78.87 -9.58
C SER A 97 -28.76 79.82 -10.12
N HIS A 98 -29.18 80.99 -10.63
CA HIS A 98 -28.22 81.90 -11.25
C HIS A 98 -27.25 82.47 -10.22
N GLU A 99 -27.69 82.61 -8.97
CA GLU A 99 -26.86 83.25 -7.95
C GLU A 99 -25.55 82.53 -7.74
N ASN A 100 -25.42 81.31 -8.28
CA ASN A 100 -24.15 80.60 -8.19
C ASN A 100 -23.02 81.40 -8.84
N ALA A 101 -23.29 81.98 -10.02
CA ALA A 101 -22.26 82.80 -10.67
C ALA A 101 -21.84 83.95 -9.78
N ALA A 102 -22.72 84.40 -8.89
CA ALA A 102 -22.33 85.34 -7.84
C ALA A 102 -21.75 84.59 -6.65
N THR A 103 -22.45 83.54 -6.20
CA THR A 103 -22.04 82.81 -5.02
C THR A 103 -20.59 82.35 -5.13
N LEU A 104 -20.26 81.67 -6.23
CA LEU A 104 -18.87 81.31 -6.50
C LEU A 104 -17.97 82.52 -6.39
N ASN A 105 -18.30 83.59 -7.10
CA ASN A 105 -17.53 84.83 -6.98
C ASN A 105 -17.50 85.31 -5.53
N ASP A 106 -18.64 85.22 -4.84
CA ASP A 106 -18.68 85.55 -3.43
C ASP A 106 -17.58 84.81 -2.67
N VAL A 107 -17.46 83.51 -2.92
CA VAL A 107 -16.43 82.71 -2.25
C VAL A 107 -15.06 83.37 -2.42
N LYS A 108 -14.74 83.79 -3.64
CA LYS A 108 -13.47 84.45 -3.90
C LYS A 108 -13.21 85.55 -2.89
N THR A 109 -14.19 86.43 -2.72
CA THR A 109 -14.03 87.54 -1.78
C THR A 109 -13.59 87.04 -0.42
N LEU A 110 -14.29 86.04 0.12
CA LEU A 110 -13.95 85.53 1.43
C LEU A 110 -12.52 85.05 1.47
N VAL A 111 -12.09 84.29 0.46
CA VAL A 111 -10.72 83.81 0.45
C VAL A 111 -9.76 84.99 0.49
N GLN A 112 -10.08 86.05 -0.26
CA GLN A 112 -9.21 87.23 -0.25
C GLN A 112 -9.02 87.75 1.17
N GLN A 113 -10.10 87.80 1.95
CA GLN A 113 -9.95 88.22 3.34
C GLN A 113 -8.96 87.33 4.07
N LEU A 114 -9.14 86.01 3.96
CA LEU A 114 -8.23 85.10 4.63
C LEU A 114 -6.82 85.20 4.06
N TYR A 115 -6.66 85.77 2.87
CA TYR A 115 -5.33 85.96 2.32
C TYR A 115 -4.64 87.21 2.86
N THR A 116 -5.38 88.13 3.45
CA THR A 116 -4.80 89.34 4.01
C THR A 116 -4.90 89.39 5.53
N THR A 117 -5.99 88.91 6.12
CA THR A 117 -6.04 88.84 7.57
C THR A 117 -5.02 87.83 8.09
N LEU A 118 -4.81 86.74 7.37
CA LEU A 118 -3.70 85.84 7.61
C LEU A 118 -2.63 86.15 6.59
N CYS A 119 -1.45 86.57 7.05
CA CYS A 119 -0.40 86.95 6.14
C CYS A 119 0.18 85.71 5.47
N ILE A 120 -0.34 85.37 4.29
CA ILE A 120 0.02 84.13 3.64
C ILE A 120 1.27 84.29 2.78
N GLU A 121 1.48 85.45 2.15
CA GLU A 121 2.70 85.66 1.38
C GLU A 121 3.94 85.53 2.26
N GLN A 122 3.88 86.08 3.47
CA GLN A 122 4.98 85.91 4.41
C GLN A 122 5.15 84.44 4.78
N HIS A 123 4.07 83.68 4.85
CA HIS A 123 4.19 82.25 5.14
C HIS A 123 4.89 81.51 4.02
N GLN A 124 4.56 81.82 2.77
CA GLN A 124 5.25 81.19 1.65
C GLN A 124 6.72 81.59 1.60
N LEU A 125 7.01 82.86 1.88
CA LEU A 125 8.40 83.30 1.94
C LEU A 125 9.15 82.58 3.04
N ASN A 126 8.51 82.35 4.19
CA ASN A 126 9.15 81.61 5.27
C ASN A 126 9.43 80.17 4.86
N LYS A 127 8.50 79.54 4.15
CA LYS A 127 8.73 78.17 3.70
C LYS A 127 9.92 78.11 2.73
N GLU A 128 9.97 79.04 1.77
CA GLU A 128 11.08 79.06 0.84
C GLU A 128 12.41 79.31 1.55
N ARG A 129 12.41 80.24 2.51
CA ARG A 129 13.63 80.53 3.25
C ARG A 129 14.08 79.33 4.07
N GLU A 130 13.12 78.58 4.62
CA GLU A 130 13.48 77.38 5.37
C GLU A 130 14.09 76.32 4.47
N LEU A 131 13.53 76.13 3.28
CA LEU A 131 14.13 75.19 2.34
C LEU A 131 15.54 75.61 1.95
N ILE A 132 15.74 76.90 1.68
CA ILE A 132 17.08 77.38 1.34
C ILE A 132 18.04 77.17 2.51
N GLU A 133 17.57 77.38 3.73
CA GLU A 133 18.42 77.20 4.90
C GLU A 133 18.84 75.74 5.04
N ARG A 134 17.89 74.82 4.87
CA ARG A 134 18.22 73.40 4.97
C ARG A 134 19.21 72.98 3.88
N LEU A 135 18.98 73.44 2.65
CA LEU A 135 19.90 73.11 1.56
C LEU A 135 21.30 73.66 1.84
N GLU A 136 21.38 74.88 2.37
CA GLU A 136 22.69 75.45 2.64
C GLU A 136 23.39 74.74 3.78
N ASP A 137 22.64 74.27 4.78
CA ASP A 137 23.24 73.48 5.84
C ASP A 137 23.82 72.18 5.29
N LEU A 138 23.04 71.50 4.44
CA LEU A 138 23.52 70.26 3.84
C LEU A 138 24.77 70.49 2.99
N LYS A 139 24.81 71.60 2.25
CA LYS A 139 26.00 71.88 1.45
C LYS A 139 27.18 72.28 2.34
N GLU A 140 26.91 72.92 3.48
CA GLU A 140 27.99 73.39 4.34
C GLU A 140 28.64 72.24 5.08
N GLN A 141 27.87 71.26 5.53
CA GLN A 141 28.46 70.14 6.25
C GLN A 141 29.02 69.06 5.33
N LEU A 142 29.31 69.41 4.09
CA LEU A 142 29.84 68.47 3.10
C LEU A 142 31.27 68.78 2.68
N ALA A 143 31.69 70.04 2.75
CA ALA A 143 33.01 70.43 2.26
C ALA A 143 34.15 69.64 2.90
N PRO A 144 34.20 69.43 4.22
CA PRO A 144 35.33 68.68 4.77
C PRO A 144 35.42 67.26 4.26
N LEU A 145 34.30 66.68 3.86
CA LEU A 145 34.34 65.33 3.30
C LEU A 145 34.75 65.34 1.84
N GLU A 146 34.24 66.30 1.07
CA GLU A 146 34.61 66.37 -0.34
C GLU A 146 36.10 66.66 -0.50
N LYS A 147 36.66 67.47 0.40
CA LYS A 147 38.07 67.86 0.26
C LYS A 147 38.99 66.66 0.38
N VAL A 148 38.62 65.66 1.17
CA VAL A 148 39.45 64.47 1.27
C VAL A 148 39.04 63.40 0.26
N ARG A 149 37.76 63.35 -0.11
CA ARG A 149 37.36 62.45 -1.19
C ARG A 149 38.07 62.79 -2.48
N ILE A 150 38.34 64.07 -2.72
CA ILE A 150 39.09 64.47 -3.90
C ILE A 150 40.46 63.79 -3.91
N GLU A 151 41.16 63.84 -2.77
CA GLU A 151 42.49 63.25 -2.70
C GLU A 151 42.42 61.73 -2.85
N ILE A 152 41.41 61.09 -2.25
CA ILE A 152 41.28 59.64 -2.38
C ILE A 152 41.09 59.26 -3.84
N SER A 153 40.21 59.98 -4.55
CA SER A 153 39.98 59.70 -5.95
C SER A 153 41.22 59.96 -6.79
N ARG A 154 41.98 61.01 -6.45
CA ARG A 154 43.21 61.29 -7.19
C ARG A 154 44.22 60.16 -7.02
N LYS A 155 44.37 59.65 -5.79
CA LYS A 155 45.28 58.52 -5.58
C LYS A 155 44.82 57.30 -6.35
N ALA A 156 43.51 57.01 -6.32
CA ALA A 156 43.00 55.84 -7.03
C ALA A 156 43.23 55.97 -8.53
N GLU A 157 43.01 57.16 -9.10
CA GLU A 157 43.21 57.34 -10.53
C GLU A 157 44.69 57.24 -10.90
N LYS A 158 45.57 57.86 -10.11
CA LYS A 158 46.99 57.74 -10.36
C LYS A 158 47.45 56.29 -10.26
N ARG A 159 46.78 55.50 -9.43
CA ARG A 159 47.19 54.10 -9.31
C ARG A 159 46.65 53.23 -10.44
N THR A 160 45.46 53.53 -10.95
CA THR A 160 44.93 52.73 -12.06
C THR A 160 45.58 53.09 -13.39
N THR A 161 46.01 54.34 -13.56
CA THR A 161 46.75 54.68 -14.77
C THR A 161 48.02 53.85 -14.89
N LEU A 162 48.65 53.54 -13.76
CA LEU A 162 49.87 52.74 -13.77
C LEU A 162 49.62 51.36 -14.36
N VAL A 163 48.56 50.68 -13.92
CA VAL A 163 48.29 49.35 -14.47
C VAL A 163 47.80 49.45 -15.90
N LEU A 164 47.09 50.53 -16.26
CA LEU A 164 46.69 50.70 -17.64
C LEU A 164 47.90 50.77 -18.56
N TRP A 165 48.96 51.47 -18.14
CA TRP A 165 50.16 51.51 -18.96
C TRP A 165 50.98 50.23 -18.85
N GLY A 166 50.93 49.56 -17.70
CA GLY A 166 51.64 48.30 -17.56
C GLY A 166 51.10 47.22 -18.48
N GLY A 167 49.80 47.26 -18.76
CA GLY A 167 49.25 46.33 -19.74
C GLY A 167 49.91 46.47 -21.10
N LEU A 168 50.03 47.72 -21.58
CA LEU A 168 50.68 47.96 -22.86
C LEU A 168 52.15 47.58 -22.80
N ALA A 169 52.80 47.83 -21.66
CA ALA A 169 54.20 47.43 -21.52
C ALA A 169 54.36 45.92 -21.64
N TYR A 170 53.46 45.16 -21.01
CA TYR A 170 53.54 43.70 -21.12
C TYR A 170 53.27 43.24 -22.53
N MET A 171 52.31 43.85 -23.22
CA MET A 171 52.06 43.47 -24.61
C MET A 171 53.29 43.71 -25.47
N ALA A 172 53.95 44.86 -25.28
CA ALA A 172 55.17 45.15 -26.04
C ALA A 172 56.27 44.14 -25.72
N THR A 173 56.40 43.76 -24.45
CA THR A 173 57.42 42.79 -24.07
C THR A 173 57.18 41.45 -24.75
N GLN A 174 55.93 40.99 -24.78
CA GLN A 174 55.64 39.72 -25.41
C GLN A 174 55.88 39.78 -26.91
N PHE A 175 55.51 40.90 -27.54
CA PHE A 175 55.80 41.07 -28.96
C PHE A 175 57.29 40.97 -29.22
N GLY A 176 58.10 41.65 -28.42
CA GLY A 176 59.55 41.59 -28.60
C GLY A 176 60.09 40.18 -28.42
N ILE A 177 59.61 39.47 -27.40
CA ILE A 177 60.07 38.11 -27.15
C ILE A 177 59.79 37.22 -28.35
N LEU A 178 58.54 37.24 -28.83
CA LEU A 178 58.16 36.34 -29.92
C LEU A 178 58.74 36.78 -31.25
N ALA A 179 59.14 38.04 -31.39
CA ALA A 179 59.79 38.45 -32.62
C ALA A 179 61.28 38.12 -32.61
N ARG A 180 61.90 38.11 -31.43
CA ARG A 180 63.30 37.74 -31.36
C ARG A 180 63.47 36.23 -31.52
N LEU A 181 62.61 35.45 -30.88
CA LEU A 181 62.80 34.00 -30.95
C LEU A 181 62.42 33.41 -32.30
N THR A 182 61.90 34.19 -33.23
CA THR A 182 61.41 33.67 -34.50
C THR A 182 62.42 33.76 -35.63
N TRP A 183 63.07 34.91 -35.79
CA TRP A 183 63.96 35.12 -36.92
C TRP A 183 65.43 34.97 -36.59
N TRP A 184 65.81 35.06 -35.32
CA TRP A 184 67.21 35.04 -34.94
C TRP A 184 67.63 33.72 -34.30
N GLU A 185 66.98 33.31 -33.22
CA GLU A 185 67.43 32.12 -32.50
C GLU A 185 66.89 30.85 -33.15
N TYR A 186 65.57 30.70 -33.16
CA TYR A 186 64.91 29.52 -33.68
C TYR A 186 64.24 29.85 -35.00
N SER A 187 63.47 28.91 -35.52
CA SER A 187 62.71 29.10 -36.75
C SER A 187 61.23 29.23 -36.44
N TRP A 188 60.47 29.62 -37.47
CA TRP A 188 59.03 29.75 -37.28
C TRP A 188 58.37 28.38 -37.07
N ASP A 189 58.95 27.33 -37.62
CA ASP A 189 58.41 25.99 -37.43
C ASP A 189 58.39 25.58 -35.97
N ILE A 190 59.20 26.22 -35.13
CA ILE A 190 59.25 25.90 -33.71
C ILE A 190 58.37 26.86 -32.94
N MET A 191 58.22 28.07 -33.45
CA MET A 191 57.54 29.14 -32.73
C MET A 191 56.08 29.33 -33.13
N GLU A 192 55.57 28.55 -34.07
CA GLU A 192 54.14 28.70 -34.38
C GLU A 192 53.27 28.01 -33.32
N PRO A 193 53.60 26.80 -32.88
CA PRO A 193 52.76 26.18 -31.84
C PRO A 193 52.71 26.97 -30.54
N VAL A 194 53.85 27.51 -30.08
CA VAL A 194 53.81 28.29 -28.86
C VAL A 194 52.96 29.53 -29.07
N THR A 195 52.94 30.07 -30.28
CA THR A 195 52.06 31.19 -30.58
C THR A 195 50.59 30.80 -30.43
N TYR A 196 50.19 29.68 -31.05
CA TYR A 196 48.80 29.27 -30.95
C TYR A 196 48.40 28.98 -29.51
N PHE A 197 49.30 28.39 -28.73
CA PHE A 197 48.94 28.04 -27.37
C PHE A 197 48.94 29.26 -26.44
N ILE A 198 49.77 30.26 -26.73
CA ILE A 198 49.65 31.52 -26.01
C ILE A 198 48.31 32.17 -26.31
N THR A 199 47.88 32.13 -27.58
CA THR A 199 46.59 32.68 -27.94
C THR A 199 45.46 31.97 -27.20
N TYR A 200 45.50 30.64 -27.15
CA TYR A 200 44.46 29.89 -26.47
C TYR A 200 44.51 30.11 -24.96
N GLY A 201 45.70 30.24 -24.39
CA GLY A 201 45.80 30.54 -22.98
C GLY A 201 45.19 31.88 -22.63
N SER A 202 45.40 32.88 -23.50
CA SER A 202 44.74 34.17 -23.30
C SER A 202 43.21 34.03 -23.44
N ALA A 203 42.77 33.24 -24.42
CA ALA A 203 41.33 33.06 -24.62
C ALA A 203 40.67 32.39 -23.43
N MET A 204 41.40 31.53 -22.72
CA MET A 204 40.82 30.90 -21.53
C MET A 204 41.02 31.74 -20.27
N ALA A 205 42.06 32.58 -20.22
CA ALA A 205 42.19 33.51 -19.10
C ALA A 205 41.10 34.57 -19.12
N MET A 206 40.69 35.00 -20.31
CA MET A 206 39.59 35.94 -20.42
C MET A 206 38.26 35.34 -19.99
N TYR A 207 38.16 34.02 -19.89
CA TYR A 207 36.98 33.34 -19.37
C TYR A 207 37.09 33.08 -17.88
N ALA A 208 38.30 32.77 -17.41
CA ALA A 208 38.53 32.71 -15.98
C ALA A 208 38.21 34.03 -15.32
N TYR A 209 38.56 35.14 -15.98
CA TYR A 209 38.19 36.45 -15.45
C TYR A 209 36.68 36.56 -15.28
N PHE A 210 35.90 36.04 -16.23
CA PHE A 210 34.46 36.12 -16.11
C PHE A 210 33.96 35.27 -14.96
N VAL A 211 34.43 34.03 -14.86
CA VAL A 211 33.95 33.17 -13.78
C VAL A 211 34.39 33.67 -12.42
N MET A 212 35.42 34.53 -12.36
CA MET A 212 35.86 35.06 -11.08
C MET A 212 35.20 36.40 -10.72
N THR A 213 34.81 37.20 -11.71
CA THR A 213 34.25 38.51 -11.45
C THR A 213 32.77 38.60 -11.81
N ARG A 214 32.18 37.54 -12.36
CA ARG A 214 30.76 37.52 -12.71
C ARG A 214 30.39 38.60 -13.73
N GLN A 215 31.35 39.02 -14.53
CA GLN A 215 31.10 40.00 -15.58
C GLN A 215 32.11 39.80 -16.69
N GLU A 216 31.71 40.14 -17.91
CA GLU A 216 32.56 39.94 -19.07
C GLU A 216 33.76 40.88 -19.03
N TYR A 217 34.85 40.43 -19.64
CA TYR A 217 36.10 41.18 -19.62
C TYR A 217 36.17 42.09 -20.84
N VAL A 218 35.82 43.36 -20.67
CA VAL A 218 36.09 44.38 -21.66
C VAL A 218 36.95 45.44 -20.99
N TYR A 219 37.48 46.35 -21.81
CA TYR A 219 38.46 47.31 -21.28
C TYR A 219 37.84 48.31 -20.32
N PRO A 220 36.85 49.11 -20.71
CA PRO A 220 36.39 50.17 -19.79
C PRO A 220 35.73 49.62 -18.53
N GLU A 221 34.99 48.52 -18.63
CA GLU A 221 34.36 47.97 -17.44
C GLU A 221 35.39 47.41 -16.46
N ALA A 222 36.41 46.73 -16.98
CA ALA A 222 37.47 46.24 -16.10
C ALA A 222 38.24 47.39 -15.47
N ARG A 223 38.48 48.46 -16.22
CA ARG A 223 39.15 49.62 -15.65
C ARG A 223 38.32 50.23 -14.54
N ASP A 224 37.00 50.33 -14.74
CA ASP A 224 36.14 50.89 -13.71
C ASP A 224 36.11 50.01 -12.48
N ARG A 225 36.09 48.71 -12.66
CA ARG A 225 36.08 47.79 -11.53
C ARG A 225 37.35 47.92 -10.71
N GLN A 226 38.53 48.00 -11.41
CA GLN A 226 39.79 48.17 -10.69
C GLN A 226 39.84 49.52 -9.99
N TYR A 227 39.32 50.56 -10.62
CA TYR A 227 39.31 51.88 -9.98
C TYR A 227 38.46 51.85 -8.72
N LEU A 228 37.30 51.20 -8.77
CA LEU A 228 36.46 51.12 -7.58
C LEU A 228 37.14 50.34 -6.47
N LEU A 229 37.83 49.25 -6.81
CA LEU A 229 38.54 48.49 -5.79
C LEU A 229 39.64 49.34 -5.14
N PHE A 230 40.41 50.06 -5.97
CA PHE A 230 41.46 50.91 -5.42
C PHE A 230 40.87 52.01 -4.54
N PHE A 231 39.78 52.64 -5.00
CA PHE A 231 39.18 53.71 -4.22
C PHE A 231 38.68 53.21 -2.89
N HIS A 232 38.06 52.03 -2.86
CA HIS A 232 37.52 51.54 -1.60
C HIS A 232 38.61 51.00 -0.69
N LYS A 233 39.74 50.57 -1.23
CA LYS A 233 40.85 50.20 -0.35
C LYS A 233 41.49 51.43 0.25
N GLY A 234 41.61 52.50 -0.53
CA GLY A 234 42.12 53.74 0.03
C GLY A 234 41.18 54.33 1.06
N ALA A 235 39.86 54.24 0.80
CA ALA A 235 38.88 54.74 1.76
C ALA A 235 38.90 53.93 3.05
N LYS A 236 39.16 52.63 2.98
CA LYS A 236 39.28 51.85 4.20
C LYS A 236 40.59 52.16 4.92
N LYS A 237 41.65 52.41 4.18
CA LYS A 237 42.93 52.74 4.80
C LYS A 237 42.90 54.11 5.47
N SER A 238 42.08 55.02 4.98
CA SER A 238 42.02 56.37 5.53
C SER A 238 40.84 56.61 6.45
N ARG A 239 39.93 55.65 6.58
CA ARG A 239 38.74 55.76 7.43
C ARG A 239 37.91 56.99 7.02
N PHE A 240 37.41 56.93 5.79
CA PHE A 240 36.76 58.08 5.18
C PHE A 240 35.32 58.29 5.62
N ASP A 241 34.68 57.24 6.17
CA ASP A 241 33.27 57.29 6.54
C ASP A 241 32.39 57.60 5.33
N LEU A 242 32.41 56.65 4.40
CA LEU A 242 31.77 56.84 3.10
C LEU A 242 30.26 56.94 3.22
N GLU A 243 29.66 56.31 4.24
CA GLU A 243 28.21 56.25 4.32
C GLU A 243 27.60 57.63 4.56
N LYS A 244 28.22 58.42 5.43
CA LYS A 244 27.71 59.77 5.66
C LYS A 244 27.84 60.62 4.41
N TYR A 245 28.94 60.45 3.66
CA TYR A 245 29.11 61.20 2.42
C TYR A 245 28.03 60.84 1.41
N ASN A 246 27.75 59.54 1.25
CA ASN A 246 26.69 59.13 0.32
C ASN A 246 25.33 59.66 0.76
N GLN A 247 25.04 59.60 2.07
CA GLN A 247 23.76 60.10 2.55
C GLN A 247 23.65 61.60 2.32
N LEU A 248 24.72 62.35 2.55
CA LEU A 248 24.68 63.79 2.32
C LEU A 248 24.52 64.12 0.85
N LYS A 249 25.16 63.35 -0.03
CA LYS A 249 24.98 63.58 -1.46
C LYS A 249 23.53 63.33 -1.87
N ASP A 250 22.93 62.24 -1.39
CA ASP A 250 21.55 61.97 -1.73
C ASP A 250 20.60 63.01 -1.13
N ALA A 251 20.94 63.55 0.04
CA ALA A 251 20.07 64.54 0.66
C ALA A 251 20.20 65.89 -0.02
N ILE A 252 21.37 66.22 -0.55
CA ILE A 252 21.49 67.43 -1.36
C ILE A 252 20.77 67.24 -2.69
N ALA A 253 20.84 66.04 -3.26
CA ALA A 253 20.12 65.77 -4.49
C ALA A 253 18.61 65.83 -4.29
N GLN A 254 18.14 65.60 -3.06
CA GLN A 254 16.71 65.69 -2.79
C GLN A 254 16.27 67.07 -2.35
N ALA A 255 17.13 67.82 -1.67
CA ALA A 255 16.75 69.12 -1.14
C ALA A 255 16.70 70.19 -2.21
N GLU A 256 17.54 70.10 -3.23
CA GLU A 256 17.50 71.06 -4.32
C GLU A 256 16.54 70.66 -5.42
N MET A 257 16.06 69.42 -5.42
CA MET A 257 15.03 69.03 -6.36
C MET A 257 13.69 69.66 -6.00
N ASP A 258 13.25 69.48 -4.75
CA ASP A 258 11.99 70.05 -4.30
C ASP A 258 12.09 71.53 -3.99
N LEU A 259 13.27 72.13 -4.10
CA LEU A 259 13.38 73.58 -4.01
C LEU A 259 13.12 74.24 -5.36
N LYS A 260 13.69 73.69 -6.43
CA LYS A 260 13.35 74.16 -7.77
C LYS A 260 11.95 73.76 -8.17
N ARG A 261 11.34 72.82 -7.44
CA ARG A 261 9.94 72.49 -7.63
C ARG A 261 9.02 73.50 -6.95
N LEU A 262 9.53 74.22 -5.95
CA LEU A 262 8.73 75.28 -5.33
C LEU A 262 8.82 76.58 -6.12
N ARG A 263 9.99 76.89 -6.67
CA ARG A 263 10.12 78.03 -7.56
C ARG A 263 9.73 77.64 -8.98
N ASP A 264 8.54 77.05 -9.13
CA ASP A 264 8.09 76.63 -10.45
C ASP A 264 7.48 77.83 -11.18
N PRO A 265 7.96 78.16 -12.38
CA PRO A 265 7.42 79.33 -13.08
C PRO A 265 5.98 79.16 -13.53
N LEU A 266 5.41 77.97 -13.45
CA LEU A 266 4.03 77.74 -13.87
C LEU A 266 3.04 77.80 -12.71
N GLN A 267 3.36 77.17 -11.58
CA GLN A 267 2.50 77.22 -10.41
C GLN A 267 2.81 78.45 -9.58
N VAL A 268 1.77 79.11 -9.10
CA VAL A 268 1.92 80.33 -8.31
C VAL A 268 2.04 79.91 -6.85
N HIS A 269 3.27 79.60 -6.46
CA HIS A 269 3.56 79.20 -5.08
C HIS A 269 4.20 80.30 -4.27
N LEU A 270 4.81 81.29 -4.91
CA LEU A 270 5.51 82.38 -4.24
C LEU A 270 5.12 83.71 -4.88
N PRO A 271 5.16 84.79 -4.11
CA PRO A 271 4.92 86.11 -4.70
C PRO A 271 6.05 86.55 -5.62
N LEU A 272 5.99 87.79 -6.10
CA LEU A 272 6.99 88.35 -7.02
C LEU A 272 7.06 87.51 -8.30
N ARG A 273 5.94 87.54 -9.02
CA ARG A 273 5.84 86.83 -10.30
C ARG A 273 5.99 87.80 -11.47
N ASP B 1 19.84 38.96 30.39
CA ASP B 1 20.34 40.22 30.94
C ASP B 1 19.27 41.30 30.86
N ASP B 2 19.06 41.85 29.66
CA ASP B 2 18.09 42.91 29.46
C ASP B 2 17.35 42.66 28.15
N VAL B 3 16.43 43.56 27.82
CA VAL B 3 15.52 43.42 26.70
C VAL B 3 15.92 44.41 25.62
N THR B 4 15.94 43.95 24.36
CA THR B 4 16.32 44.79 23.24
C THR B 4 15.25 44.75 22.15
N VAL B 5 15.16 45.85 21.40
CA VAL B 5 14.19 46.00 20.32
C VAL B 5 14.93 46.43 19.07
N VAL B 6 14.69 45.74 17.96
CA VAL B 6 15.34 46.03 16.69
C VAL B 6 14.31 45.96 15.56
N TYR B 7 14.40 46.88 14.61
CA TYR B 7 13.60 46.82 13.39
C TYR B 7 14.39 46.08 12.32
N GLN B 8 13.81 45.01 11.79
CA GLN B 8 14.40 44.28 10.67
C GLN B 8 13.35 44.14 9.58
N ASN B 9 13.75 44.45 8.34
CA ASN B 9 12.89 44.46 7.16
C ASN B 9 11.53 45.10 7.43
N GLY B 10 11.53 46.19 8.21
CA GLY B 10 10.33 46.94 8.47
C GLY B 10 9.45 46.43 9.58
N LEU B 11 9.85 45.35 10.26
CA LEU B 11 9.07 44.78 11.34
C LEU B 11 9.88 44.84 12.64
N PRO B 12 9.28 45.27 13.74
CA PRO B 12 9.99 45.25 15.03
C PRO B 12 10.02 43.87 15.66
N VAL B 13 11.12 43.61 16.35
CA VAL B 13 11.34 42.36 17.08
C VAL B 13 11.93 42.70 18.44
N ILE B 14 11.49 41.98 19.47
CA ILE B 14 11.86 42.25 20.84
C ILE B 14 12.35 40.96 21.48
N SER B 15 13.50 41.02 22.14
CA SER B 15 14.14 39.85 22.74
C SER B 15 13.93 39.89 24.24
N VAL B 16 13.05 39.03 24.75
CA VAL B 16 12.69 39.01 26.16
C VAL B 16 13.39 37.86 26.87
N ARG B 17 13.82 38.11 28.10
CA ARG B 17 14.39 37.09 28.98
C ARG B 17 13.27 36.56 29.87
N LEU B 18 13.02 35.27 29.81
CA LEU B 18 11.87 34.70 30.50
C LEU B 18 12.29 33.96 31.75
N PRO B 19 11.49 34.04 32.83
CA PRO B 19 11.90 33.41 34.09
C PRO B 19 11.84 31.88 34.06
N SER B 20 10.72 31.31 33.65
CA SER B 20 10.54 29.86 33.78
C SER B 20 11.48 29.09 32.86
N ARG B 21 11.68 29.59 31.64
CA ARG B 21 12.63 29.00 30.69
C ARG B 21 13.68 30.06 30.39
N ARG B 22 14.84 29.93 31.01
CA ARG B 22 15.87 30.95 30.91
C ARG B 22 16.49 30.94 29.52
N GLU B 23 15.73 31.41 28.53
CA GLU B 23 16.14 31.43 27.13
C GLU B 23 15.62 32.69 26.49
N ARG B 24 16.48 33.36 25.71
CA ARG B 24 16.12 34.65 25.13
C ARG B 24 15.10 34.48 24.01
N CYS B 25 13.82 34.60 24.34
CA CYS B 25 12.76 34.37 23.37
C CYS B 25 12.49 35.64 22.58
N GLN B 26 12.42 35.51 21.26
CA GLN B 26 12.20 36.65 20.39
C GLN B 26 10.75 36.72 19.94
N PHE B 27 10.24 37.94 19.83
CA PHE B 27 8.87 38.20 19.40
C PHE B 27 8.91 39.19 18.24
N THR B 28 8.48 38.76 17.07
CA THR B 28 8.36 39.64 15.91
C THR B 28 6.91 40.10 15.83
N LEU B 29 6.69 41.39 16.03
CA LEU B 29 5.34 41.92 16.15
C LEU B 29 5.13 43.15 15.29
N LYS B 30 3.92 43.29 14.76
CA LYS B 30 3.58 44.40 13.90
C LYS B 30 3.17 45.60 14.74
N PRO B 31 3.69 46.80 14.46
CA PRO B 31 3.37 47.95 15.31
C PRO B 31 1.97 48.53 15.07
N ILE B 32 1.40 48.37 13.89
CA ILE B 32 0.14 49.02 13.57
C ILE B 32 -1.05 48.12 13.85
N SER B 33 -0.97 46.86 13.43
CA SER B 33 -2.12 45.96 13.47
C SER B 33 -2.19 45.13 14.76
N ASP B 34 -1.51 45.55 15.82
CA ASP B 34 -1.55 44.86 17.11
C ASP B 34 -1.59 45.89 18.23
N SER B 35 -1.91 45.40 19.42
CA SER B 35 -1.96 46.23 20.62
C SER B 35 -1.03 45.65 21.68
N VAL B 36 -1.01 46.30 22.84
CA VAL B 36 -0.23 45.78 23.96
C VAL B 36 -0.87 44.52 24.52
N GLY B 37 -2.21 44.45 24.48
CA GLY B 37 -2.89 43.28 25.01
C GLY B 37 -2.47 42.00 24.32
N VAL B 38 -2.39 42.01 22.99
CA VAL B 38 -2.01 40.80 22.28
C VAL B 38 -0.56 40.45 22.54
N PHE B 39 0.28 41.45 22.82
CA PHE B 39 1.67 41.15 23.15
C PHE B 39 1.76 40.48 24.51
N LEU B 40 1.00 40.95 25.49
CA LEU B 40 0.97 40.27 26.79
C LEU B 40 0.39 38.87 26.66
N ARG B 41 -0.60 38.69 25.78
CA ARG B 41 -1.14 37.35 25.56
C ARG B 41 -0.09 36.44 24.95
N GLN B 42 0.70 36.94 24.01
CA GLN B 42 1.78 36.15 23.44
C GLN B 42 2.80 35.78 24.53
N LEU B 43 3.14 36.72 25.40
CA LEU B 43 4.07 36.42 26.48
C LEU B 43 3.53 35.32 27.38
N GLN B 44 2.27 35.44 27.80
CA GLN B 44 1.68 34.44 28.69
C GLN B 44 1.57 33.08 28.02
N GLU B 45 1.22 33.05 26.73
CA GLU B 45 1.11 31.79 26.02
C GLU B 45 2.49 31.15 25.83
N GLU B 46 3.52 31.96 25.63
CA GLU B 46 4.87 31.42 25.48
C GLU B 46 5.38 30.83 26.78
N ASP B 47 5.24 31.57 27.88
CA ASP B 47 5.79 31.07 29.15
C ASP B 47 4.81 30.13 29.85
N ARG B 48 3.61 30.61 30.13
CA ARG B 48 2.62 29.89 30.93
C ARG B 48 3.12 29.56 32.32
N GLY B 49 4.10 30.33 32.82
CA GLY B 49 4.62 30.16 34.15
C GLY B 49 4.84 31.51 34.81
N ILE B 50 4.40 32.57 34.12
CA ILE B 50 4.48 33.94 34.61
C ILE B 50 3.16 34.30 35.26
N ASP B 51 3.23 34.83 36.49
CA ASP B 51 2.00 35.12 37.24
C ASP B 51 1.24 36.28 36.60
N ARG B 52 1.95 37.33 36.21
CA ARG B 52 1.31 38.50 35.61
C ARG B 52 2.35 39.23 34.77
N VAL B 53 1.88 40.22 34.02
CA VAL B 53 2.75 41.04 33.20
C VAL B 53 2.04 42.36 32.94
N ALA B 54 2.82 43.44 32.89
CA ALA B 54 2.23 44.75 32.70
C ALA B 54 3.28 45.68 32.11
N ILE B 55 2.82 46.69 31.40
CA ILE B 55 3.68 47.72 30.84
C ILE B 55 3.36 49.03 31.53
N TYR B 56 4.39 49.81 31.83
CA TYR B 56 4.26 51.10 32.48
C TYR B 56 4.97 52.17 31.66
N SER B 57 4.47 53.39 31.79
CA SER B 57 5.12 54.54 31.18
C SER B 57 6.39 54.87 31.94
N PRO B 58 7.29 55.66 31.35
CA PRO B 58 8.54 56.02 32.05
C PRO B 58 8.32 56.72 33.38
N ASP B 59 7.10 57.14 33.71
CA ASP B 59 6.83 57.83 34.96
C ASP B 59 6.22 56.93 36.02
N GLY B 60 5.36 55.99 35.62
CA GLY B 60 4.78 55.08 36.59
C GLY B 60 3.31 54.81 36.38
N VAL B 61 2.65 55.61 35.55
CA VAL B 61 1.25 55.38 35.23
C VAL B 61 1.15 54.21 34.26
N ARG B 62 0.24 53.29 34.54
CA ARG B 62 0.09 52.10 33.72
C ARG B 62 -0.49 52.44 32.36
N VAL B 63 0.07 51.86 31.32
CA VAL B 63 -0.41 52.08 29.96
C VAL B 63 -1.52 51.09 29.68
N ALA B 64 -2.53 51.54 28.94
CA ALA B 64 -3.71 50.73 28.69
C ALA B 64 -3.36 49.50 27.87
N ALA B 65 -4.23 48.50 27.96
CA ALA B 65 -4.06 47.26 27.22
C ALA B 65 -4.64 47.32 25.82
N SER B 66 -4.93 48.52 25.32
CA SER B 66 -5.50 48.66 23.99
C SER B 66 -4.72 49.59 23.07
N THR B 67 -3.69 50.29 23.57
CA THR B 67 -2.93 51.17 22.71
C THR B 67 -2.14 50.36 21.70
N GLY B 68 -2.14 50.82 20.45
CA GLY B 68 -1.34 50.17 19.43
C GLY B 68 0.14 50.20 19.75
N ILE B 69 0.86 49.25 19.18
CA ILE B 69 2.29 49.14 19.51
C ILE B 69 3.07 50.26 18.86
N ASP B 70 2.58 50.79 17.74
CA ASP B 70 3.23 51.96 17.14
C ASP B 70 3.15 53.18 18.05
N LEU B 71 2.05 53.32 18.79
CA LEU B 71 1.93 54.41 19.74
C LEU B 71 2.86 54.24 20.92
N LEU B 72 3.35 53.02 21.15
CA LEU B 72 4.18 52.71 22.31
C LEU B 72 5.67 52.84 22.02
N LEU B 73 6.11 52.41 20.84
CA LEU B 73 7.53 52.39 20.53
C LEU B 73 8.11 53.77 20.31
N LEU B 74 7.34 54.83 20.49
CA LEU B 74 7.88 56.18 20.37
C LEU B 74 8.90 56.45 21.46
N ASP B 75 8.51 56.32 22.72
CA ASP B 75 9.36 56.62 23.85
C ASP B 75 9.64 55.35 24.66
N ASP B 76 10.45 55.51 25.70
CA ASP B 76 10.85 54.39 26.53
C ASP B 76 9.65 53.87 27.32
N PHE B 77 9.81 52.70 27.95
CA PHE B 77 8.78 52.20 28.84
C PHE B 77 9.39 51.16 29.76
N LYS B 78 8.56 50.62 30.66
CA LYS B 78 8.96 49.59 31.58
C LYS B 78 8.08 48.37 31.37
N LEU B 79 8.68 47.19 31.39
CA LEU B 79 7.96 45.93 31.29
C LEU B 79 8.17 45.18 32.59
N VAL B 80 7.11 44.98 33.37
CA VAL B 80 7.18 44.32 34.65
C VAL B 80 6.56 42.93 34.51
N ILE B 81 7.37 41.92 34.81
CA ILE B 81 6.87 40.58 35.02
C ILE B 81 6.80 40.35 36.53
N ASN B 82 6.14 39.27 36.93
CA ASN B 82 5.73 39.09 38.33
C ASN B 82 6.84 39.36 39.33
N ASP B 83 8.11 39.23 38.93
CA ASP B 83 9.20 39.47 39.85
C ASP B 83 10.25 40.47 39.35
N LEU B 84 10.38 40.68 38.05
CA LEU B 84 11.40 41.57 37.52
C LEU B 84 10.77 42.72 36.74
N THR B 85 11.50 43.83 36.67
CA THR B 85 11.07 45.05 36.00
C THR B 85 12.19 45.51 35.08
N TYR B 86 12.02 45.30 33.77
CA TYR B 86 13.04 45.66 32.79
C TYR B 86 12.67 46.99 32.15
N HIS B 87 13.59 47.95 32.21
CA HIS B 87 13.42 49.23 31.52
C HIS B 87 13.78 49.03 30.05
N VAL B 88 12.78 49.03 29.18
CA VAL B 88 12.98 48.83 27.76
C VAL B 88 13.05 50.18 27.07
N ARG B 89 14.12 50.39 26.31
CA ARG B 89 14.32 51.61 25.53
C ARG B 89 14.29 51.27 24.05
N PRO B 90 13.25 51.64 23.32
CA PRO B 90 13.18 51.29 21.90
C PRO B 90 14.22 52.07 21.10
N PRO B 91 14.53 51.64 19.89
CA PRO B 91 15.48 52.40 19.07
C PRO B 91 14.93 53.78 18.74
N LYS B 92 15.84 54.72 18.55
CA LYS B 92 15.48 56.10 18.24
C LYS B 92 14.73 56.17 16.92
N ARG B 93 13.48 56.62 16.95
CA ARG B 93 12.64 56.70 15.78
C ARG B 93 11.79 57.97 15.87
N ASP B 94 11.78 58.75 14.79
CA ASP B 94 11.19 60.09 14.83
C ASP B 94 9.68 60.07 14.57
N LEU B 95 9.26 59.61 13.39
CA LEU B 95 7.90 59.79 12.92
C LEU B 95 7.34 58.45 12.48
N LEU B 96 6.01 58.34 12.52
CA LEU B 96 5.32 57.11 12.16
C LEU B 96 4.48 57.26 10.89
N SER B 97 3.56 58.22 10.86
CA SER B 97 2.68 58.37 9.70
C SER B 97 2.35 59.82 9.35
N HIS B 98 2.92 60.79 10.05
CA HIS B 98 2.55 62.21 9.90
C HIS B 98 1.04 62.38 10.09
N GLU B 99 0.53 61.82 11.18
CA GLU B 99 -0.86 61.99 11.58
C GLU B 99 -0.90 62.39 13.04
N ASN B 100 -1.22 63.65 13.30
CA ASN B 100 -1.26 64.18 14.66
C ASN B 100 -2.32 65.28 14.71
N ALA B 101 -2.29 66.08 15.77
CA ALA B 101 -3.29 67.11 15.95
C ALA B 101 -3.14 68.19 14.87
N ALA B 102 -4.12 69.10 14.85
CA ALA B 102 -4.12 70.16 13.86
C ALA B 102 -3.20 71.30 14.30
N THR B 103 -2.82 72.14 13.35
CA THR B 103 -1.90 73.23 13.59
C THR B 103 -2.29 74.41 12.73
N LEU B 104 -2.00 75.62 13.20
CA LEU B 104 -2.34 76.81 12.44
C LEU B 104 -1.66 76.83 11.08
N ASN B 105 -0.48 76.20 10.98
CA ASN B 105 0.20 76.12 9.69
C ASN B 105 -0.61 75.32 8.67
N ASP B 106 -1.34 74.31 9.13
CA ASP B 106 -2.20 73.56 8.22
C ASP B 106 -3.30 74.44 7.66
N VAL B 107 -3.93 75.26 8.50
CA VAL B 107 -4.96 76.16 8.01
C VAL B 107 -4.36 77.19 7.06
N LYS B 108 -3.14 77.66 7.36
CA LYS B 108 -2.52 78.65 6.48
C LYS B 108 -2.23 78.05 5.11
N THR B 109 -1.68 76.84 5.07
CA THR B 109 -1.41 76.23 3.77
C THR B 109 -2.71 75.85 3.06
N LEU B 110 -3.78 75.56 3.80
CA LEU B 110 -5.06 75.33 3.16
C LEU B 110 -5.59 76.59 2.49
N VAL B 111 -5.48 77.73 3.16
CA VAL B 111 -5.92 78.99 2.55
C VAL B 111 -5.05 79.32 1.35
N GLN B 112 -3.75 79.05 1.43
CA GLN B 112 -2.88 79.24 0.28
C GLN B 112 -3.31 78.37 -0.88
N GLN B 113 -3.67 77.11 -0.61
CA GLN B 113 -4.12 76.22 -1.68
C GLN B 113 -5.43 76.72 -2.29
N LEU B 114 -6.31 77.28 -1.47
CA LEU B 114 -7.57 77.83 -2.00
C LEU B 114 -7.30 79.00 -2.93
N TYR B 115 -6.42 79.91 -2.51
CA TYR B 115 -6.07 81.06 -3.35
C TYR B 115 -5.42 80.60 -4.66
N THR B 116 -4.54 79.60 -4.56
CA THR B 116 -3.91 79.07 -5.76
C THR B 116 -4.94 78.46 -6.70
N THR B 117 -5.89 77.70 -6.16
CA THR B 117 -6.94 77.13 -7.00
C THR B 117 -7.78 78.22 -7.64
N LEU B 118 -7.96 79.35 -6.96
CA LEU B 118 -8.79 80.40 -7.53
C LEU B 118 -8.07 81.21 -8.60
N CYS B 119 -6.73 81.31 -8.55
CA CYS B 119 -6.04 82.17 -9.49
C CYS B 119 -5.18 81.44 -10.52
N ILE B 120 -4.97 80.13 -10.38
CA ILE B 120 -4.03 79.43 -11.25
C ILE B 120 -4.56 79.35 -12.67
N GLU B 121 -5.87 79.36 -12.86
CA GLU B 121 -6.42 79.32 -14.20
C GLU B 121 -6.00 80.54 -15.01
N GLN B 122 -6.31 81.72 -14.48
CA GLN B 122 -5.93 82.96 -15.15
C GLN B 122 -4.43 83.17 -15.16
N HIS B 123 -3.69 82.53 -14.26
CA HIS B 123 -2.23 82.61 -14.34
C HIS B 123 -1.71 81.82 -15.53
N GLN B 124 -2.05 80.54 -15.61
CA GLN B 124 -1.53 79.72 -16.69
C GLN B 124 -2.08 80.15 -18.04
N LEU B 125 -3.28 80.73 -18.07
CA LEU B 125 -3.89 81.08 -19.35
C LEU B 125 -3.06 82.11 -20.10
N ASN B 126 -2.49 83.08 -19.39
CA ASN B 126 -1.60 84.04 -20.05
C ASN B 126 -0.13 83.69 -19.90
N LYS B 127 0.21 82.71 -19.07
CA LYS B 127 1.58 82.21 -19.09
C LYS B 127 1.83 81.42 -20.37
N GLU B 128 0.84 80.69 -20.84
CA GLU B 128 0.96 80.02 -22.14
C GLU B 128 1.10 81.04 -23.27
N ARG B 129 0.34 82.13 -23.19
CA ARG B 129 0.43 83.16 -24.22
C ARG B 129 1.76 83.88 -24.19
N GLU B 130 2.41 83.96 -23.04
CA GLU B 130 3.74 84.54 -23.00
C GLU B 130 4.81 83.55 -23.44
N LEU B 131 4.63 82.26 -23.13
CA LEU B 131 5.58 81.25 -23.57
C LEU B 131 5.57 81.10 -25.08
N ILE B 132 4.39 81.16 -25.71
CA ILE B 132 4.34 81.04 -27.17
C ILE B 132 4.96 82.24 -27.84
N GLU B 133 5.06 83.39 -27.15
CA GLU B 133 5.76 84.53 -27.72
C GLU B 133 7.27 84.40 -27.53
N ARG B 134 7.70 83.99 -26.33
CA ARG B 134 9.12 83.79 -26.10
C ARG B 134 9.69 82.72 -27.00
N LEU B 135 8.90 81.69 -27.33
CA LEU B 135 9.38 80.63 -28.21
C LEU B 135 9.69 81.18 -29.60
N GLU B 136 8.78 81.97 -30.17
CA GLU B 136 9.05 82.57 -31.48
C GLU B 136 10.22 83.55 -31.41
N ASP B 137 10.33 84.29 -30.31
CA ASP B 137 11.47 85.19 -30.17
C ASP B 137 12.78 84.41 -30.21
N LEU B 138 12.87 83.33 -29.44
CA LEU B 138 14.08 82.52 -29.44
C LEU B 138 14.32 81.86 -30.79
N LYS B 139 13.25 81.46 -31.48
CA LYS B 139 13.42 80.77 -32.74
C LYS B 139 13.89 81.71 -33.85
N GLU B 140 13.45 82.97 -33.83
CA GLU B 140 13.93 83.91 -34.83
C GLU B 140 15.35 84.39 -34.55
N GLN B 141 15.80 84.31 -33.29
CA GLN B 141 17.19 84.60 -32.96
C GLN B 141 18.13 83.50 -33.41
N LEU B 142 17.61 82.32 -33.77
CA LEU B 142 18.44 81.17 -34.11
C LEU B 142 18.56 80.95 -35.61
N ALA B 143 17.66 81.52 -36.40
CA ALA B 143 17.70 81.27 -37.84
C ALA B 143 19.04 81.60 -38.49
N PRO B 144 19.71 82.72 -38.19
CA PRO B 144 20.99 82.99 -38.85
C PRO B 144 22.10 82.03 -38.49
N LEU B 145 22.06 81.40 -37.31
CA LEU B 145 23.13 80.51 -36.89
C LEU B 145 22.96 79.09 -37.40
N GLU B 146 21.73 78.68 -37.71
CA GLU B 146 21.50 77.30 -38.11
C GLU B 146 22.17 76.99 -39.44
N LYS B 147 22.11 77.91 -40.39
CA LYS B 147 22.75 77.64 -41.68
C LYS B 147 24.26 77.60 -41.56
N VAL B 148 24.84 78.45 -40.70
CA VAL B 148 26.28 78.38 -40.48
C VAL B 148 26.67 77.04 -39.86
N ARG B 149 25.88 76.58 -38.88
CA ARG B 149 26.15 75.27 -38.30
C ARG B 149 26.01 74.16 -39.33
N ILE B 150 25.06 74.31 -40.26
CA ILE B 150 24.89 73.31 -41.31
C ILE B 150 26.12 73.27 -42.21
N GLU B 151 26.61 74.45 -42.61
CA GLU B 151 27.79 74.50 -43.46
C GLU B 151 29.03 74.00 -42.74
N ILE B 152 29.07 74.05 -41.41
CA ILE B 152 30.22 73.49 -40.70
C ILE B 152 30.10 71.97 -40.61
N SER B 153 28.91 71.47 -40.31
CA SER B 153 28.75 70.04 -40.15
C SER B 153 28.74 69.31 -41.48
N ARG B 154 28.55 70.02 -42.59
CA ARG B 154 28.70 69.37 -43.89
C ARG B 154 30.16 69.07 -44.18
N LYS B 155 31.06 69.99 -43.87
CA LYS B 155 32.48 69.72 -44.02
C LYS B 155 32.94 68.65 -43.04
N ALA B 156 32.36 68.65 -41.83
CA ALA B 156 32.73 67.61 -40.87
C ALA B 156 32.31 66.23 -41.37
N GLU B 157 31.10 66.12 -41.91
CA GLU B 157 30.65 64.86 -42.48
C GLU B 157 31.51 64.45 -43.67
N LYS B 158 31.89 65.40 -44.53
CA LYS B 158 32.71 65.04 -45.68
C LYS B 158 34.08 64.52 -45.25
N ARG B 159 34.62 65.05 -44.15
CA ARG B 159 35.93 64.57 -43.74
C ARG B 159 35.83 63.21 -43.05
N THR B 160 34.75 62.99 -42.28
CA THR B 160 34.56 61.67 -41.70
C THR B 160 34.35 60.61 -42.77
N THR B 161 33.63 60.96 -43.83
CA THR B 161 33.46 60.04 -44.95
C THR B 161 34.79 59.71 -45.62
N LEU B 162 35.62 60.74 -45.85
CA LEU B 162 36.96 60.49 -46.37
C LEU B 162 37.72 59.52 -45.48
N VAL B 163 37.65 59.71 -44.16
CA VAL B 163 38.41 58.85 -43.25
C VAL B 163 37.92 57.40 -43.34
N LEU B 164 36.60 57.21 -43.36
CA LEU B 164 36.07 55.84 -43.42
C LEU B 164 36.50 55.13 -44.70
N TRP B 165 36.30 55.80 -45.85
CA TRP B 165 36.67 55.15 -47.11
C TRP B 165 38.17 54.95 -47.21
N GLY B 166 38.96 55.81 -46.56
CA GLY B 166 40.40 55.61 -46.55
C GLY B 166 40.81 54.42 -45.72
N GLY B 167 40.14 54.20 -44.59
CA GLY B 167 40.40 53.00 -43.82
C GLY B 167 40.08 51.74 -44.61
N LEU B 168 38.96 51.75 -45.34
CA LEU B 168 38.64 50.60 -46.19
C LEU B 168 39.70 50.40 -47.27
N ALA B 169 40.14 51.48 -47.91
CA ALA B 169 41.17 51.36 -48.93
C ALA B 169 42.47 50.83 -48.36
N TYR B 170 42.81 51.22 -47.14
CA TYR B 170 44.04 50.72 -46.52
C TYR B 170 43.95 49.23 -46.24
N MET B 171 42.84 48.79 -45.64
CA MET B 171 42.76 47.36 -45.37
C MET B 171 42.52 46.54 -46.63
N ALA B 172 42.24 47.19 -47.76
CA ALA B 172 42.25 46.46 -49.03
C ALA B 172 43.66 46.38 -49.61
N THR B 173 44.43 47.47 -49.54
CA THR B 173 45.77 47.43 -50.11
C THR B 173 46.70 46.56 -49.29
N GLN B 174 46.46 46.41 -47.99
CA GLN B 174 47.26 45.47 -47.21
C GLN B 174 47.01 44.03 -47.67
N PHE B 175 45.75 43.69 -47.89
CA PHE B 175 45.41 42.40 -48.47
C PHE B 175 46.11 42.19 -49.80
N GLY B 176 46.10 43.22 -50.65
CA GLY B 176 46.78 43.11 -51.93
C GLY B 176 48.26 42.84 -51.79
N ILE B 177 48.92 43.60 -50.93
CA ILE B 177 50.36 43.44 -50.72
C ILE B 177 50.68 42.01 -50.25
N LEU B 178 49.98 41.56 -49.22
CA LEU B 178 50.29 40.25 -48.67
C LEU B 178 49.97 39.13 -49.65
N ALA B 179 48.92 39.30 -50.47
CA ALA B 179 48.58 38.27 -51.43
C ALA B 179 49.59 38.21 -52.56
N ARG B 180 50.16 39.35 -52.95
CA ARG B 180 51.21 39.32 -53.94
C ARG B 180 52.48 38.69 -53.39
N LEU B 181 52.81 38.99 -52.13
CA LEU B 181 54.05 38.47 -51.58
C LEU B 181 53.98 36.96 -51.36
N THR B 182 52.83 36.45 -50.91
CA THR B 182 52.78 35.06 -50.49
C THR B 182 52.72 34.06 -51.63
N TRP B 183 52.44 34.49 -52.86
CA TRP B 183 52.23 33.55 -53.96
C TRP B 183 53.07 33.81 -55.19
N TRP B 184 53.62 35.00 -55.37
CA TRP B 184 54.45 35.30 -56.53
C TRP B 184 55.93 35.40 -56.17
N GLU B 185 56.28 36.27 -55.22
CA GLU B 185 57.69 36.52 -54.92
C GLU B 185 58.25 35.49 -53.94
N TYR B 186 57.70 35.44 -52.74
CA TYR B 186 58.12 34.51 -51.70
C TYR B 186 57.08 33.43 -51.52
N SER B 187 57.32 32.57 -50.54
CA SER B 187 56.42 31.48 -50.22
C SER B 187 55.67 31.79 -48.93
N TRP B 188 54.73 30.91 -48.58
CA TRP B 188 53.91 31.17 -47.40
C TRP B 188 54.69 30.95 -46.12
N ASP B 189 55.62 30.01 -46.11
CA ASP B 189 56.44 29.78 -44.92
C ASP B 189 57.34 30.96 -44.59
N ILE B 190 57.46 31.94 -45.49
CA ILE B 190 58.16 33.17 -45.19
C ILE B 190 57.19 34.25 -44.70
N MET B 191 55.95 34.22 -45.18
CA MET B 191 54.98 35.27 -44.92
C MET B 191 54.04 34.96 -43.77
N GLU B 192 54.13 33.78 -43.17
CA GLU B 192 53.27 33.48 -42.04
C GLU B 192 53.68 34.25 -40.78
N PRO B 193 54.97 34.35 -40.45
CA PRO B 193 55.34 35.15 -39.28
C PRO B 193 54.96 36.61 -39.42
N VAL B 194 55.21 37.20 -40.58
CA VAL B 194 54.83 38.58 -40.83
C VAL B 194 53.34 38.77 -40.62
N THR B 195 52.54 37.84 -41.13
CA THR B 195 51.10 38.02 -41.06
C THR B 195 50.54 37.70 -39.68
N TYR B 196 51.28 36.98 -38.84
CA TYR B 196 50.84 36.87 -37.45
C TYR B 196 51.21 38.11 -36.66
N PHE B 197 52.41 38.64 -36.87
CA PHE B 197 52.80 39.83 -36.13
C PHE B 197 52.00 41.05 -36.55
N ILE B 198 51.51 41.08 -37.79
CA ILE B 198 50.59 42.15 -38.18
C ILE B 198 49.32 42.07 -37.34
N THR B 199 48.76 40.87 -37.17
CA THR B 199 47.58 40.70 -36.35
C THR B 199 47.84 41.12 -34.91
N TYR B 200 48.97 40.72 -34.36
CA TYR B 200 49.27 41.08 -32.97
C TYR B 200 49.49 42.58 -32.82
N GLY B 201 50.14 43.21 -33.80
CA GLY B 201 50.31 44.65 -33.75
C GLY B 201 48.99 45.39 -33.83
N SER B 202 48.06 44.87 -34.64
CA SER B 202 46.74 45.49 -34.69
C SER B 202 46.00 45.32 -33.37
N ALA B 203 46.11 44.14 -32.76
CA ALA B 203 45.47 43.91 -31.47
C ALA B 203 46.08 44.78 -30.38
N MET B 204 47.36 45.14 -30.52
CA MET B 204 47.99 46.04 -29.56
C MET B 204 47.60 47.49 -29.81
N ALA B 205 47.43 47.88 -31.08
CA ALA B 205 47.01 49.23 -31.39
C ALA B 205 45.59 49.48 -30.95
N MET B 206 44.72 48.48 -31.05
CA MET B 206 43.34 48.65 -30.60
C MET B 206 43.26 48.81 -29.09
N TYR B 207 44.27 48.38 -28.34
CA TYR B 207 44.31 48.59 -26.91
C TYR B 207 44.97 49.91 -26.54
N ALA B 208 46.01 50.31 -27.29
CA ALA B 208 46.58 51.63 -27.09
C ALA B 208 45.55 52.71 -27.38
N TYR B 209 44.65 52.47 -28.33
CA TYR B 209 43.55 53.39 -28.58
C TYR B 209 42.71 53.59 -27.33
N PHE B 210 42.39 52.50 -26.63
CA PHE B 210 41.60 52.62 -25.41
C PHE B 210 42.39 53.33 -24.32
N VAL B 211 43.68 53.00 -24.20
CA VAL B 211 44.51 53.63 -23.18
C VAL B 211 44.57 55.14 -23.40
N MET B 212 44.59 55.56 -24.66
CA MET B 212 44.78 56.97 -24.98
C MET B 212 43.48 57.77 -24.99
N THR B 213 42.37 57.17 -25.43
CA THR B 213 41.11 57.88 -25.57
C THR B 213 40.06 57.48 -24.54
N ARG B 214 40.39 56.58 -23.62
CA ARG B 214 39.53 56.21 -22.50
C ARG B 214 38.21 55.57 -22.93
N GLN B 215 38.16 55.00 -24.13
CA GLN B 215 36.95 54.30 -24.56
C GLN B 215 37.34 53.21 -25.55
N GLU B 216 36.52 52.15 -25.58
CA GLU B 216 36.82 50.99 -26.41
C GLU B 216 36.74 51.33 -27.89
N TYR B 217 37.57 50.67 -28.68
CA TYR B 217 37.62 50.91 -30.11
C TYR B 217 36.47 50.17 -30.77
N VAL B 218 35.35 50.87 -30.94
CA VAL B 218 34.19 50.38 -31.66
C VAL B 218 33.96 51.32 -32.83
N TYR B 219 33.47 50.79 -33.95
CA TYR B 219 33.40 51.58 -35.18
C TYR B 219 32.51 52.81 -35.05
N PRO B 220 31.22 52.71 -34.72
CA PRO B 220 30.42 53.93 -34.69
C PRO B 220 30.81 54.90 -33.59
N GLU B 221 31.57 54.44 -32.60
CA GLU B 221 31.99 55.34 -31.54
C GLU B 221 33.24 56.10 -31.94
N ALA B 222 34.22 55.43 -32.53
CA ALA B 222 35.37 56.14 -33.05
C ALA B 222 34.95 57.08 -34.17
N ARG B 223 33.97 56.67 -34.98
CA ARG B 223 33.47 57.56 -36.02
C ARG B 223 32.85 58.81 -35.43
N ASP B 224 31.98 58.66 -34.41
CA ASP B 224 31.37 59.84 -33.82
C ASP B 224 32.41 60.72 -33.13
N ARG B 225 33.49 60.09 -32.50
CA ARG B 225 34.55 60.85 -31.84
C ARG B 225 35.32 61.69 -32.86
N GLN B 226 35.61 61.09 -34.03
CA GLN B 226 36.34 61.84 -35.04
C GLN B 226 35.47 62.90 -35.70
N TYR B 227 34.16 62.65 -35.81
CA TYR B 227 33.28 63.68 -36.31
C TYR B 227 33.21 64.87 -35.37
N LEU B 228 33.11 64.61 -34.06
CA LEU B 228 33.09 65.70 -33.10
C LEU B 228 34.40 66.49 -33.13
N LEU B 229 35.53 65.78 -33.25
CA LEU B 229 36.81 66.47 -33.33
C LEU B 229 36.89 67.35 -34.57
N PHE B 230 36.48 66.81 -35.72
CA PHE B 230 36.48 67.60 -36.95
C PHE B 230 35.57 68.81 -36.84
N PHE B 231 34.40 68.64 -36.23
CA PHE B 231 33.47 69.75 -36.08
C PHE B 231 34.05 70.83 -35.18
N HIS B 232 34.61 70.44 -34.03
CA HIS B 232 35.10 71.42 -33.08
C HIS B 232 36.38 72.08 -33.56
N LYS B 233 37.13 71.43 -34.44
CA LYS B 233 38.31 72.05 -35.02
C LYS B 233 37.97 72.83 -36.29
N GLY B 234 36.78 72.64 -36.83
CA GLY B 234 36.34 73.46 -37.94
C GLY B 234 35.59 74.70 -37.48
N ALA B 235 35.13 74.70 -36.23
CA ALA B 235 34.50 75.89 -35.68
C ALA B 235 35.52 76.95 -35.26
N LYS B 236 36.81 76.62 -35.26
CA LYS B 236 37.82 77.63 -35.01
C LYS B 236 38.14 78.44 -36.26
N LYS B 237 38.06 77.82 -37.43
CA LYS B 237 38.27 78.53 -38.68
C LYS B 237 37.10 79.42 -39.08
N SER B 238 36.07 79.51 -38.24
CA SER B 238 34.91 80.33 -38.54
C SER B 238 34.50 81.22 -37.37
N ARG B 239 35.15 81.11 -36.22
CA ARG B 239 34.80 81.86 -35.03
C ARG B 239 33.34 81.64 -34.67
N PHE B 240 32.92 80.38 -34.71
CA PHE B 240 31.54 80.02 -34.44
C PHE B 240 31.32 79.98 -32.92
N ASP B 241 30.43 80.82 -32.43
CA ASP B 241 30.12 80.89 -31.00
C ASP B 241 29.21 79.72 -30.64
N LEU B 242 29.83 78.59 -30.30
CA LEU B 242 29.06 77.41 -29.97
C LEU B 242 28.33 77.55 -28.64
N GLU B 243 28.84 78.40 -27.74
CA GLU B 243 28.16 78.62 -26.47
C GLU B 243 26.78 79.23 -26.70
N LYS B 244 26.71 80.25 -27.56
CA LYS B 244 25.42 80.86 -27.87
C LYS B 244 24.46 79.86 -28.51
N TYR B 245 24.97 79.04 -29.43
CA TYR B 245 24.11 78.06 -30.09
C TYR B 245 23.56 77.03 -29.11
N ASN B 246 24.43 76.51 -28.24
CA ASN B 246 23.97 75.55 -27.25
C ASN B 246 22.96 76.18 -26.30
N GLN B 247 23.22 77.42 -25.86
CA GLN B 247 22.28 78.09 -24.98
C GLN B 247 20.92 78.28 -25.65
N LEU B 248 20.92 78.66 -26.92
CA LEU B 248 19.66 78.84 -27.63
C LEU B 248 18.91 77.53 -27.80
N LYS B 249 19.62 76.46 -28.16
CA LYS B 249 18.95 75.17 -28.32
C LYS B 249 18.37 74.68 -27.00
N ASP B 250 19.12 74.82 -25.91
CA ASP B 250 18.61 74.40 -24.62
C ASP B 250 17.41 75.22 -24.19
N ALA B 251 17.45 76.53 -24.43
CA ALA B 251 16.33 77.38 -24.05
C ALA B 251 15.08 77.05 -24.86
N ILE B 252 15.24 76.79 -26.16
CA ILE B 252 14.10 76.43 -26.98
C ILE B 252 13.52 75.09 -26.54
N ALA B 253 14.37 74.12 -26.24
CA ALA B 253 13.88 72.84 -25.76
C ALA B 253 13.12 72.99 -24.45
N GLN B 254 13.66 73.80 -23.53
CA GLN B 254 12.99 74.00 -22.25
C GLN B 254 11.66 74.71 -22.42
N ALA B 255 11.59 75.70 -23.32
CA ALA B 255 10.33 76.39 -23.55
C ALA B 255 9.28 75.45 -24.13
N GLU B 256 9.68 74.63 -25.11
CA GLU B 256 8.73 73.68 -25.68
C GLU B 256 8.29 72.65 -24.65
N MET B 257 9.20 72.23 -23.77
CA MET B 257 8.83 71.29 -22.72
C MET B 257 7.82 71.92 -21.75
N ASP B 258 8.05 73.18 -21.37
CA ASP B 258 7.10 73.87 -20.50
C ASP B 258 5.74 73.99 -21.17
N LEU B 259 5.71 74.34 -22.45
CA LEU B 259 4.44 74.45 -23.16
C LEU B 259 3.71 73.10 -23.21
N LYS B 260 4.45 72.02 -23.50
CA LYS B 260 3.82 70.71 -23.58
C LYS B 260 3.32 70.25 -22.22
N ARG B 261 4.06 70.57 -21.15
CA ARG B 261 3.63 70.19 -19.81
C ARG B 261 2.46 71.01 -19.33
N LEU B 262 2.34 72.25 -19.80
CA LEU B 262 1.30 73.14 -19.32
C LEU B 262 0.00 73.03 -20.12
N ARG B 263 0.08 72.76 -21.41
CA ARG B 263 -1.11 72.83 -22.25
C ARG B 263 -2.03 71.63 -22.06
N ASP B 264 -1.50 70.49 -21.65
CA ASP B 264 -2.32 69.30 -21.44
C ASP B 264 -3.27 69.45 -20.24
N PRO B 265 -2.83 70.01 -19.11
CA PRO B 265 -3.79 70.31 -18.04
C PRO B 265 -4.86 71.30 -18.44
N LEU B 266 -4.67 72.06 -19.51
CA LEU B 266 -5.69 72.97 -20.00
C LEU B 266 -6.66 72.30 -20.96
N GLN B 267 -6.32 71.12 -21.48
CA GLN B 267 -7.18 70.40 -22.41
C GLN B 267 -8.03 69.35 -21.70
N VAL B 268 -7.38 68.43 -20.98
CA VAL B 268 -8.07 67.34 -20.31
C VAL B 268 -8.35 67.64 -18.84
N HIS B 269 -7.92 68.79 -18.34
CA HIS B 269 -8.21 69.21 -16.97
C HIS B 269 -7.68 68.21 -15.94
N LEU B 270 -6.36 68.02 -15.97
CA LEU B 270 -5.68 67.13 -15.04
C LEU B 270 -4.59 67.93 -14.31
N PRO B 271 -4.01 67.40 -13.24
CA PRO B 271 -2.90 68.09 -12.59
C PRO B 271 -1.75 68.37 -13.56
N LEU B 272 -0.84 69.24 -13.13
CA LEU B 272 0.13 69.84 -14.04
C LEU B 272 1.25 68.88 -14.44
N ARG B 273 2.08 68.46 -13.50
CA ARG B 273 3.28 67.70 -13.83
C ARG B 273 2.97 66.22 -13.97
N ASP C 1 -50.98 53.12 -5.46
CA ASP C 1 -51.53 54.09 -6.40
C ASP C 1 -50.72 54.12 -7.69
N ASP C 2 -49.89 55.14 -7.85
CA ASP C 2 -49.09 55.32 -9.05
C ASP C 2 -47.62 55.47 -8.68
N VAL C 3 -46.76 55.40 -9.69
CA VAL C 3 -45.32 55.56 -9.53
C VAL C 3 -44.90 56.73 -10.39
N THR C 4 -44.31 57.75 -9.77
CA THR C 4 -43.95 58.97 -10.50
C THR C 4 -42.43 59.15 -10.54
N VAL C 5 -41.92 59.57 -11.68
CA VAL C 5 -40.50 59.86 -11.85
C VAL C 5 -40.35 61.33 -12.19
N VAL C 6 -39.63 62.07 -11.36
CA VAL C 6 -39.37 63.49 -11.62
C VAL C 6 -37.88 63.75 -11.44
N TYR C 7 -37.48 64.97 -11.78
CA TYR C 7 -36.07 65.36 -11.77
C TYR C 7 -35.88 66.51 -10.78
N GLN C 8 -34.93 66.34 -9.87
CA GLN C 8 -34.58 67.38 -8.91
C GLN C 8 -33.07 67.41 -8.76
N ASN C 9 -32.48 68.60 -8.87
CA ASN C 9 -31.02 68.77 -8.78
C ASN C 9 -30.28 67.92 -9.80
N GLY C 10 -30.91 67.68 -10.95
CA GLY C 10 -30.30 66.85 -11.97
C GLY C 10 -30.38 65.36 -11.71
N LEU C 11 -30.96 64.94 -10.60
CA LEU C 11 -31.10 63.52 -10.31
C LEU C 11 -32.55 63.10 -10.40
N PRO C 12 -32.82 61.90 -10.92
CA PRO C 12 -34.21 61.41 -10.99
C PRO C 12 -34.63 60.78 -9.67
N VAL C 13 -35.69 61.30 -9.07
CA VAL C 13 -36.33 60.69 -7.91
C VAL C 13 -37.59 59.98 -8.37
N ILE C 14 -37.74 58.74 -7.95
CA ILE C 14 -38.87 57.91 -8.32
C ILE C 14 -39.64 57.56 -7.05
N SER C 15 -40.95 57.81 -7.08
CA SER C 15 -41.83 57.66 -5.93
C SER C 15 -42.74 56.47 -6.18
N VAL C 16 -42.53 55.41 -5.42
CA VAL C 16 -43.34 54.20 -5.48
C VAL C 16 -44.19 54.10 -4.23
N ARG C 17 -45.10 53.13 -4.22
CA ARG C 17 -45.99 52.88 -3.08
C ARG C 17 -45.63 51.54 -2.45
N LEU C 18 -45.13 51.56 -1.22
CA LEU C 18 -44.72 50.33 -0.58
C LEU C 18 -45.92 49.59 0.00
N PRO C 19 -45.94 48.26 -0.04
CA PRO C 19 -47.13 47.52 0.37
C PRO C 19 -47.29 47.33 1.87
N SER C 20 -46.18 47.19 2.58
CA SER C 20 -46.27 46.77 3.98
C SER C 20 -46.86 47.86 4.88
N ARG C 21 -46.69 49.13 4.53
CA ARG C 21 -47.23 50.21 5.34
C ARG C 21 -48.18 51.12 4.58
N ARG C 22 -48.44 50.85 3.31
CA ARG C 22 -49.38 51.64 2.52
C ARG C 22 -48.97 53.11 2.50
N GLU C 23 -47.68 53.35 2.28
CA GLU C 23 -47.18 54.72 2.18
C GLU C 23 -46.22 54.82 1.01
N ARG C 24 -46.05 56.04 0.53
CA ARG C 24 -45.14 56.28 -0.58
C ARG C 24 -43.70 56.28 -0.09
N CYS C 25 -42.78 56.23 -1.05
CA CYS C 25 -41.36 56.26 -0.75
C CYS C 25 -40.62 56.70 -2.00
N GLN C 26 -39.73 57.66 -1.87
CA GLN C 26 -39.00 58.22 -3.00
C GLN C 26 -37.54 57.79 -2.95
N PHE C 27 -37.04 57.28 -4.06
CA PHE C 27 -35.66 56.84 -4.20
C PHE C 27 -34.96 57.76 -5.18
N THR C 28 -33.80 58.27 -4.78
CA THR C 28 -32.97 59.12 -5.63
C THR C 28 -31.98 58.25 -6.38
N LEU C 29 -32.16 58.13 -7.70
CA LEU C 29 -31.31 57.29 -8.52
C LEU C 29 -30.20 58.11 -9.14
N LYS C 30 -29.00 57.52 -9.23
CA LYS C 30 -27.89 58.17 -9.89
C LYS C 30 -27.73 57.60 -11.29
N PRO C 31 -27.93 58.39 -12.34
CA PRO C 31 -28.05 57.83 -13.70
C PRO C 31 -26.78 57.21 -14.24
N ILE C 32 -25.64 57.29 -13.55
CA ILE C 32 -24.38 56.76 -14.06
C ILE C 32 -23.84 55.65 -13.16
N SER C 33 -23.82 55.88 -11.85
CA SER C 33 -23.22 54.92 -10.92
C SER C 33 -24.18 53.83 -10.47
N ASP C 34 -25.47 53.98 -10.71
CA ASP C 34 -26.45 53.01 -10.28
C ASP C 34 -26.92 52.15 -11.45
N SER C 35 -27.43 50.97 -11.13
CA SER C 35 -27.98 50.04 -12.11
C SER C 35 -29.37 49.61 -11.65
N VAL C 36 -29.97 48.70 -12.42
CA VAL C 36 -31.30 48.21 -12.07
C VAL C 36 -31.23 47.33 -10.84
N GLY C 37 -30.19 46.52 -10.71
CA GLY C 37 -30.04 45.69 -9.53
C GLY C 37 -29.92 46.51 -8.27
N VAL C 38 -29.19 47.63 -8.34
CA VAL C 38 -29.06 48.50 -7.17
C VAL C 38 -30.41 49.08 -6.79
N PHE C 39 -31.18 49.54 -7.78
CA PHE C 39 -32.50 50.08 -7.47
C PHE C 39 -33.41 49.03 -6.86
N LEU C 40 -33.37 47.81 -7.38
CA LEU C 40 -34.22 46.76 -6.83
C LEU C 40 -33.81 46.39 -5.41
N ARG C 41 -32.50 46.36 -5.14
CA ARG C 41 -32.05 46.06 -3.79
C ARG C 41 -32.46 47.16 -2.82
N GLN C 42 -32.33 48.42 -3.23
CA GLN C 42 -32.78 49.52 -2.38
C GLN C 42 -34.29 49.50 -2.20
N LEU C 43 -35.02 49.01 -3.19
CA LEU C 43 -36.47 48.98 -3.11
C LEU C 43 -36.95 47.88 -2.17
N GLN C 44 -36.32 46.72 -2.19
CA GLN C 44 -36.70 45.63 -1.30
C GLN C 44 -35.93 45.63 0.01
N GLU C 45 -35.08 46.63 0.24
CA GLU C 45 -34.44 46.80 1.53
C GLU C 45 -35.15 47.81 2.42
N GLU C 46 -35.79 48.83 1.84
CA GLU C 46 -36.59 49.75 2.64
C GLU C 46 -37.90 49.14 3.09
N ASP C 47 -38.25 47.95 2.60
CA ASP C 47 -39.48 47.27 3.00
C ASP C 47 -39.24 45.78 2.84
N ARG C 48 -39.43 45.02 3.92
CA ARG C 48 -39.08 43.61 3.91
C ARG C 48 -40.13 42.73 3.26
N GLY C 49 -41.32 43.25 2.98
CA GLY C 49 -42.37 42.43 2.41
C GLY C 49 -42.46 42.51 0.91
N ILE C 50 -41.31 42.72 0.25
CA ILE C 50 -41.26 42.90 -1.20
C ILE C 50 -40.45 41.77 -1.81
N ASP C 51 -40.60 40.56 -1.27
CA ASP C 51 -39.83 39.40 -1.72
C ASP C 51 -39.81 39.22 -3.23
N ARG C 52 -40.79 39.75 -3.96
CA ARG C 52 -40.85 39.63 -5.41
C ARG C 52 -40.80 41.01 -6.04
N VAL C 53 -39.75 41.29 -6.81
CA VAL C 53 -39.60 42.55 -7.51
C VAL C 53 -39.15 42.25 -8.94
N ALA C 54 -39.59 43.06 -9.88
CA ALA C 54 -39.18 42.87 -11.27
C ALA C 54 -39.34 44.17 -12.04
N ILE C 55 -38.66 44.24 -13.18
CA ILE C 55 -38.79 45.38 -14.10
C ILE C 55 -38.82 44.84 -15.52
N TYR C 56 -39.90 45.14 -16.24
CA TYR C 56 -40.09 44.65 -17.59
C TYR C 56 -40.11 45.81 -18.57
N SER C 57 -39.59 45.55 -19.76
CA SER C 57 -39.77 46.48 -20.88
C SER C 57 -41.23 46.46 -21.30
N PRO C 58 -41.73 47.57 -21.86
CA PRO C 58 -43.17 47.65 -22.19
C PRO C 58 -43.63 46.65 -23.23
N ASP C 59 -42.71 45.95 -23.90
CA ASP C 59 -43.10 44.97 -24.90
C ASP C 59 -43.22 43.55 -24.33
N GLY C 60 -42.66 43.30 -23.15
CA GLY C 60 -42.83 42.01 -22.52
C GLY C 60 -41.56 41.39 -21.96
N VAL C 61 -40.41 41.67 -22.58
CA VAL C 61 -39.17 41.08 -22.12
C VAL C 61 -38.79 41.65 -20.76
N ARG C 62 -38.03 40.88 -20.00
CA ARG C 62 -37.57 41.30 -18.68
C ARG C 62 -36.23 42.01 -18.79
N VAL C 63 -36.14 43.20 -18.21
CA VAL C 63 -34.91 43.96 -18.25
C VAL C 63 -33.87 43.29 -17.35
N ALA C 64 -32.65 43.17 -17.86
CA ALA C 64 -31.58 42.54 -17.10
C ALA C 64 -31.22 43.40 -15.89
N ALA C 65 -30.60 42.75 -14.90
CA ALA C 65 -30.24 43.46 -13.68
C ALA C 65 -29.06 44.39 -13.88
N SER C 66 -28.20 44.09 -14.85
CA SER C 66 -27.01 44.91 -15.12
C SER C 66 -27.29 45.96 -16.19
N THR C 67 -28.33 46.77 -15.99
CA THR C 67 -28.70 47.81 -16.93
C THR C 67 -28.61 49.17 -16.25
N GLY C 68 -27.99 50.12 -16.94
CA GLY C 68 -27.84 51.44 -16.37
C GLY C 68 -29.16 52.19 -16.31
N ILE C 69 -29.27 53.09 -15.34
CA ILE C 69 -30.50 53.85 -15.18
C ILE C 69 -30.68 54.81 -16.34
N ASP C 70 -29.60 55.46 -16.78
CA ASP C 70 -29.70 56.37 -17.90
C ASP C 70 -30.17 55.67 -19.17
N LEU C 71 -29.91 54.37 -19.27
CA LEU C 71 -30.40 53.59 -20.41
C LEU C 71 -31.84 53.17 -20.21
N LEU C 72 -32.28 53.04 -18.96
CA LEU C 72 -33.63 52.58 -18.66
C LEU C 72 -34.66 53.70 -18.67
N LEU C 73 -34.28 54.88 -18.20
CA LEU C 73 -35.22 56.00 -18.08
C LEU C 73 -35.56 56.64 -19.42
N LEU C 74 -35.13 56.07 -20.54
CA LEU C 74 -35.45 56.63 -21.84
C LEU C 74 -36.88 56.31 -22.24
N ASP C 75 -37.26 55.04 -22.22
CA ASP C 75 -38.60 54.60 -22.58
C ASP C 75 -39.36 54.16 -21.34
N ASP C 76 -40.66 54.01 -21.50
CA ASP C 76 -41.50 53.57 -20.39
C ASP C 76 -41.10 52.17 -19.96
N PHE C 77 -41.61 51.74 -18.81
CA PHE C 77 -41.38 50.37 -18.37
C PHE C 77 -42.47 49.98 -17.38
N LYS C 78 -42.37 48.76 -16.86
CA LYS C 78 -43.32 48.25 -15.90
C LYS C 78 -42.58 47.74 -14.67
N LEU C 79 -42.93 48.28 -13.51
CA LEU C 79 -42.37 47.81 -12.24
C LEU C 79 -43.33 46.82 -11.62
N VAL C 80 -42.80 45.76 -11.02
CA VAL C 80 -43.60 44.69 -10.45
C VAL C 80 -43.21 44.51 -8.99
N ILE C 81 -44.17 44.76 -8.11
CA ILE C 81 -44.10 44.48 -6.69
C ILE C 81 -44.92 43.21 -6.49
N ASN C 82 -44.95 42.67 -5.26
CA ASN C 82 -45.35 41.29 -4.98
C ASN C 82 -46.46 40.77 -5.89
N ASP C 83 -47.52 41.53 -6.06
CA ASP C 83 -48.57 41.14 -6.99
C ASP C 83 -49.14 42.28 -7.81
N LEU C 84 -48.62 43.49 -7.69
CA LEU C 84 -49.11 44.64 -8.43
C LEU C 84 -48.13 45.02 -9.53
N THR C 85 -48.65 45.65 -10.57
CA THR C 85 -47.84 46.13 -11.68
C THR C 85 -48.11 47.61 -11.87
N TYR C 86 -47.05 48.40 -12.01
CA TYR C 86 -47.14 49.83 -12.19
C TYR C 86 -46.51 50.21 -13.51
N HIS C 87 -47.25 50.96 -14.32
CA HIS C 87 -46.79 51.42 -15.62
C HIS C 87 -46.07 52.74 -15.41
N VAL C 88 -44.74 52.70 -15.44
CA VAL C 88 -43.92 53.87 -15.16
C VAL C 88 -43.56 54.54 -16.48
N ARG C 89 -43.76 55.86 -16.54
CA ARG C 89 -43.47 56.66 -17.73
C ARG C 89 -42.55 57.81 -17.36
N PRO C 90 -41.25 57.69 -17.62
CA PRO C 90 -40.30 58.72 -17.22
C PRO C 90 -40.51 59.98 -18.03
N PRO C 91 -40.06 61.13 -17.51
CA PRO C 91 -40.14 62.38 -18.29
C PRO C 91 -38.93 62.55 -19.19
N LYS C 92 -38.90 63.63 -19.96
CA LYS C 92 -37.79 63.92 -20.87
C LYS C 92 -37.32 65.34 -20.60
N ARG C 93 -36.27 65.47 -19.79
CA ARG C 93 -35.74 66.79 -19.50
C ARG C 93 -35.05 67.36 -20.73
N ASP C 94 -34.84 68.68 -20.70
CA ASP C 94 -34.36 69.43 -21.85
C ASP C 94 -32.87 69.69 -21.74
N LEU C 95 -32.15 69.43 -22.83
CA LEU C 95 -30.77 69.89 -22.94
C LEU C 95 -30.78 71.40 -23.13
N LEU C 96 -30.00 72.10 -22.31
CA LEU C 96 -30.10 73.56 -22.23
C LEU C 96 -29.74 74.22 -23.56
N SER C 97 -28.48 74.13 -23.96
CA SER C 97 -28.00 74.66 -25.24
C SER C 97 -26.55 74.23 -25.40
N HIS C 98 -25.90 74.72 -26.46
CA HIS C 98 -24.47 74.61 -26.62
C HIS C 98 -23.69 75.77 -26.01
N GLU C 99 -24.37 76.88 -25.71
CA GLU C 99 -23.68 78.06 -25.17
C GLU C 99 -23.70 78.08 -23.64
N ASN C 100 -24.88 77.87 -23.03
CA ASN C 100 -24.98 77.93 -21.59
C ASN C 100 -24.16 76.82 -20.94
N ALA C 101 -24.13 75.63 -21.54
CA ALA C 101 -23.31 74.56 -21.00
C ALA C 101 -21.82 74.87 -21.14
N ALA C 102 -21.44 75.57 -22.21
CA ALA C 102 -20.03 75.93 -22.39
C ALA C 102 -19.53 76.85 -21.29
N THR C 103 -20.39 77.75 -20.79
CA THR C 103 -20.02 78.61 -19.68
C THR C 103 -20.34 77.99 -18.33
N LEU C 104 -21.14 76.92 -18.32
CA LEU C 104 -21.41 76.20 -17.08
C LEU C 104 -20.30 75.21 -16.74
N ASN C 105 -19.60 74.71 -17.75
CA ASN C 105 -18.50 73.79 -17.49
C ASN C 105 -17.39 74.46 -16.70
N ASP C 106 -17.17 75.75 -16.93
CA ASP C 106 -16.16 76.47 -16.15
C ASP C 106 -16.48 76.44 -14.67
N VAL C 107 -17.72 76.76 -14.32
CA VAL C 107 -18.12 76.72 -12.91
C VAL C 107 -18.10 75.29 -12.38
N LYS C 108 -18.53 74.34 -13.20
CA LYS C 108 -18.62 72.96 -12.73
C LYS C 108 -17.24 72.37 -12.49
N THR C 109 -16.22 72.86 -13.19
CA THR C 109 -14.87 72.38 -12.91
C THR C 109 -14.18 73.20 -11.84
N LEU C 110 -14.51 74.47 -11.69
CA LEU C 110 -13.95 75.26 -10.60
C LEU C 110 -14.45 74.77 -9.25
N VAL C 111 -15.74 74.43 -9.16
CA VAL C 111 -16.27 73.90 -7.92
C VAL C 111 -15.64 72.55 -7.60
N GLN C 112 -15.38 71.74 -8.62
CA GLN C 112 -14.71 70.46 -8.41
C GLN C 112 -13.30 70.69 -7.86
N GLN C 113 -12.56 71.61 -8.46
CA GLN C 113 -11.21 71.90 -7.96
C GLN C 113 -11.23 72.42 -6.54
N LEU C 114 -12.20 73.28 -6.22
CA LEU C 114 -12.29 73.81 -4.86
C LEU C 114 -12.61 72.70 -3.86
N TYR C 115 -13.58 71.84 -4.19
CA TYR C 115 -13.92 70.75 -3.29
C TYR C 115 -12.75 69.80 -3.11
N THR C 116 -12.02 69.52 -4.19
CA THR C 116 -10.81 68.72 -4.08
C THR C 116 -9.81 69.37 -3.13
N THR C 117 -9.64 70.69 -3.23
CA THR C 117 -8.69 71.37 -2.37
C THR C 117 -9.11 71.31 -0.91
N LEU C 118 -10.42 71.36 -0.65
CA LEU C 118 -10.87 71.43 0.74
C LEU C 118 -10.73 70.10 1.48
N CYS C 119 -10.75 68.97 0.76
CA CYS C 119 -10.88 67.67 1.40
C CYS C 119 -9.90 66.66 0.81
N ILE C 120 -8.65 67.07 0.62
CA ILE C 120 -7.64 66.15 0.11
C ILE C 120 -6.58 65.79 1.14
N GLU C 121 -6.38 66.59 2.18
CA GLU C 121 -5.37 66.24 3.17
C GLU C 121 -5.85 65.12 4.09
N GLN C 122 -7.12 65.18 4.50
CA GLN C 122 -7.65 64.12 5.35
C GLN C 122 -7.82 62.83 4.56
N HIS C 123 -8.10 62.94 3.27
CA HIS C 123 -8.25 61.74 2.45
C HIS C 123 -6.90 61.09 2.19
N GLN C 124 -5.88 61.90 1.94
CA GLN C 124 -4.54 61.34 1.76
C GLN C 124 -3.99 60.78 3.07
N LEU C 125 -4.38 61.33 4.22
CA LEU C 125 -3.96 60.73 5.48
C LEU C 125 -4.61 59.36 5.67
N ASN C 126 -5.91 59.26 5.43
CA ASN C 126 -6.54 57.94 5.49
C ASN C 126 -5.91 56.98 4.49
N LYS C 127 -5.57 57.47 3.30
CA LYS C 127 -4.96 56.62 2.29
C LYS C 127 -3.60 56.11 2.74
N GLU C 128 -2.78 56.97 3.35
CA GLU C 128 -1.47 56.53 3.81
C GLU C 128 -1.58 55.55 4.96
N ARG C 129 -2.57 55.73 5.83
CA ARG C 129 -2.77 54.77 6.92
C ARG C 129 -3.20 53.41 6.37
N GLU C 130 -4.15 53.41 5.42
CA GLU C 130 -4.56 52.15 4.80
C GLU C 130 -3.41 51.50 4.06
N LEU C 131 -2.55 52.29 3.41
CA LEU C 131 -1.44 51.71 2.67
C LEU C 131 -0.41 51.08 3.61
N ILE C 132 -0.18 51.68 4.78
CA ILE C 132 0.73 51.06 5.73
C ILE C 132 0.13 49.78 6.28
N GLU C 133 -1.16 49.81 6.63
CA GLU C 133 -1.81 48.59 7.11
C GLU C 133 -1.84 47.49 6.07
N ARG C 134 -1.85 47.85 4.79
CA ARG C 134 -1.87 46.85 3.72
C ARG C 134 -0.47 46.32 3.42
N LEU C 135 0.54 47.18 3.50
CA LEU C 135 1.90 46.73 3.26
C LEU C 135 2.36 45.79 4.36
N GLU C 136 2.01 46.10 5.61
CA GLU C 136 2.37 45.22 6.71
C GLU C 136 1.71 43.86 6.62
N ASP C 137 0.60 43.74 5.91
CA ASP C 137 -0.04 42.46 5.72
C ASP C 137 0.53 41.73 4.51
N LEU C 138 0.83 42.48 3.44
CA LEU C 138 1.44 41.86 2.28
C LEU C 138 2.80 41.27 2.60
N LYS C 139 3.63 41.99 3.37
CA LYS C 139 4.94 41.45 3.72
C LYS C 139 4.82 40.23 4.63
N GLU C 140 3.85 40.26 5.56
CA GLU C 140 3.63 39.11 6.42
C GLU C 140 3.16 37.90 5.63
N GLN C 141 2.36 38.13 4.60
CA GLN C 141 1.90 37.02 3.76
C GLN C 141 3.01 36.51 2.86
N LEU C 142 3.95 37.37 2.48
CA LEU C 142 5.07 36.95 1.65
C LEU C 142 6.14 36.23 2.44
N ALA C 143 6.23 36.50 3.74
CA ALA C 143 7.27 35.89 4.58
C ALA C 143 7.46 34.39 4.37
N PRO C 144 6.42 33.54 4.33
CA PRO C 144 6.68 32.10 4.23
C PRO C 144 7.18 31.66 2.85
N LEU C 145 6.80 32.35 1.77
CA LEU C 145 7.23 31.93 0.44
C LEU C 145 8.70 32.21 0.18
N GLU C 146 9.29 33.16 0.91
CA GLU C 146 10.69 33.50 0.70
C GLU C 146 11.58 32.31 1.02
N LYS C 147 11.21 31.51 2.02
CA LYS C 147 12.00 30.35 2.39
C LYS C 147 12.06 29.35 1.25
N VAL C 148 10.91 29.05 0.64
CA VAL C 148 10.88 28.14 -0.48
C VAL C 148 11.62 28.72 -1.68
N ARG C 149 11.48 30.03 -1.90
CA ARG C 149 12.20 30.67 -3.00
C ARG C 149 13.71 30.51 -2.84
N ILE C 150 14.22 30.71 -1.63
CA ILE C 150 15.66 30.63 -1.42
C ILE C 150 16.13 29.18 -1.53
N GLU C 151 15.33 28.25 -1.00
CA GLU C 151 15.70 26.85 -1.13
C GLU C 151 15.70 26.39 -2.58
N ILE C 152 14.91 27.04 -3.42
CA ILE C 152 14.94 26.71 -4.85
C ILE C 152 16.10 27.39 -5.54
N SER C 153 16.37 28.65 -5.20
CA SER C 153 17.42 29.39 -5.88
C SER C 153 18.81 28.88 -5.53
N ARG C 154 18.98 28.26 -4.36
CA ARG C 154 20.28 27.68 -4.07
C ARG C 154 20.55 26.47 -4.94
N LYS C 155 19.54 25.60 -5.12
CA LYS C 155 19.71 24.48 -6.02
C LYS C 155 19.83 24.92 -7.47
N ALA C 156 19.20 26.05 -7.83
CA ALA C 156 19.32 26.54 -9.21
C ALA C 156 20.64 27.26 -9.45
N GLU C 157 21.32 27.71 -8.40
CA GLU C 157 22.61 28.36 -8.57
C GLU C 157 23.77 27.39 -8.45
N LYS C 158 23.62 26.33 -7.64
CA LYS C 158 24.67 25.34 -7.55
C LYS C 158 24.94 24.71 -8.91
N ARG C 159 23.88 24.35 -9.64
CA ARG C 159 24.08 23.70 -10.93
C ARG C 159 24.64 24.64 -11.99
N THR C 160 24.45 25.94 -11.85
CA THR C 160 25.06 26.82 -12.84
C THR C 160 26.49 27.16 -12.48
N THR C 161 26.84 27.13 -11.20
CA THR C 161 28.25 27.21 -10.86
C THR C 161 28.97 25.94 -11.32
N LEU C 162 28.31 24.80 -11.20
CA LEU C 162 28.84 23.57 -11.77
C LEU C 162 29.04 23.69 -13.28
N VAL C 163 28.11 24.34 -13.97
CA VAL C 163 28.24 24.46 -15.42
C VAL C 163 29.41 25.36 -15.79
N LEU C 164 29.57 26.49 -15.09
CA LEU C 164 30.70 27.37 -15.38
C LEU C 164 32.03 26.68 -15.11
N TRP C 165 32.15 26.02 -13.96
CA TRP C 165 33.40 25.35 -13.65
C TRP C 165 33.67 24.19 -14.62
N GLY C 166 32.62 23.52 -15.07
CA GLY C 166 32.82 22.47 -16.06
C GLY C 166 33.27 23.02 -17.39
N GLY C 167 32.79 24.19 -17.77
CA GLY C 167 33.28 24.81 -18.99
C GLY C 167 34.75 25.16 -18.91
N LEU C 168 35.18 25.72 -17.78
CA LEU C 168 36.60 26.00 -17.60
C LEU C 168 37.43 24.72 -17.64
N ALA C 169 36.94 23.66 -16.97
CA ALA C 169 37.66 22.40 -16.98
C ALA C 169 37.76 21.81 -18.38
N TYR C 170 36.71 21.97 -19.19
CA TYR C 170 36.76 21.45 -20.54
C TYR C 170 37.74 22.23 -21.41
N MET C 171 37.77 23.55 -21.26
CA MET C 171 38.78 24.33 -21.97
C MET C 171 40.18 23.86 -21.62
N ALA C 172 40.44 23.66 -20.32
CA ALA C 172 41.76 23.19 -19.90
C ALA C 172 42.06 21.81 -20.48
N THR C 173 41.06 20.93 -20.50
CA THR C 173 41.27 19.58 -21.04
C THR C 173 41.63 19.63 -22.51
N GLN C 174 40.95 20.47 -23.28
CA GLN C 174 41.28 20.59 -24.70
C GLN C 174 42.68 21.15 -24.91
N PHE C 175 43.05 22.15 -24.12
CA PHE C 175 44.41 22.68 -24.17
C PHE C 175 45.43 21.57 -23.94
N GLY C 176 45.22 20.78 -22.89
CA GLY C 176 46.16 19.71 -22.59
C GLY C 176 46.23 18.66 -23.68
N ILE C 177 45.08 18.27 -24.22
CA ILE C 177 45.04 17.27 -25.30
C ILE C 177 45.85 17.76 -26.49
N LEU C 178 45.60 19.00 -26.93
CA LEU C 178 46.31 19.51 -28.09
C LEU C 178 47.80 19.61 -27.83
N ALA C 179 48.20 20.08 -26.65
CA ALA C 179 49.62 20.20 -26.35
C ALA C 179 50.31 18.84 -26.36
N ARG C 180 49.73 17.86 -25.67
CA ARG C 180 50.35 16.54 -25.61
C ARG C 180 50.44 15.91 -26.99
N LEU C 181 49.39 16.01 -27.78
CA LEU C 181 49.43 15.40 -29.10
C LEU C 181 50.26 16.20 -30.09
N THR C 182 50.59 17.45 -29.77
CA THR C 182 51.40 18.31 -30.64
C THR C 182 52.90 18.16 -30.40
N TRP C 183 53.32 18.06 -29.15
CA TRP C 183 54.77 18.06 -28.90
C TRP C 183 55.34 16.67 -28.63
N TRP C 184 54.51 15.65 -28.43
CA TRP C 184 55.01 14.33 -28.07
C TRP C 184 54.74 13.29 -29.13
N GLU C 185 53.48 13.09 -29.53
CA GLU C 185 53.15 12.01 -30.45
C GLU C 185 53.24 12.44 -31.92
N TYR C 186 52.45 13.42 -32.31
CA TYR C 186 52.42 13.88 -33.70
C TYR C 186 52.99 15.29 -33.78
N SER C 187 53.58 15.60 -34.92
CA SER C 187 54.22 16.90 -35.10
C SER C 187 53.17 17.99 -35.30
N TRP C 188 53.64 19.24 -35.26
CA TRP C 188 52.74 20.38 -35.43
C TRP C 188 52.22 20.45 -36.86
N ASP C 189 53.00 19.99 -37.84
CA ASP C 189 52.55 19.95 -39.22
C ASP C 189 51.32 19.09 -39.40
N ILE C 190 51.08 18.16 -38.47
CA ILE C 190 49.88 17.35 -38.53
C ILE C 190 48.75 17.95 -37.71
N MET C 191 49.09 18.69 -36.66
CA MET C 191 48.11 19.17 -35.70
C MET C 191 47.68 20.61 -35.93
N GLU C 192 48.17 21.27 -36.98
CA GLU C 192 47.71 22.64 -37.21
C GLU C 192 46.30 22.66 -37.81
N PRO C 193 46.00 21.86 -38.84
CA PRO C 193 44.63 21.88 -39.36
C PRO C 193 43.58 21.49 -38.34
N VAL C 194 43.90 20.60 -37.41
CA VAL C 194 42.94 20.24 -36.37
C VAL C 194 42.58 21.47 -35.56
N THR C 195 43.57 22.26 -35.18
CA THR C 195 43.30 23.48 -34.41
C THR C 195 42.50 24.48 -35.23
N TYR C 196 42.85 24.67 -36.50
CA TYR C 196 42.10 25.62 -37.31
C TYR C 196 40.64 25.23 -37.40
N PHE C 197 40.36 23.94 -37.64
CA PHE C 197 38.98 23.53 -37.79
C PHE C 197 38.25 23.51 -36.47
N ILE C 198 38.94 23.30 -35.36
CA ILE C 198 38.30 23.45 -34.06
C ILE C 198 37.89 24.90 -33.84
N THR C 199 38.75 25.84 -34.20
CA THR C 199 38.41 27.25 -34.08
C THR C 199 37.21 27.60 -34.95
N TYR C 200 37.19 27.11 -36.19
CA TYR C 200 36.07 27.42 -37.06
C TYR C 200 34.77 26.77 -36.57
N GLY C 201 34.86 25.56 -36.03
CA GLY C 201 33.68 24.93 -35.47
C GLY C 201 33.14 25.68 -34.27
N SER C 202 34.03 26.21 -33.44
CA SER C 202 33.58 27.05 -32.33
C SER C 202 32.90 28.31 -32.84
N ALA C 203 33.47 28.93 -33.88
CA ALA C 203 32.85 30.12 -34.46
C ALA C 203 31.48 29.82 -35.03
N MET C 204 31.30 28.61 -35.56
CA MET C 204 30.01 28.22 -36.12
C MET C 204 29.00 27.88 -35.03
N ALA C 205 29.46 27.26 -33.94
CA ALA C 205 28.56 26.95 -32.83
C ALA C 205 28.09 28.22 -32.12
N MET C 206 28.97 29.21 -32.02
CA MET C 206 28.55 30.47 -31.42
C MET C 206 27.51 31.20 -32.25
N TYR C 207 27.40 30.87 -33.54
CA TYR C 207 26.35 31.43 -34.38
C TYR C 207 25.08 30.60 -34.35
N ALA C 208 25.21 29.27 -34.31
CA ALA C 208 24.03 28.43 -34.14
C ALA C 208 23.33 28.72 -32.82
N TYR C 209 24.10 29.04 -31.79
CA TYR C 209 23.51 29.44 -30.50
C TYR C 209 22.58 30.62 -30.68
N PHE C 210 23.02 31.65 -31.41
CA PHE C 210 22.16 32.81 -31.64
C PHE C 210 20.97 32.44 -32.52
N VAL C 211 21.19 31.61 -33.53
CA VAL C 211 20.10 31.21 -34.40
C VAL C 211 18.98 30.55 -33.60
N MET C 212 19.34 29.71 -32.64
CA MET C 212 18.33 28.91 -31.95
C MET C 212 17.90 29.48 -30.60
N THR C 213 18.54 30.53 -30.09
CA THR C 213 18.09 31.15 -28.85
C THR C 213 17.77 32.63 -29.00
N ARG C 214 17.99 33.22 -30.17
CA ARG C 214 17.69 34.63 -30.45
C ARG C 214 18.46 35.57 -29.54
N GLN C 215 19.58 35.14 -29.00
CA GLN C 215 20.45 35.96 -28.17
C GLN C 215 21.88 35.79 -28.63
N GLU C 216 22.67 36.85 -28.53
CA GLU C 216 24.08 36.75 -28.85
C GLU C 216 24.81 36.02 -27.73
N TYR C 217 25.79 35.20 -28.09
CA TYR C 217 26.48 34.38 -27.11
C TYR C 217 27.43 35.22 -26.26
N VAL C 218 26.94 35.77 -25.17
CA VAL C 218 27.75 36.50 -24.20
C VAL C 218 27.72 35.72 -22.90
N TYR C 219 28.81 35.81 -22.14
CA TYR C 219 28.92 35.01 -20.92
C TYR C 219 27.82 35.31 -19.90
N PRO C 220 27.61 36.56 -19.46
CA PRO C 220 26.58 36.78 -18.45
C PRO C 220 25.17 36.46 -18.91
N GLU C 221 24.85 36.75 -20.18
CA GLU C 221 23.52 36.44 -20.67
C GLU C 221 23.27 34.94 -20.73
N ALA C 222 24.27 34.17 -21.18
CA ALA C 222 24.12 32.73 -21.19
C ALA C 222 23.98 32.19 -19.78
N ARG C 223 24.76 32.72 -18.84
CA ARG C 223 24.65 32.27 -17.46
C ARG C 223 23.27 32.56 -16.89
N ASP C 224 22.74 33.75 -17.17
CA ASP C 224 21.41 34.10 -16.66
C ASP C 224 20.33 33.23 -17.28
N ARG C 225 20.43 32.95 -18.58
CA ARG C 225 19.44 32.09 -19.22
C ARG C 225 19.48 30.69 -18.63
N GLN C 226 20.68 30.15 -18.41
CA GLN C 226 20.77 28.81 -17.82
C GLN C 226 20.27 28.79 -16.38
N TYR C 227 20.56 29.84 -15.62
CA TYR C 227 20.04 29.92 -14.27
C TYR C 227 18.52 29.98 -14.27
N LEU C 228 17.93 30.73 -15.19
CA LEU C 228 16.47 30.80 -15.25
C LEU C 228 15.87 29.46 -15.62
N LEU C 229 16.50 28.72 -16.54
CA LEU C 229 15.96 27.41 -16.89
C LEU C 229 16.07 26.44 -15.72
N PHE C 230 17.17 26.52 -14.97
CA PHE C 230 17.31 25.65 -13.80
C PHE C 230 16.29 26.01 -12.73
N PHE C 231 16.03 27.30 -12.54
CA PHE C 231 15.06 27.72 -11.54
C PHE C 231 13.66 27.30 -11.93
N HIS C 232 13.28 27.49 -13.19
CA HIS C 232 11.94 27.12 -13.63
C HIS C 232 11.78 25.62 -13.81
N LYS C 233 12.85 24.85 -13.67
CA LYS C 233 12.66 23.40 -13.56
C LYS C 233 12.59 22.94 -12.12
N GLY C 234 13.45 23.50 -11.26
CA GLY C 234 13.37 23.18 -9.84
C GLY C 234 12.11 23.66 -9.17
N ALA C 235 11.49 24.70 -9.71
CA ALA C 235 10.22 25.17 -9.16
C ALA C 235 9.05 24.31 -9.61
N LYS C 236 9.15 23.72 -10.79
CA LYS C 236 8.11 22.77 -11.21
C LYS C 236 8.25 21.45 -10.47
N LYS C 237 9.48 21.01 -10.22
CA LYS C 237 9.68 19.77 -9.47
C LYS C 237 9.17 19.90 -8.05
N SER C 238 9.31 21.08 -7.45
CA SER C 238 8.90 21.30 -6.06
C SER C 238 7.49 21.82 -5.93
N ARG C 239 6.80 22.10 -7.05
CA ARG C 239 5.43 22.61 -7.05
C ARG C 239 5.34 23.89 -6.22
N PHE C 240 6.09 24.89 -6.65
CA PHE C 240 6.14 26.18 -5.99
C PHE C 240 5.24 27.16 -6.73
N ASP C 241 4.34 27.81 -6.00
CA ASP C 241 3.38 28.73 -6.61
C ASP C 241 4.10 30.01 -7.00
N LEU C 242 4.76 29.95 -8.16
CA LEU C 242 5.54 31.09 -8.63
C LEU C 242 4.64 32.25 -9.04
N GLU C 243 3.46 31.95 -9.56
CA GLU C 243 2.54 32.98 -10.01
C GLU C 243 2.07 33.84 -8.84
N LYS C 244 1.68 33.19 -7.73
CA LYS C 244 1.28 33.92 -6.54
C LYS C 244 2.45 34.74 -6.00
N TYR C 245 3.66 34.16 -6.03
CA TYR C 245 4.84 34.88 -5.56
C TYR C 245 5.07 36.15 -6.36
N ASN C 246 4.95 36.07 -7.68
CA ASN C 246 5.17 37.26 -8.51
C ASN C 246 4.07 38.30 -8.28
N GLN C 247 2.81 37.87 -8.23
CA GLN C 247 1.74 38.83 -8.04
C GLN C 247 1.72 39.40 -6.62
N LEU C 248 2.41 38.74 -5.69
CA LEU C 248 2.55 39.28 -4.34
C LEU C 248 3.74 40.19 -4.20
N LYS C 249 4.82 39.94 -4.95
CA LYS C 249 5.95 40.85 -4.93
C LYS C 249 5.73 42.09 -5.77
N ASP C 250 4.77 42.06 -6.70
CA ASP C 250 4.45 43.28 -7.42
C ASP C 250 3.53 44.21 -6.65
N ALA C 251 2.78 43.67 -5.68
CA ALA C 251 1.88 44.52 -4.91
C ALA C 251 2.63 45.28 -3.83
N ILE C 252 3.65 44.67 -3.24
CA ILE C 252 4.52 45.39 -2.32
C ILE C 252 5.22 46.54 -3.03
N ALA C 253 5.66 46.29 -4.27
CA ALA C 253 6.30 47.35 -5.06
C ALA C 253 5.32 48.47 -5.36
N GLN C 254 4.08 48.12 -5.70
CA GLN C 254 3.07 49.14 -5.97
C GLN C 254 2.80 49.97 -4.73
N ALA C 255 2.62 49.31 -3.57
CA ALA C 255 2.33 50.08 -2.36
C ALA C 255 3.50 50.93 -1.89
N GLU C 256 4.74 50.52 -2.18
CA GLU C 256 5.87 51.38 -1.78
C GLU C 256 6.04 52.53 -2.74
N MET C 257 5.76 52.34 -4.03
CA MET C 257 5.79 53.48 -4.92
C MET C 257 4.69 54.47 -4.54
N ASP C 258 3.54 53.97 -4.09
CA ASP C 258 2.51 54.88 -3.61
C ASP C 258 2.96 55.63 -2.36
N LEU C 259 3.62 54.94 -1.42
CA LEU C 259 4.14 55.63 -0.24
C LEU C 259 5.19 56.66 -0.61
N LYS C 260 6.04 56.35 -1.58
CA LYS C 260 7.04 57.32 -2.03
C LYS C 260 6.37 58.53 -2.66
N ARG C 261 5.29 58.32 -3.41
CA ARG C 261 4.58 59.45 -4.00
C ARG C 261 3.94 60.31 -2.91
N LEU C 262 3.36 59.69 -1.90
CA LEU C 262 2.67 60.46 -0.86
C LEU C 262 3.61 61.28 0.02
N ARG C 263 4.91 61.32 -0.25
CA ARG C 263 5.81 62.12 0.58
C ARG C 263 5.70 63.61 0.28
N ASP C 264 5.37 63.99 -0.96
CA ASP C 264 5.33 65.41 -1.29
C ASP C 264 4.17 66.14 -0.61
N PRO C 265 2.91 65.73 -0.77
CA PRO C 265 1.81 66.52 -0.21
C PRO C 265 1.65 66.38 1.30
N LEU C 266 2.46 65.54 1.95
CA LEU C 266 2.29 65.29 3.38
C LEU C 266 3.45 65.78 4.23
N GLN C 267 4.64 65.94 3.66
CA GLN C 267 5.81 66.38 4.40
C GLN C 267 6.33 67.74 3.97
N VAL C 268 6.40 67.99 2.66
CA VAL C 268 6.91 69.26 2.14
C VAL C 268 5.82 70.12 1.56
N HIS C 269 4.57 69.69 1.60
CA HIS C 269 3.42 70.49 1.16
C HIS C 269 3.55 70.92 -0.30
N LEU C 270 4.03 70.01 -1.14
CA LEU C 270 4.13 70.23 -2.57
C LEU C 270 3.08 69.40 -3.30
N PRO C 271 2.72 69.79 -4.52
CA PRO C 271 1.69 69.04 -5.25
C PRO C 271 2.14 67.62 -5.57
N LEU C 272 1.19 66.71 -5.55
CA LEU C 272 1.48 65.30 -5.77
C LEU C 272 1.93 65.04 -7.20
N ARG C 273 2.90 64.15 -7.36
CA ARG C 273 3.38 63.76 -8.68
C ARG C 273 2.42 62.78 -9.32
N GLN C 274 2.17 62.97 -10.62
CA GLN C 274 1.25 62.11 -11.34
C GLN C 274 1.85 60.71 -11.53
N ILE C 275 1.03 59.79 -12.02
CA ILE C 275 1.46 58.42 -12.27
C ILE C 275 2.40 58.43 -13.48
N GLY C 276 3.68 58.19 -13.23
CA GLY C 276 4.66 58.16 -14.30
C GLY C 276 5.47 59.45 -14.42
N ASP D 1 -10.02 60.03 41.75
CA ASP D 1 -9.09 61.15 41.86
C ASP D 1 -9.39 62.21 40.80
N ASP D 2 -8.63 62.20 39.71
CA ASP D 2 -8.77 63.21 38.67
C ASP D 2 -8.38 62.60 37.34
N VAL D 3 -8.80 63.27 36.26
CA VAL D 3 -8.53 62.85 34.89
C VAL D 3 -7.86 64.00 34.16
N THR D 4 -6.73 63.72 33.54
CA THR D 4 -5.95 64.74 32.85
C THR D 4 -5.79 64.41 31.38
N VAL D 5 -5.51 65.44 30.58
CA VAL D 5 -5.24 65.30 29.16
C VAL D 5 -3.97 66.05 28.84
N VAL D 6 -2.94 65.33 28.39
CA VAL D 6 -1.63 65.92 28.14
C VAL D 6 -1.17 65.53 26.75
N TYR D 7 -0.64 66.48 25.99
CA TYR D 7 -0.13 66.20 24.66
C TYR D 7 1.31 65.73 24.79
N GLN D 8 1.59 64.55 24.23
CA GLN D 8 2.94 63.99 24.20
C GLN D 8 3.26 63.61 22.77
N ASN D 9 4.34 64.18 22.25
CA ASN D 9 4.78 63.93 20.87
C ASN D 9 3.66 64.22 19.88
N GLY D 10 2.85 65.24 20.18
CA GLY D 10 1.75 65.64 19.32
C GLY D 10 0.50 64.82 19.45
N LEU D 11 0.46 63.82 20.33
CA LEU D 11 -0.70 62.98 20.46
C LEU D 11 -1.32 63.14 21.85
N PRO D 12 -2.64 63.18 21.94
CA PRO D 12 -3.28 63.31 23.26
C PRO D 12 -3.18 62.03 24.06
N VAL D 13 -2.93 62.20 25.36
CA VAL D 13 -2.85 61.11 26.32
C VAL D 13 -3.79 61.46 27.47
N ILE D 14 -4.80 60.63 27.67
CA ILE D 14 -5.79 60.84 28.71
C ILE D 14 -5.52 59.89 29.87
N SER D 15 -5.23 60.46 31.03
CA SER D 15 -4.95 59.68 32.24
C SER D 15 -6.19 59.70 33.12
N VAL D 16 -6.72 58.50 33.40
CA VAL D 16 -7.97 58.35 34.13
C VAL D 16 -7.81 57.23 35.15
N ARG D 17 -8.52 57.38 36.28
CA ARG D 17 -8.51 56.39 37.34
C ARG D 17 -9.74 55.51 37.24
N LEU D 18 -9.52 54.22 37.07
CA LEU D 18 -10.61 53.27 36.85
C LEU D 18 -11.22 52.82 38.17
N PRO D 19 -12.51 52.48 38.18
CA PRO D 19 -13.16 52.17 39.46
C PRO D 19 -12.74 50.85 40.06
N SER D 20 -12.65 49.79 39.27
CA SER D 20 -12.44 48.46 39.83
C SER D 20 -10.98 48.24 40.19
N ARG D 21 -10.06 48.51 39.26
CA ARG D 21 -8.65 48.21 39.50
C ARG D 21 -8.05 49.11 40.56
N ARG D 22 -8.61 50.30 40.75
CA ARG D 22 -8.06 51.30 41.67
C ARG D 22 -6.62 51.66 41.30
N GLU D 23 -6.35 51.69 40.00
CA GLU D 23 -5.03 52.05 39.49
C GLU D 23 -5.18 52.96 38.29
N ARG D 24 -4.34 53.97 38.21
CA ARG D 24 -4.47 55.00 37.18
C ARG D 24 -3.93 54.48 35.85
N CYS D 25 -4.75 54.54 34.81
CA CYS D 25 -4.34 54.12 33.48
C CYS D 25 -4.25 55.34 32.56
N GLN D 26 -3.63 55.13 31.40
CA GLN D 26 -3.52 56.20 30.41
C GLN D 26 -3.78 55.64 29.02
N PHE D 27 -4.46 56.44 28.20
CA PHE D 27 -4.85 56.06 26.85
C PHE D 27 -4.30 57.07 25.87
N THR D 28 -3.55 56.59 24.89
CA THR D 28 -3.04 57.44 23.82
C THR D 28 -4.00 57.37 22.63
N LEU D 29 -4.43 58.54 22.15
CA LEU D 29 -5.42 58.60 21.10
C LEU D 29 -4.90 59.34 19.88
N LYS D 30 -5.34 58.90 18.70
CA LYS D 30 -5.04 59.62 17.46
C LYS D 30 -6.18 60.58 17.15
N PRO D 31 -5.92 61.87 17.02
CA PRO D 31 -7.03 62.83 16.85
C PRO D 31 -7.75 62.71 15.52
N ILE D 32 -7.19 62.03 14.53
CA ILE D 32 -7.78 61.96 13.20
C ILE D 32 -8.54 60.67 12.99
N SER D 33 -7.95 59.55 13.38
CA SER D 33 -8.55 58.25 13.08
C SER D 33 -9.56 57.82 14.12
N ASP D 34 -9.26 57.99 15.41
CA ASP D 34 -10.18 57.51 16.43
C ASP D 34 -11.37 58.46 16.58
N SER D 35 -12.32 58.05 17.42
CA SER D 35 -13.53 58.81 17.67
C SER D 35 -13.90 58.66 19.13
N VAL D 36 -15.04 59.23 19.52
CA VAL D 36 -15.52 59.07 20.88
C VAL D 36 -15.90 57.61 21.15
N GLY D 37 -16.52 56.96 20.17
CA GLY D 37 -16.90 55.57 20.35
C GLY D 37 -15.70 54.67 20.57
N VAL D 38 -14.61 54.92 19.85
CA VAL D 38 -13.40 54.11 20.01
C VAL D 38 -12.81 54.31 21.39
N PHE D 39 -12.76 55.55 21.86
CA PHE D 39 -12.22 55.81 23.19
C PHE D 39 -13.08 55.15 24.26
N LEU D 40 -14.40 55.24 24.13
CA LEU D 40 -15.26 54.62 25.13
C LEU D 40 -15.15 53.11 25.10
N ARG D 41 -14.97 52.54 23.91
CA ARG D 41 -14.79 51.09 23.83
C ARG D 41 -13.48 50.65 24.46
N GLN D 42 -12.40 51.41 24.21
CA GLN D 42 -11.13 51.09 24.85
C GLN D 42 -11.23 51.23 26.36
N LEU D 43 -12.00 52.20 26.84
CA LEU D 43 -12.14 52.40 28.27
C LEU D 43 -13.01 51.32 28.90
N GLN D 44 -13.93 50.75 28.13
CA GLN D 44 -14.78 49.69 28.66
C GLN D 44 -14.07 48.35 28.65
N GLU D 45 -13.33 48.04 27.59
CA GLU D 45 -12.63 46.77 27.50
C GLU D 45 -11.32 46.76 28.27
N GLU D 46 -11.15 47.70 29.19
CA GLU D 46 -9.94 47.79 30.00
C GLU D 46 -10.08 46.99 31.29
N ASP D 47 -11.09 47.31 32.10
CA ASP D 47 -11.25 46.67 33.40
C ASP D 47 -12.51 45.82 33.51
N ARG D 48 -13.46 45.95 32.58
CA ARG D 48 -14.68 45.17 32.49
C ARG D 48 -15.67 45.46 33.62
N GLY D 49 -15.30 46.29 34.59
CA GLY D 49 -16.19 46.63 35.67
C GLY D 49 -16.97 47.90 35.45
N ILE D 50 -16.95 48.46 34.24
CA ILE D 50 -17.62 49.70 33.91
C ILE D 50 -18.80 49.34 33.02
N ASP D 51 -20.01 49.45 33.56
CA ASP D 51 -21.20 49.07 32.82
C ASP D 51 -21.80 50.22 32.03
N ARG D 52 -21.54 51.45 32.42
CA ARG D 52 -22.10 52.60 31.72
C ARG D 52 -21.08 53.72 31.71
N VAL D 53 -20.78 54.24 30.52
CA VAL D 53 -19.83 55.33 30.34
C VAL D 53 -20.33 56.22 29.22
N ALA D 54 -20.16 57.52 29.38
CA ALA D 54 -20.63 58.49 28.40
C ALA D 54 -19.78 59.74 28.48
N ILE D 55 -19.88 60.58 27.46
CA ILE D 55 -19.16 61.85 27.41
C ILE D 55 -20.16 62.95 27.09
N TYR D 56 -20.29 63.91 27.99
CA TYR D 56 -21.24 64.99 27.85
C TYR D 56 -20.52 66.30 27.55
N SER D 57 -21.12 67.10 26.67
CA SER D 57 -20.67 68.47 26.50
C SER D 57 -20.99 69.27 27.75
N PRO D 58 -20.19 70.29 28.08
CA PRO D 58 -20.43 71.04 29.32
C PRO D 58 -21.79 71.70 29.38
N ASP D 59 -22.54 71.77 28.28
CA ASP D 59 -23.88 72.34 28.32
C ASP D 59 -24.94 71.35 28.76
N GLY D 60 -24.58 70.09 28.96
CA GLY D 60 -25.50 69.05 29.38
C GLY D 60 -25.80 68.02 28.31
N VAL D 61 -25.73 68.42 27.04
CA VAL D 61 -26.00 67.47 25.97
C VAL D 61 -24.89 66.43 25.90
N ARG D 62 -25.21 65.30 25.27
CA ARG D 62 -24.28 64.20 25.12
C ARG D 62 -23.75 64.17 23.70
N VAL D 63 -22.45 64.00 23.55
CA VAL D 63 -21.85 63.88 22.22
C VAL D 63 -22.00 62.45 21.73
N ALA D 64 -22.17 62.31 20.42
CA ALA D 64 -22.42 61.01 19.83
C ALA D 64 -21.17 60.14 19.91
N ALA D 65 -21.30 58.90 19.47
CA ALA D 65 -20.19 57.98 19.44
C ALA D 65 -19.38 58.04 18.15
N SER D 66 -19.83 58.83 17.17
CA SER D 66 -19.10 58.98 15.92
C SER D 66 -18.34 60.31 15.84
N THR D 67 -18.44 61.15 16.86
CA THR D 67 -17.73 62.42 16.86
C THR D 67 -16.22 62.17 16.98
N GLY D 68 -15.46 62.81 16.10
CA GLY D 68 -14.02 62.62 16.12
C GLY D 68 -13.39 63.13 17.39
N ILE D 69 -12.22 62.59 17.70
CA ILE D 69 -11.52 62.99 18.92
C ILE D 69 -11.03 64.43 18.81
N ASP D 70 -10.59 64.83 17.61
CA ASP D 70 -10.10 66.19 17.43
C ASP D 70 -11.18 67.21 17.70
N LEU D 71 -12.39 66.99 17.16
CA LEU D 71 -13.49 67.91 17.38
C LEU D 71 -13.94 67.95 18.84
N LEU D 72 -13.62 66.93 19.62
CA LEU D 72 -14.03 66.90 21.02
C LEU D 72 -13.09 67.67 21.91
N LEU D 73 -11.79 67.64 21.62
CA LEU D 73 -10.78 68.24 22.48
C LEU D 73 -10.67 69.74 22.33
N LEU D 74 -11.62 70.40 21.68
CA LEU D 74 -11.55 71.85 21.57
C LEU D 74 -11.87 72.53 22.89
N ASP D 75 -12.85 72.02 23.64
CA ASP D 75 -13.24 72.62 24.91
C ASP D 75 -13.44 71.52 25.93
N ASP D 76 -13.81 71.93 27.15
CA ASP D 76 -13.99 71.01 28.26
C ASP D 76 -15.09 70.00 27.94
N PHE D 77 -15.14 68.93 28.73
CA PHE D 77 -16.29 68.03 28.68
C PHE D 77 -16.40 67.33 30.03
N LYS D 78 -17.37 66.41 30.11
CA LYS D 78 -17.62 65.67 31.34
C LYS D 78 -17.64 64.18 31.00
N LEU D 79 -16.68 63.45 31.54
CA LEU D 79 -16.61 62.00 31.37
C LEU D 79 -17.38 61.36 32.51
N VAL D 80 -18.49 60.70 32.18
CA VAL D 80 -19.35 60.08 33.19
C VAL D 80 -19.09 58.57 33.15
N ILE D 81 -18.52 58.06 34.23
CA ILE D 81 -18.41 56.64 34.44
C ILE D 81 -19.55 56.26 35.37
N ASN D 82 -19.75 54.95 35.57
CA ASN D 82 -21.02 54.37 36.02
C ASN D 82 -21.81 55.26 36.99
N ASP D 83 -21.19 55.78 38.03
CA ASP D 83 -21.88 56.79 38.82
C ASP D 83 -20.96 57.94 39.26
N LEU D 84 -19.80 58.09 38.63
CA LEU D 84 -18.91 59.22 38.83
C LEU D 84 -18.97 60.15 37.63
N THR D 85 -18.70 61.44 37.87
CA THR D 85 -18.70 62.44 36.82
C THR D 85 -17.45 63.29 36.96
N TYR D 86 -16.49 63.12 36.05
CA TYR D 86 -15.24 63.87 36.08
C TYR D 86 -15.27 64.99 35.05
N HIS D 87 -14.77 66.15 35.44
CA HIS D 87 -14.71 67.30 34.56
C HIS D 87 -13.34 67.35 33.89
N VAL D 88 -13.31 67.14 32.58
CA VAL D 88 -12.07 67.07 31.82
C VAL D 88 -11.83 68.40 31.14
N ARG D 89 -10.62 68.93 31.28
CA ARG D 89 -10.22 70.19 30.65
C ARG D 89 -8.98 69.95 29.79
N PRO D 90 -9.13 69.80 28.48
CA PRO D 90 -7.96 69.63 27.64
C PRO D 90 -7.22 70.94 27.48
N PRO D 91 -5.91 70.91 27.25
CA PRO D 91 -5.16 72.16 27.08
C PRO D 91 -5.57 72.87 25.81
N LYS D 92 -5.69 74.19 25.89
CA LYS D 92 -6.20 74.97 24.78
C LYS D 92 -5.16 75.11 23.68
N ARG D 93 -5.61 74.95 22.44
CA ARG D 93 -4.78 75.12 21.27
C ARG D 93 -4.84 76.56 20.76
N ASP D 94 -3.80 76.97 20.05
CA ASP D 94 -3.72 78.30 19.48
C ASP D 94 -4.07 78.20 17.99
N LEU D 95 -5.32 78.52 17.68
CA LEU D 95 -5.79 78.45 16.30
C LEU D 95 -6.41 79.78 15.89
N LEU D 96 -7.10 79.79 14.74
CA LEU D 96 -7.71 81.03 14.26
C LEU D 96 -8.66 81.61 15.29
N SER D 97 -8.72 82.93 15.33
CA SER D 97 -9.61 83.62 16.25
C SER D 97 -11.06 83.31 15.92
N HIS D 98 -11.95 83.76 16.80
CA HIS D 98 -13.38 83.52 16.62
C HIS D 98 -13.97 84.24 15.43
N GLU D 99 -13.19 85.05 14.73
CA GLU D 99 -13.66 85.78 13.56
C GLU D 99 -13.23 85.12 12.24
N ASN D 100 -11.98 84.70 12.13
CA ASN D 100 -11.54 84.02 10.92
C ASN D 100 -12.15 82.65 10.80
N ALA D 101 -12.40 81.98 11.92
CA ALA D 101 -13.05 80.67 11.88
C ALA D 101 -14.41 80.76 11.23
N ALA D 102 -15.15 81.84 11.48
CA ALA D 102 -16.45 82.02 10.83
C ALA D 102 -16.29 82.16 9.32
N THR D 103 -15.27 82.89 8.87
CA THR D 103 -15.05 83.05 7.43
C THR D 103 -14.69 81.71 6.78
N LEU D 104 -13.80 80.94 7.43
CA LEU D 104 -13.43 79.65 6.88
C LEU D 104 -14.62 78.70 6.86
N ASN D 105 -15.45 78.74 7.91
CA ASN D 105 -16.66 77.93 7.93
C ASN D 105 -17.61 78.32 6.81
N ASP D 106 -17.75 79.62 6.57
CA ASP D 106 -18.62 80.06 5.48
C ASP D 106 -18.09 79.60 4.13
N VAL D 107 -16.77 79.65 3.93
CA VAL D 107 -16.19 79.16 2.69
C VAL D 107 -16.47 77.67 2.51
N LYS D 108 -16.21 76.89 3.55
CA LYS D 108 -16.46 75.45 3.46
C LYS D 108 -17.91 75.15 3.13
N THR D 109 -18.84 75.82 3.83
CA THR D 109 -20.25 75.57 3.62
C THR D 109 -20.69 75.96 2.21
N LEU D 110 -20.24 77.11 1.72
CA LEU D 110 -20.62 77.52 0.38
C LEU D 110 -20.06 76.59 -0.67
N VAL D 111 -18.81 76.15 -0.51
CA VAL D 111 -18.23 75.23 -1.49
C VAL D 111 -18.99 73.91 -1.47
N GLN D 112 -19.38 73.44 -0.29
CA GLN D 112 -20.09 72.17 -0.23
C GLN D 112 -21.48 72.29 -0.84
N GLN D 113 -22.19 73.38 -0.57
CA GLN D 113 -23.51 73.54 -1.18
C GLN D 113 -23.43 73.71 -2.69
N LEU D 114 -22.38 74.35 -3.18
CA LEU D 114 -22.20 74.42 -4.63
C LEU D 114 -21.88 73.05 -5.22
N TYR D 115 -21.08 72.25 -4.51
CA TYR D 115 -20.79 70.91 -4.98
C TYR D 115 -22.04 70.05 -5.01
N THR D 116 -22.99 70.31 -4.10
CA THR D 116 -24.20 69.50 -4.08
C THR D 116 -25.21 69.96 -5.13
N THR D 117 -25.57 71.24 -5.12
CA THR D 117 -26.64 71.69 -6.01
C THR D 117 -26.27 71.59 -7.48
N LEU D 118 -25.00 71.83 -7.81
CA LEU D 118 -24.58 71.75 -9.20
C LEU D 118 -24.43 70.31 -9.68
N CYS D 119 -24.47 69.34 -8.77
CA CYS D 119 -24.35 67.92 -9.10
C CYS D 119 -23.03 67.64 -9.82
N ILE D 120 -21.94 67.89 -9.11
CA ILE D 120 -20.62 67.73 -9.68
C ILE D 120 -20.22 66.26 -9.75
N GLU D 121 -20.79 65.42 -8.90
CA GLU D 121 -20.49 63.99 -8.95
C GLU D 121 -20.86 63.40 -10.30
N GLN D 122 -22.06 63.70 -10.78
CA GLN D 122 -22.46 63.21 -12.09
C GLN D 122 -21.63 63.83 -13.19
N HIS D 123 -21.15 65.06 -12.99
CA HIS D 123 -20.27 65.67 -13.99
C HIS D 123 -18.96 64.90 -14.10
N GLN D 124 -18.36 64.54 -12.97
CA GLN D 124 -17.13 63.76 -13.01
C GLN D 124 -17.38 62.38 -13.60
N LEU D 125 -18.50 61.74 -13.25
CA LEU D 125 -18.80 60.44 -13.82
C LEU D 125 -19.02 60.53 -15.32
N ASN D 126 -19.63 61.61 -15.79
CA ASN D 126 -19.82 61.76 -17.23
C ASN D 126 -18.49 62.02 -17.92
N LYS D 127 -17.58 62.74 -17.28
CA LYS D 127 -16.25 62.93 -17.85
C LYS D 127 -15.53 61.59 -18.00
N GLU D 128 -15.56 60.78 -16.94
CA GLU D 128 -14.91 59.48 -16.99
C GLU D 128 -15.58 58.57 -18.02
N ARG D 129 -16.90 58.68 -18.17
CA ARG D 129 -17.60 57.87 -19.17
C ARG D 129 -17.22 58.29 -20.58
N GLU D 130 -17.13 59.59 -20.83
CA GLU D 130 -16.69 60.07 -22.14
C GLU D 130 -15.28 59.60 -22.44
N LEU D 131 -14.41 59.59 -21.43
CA LEU D 131 -13.04 59.14 -21.63
C LEU D 131 -13.00 57.64 -21.97
N ILE D 132 -13.77 56.83 -21.24
CA ILE D 132 -13.84 55.41 -21.55
C ILE D 132 -14.39 55.18 -22.95
N GLU D 133 -15.40 55.96 -23.34
CA GLU D 133 -15.99 55.77 -24.66
C GLU D 133 -15.01 56.14 -25.76
N ARG D 134 -14.25 57.23 -25.58
CA ARG D 134 -13.24 57.58 -26.56
C ARG D 134 -12.15 56.51 -26.65
N LEU D 135 -11.71 56.00 -25.50
CA LEU D 135 -10.69 54.96 -25.52
C LEU D 135 -11.18 53.70 -26.23
N GLU D 136 -12.43 53.30 -25.97
CA GLU D 136 -12.98 52.11 -26.62
C GLU D 136 -13.29 52.35 -28.08
N ASP D 137 -13.49 53.61 -28.48
CA ASP D 137 -13.65 53.90 -29.90
C ASP D 137 -12.32 53.85 -30.63
N LEU D 138 -11.24 54.26 -29.97
CA LEU D 138 -9.93 54.21 -30.60
C LEU D 138 -9.51 52.78 -30.92
N LYS D 139 -10.03 51.81 -30.18
CA LYS D 139 -9.68 50.40 -30.40
C LYS D 139 -10.55 49.73 -31.44
N GLU D 140 -11.65 50.36 -31.87
CA GLU D 140 -12.45 49.79 -32.95
C GLU D 140 -11.94 50.18 -34.32
N GLN D 141 -11.15 51.25 -34.42
CA GLN D 141 -10.45 51.57 -35.66
C GLN D 141 -9.17 50.78 -35.79
N LEU D 142 -8.76 50.07 -34.76
CA LEU D 142 -7.52 49.28 -34.78
C LEU D 142 -7.77 47.81 -35.08
N ALA D 143 -8.97 47.30 -34.84
CA ALA D 143 -9.24 45.90 -35.13
C ALA D 143 -9.02 45.51 -36.58
N PRO D 144 -9.41 46.32 -37.59
CA PRO D 144 -9.11 45.92 -38.97
C PRO D 144 -7.65 46.05 -39.33
N LEU D 145 -6.93 47.03 -38.78
CA LEU D 145 -5.56 47.28 -39.21
C LEU D 145 -4.61 46.24 -38.64
N GLU D 146 -4.78 45.86 -37.38
CA GLU D 146 -3.87 44.89 -36.79
C GLU D 146 -4.01 43.52 -37.44
N LYS D 147 -5.18 43.22 -38.00
CA LYS D 147 -5.38 41.91 -38.62
C LYS D 147 -4.52 41.73 -39.86
N VAL D 148 -4.13 42.83 -40.53
CA VAL D 148 -3.26 42.73 -41.68
C VAL D 148 -1.82 43.02 -41.26
N ARG D 149 -1.65 43.81 -40.20
CA ARG D 149 -0.31 44.03 -39.68
C ARG D 149 0.31 42.73 -39.20
N ILE D 150 -0.50 41.87 -38.57
CA ILE D 150 0.00 40.58 -38.10
C ILE D 150 0.43 39.71 -39.27
N GLU D 151 -0.35 39.72 -40.35
CA GLU D 151 0.01 38.96 -41.54
C GLU D 151 1.34 39.44 -42.11
N ILE D 152 1.52 40.75 -42.22
CA ILE D 152 2.76 41.29 -42.75
C ILE D 152 3.94 40.92 -41.86
N SER D 153 3.78 41.07 -40.54
CA SER D 153 4.86 40.74 -39.63
C SER D 153 5.21 39.26 -39.72
N ARG D 154 4.22 38.39 -39.89
CA ARG D 154 4.48 36.97 -39.97
C ARG D 154 5.26 36.62 -41.23
N LYS D 155 4.83 37.14 -42.37
CA LYS D 155 5.58 36.82 -43.59
C LYS D 155 6.87 37.63 -43.72
N ALA D 156 7.15 38.54 -42.80
CA ALA D 156 8.50 39.11 -42.73
C ALA D 156 9.43 38.27 -41.85
N GLU D 157 8.95 37.84 -40.70
CA GLU D 157 9.78 36.96 -39.88
C GLU D 157 10.04 35.63 -40.57
N LYS D 158 9.11 35.19 -41.42
CA LYS D 158 9.32 33.93 -42.13
C LYS D 158 10.45 34.03 -43.15
N ARG D 159 10.76 35.23 -43.62
CA ARG D 159 11.96 35.41 -44.46
C ARG D 159 13.20 35.65 -43.63
N THR D 160 13.07 36.34 -42.49
CA THR D 160 14.23 36.56 -41.63
C THR D 160 14.81 35.24 -41.13
N THR D 161 13.95 34.32 -40.68
CA THR D 161 14.45 33.03 -40.20
C THR D 161 15.11 32.26 -41.32
N LEU D 162 14.56 32.36 -42.53
CA LEU D 162 15.16 31.66 -43.66
C LEU D 162 16.53 32.23 -43.99
N VAL D 163 16.70 33.54 -43.86
CA VAL D 163 18.03 34.14 -44.06
C VAL D 163 19.00 33.64 -43.01
N LEU D 164 18.56 33.54 -41.75
CA LEU D 164 19.43 33.01 -40.70
C LEU D 164 19.89 31.59 -41.04
N TRP D 165 18.94 30.72 -41.37
CA TRP D 165 19.30 29.34 -41.68
C TRP D 165 20.19 29.26 -42.92
N GLY D 166 19.98 30.16 -43.88
CA GLY D 166 20.85 30.17 -45.05
C GLY D 166 22.28 30.55 -44.70
N GLY D 167 22.45 31.53 -43.82
CA GLY D 167 23.79 31.88 -43.38
C GLY D 167 24.47 30.72 -42.66
N LEU D 168 23.72 30.00 -41.82
CA LEU D 168 24.29 28.84 -41.15
C LEU D 168 24.69 27.77 -42.16
N ALA D 169 23.85 27.51 -43.15
CA ALA D 169 24.17 26.52 -44.17
C ALA D 169 25.40 26.94 -44.96
N TYR D 170 25.58 28.23 -45.19
CA TYR D 170 26.77 28.69 -45.89
C TYR D 170 28.02 28.46 -45.06
N MET D 171 27.96 28.75 -43.76
CA MET D 171 29.10 28.45 -42.90
C MET D 171 29.44 26.96 -42.94
N ALA D 172 28.42 26.11 -42.90
CA ALA D 172 28.65 24.67 -42.93
C ALA D 172 29.31 24.24 -44.24
N THR D 173 28.79 24.71 -45.37
CA THR D 173 29.36 24.30 -46.64
C THR D 173 30.77 24.85 -46.83
N GLN D 174 31.08 26.00 -46.24
CA GLN D 174 32.46 26.48 -46.30
C GLN D 174 33.38 25.60 -45.47
N PHE D 175 32.95 25.21 -44.28
CA PHE D 175 33.72 24.25 -43.49
C PHE D 175 33.99 22.99 -44.29
N GLY D 176 32.98 22.46 -44.97
CA GLY D 176 33.17 21.23 -45.71
C GLY D 176 34.10 21.40 -46.89
N ILE D 177 33.90 22.47 -47.66
CA ILE D 177 34.70 22.68 -48.86
C ILE D 177 36.15 23.00 -48.52
N LEU D 178 36.42 23.52 -47.32
CA LEU D 178 37.79 23.75 -46.91
C LEU D 178 38.42 22.52 -46.26
N ALA D 179 37.65 21.71 -45.56
CA ALA D 179 38.21 20.54 -44.90
C ALA D 179 38.38 19.36 -45.84
N ARG D 180 37.67 19.34 -46.97
CA ARG D 180 37.85 18.24 -47.90
C ARG D 180 39.21 18.31 -48.56
N LEU D 181 39.65 19.53 -48.89
CA LEU D 181 40.88 19.70 -49.68
C LEU D 181 42.13 19.44 -48.85
N THR D 182 42.15 19.88 -47.59
CA THR D 182 43.39 19.84 -46.82
C THR D 182 43.81 18.44 -46.43
N TRP D 183 42.99 17.43 -46.66
CA TRP D 183 43.35 16.07 -46.27
C TRP D 183 43.27 15.08 -47.42
N TRP D 184 42.36 15.27 -48.37
CA TRP D 184 42.18 14.32 -49.46
C TRP D 184 42.95 14.73 -50.72
N GLU D 185 42.65 15.90 -51.27
CA GLU D 185 43.21 16.29 -52.55
C GLU D 185 44.54 17.03 -52.39
N TYR D 186 44.52 18.17 -51.70
CA TYR D 186 45.72 18.99 -51.51
C TYR D 186 46.26 18.77 -50.11
N SER D 187 47.27 19.56 -49.74
CA SER D 187 47.87 19.50 -48.43
C SER D 187 47.62 20.81 -47.69
N TRP D 188 47.96 20.82 -46.40
CA TRP D 188 47.80 22.03 -45.61
C TRP D 188 48.77 23.11 -46.03
N ASP D 189 49.96 22.71 -46.51
CA ASP D 189 50.94 23.67 -47.00
C ASP D 189 50.41 24.52 -48.14
N ILE D 190 49.36 24.04 -48.82
CA ILE D 190 48.74 24.79 -49.92
C ILE D 190 47.53 25.57 -49.44
N MET D 191 46.76 25.00 -48.51
CA MET D 191 45.48 25.57 -48.13
C MET D 191 45.54 26.50 -46.94
N GLU D 192 46.69 26.63 -46.25
CA GLU D 192 46.71 27.53 -45.10
C GLU D 192 46.57 28.98 -45.51
N PRO D 193 47.31 29.51 -46.50
CA PRO D 193 47.12 30.91 -46.89
C PRO D 193 45.74 31.21 -47.42
N VAL D 194 45.09 30.25 -48.08
CA VAL D 194 43.73 30.46 -48.53
C VAL D 194 42.82 30.70 -47.33
N THR D 195 42.98 29.92 -46.27
CA THR D 195 42.17 30.13 -45.08
C THR D 195 42.46 31.48 -44.43
N TYR D 196 43.73 31.86 -44.35
CA TYR D 196 44.05 33.16 -43.76
C TYR D 196 43.41 34.29 -44.55
N PHE D 197 43.48 34.22 -45.88
CA PHE D 197 42.91 35.29 -46.68
C PHE D 197 41.39 35.28 -46.63
N ILE D 198 40.78 34.11 -46.44
CA ILE D 198 39.34 34.07 -46.22
C ILE D 198 38.98 34.77 -44.92
N THR D 199 39.76 34.54 -43.87
CA THR D 199 39.50 35.21 -42.60
C THR D 199 39.64 36.73 -42.74
N TYR D 200 40.71 37.17 -43.41
CA TYR D 200 40.89 38.61 -43.58
C TYR D 200 39.82 39.22 -44.46
N GLY D 201 39.35 38.49 -45.47
CA GLY D 201 38.24 38.99 -46.27
C GLY D 201 36.96 39.07 -45.46
N SER D 202 36.76 38.15 -44.54
CA SER D 202 35.61 38.24 -43.64
C SER D 202 35.70 39.49 -42.78
N ALA D 203 36.90 39.81 -42.29
CA ALA D 203 37.07 41.04 -41.50
C ALA D 203 36.79 42.27 -42.35
N MET D 204 37.28 42.29 -43.59
CA MET D 204 37.02 43.42 -44.48
C MET D 204 35.53 43.56 -44.77
N ALA D 205 34.83 42.44 -44.93
CA ALA D 205 33.40 42.50 -45.19
C ALA D 205 32.63 43.00 -43.97
N MET D 206 33.04 42.56 -42.76
CA MET D 206 32.39 43.05 -41.56
C MET D 206 32.65 44.54 -41.34
N TYR D 207 33.77 45.06 -41.85
CA TYR D 207 33.97 46.50 -41.78
C TYR D 207 33.16 47.24 -42.84
N ALA D 208 33.06 46.68 -44.05
CA ALA D 208 32.25 47.31 -45.09
C ALA D 208 30.78 47.34 -44.70
N TYR D 209 30.32 46.36 -43.94
CA TYR D 209 28.95 46.39 -43.45
C TYR D 209 28.71 47.62 -42.59
N PHE D 210 29.65 47.93 -41.69
CA PHE D 210 29.51 49.15 -40.89
C PHE D 210 29.59 50.39 -41.76
N VAL D 211 30.52 50.41 -42.72
CA VAL D 211 30.65 51.58 -43.59
C VAL D 211 29.33 51.84 -44.32
N MET D 212 28.65 50.78 -44.74
CA MET D 212 27.44 50.94 -45.54
C MET D 212 26.22 51.23 -44.68
N THR D 213 26.04 50.52 -43.57
CA THR D 213 24.83 50.62 -42.78
C THR D 213 24.97 51.57 -41.59
N ARG D 214 26.15 52.10 -41.35
CA ARG D 214 26.41 53.05 -40.27
C ARG D 214 26.12 52.45 -38.89
N GLN D 215 26.29 51.15 -38.75
CA GLN D 215 26.13 50.51 -37.46
C GLN D 215 26.94 49.22 -37.45
N GLU D 216 27.44 48.85 -36.28
CA GLU D 216 28.32 47.70 -36.17
C GLU D 216 27.58 46.41 -36.51
N TYR D 217 28.32 45.43 -37.01
CA TYR D 217 27.75 44.15 -37.42
C TYR D 217 27.73 43.22 -36.22
N VAL D 218 26.56 43.09 -35.59
CA VAL D 218 26.33 42.08 -34.57
C VAL D 218 25.06 41.33 -34.96
N TYR D 219 24.92 40.11 -34.43
CA TYR D 219 23.86 39.22 -34.89
C TYR D 219 22.46 39.76 -34.64
N PRO D 220 22.06 40.11 -33.41
CA PRO D 220 20.68 40.53 -33.22
C PRO D 220 20.34 41.85 -33.90
N GLU D 221 21.28 42.80 -33.93
CA GLU D 221 21.00 44.07 -34.60
C GLU D 221 20.87 43.88 -36.10
N ALA D 222 21.71 43.03 -36.70
CA ALA D 222 21.58 42.75 -38.12
C ALA D 222 20.26 42.05 -38.44
N ARG D 223 19.87 41.11 -37.59
CA ARG D 223 18.58 40.45 -37.78
C ARG D 223 17.43 41.44 -37.69
N ASP D 224 17.48 42.35 -36.72
CA ASP D 224 16.41 43.33 -36.57
C ASP D 224 16.36 44.29 -37.74
N ARG D 225 17.52 44.71 -38.25
CA ARG D 225 17.55 45.57 -39.42
C ARG D 225 16.96 44.87 -40.64
N GLN D 226 17.33 43.61 -40.85
CA GLN D 226 16.77 42.88 -41.99
C GLN D 226 15.27 42.69 -41.84
N TYR D 227 14.80 42.43 -40.62
CA TYR D 227 13.36 42.27 -40.41
C TYR D 227 12.63 43.58 -40.68
N LEU D 228 13.19 44.70 -40.26
CA LEU D 228 12.54 45.98 -40.52
C LEU D 228 12.47 46.27 -42.00
N LEU D 229 13.54 45.97 -42.74
CA LEU D 229 13.51 46.15 -44.18
C LEU D 229 12.45 45.27 -44.83
N PHE D 230 12.39 44.00 -44.43
CA PHE D 230 11.37 43.09 -44.98
C PHE D 230 9.97 43.60 -44.67
N PHE D 231 9.73 44.06 -43.45
CA PHE D 231 8.40 44.52 -43.08
C PHE D 231 8.02 45.77 -43.87
N HIS D 232 8.94 46.72 -44.00
CA HIS D 232 8.61 47.94 -44.73
C HIS D 232 8.55 47.74 -46.23
N LYS D 233 9.08 46.64 -46.73
CA LYS D 233 8.84 46.29 -48.12
C LYS D 233 7.48 45.63 -48.30
N GLY D 234 7.14 44.70 -47.40
CA GLY D 234 5.82 44.08 -47.48
C GLY D 234 4.68 45.04 -47.23
N ALA D 235 4.91 46.08 -46.45
CA ALA D 235 3.86 47.07 -46.22
C ALA D 235 3.60 47.90 -47.45
N LYS D 236 4.64 48.22 -48.22
CA LYS D 236 4.45 48.94 -49.45
C LYS D 236 3.89 48.05 -50.55
N LYS D 237 4.25 46.77 -50.56
CA LYS D 237 3.72 45.85 -51.55
C LYS D 237 2.23 45.59 -51.35
N SER D 238 1.71 45.84 -50.15
CA SER D 238 0.31 45.56 -49.83
C SER D 238 -0.48 46.83 -49.56
N ARG D 239 0.10 47.99 -49.79
CA ARG D 239 -0.58 49.28 -49.60
C ARG D 239 -1.11 49.43 -48.18
N PHE D 240 -0.30 49.05 -47.20
CA PHE D 240 -0.67 49.19 -45.80
C PHE D 240 -0.47 50.63 -45.34
N ASP D 241 -1.32 51.07 -44.43
CA ASP D 241 -1.30 52.44 -43.93
C ASP D 241 -0.58 52.44 -42.59
N LEU D 242 0.75 52.57 -42.63
CA LEU D 242 1.53 52.58 -41.41
C LEU D 242 1.29 53.85 -40.59
N GLU D 243 0.98 54.96 -41.26
CA GLU D 243 0.86 56.23 -40.55
C GLU D 243 -0.35 56.22 -39.63
N LYS D 244 -1.51 55.83 -40.15
CA LYS D 244 -2.70 55.74 -39.31
C LYS D 244 -2.53 54.70 -38.22
N TYR D 245 -1.82 53.61 -38.52
CA TYR D 245 -1.57 52.59 -37.50
C TYR D 245 -0.75 53.17 -36.35
N ASN D 246 0.30 53.90 -36.67
CA ASN D 246 1.12 54.50 -35.61
C ASN D 246 0.36 55.57 -34.85
N GLN D 247 -0.44 56.38 -35.56
CA GLN D 247 -1.23 57.39 -34.87
C GLN D 247 -2.20 56.74 -33.89
N LEU D 248 -2.88 55.68 -34.31
CA LEU D 248 -3.80 54.99 -33.41
C LEU D 248 -3.05 54.36 -32.24
N LYS D 249 -1.89 53.77 -32.51
CA LYS D 249 -1.13 53.11 -31.44
C LYS D 249 -0.61 54.12 -30.43
N ASP D 250 -0.37 55.36 -30.84
CA ASP D 250 0.05 56.39 -29.90
C ASP D 250 -1.15 57.00 -29.16
N ALA D 251 -2.26 57.22 -29.87
CA ALA D 251 -3.44 57.79 -29.24
C ALA D 251 -4.03 56.84 -28.22
N ILE D 252 -3.97 55.53 -28.47
CA ILE D 252 -4.47 54.57 -27.50
C ILE D 252 -3.67 54.65 -26.21
N ALA D 253 -2.35 54.72 -26.33
CA ALA D 253 -1.51 54.84 -25.14
C ALA D 253 -1.78 56.13 -24.41
N GLN D 254 -1.97 57.23 -25.15
CA GLN D 254 -2.27 58.51 -24.50
C GLN D 254 -3.59 58.45 -23.75
N ALA D 255 -4.62 57.87 -24.36
CA ALA D 255 -5.92 57.78 -23.71
C ALA D 255 -5.87 56.86 -22.49
N GLU D 256 -5.11 55.77 -22.58
CA GLU D 256 -4.96 54.88 -21.43
C GLU D 256 -4.23 55.58 -20.29
N MET D 257 -3.22 56.39 -20.62
CA MET D 257 -2.55 57.16 -19.57
C MET D 257 -3.49 58.16 -18.93
N ASP D 258 -4.32 58.84 -19.74
CA ASP D 258 -5.28 59.77 -19.17
C ASP D 258 -6.27 59.07 -18.25
N LEU D 259 -6.79 57.92 -18.68
CA LEU D 259 -7.75 57.20 -17.85
C LEU D 259 -7.11 56.67 -16.58
N LYS D 260 -5.85 56.25 -16.67
CA LYS D 260 -5.16 55.77 -15.48
C LYS D 260 -4.84 56.90 -14.51
N ARG D 261 -4.59 58.10 -15.03
CA ARG D 261 -4.32 59.24 -14.15
C ARG D 261 -5.60 59.78 -13.53
N LEU D 262 -6.73 59.67 -14.23
CA LEU D 262 -7.98 60.15 -13.67
C LEU D 262 -8.55 59.21 -12.62
N ARG D 263 -8.12 57.94 -12.62
CA ARG D 263 -8.54 56.98 -11.61
C ARG D 263 -7.51 56.80 -10.51
N ASP D 264 -6.78 57.86 -10.18
CA ASP D 264 -5.73 57.76 -9.17
C ASP D 264 -6.37 57.52 -7.81
N PRO D 265 -5.95 56.47 -7.08
CA PRO D 265 -6.50 56.25 -5.74
C PRO D 265 -6.10 57.30 -4.73
N LEU D 266 -4.98 58.01 -4.95
CA LEU D 266 -4.53 59.01 -4.01
C LEU D 266 -5.31 60.32 -4.12
N GLN D 267 -5.96 60.57 -5.25
CA GLN D 267 -6.71 61.79 -5.45
C GLN D 267 -8.20 61.50 -5.49
N VAL D 268 -9.00 62.56 -5.53
CA VAL D 268 -10.45 62.43 -5.42
C VAL D 268 -11.13 62.86 -6.70
N HIS D 269 -10.47 62.62 -7.84
CA HIS D 269 -11.07 62.95 -9.13
C HIS D 269 -12.41 62.27 -9.32
N LEU D 270 -12.63 61.13 -8.67
CA LEU D 270 -13.86 60.37 -8.79
C LEU D 270 -14.30 59.93 -7.40
N PRO D 271 -15.59 59.65 -7.21
CA PRO D 271 -16.03 59.11 -5.92
C PRO D 271 -15.50 57.70 -5.68
N LEU D 272 -15.85 57.11 -4.53
CA LEU D 272 -15.35 55.79 -4.18
C LEU D 272 -15.92 54.70 -5.08
N ARG D 273 -17.06 54.94 -5.73
CA ARG D 273 -17.71 53.97 -6.59
C ARG D 273 -17.99 52.65 -5.86
N VAL E 1 20.03 39.51 -16.26
CA VAL E 1 19.29 39.73 -15.03
C VAL E 1 18.37 38.55 -14.76
N ILE E 2 18.07 38.32 -13.49
CA ILE E 2 17.21 37.22 -13.07
C ILE E 2 15.99 37.68 -12.28
N VAL E 3 15.86 38.98 -12.04
CA VAL E 3 14.69 39.53 -11.34
C VAL E 3 14.29 40.82 -12.04
N THR E 4 13.02 41.19 -11.86
CA THR E 4 12.48 42.41 -12.44
C THR E 4 12.87 43.60 -11.56
N ARG E 5 12.26 44.76 -11.82
CA ARG E 5 12.48 45.91 -10.96
C ARG E 5 12.06 45.61 -9.53
N SER E 6 10.96 44.89 -9.37
CA SER E 6 10.55 44.36 -8.08
C SER E 6 11.25 43.02 -7.87
N GLY E 7 10.83 42.27 -6.85
CA GLY E 7 11.45 41.00 -6.61
C GLY E 7 10.98 39.85 -7.49
N ALA E 8 10.07 40.11 -8.42
CA ALA E 8 9.52 39.04 -9.24
C ALA E 8 10.60 38.40 -10.11
N ILE E 9 10.34 37.17 -10.51
CA ILE E 9 11.26 36.40 -11.35
C ILE E 9 10.88 36.57 -12.80
N LEU E 10 11.89 36.55 -13.68
CA LEU E 10 11.63 36.63 -15.10
C LEU E 10 10.91 35.37 -15.58
N PRO E 11 10.13 35.47 -16.65
CA PRO E 11 9.49 34.28 -17.21
C PRO E 11 10.53 33.31 -17.75
N LYS E 12 10.07 32.09 -18.03
CA LYS E 12 10.97 31.05 -18.49
C LYS E 12 11.46 31.36 -19.90
N PRO E 13 12.74 31.14 -20.18
CA PRO E 13 13.25 31.38 -21.54
C PRO E 13 12.58 30.46 -22.56
N VAL E 14 12.12 31.06 -23.66
CA VAL E 14 11.39 30.32 -24.68
C VAL E 14 12.38 29.54 -25.54
N LYS E 15 12.38 28.22 -25.38
CA LYS E 15 13.27 27.36 -26.15
C LYS E 15 12.66 27.01 -27.50
N MET E 16 13.51 26.60 -28.43
CA MET E 16 13.08 26.22 -29.76
C MET E 16 12.78 24.73 -29.79
N SER E 17 11.67 24.38 -30.44
CA SER E 17 11.25 22.98 -30.51
C SER E 17 12.24 22.18 -31.35
N PHE E 18 12.91 21.22 -30.70
CA PHE E 18 13.89 20.36 -31.34
C PHE E 18 15.01 21.18 -31.99
N GLY E 19 15.63 22.02 -31.16
CA GLY E 19 16.62 22.94 -31.69
C GLY E 19 17.88 22.25 -32.19
N LEU E 20 18.47 21.40 -31.35
CA LEU E 20 19.71 20.75 -31.71
C LEU E 20 19.52 19.82 -32.90
N LEU E 21 18.40 19.11 -32.95
CA LEU E 21 18.11 18.29 -34.12
C LEU E 21 17.91 19.16 -35.36
N ARG E 22 17.22 20.28 -35.21
CA ARG E 22 16.97 21.15 -36.36
C ARG E 22 18.25 21.78 -36.88
N VAL E 23 19.26 21.95 -36.03
CA VAL E 23 20.52 22.54 -36.50
C VAL E 23 21.45 21.47 -37.06
N PHE E 24 21.45 20.26 -36.50
CA PHE E 24 22.27 19.20 -37.06
C PHE E 24 21.66 18.58 -38.29
N SER E 25 20.39 18.84 -38.57
CA SER E 25 19.80 18.45 -39.84
C SER E 25 20.11 19.43 -40.95
N ILE E 26 20.77 20.54 -40.64
CA ILE E 26 21.19 21.52 -41.63
C ILE E 26 22.70 21.52 -41.79
N VAL E 27 23.44 21.33 -40.69
CA VAL E 27 24.89 21.42 -40.75
C VAL E 27 25.47 20.28 -41.61
N ILE E 28 25.05 19.05 -41.34
CA ILE E 28 25.68 17.87 -41.93
C ILE E 28 25.41 17.74 -43.44
N PRO E 29 24.17 17.82 -43.92
CA PRO E 29 23.96 17.68 -45.37
C PRO E 29 24.68 18.73 -46.17
N PHE E 30 24.68 19.99 -45.73
CA PHE E 30 25.41 21.02 -46.44
C PHE E 30 26.91 20.81 -46.33
N LEU E 31 27.38 20.22 -45.23
CA LEU E 31 28.79 19.85 -45.13
C LEU E 31 29.16 18.86 -46.22
N TYR E 32 28.34 17.83 -46.40
CA TYR E 32 28.61 16.85 -47.45
C TYR E 32 28.47 17.47 -48.83
N VAL E 33 27.55 18.42 -49.01
CA VAL E 33 27.41 19.10 -50.29
C VAL E 33 28.67 19.89 -50.61
N GLY E 34 29.22 20.59 -49.61
CA GLY E 34 30.47 21.30 -49.82
C GLY E 34 31.62 20.36 -50.14
N THR E 35 31.65 19.20 -49.49
CA THR E 35 32.66 18.19 -49.82
C THR E 35 32.55 17.78 -51.28
N LEU E 36 31.33 17.52 -51.75
CA LEU E 36 31.13 17.15 -53.14
C LEU E 36 31.57 18.27 -54.09
N ILE E 37 31.22 19.51 -53.77
CA ILE E 37 31.64 20.64 -54.59
C ILE E 37 33.15 20.69 -54.71
N SER E 38 33.83 20.54 -53.59
CA SER E 38 35.29 20.60 -53.59
C SER E 38 35.88 19.47 -54.42
N LYS E 39 35.35 18.26 -54.26
CA LYS E 39 35.87 17.13 -55.02
C LYS E 39 35.70 17.34 -56.51
N ASN E 40 34.52 17.78 -56.93
CA ASN E 40 34.28 17.96 -58.36
C ASN E 40 35.13 19.07 -58.93
N PHE E 41 35.31 20.17 -58.18
CA PHE E 41 36.13 21.25 -58.69
C PHE E 41 37.60 20.85 -58.78
N ALA E 42 38.10 20.11 -57.79
CA ALA E 42 39.48 19.66 -57.86
C ALA E 42 39.69 18.70 -59.03
N ALA E 43 38.72 17.80 -59.26
CA ALA E 43 38.83 16.88 -60.39
C ALA E 43 38.80 17.63 -61.72
N LEU E 44 37.91 18.61 -61.84
CA LEU E 44 37.84 19.39 -63.08
C LEU E 44 39.13 20.16 -63.31
N LEU E 45 39.72 20.70 -62.24
CA LEU E 45 40.96 21.45 -62.40
C LEU E 45 42.12 20.54 -62.77
N GLU E 46 42.20 19.35 -62.20
CA GLU E 46 43.33 18.47 -62.49
C GLU E 46 43.20 17.78 -63.84
N GLU E 47 41.93 17.57 -64.30
CA GLU E 47 41.75 16.87 -65.57
C GLU E 47 42.26 17.70 -66.74
N HIS E 48 42.03 19.01 -66.71
CA HIS E 48 42.41 19.89 -67.81
C HIS E 48 43.85 20.36 -67.73
N ASP E 49 44.67 19.74 -66.89
CA ASP E 49 46.10 20.08 -66.77
C ASP E 49 46.28 21.57 -66.44
N ILE E 50 45.64 21.99 -65.36
CA ILE E 50 45.74 23.36 -64.86
C ILE E 50 46.55 23.40 -63.58
N PHE E 51 46.13 22.68 -62.56
CA PHE E 51 46.85 22.58 -61.29
C PHE E 51 46.95 21.12 -60.89
N VAL E 52 48.18 20.62 -60.78
CA VAL E 52 48.45 19.27 -60.31
C VAL E 52 49.35 19.38 -59.09
N PRO E 53 49.00 18.77 -57.96
CA PRO E 53 49.84 18.92 -56.76
C PRO E 53 51.24 18.39 -56.94
N GLU E 54 51.38 17.16 -57.45
CA GLU E 54 52.70 16.57 -57.67
C GLU E 54 52.67 15.59 -58.83
N VAL F 1 30.14 52.72 -14.71
CA VAL F 1 30.41 54.08 -14.26
C VAL F 1 30.91 54.01 -12.82
N ILE F 2 31.47 55.11 -12.31
CA ILE F 2 32.02 55.12 -10.96
C ILE F 2 31.15 55.86 -9.95
N VAL F 3 30.19 56.67 -10.40
CA VAL F 3 29.30 57.42 -9.52
C VAL F 3 27.87 57.26 -10.00
N THR F 4 26.93 57.46 -9.08
CA THR F 4 25.52 57.35 -9.38
C THR F 4 25.03 58.62 -10.07
N ARG F 5 23.70 58.78 -10.15
CA ARG F 5 23.13 59.99 -10.74
C ARG F 5 23.52 61.22 -9.95
N SER F 6 23.58 61.10 -8.63
CA SER F 6 24.17 62.15 -7.80
C SER F 6 25.66 61.86 -7.66
N GLY F 7 26.33 62.55 -6.75
CA GLY F 7 27.75 62.30 -6.59
C GLY F 7 28.11 61.10 -5.75
N ALA F 8 27.14 60.25 -5.40
CA ALA F 8 27.41 59.10 -4.56
C ALA F 8 28.30 58.10 -5.29
N ILE F 9 29.00 57.28 -4.51
CA ILE F 9 29.94 56.30 -5.05
C ILE F 9 29.31 54.92 -4.99
N LEU F 10 29.56 54.12 -6.02
CA LEU F 10 29.03 52.77 -6.08
C LEU F 10 29.75 51.88 -5.06
N PRO F 11 29.10 50.82 -4.60
CA PRO F 11 29.72 49.96 -3.59
C PRO F 11 30.94 49.24 -4.13
N LYS F 12 31.69 48.66 -3.20
CA LYS F 12 32.88 47.89 -3.57
C LYS F 12 32.47 46.65 -4.35
N PRO F 13 33.11 46.36 -5.48
CA PRO F 13 32.74 45.16 -6.23
C PRO F 13 33.05 43.90 -5.45
N VAL F 14 32.15 42.91 -5.56
CA VAL F 14 32.32 41.66 -4.84
C VAL F 14 33.49 40.90 -5.41
N LYS F 15 34.36 40.41 -4.54
CA LYS F 15 35.56 39.69 -4.93
C LYS F 15 35.48 38.27 -4.39
N MET F 16 35.73 37.29 -5.26
CA MET F 16 35.63 35.89 -4.86
C MET F 16 36.79 35.53 -3.94
N SER F 17 36.47 34.83 -2.85
CA SER F 17 37.51 34.40 -1.90
C SER F 17 38.37 33.32 -2.52
N PHE F 18 39.68 33.53 -2.50
CA PHE F 18 40.66 32.58 -3.04
C PHE F 18 40.37 32.29 -4.52
N GLY F 19 40.41 33.36 -5.31
CA GLY F 19 40.10 33.24 -6.72
C GLY F 19 41.13 32.47 -7.52
N LEU F 20 42.38 32.96 -7.50
CA LEU F 20 43.44 32.31 -8.28
C LEU F 20 43.63 30.87 -7.85
N LEU F 21 43.49 30.59 -6.55
CA LEU F 21 43.65 29.22 -6.08
C LEU F 21 42.54 28.33 -6.62
N ARG F 22 41.29 28.79 -6.56
CA ARG F 22 40.18 28.00 -7.07
C ARG F 22 40.23 27.86 -8.58
N VAL F 23 40.94 28.74 -9.28
CA VAL F 23 41.09 28.59 -10.72
C VAL F 23 42.20 27.60 -11.05
N PHE F 24 43.38 27.81 -10.49
CA PHE F 24 44.52 26.94 -10.78
C PHE F 24 44.43 25.59 -10.11
N SER F 25 43.46 25.38 -9.22
CA SER F 25 43.22 24.05 -8.67
C SER F 25 42.31 23.22 -9.55
N ILE F 26 41.79 23.81 -10.62
CA ILE F 26 40.93 23.10 -11.57
C ILE F 26 41.46 23.20 -12.99
N VAL F 27 42.41 24.10 -13.26
CA VAL F 27 43.03 24.14 -14.58
C VAL F 27 44.08 23.04 -14.72
N ILE F 28 45.01 22.97 -13.77
CA ILE F 28 46.14 22.05 -13.91
C ILE F 28 45.72 20.59 -13.92
N PRO F 29 44.92 20.09 -12.97
CA PRO F 29 44.54 18.67 -13.02
C PRO F 29 43.88 18.28 -14.32
N PHE F 30 43.14 19.18 -14.94
CA PHE F 30 42.50 18.85 -16.20
C PHE F 30 43.47 18.94 -17.39
N LEU F 31 44.50 19.77 -17.31
CA LEU F 31 45.58 19.64 -18.28
C LEU F 31 46.23 18.26 -18.19
N TYR F 32 46.46 17.77 -16.98
CA TYR F 32 47.05 16.45 -16.84
C TYR F 32 46.10 15.37 -17.37
N VAL F 33 44.81 15.50 -17.08
CA VAL F 33 43.84 14.53 -17.58
C VAL F 33 43.79 14.55 -19.10
N GLY F 34 43.86 15.73 -19.70
CA GLY F 34 43.88 15.80 -21.15
C GLY F 34 45.13 15.18 -21.74
N THR F 35 46.29 15.40 -21.11
CA THR F 35 47.51 14.74 -21.55
C THR F 35 47.35 13.23 -21.52
N LEU F 36 46.81 12.70 -20.42
CA LEU F 36 46.62 11.26 -20.31
C LEU F 36 45.66 10.75 -21.39
N ILE F 37 44.56 11.47 -21.61
CA ILE F 37 43.58 11.04 -22.61
C ILE F 37 44.22 10.99 -23.99
N SER F 38 44.97 12.03 -24.34
CA SER F 38 45.59 12.06 -25.67
C SER F 38 46.63 10.96 -25.82
N LYS F 39 47.43 10.72 -24.78
CA LYS F 39 48.43 9.66 -24.85
C LYS F 39 47.77 8.29 -25.05
N ASN F 40 46.71 8.02 -24.28
CA ASN F 40 46.05 6.72 -24.41
C ASN F 40 45.36 6.58 -25.75
N PHE F 41 44.77 7.66 -26.27
CA PHE F 41 44.11 7.57 -27.56
C PHE F 41 45.12 7.35 -28.68
N ALA F 42 46.28 8.00 -28.61
CA ALA F 42 47.31 7.74 -29.61
C ALA F 42 47.82 6.31 -29.51
N ALA F 43 48.00 5.81 -28.29
CA ALA F 43 48.42 4.42 -28.13
C ALA F 43 47.40 3.46 -28.73
N LEU F 44 46.11 3.72 -28.51
CA LEU F 44 45.09 2.82 -29.05
C LEU F 44 44.99 2.93 -30.56
N LEU F 45 45.16 4.13 -31.12
CA LEU F 45 45.19 4.27 -32.58
C LEU F 45 46.37 3.53 -33.18
N GLU F 46 47.51 3.52 -32.49
CA GLU F 46 48.65 2.75 -32.97
C GLU F 46 48.43 1.25 -32.76
N GLU F 47 47.62 0.87 -31.77
CA GLU F 47 47.40 -0.54 -31.49
C GLU F 47 46.54 -1.18 -32.58
N HIS F 48 45.47 -0.52 -33.00
CA HIS F 48 44.59 -1.03 -34.02
C HIS F 48 45.16 -0.92 -35.42
N ASP F 49 46.43 -0.55 -35.54
CA ASP F 49 47.11 -0.45 -36.83
C ASP F 49 46.40 0.53 -37.76
N ILE F 50 45.97 1.66 -37.21
CA ILE F 50 45.18 2.63 -37.98
C ILE F 50 46.06 3.79 -38.39
N PHE F 51 46.64 4.49 -37.43
CA PHE F 51 47.42 5.69 -37.68
C PHE F 51 48.79 5.53 -37.03
N VAL F 52 49.82 5.33 -37.85
CA VAL F 52 51.18 5.20 -37.35
C VAL F 52 52.04 6.29 -38.01
N PRO F 53 52.48 7.29 -37.25
CA PRO F 53 53.27 8.37 -37.87
C PRO F 53 54.67 7.87 -38.22
N GLU F 54 55.11 8.22 -39.43
CA GLU F 54 56.45 7.84 -39.89
C GLU F 54 56.97 8.83 -40.92
N VAL G 1 26.43 59.09 -30.86
CA VAL G 1 25.64 60.30 -30.82
C VAL G 1 26.52 61.53 -30.96
N ILE G 2 25.96 62.60 -31.53
CA ILE G 2 26.70 63.83 -31.75
C ILE G 2 25.90 65.02 -31.23
N VAL G 3 24.66 64.78 -30.82
CA VAL G 3 23.78 65.84 -30.32
C VAL G 3 23.06 65.33 -29.08
N THR G 4 22.64 66.29 -28.25
CA THR G 4 21.93 65.98 -27.01
C THR G 4 20.45 65.73 -27.34
N ARG G 5 19.61 65.69 -26.31
CA ARG G 5 18.17 65.57 -26.53
C ARG G 5 17.67 66.73 -27.38
N SER G 6 18.11 67.95 -27.06
CA SER G 6 17.94 69.07 -27.95
C SER G 6 19.06 69.08 -28.98
N GLY G 7 18.89 69.90 -30.01
CA GLY G 7 19.88 69.92 -31.07
C GLY G 7 21.13 70.69 -30.72
N ALA G 8 21.82 70.29 -29.67
CA ALA G 8 23.05 70.94 -29.23
C ALA G 8 24.23 70.02 -29.44
N ILE G 9 25.38 70.60 -29.74
CA ILE G 9 26.57 69.83 -30.10
C ILE G 9 27.31 69.43 -28.85
N LEU G 10 27.71 68.16 -28.79
CA LEU G 10 28.48 67.68 -27.65
C LEU G 10 29.85 68.34 -27.62
N PRO G 11 30.44 68.50 -26.44
CA PRO G 11 31.77 69.11 -26.35
C PRO G 11 32.82 68.23 -26.99
N LYS G 12 33.92 68.87 -27.39
CA LYS G 12 34.98 68.13 -28.04
C LYS G 12 35.57 67.11 -27.08
N PRO G 13 35.95 65.94 -27.56
CA PRO G 13 36.47 64.90 -26.66
C PRO G 13 37.82 65.29 -26.07
N VAL G 14 38.02 64.91 -24.80
CA VAL G 14 39.28 65.19 -24.14
C VAL G 14 40.38 64.38 -24.81
N LYS G 15 41.45 65.06 -25.19
CA LYS G 15 42.57 64.46 -25.90
C LYS G 15 43.81 64.44 -25.02
N MET G 16 44.41 63.27 -24.87
CA MET G 16 45.60 63.12 -24.05
C MET G 16 46.77 63.90 -24.67
N SER G 17 47.44 64.71 -23.86
CA SER G 17 48.55 65.51 -24.35
C SER G 17 49.74 64.63 -24.71
N PHE G 18 50.21 64.77 -25.95
CA PHE G 18 51.34 63.98 -26.47
C PHE G 18 51.05 62.49 -26.37
N GLY G 19 50.01 62.06 -27.08
CA GLY G 19 49.60 60.66 -26.99
C GLY G 19 50.57 59.72 -27.69
N LEU G 20 50.91 60.01 -28.95
CA LEU G 20 51.80 59.11 -29.67
C LEU G 20 53.19 59.07 -29.06
N LEU G 21 53.67 60.18 -28.51
CA LEU G 21 54.96 60.16 -27.83
C LEU G 21 54.91 59.28 -26.60
N ARG G 22 53.89 59.46 -25.75
CA ARG G 22 53.79 58.64 -24.55
C ARG G 22 53.49 57.19 -24.86
N VAL G 23 53.03 56.87 -26.06
CA VAL G 23 52.80 55.48 -26.45
C VAL G 23 54.09 54.86 -26.99
N PHE G 24 54.77 55.54 -27.89
CA PHE G 24 55.99 55.00 -28.48
C PHE G 24 57.21 55.19 -27.58
N SER G 25 57.05 55.84 -26.43
CA SER G 25 58.11 55.87 -25.43
C SER G 25 57.98 54.74 -24.43
N ILE G 26 56.90 53.96 -24.51
CA ILE G 26 56.73 52.77 -23.68
C ILE G 26 56.59 51.52 -24.51
N VAL G 27 56.37 51.62 -25.81
CA VAL G 27 56.30 50.42 -26.64
C VAL G 27 57.69 49.99 -27.07
N ILE G 28 58.52 50.93 -27.51
CA ILE G 28 59.85 50.60 -28.03
C ILE G 28 60.80 50.12 -26.94
N PRO G 29 60.93 50.80 -25.79
CA PRO G 29 61.84 50.29 -24.76
C PRO G 29 61.53 48.88 -24.31
N PHE G 30 60.26 48.56 -24.08
CA PHE G 30 59.91 47.22 -23.63
C PHE G 30 60.04 46.21 -24.76
N LEU G 31 59.86 46.63 -26.01
CA LEU G 31 60.11 45.72 -27.12
C LEU G 31 61.58 45.36 -27.21
N TYR G 32 62.46 46.31 -26.90
CA TYR G 32 63.88 46.00 -26.90
C TYR G 32 64.25 45.15 -25.69
N VAL G 33 63.59 45.41 -24.55
CA VAL G 33 63.82 44.60 -23.36
C VAL G 33 63.43 43.15 -23.64
N GLY G 34 62.29 42.93 -24.30
CA GLY G 34 61.90 41.58 -24.66
C GLY G 34 62.87 40.93 -25.62
N THR G 35 63.36 41.69 -26.60
CA THR G 35 64.33 41.13 -27.54
C THR G 35 65.57 40.63 -26.80
N LEU G 36 66.14 41.47 -25.93
CA LEU G 36 67.35 41.07 -25.23
C LEU G 36 67.08 39.95 -24.23
N ILE G 37 65.90 39.93 -23.61
CA ILE G 37 65.57 38.84 -22.70
C ILE G 37 65.56 37.51 -23.43
N SER G 38 64.90 37.47 -24.59
CA SER G 38 64.86 36.25 -25.37
C SER G 38 66.26 35.84 -25.82
N LYS G 39 67.06 36.80 -26.25
CA LYS G 39 68.43 36.50 -26.68
C LYS G 39 69.23 35.84 -25.55
N ASN G 40 69.20 36.46 -24.36
CA ASN G 40 69.97 35.92 -23.25
C ASN G 40 69.46 34.56 -22.80
N PHE G 41 68.14 34.40 -22.72
CA PHE G 41 67.59 33.13 -22.27
C PHE G 41 67.91 32.01 -23.25
N ALA G 42 67.90 32.31 -24.56
CA ALA G 42 68.21 31.27 -25.54
C ALA G 42 69.69 30.93 -25.54
N ALA G 43 70.55 31.93 -25.33
CA ALA G 43 71.98 31.61 -25.22
C ALA G 43 72.26 30.82 -23.97
N LEU G 44 71.52 31.07 -22.89
CA LEU G 44 71.69 30.31 -21.66
C LEU G 44 71.26 28.86 -21.87
N LEU G 45 70.16 28.63 -22.57
CA LEU G 45 69.74 27.25 -22.82
C LEU G 45 70.67 26.56 -23.80
N GLU G 46 71.33 27.32 -24.68
CA GLU G 46 72.29 26.71 -25.58
C GLU G 46 73.60 26.34 -24.88
N GLU G 47 74.00 27.09 -23.86
CA GLU G 47 75.28 26.78 -23.21
C GLU G 47 75.20 25.50 -22.37
N HIS G 48 74.02 25.18 -21.84
CA HIS G 48 73.86 24.00 -21.01
C HIS G 48 73.37 22.79 -21.78
N ASP G 49 73.19 22.91 -23.09
CA ASP G 49 72.81 21.79 -23.97
C ASP G 49 71.50 21.14 -23.50
N ILE G 50 70.47 21.97 -23.34
CA ILE G 50 69.14 21.50 -23.02
C ILE G 50 68.24 21.48 -24.24
N PHE G 51 68.30 22.53 -25.07
CA PHE G 51 67.57 22.59 -26.32
C PHE G 51 68.45 23.27 -27.35
N VAL G 52 68.78 22.55 -28.41
CA VAL G 52 69.70 23.03 -29.45
C VAL G 52 68.90 23.23 -30.73
N PRO G 53 68.98 24.40 -31.38
CA PRO G 53 68.35 24.57 -32.69
C PRO G 53 69.20 23.91 -33.77
N GLU G 54 68.63 22.89 -34.42
CA GLU G 54 69.36 22.14 -35.43
C GLU G 54 68.97 22.57 -36.84
N VAL H 1 15.70 45.92 -31.42
CA VAL H 1 14.33 46.29 -31.14
C VAL H 1 13.57 46.50 -32.45
N ILE H 2 12.28 46.21 -32.44
CA ILE H 2 11.43 46.28 -33.62
C ILE H 2 10.36 47.36 -33.47
N VAL H 3 9.68 47.38 -32.34
CA VAL H 3 8.57 48.30 -32.12
C VAL H 3 8.94 49.31 -31.03
N THR H 4 8.20 50.41 -31.01
CA THR H 4 8.34 51.41 -29.98
C THR H 4 7.58 50.95 -28.72
N ARG H 5 7.88 51.60 -27.59
CA ARG H 5 7.24 51.21 -26.34
C ARG H 5 5.73 51.33 -26.40
N SER H 6 5.21 52.26 -27.21
CA SER H 6 3.77 52.40 -27.34
C SER H 6 3.17 51.31 -28.21
N GLY H 7 3.92 50.83 -29.20
CA GLY H 7 3.44 49.75 -30.05
C GLY H 7 3.66 50.02 -31.53
N ALA H 8 4.02 51.26 -31.86
CA ALA H 8 4.22 51.61 -33.26
C ALA H 8 5.49 50.98 -33.79
N ILE H 9 5.53 50.79 -35.11
CA ILE H 9 6.68 50.15 -35.75
C ILE H 9 7.76 51.19 -36.00
N LEU H 10 9.01 50.77 -35.84
CA LEU H 10 10.13 51.66 -36.06
C LEU H 10 10.20 52.07 -37.53
N PRO H 11 10.80 53.23 -37.83
CA PRO H 11 10.90 53.66 -39.23
C PRO H 11 11.80 52.76 -40.04
N LYS H 12 11.68 52.89 -41.36
CA LYS H 12 12.44 52.04 -42.27
C LYS H 12 13.92 52.38 -42.18
N PRO H 13 14.79 51.38 -42.09
CA PRO H 13 16.23 51.67 -42.00
C PRO H 13 16.72 52.32 -43.27
N VAL H 14 17.59 53.31 -43.11
CA VAL H 14 18.16 53.99 -44.27
C VAL H 14 19.11 53.06 -44.98
N LYS H 15 19.16 53.17 -46.31
CA LYS H 15 19.99 52.31 -47.13
C LYS H 15 20.82 53.17 -48.08
N MET H 16 22.13 52.95 -48.09
CA MET H 16 23.02 53.71 -48.95
C MET H 16 22.77 53.35 -50.41
N SER H 17 22.67 54.37 -51.26
CA SER H 17 22.40 54.16 -52.67
C SER H 17 23.62 53.61 -53.37
N PHE H 18 23.47 52.43 -54.00
CA PHE H 18 24.54 51.78 -54.74
C PHE H 18 25.75 51.49 -53.84
N GLY H 19 25.47 50.96 -52.66
CA GLY H 19 26.56 50.69 -51.73
C GLY H 19 27.43 49.53 -52.18
N LEU H 20 26.80 48.47 -52.66
CA LEU H 20 27.53 47.29 -53.10
C LEU H 20 28.40 47.58 -54.33
N LEU H 21 28.10 48.64 -55.07
CA LEU H 21 28.97 49.03 -56.17
C LEU H 21 30.12 49.90 -55.70
N ARG H 22 29.83 50.86 -54.81
CA ARG H 22 30.89 51.71 -54.27
C ARG H 22 31.94 50.91 -53.52
N VAL H 23 31.50 49.87 -52.81
CA VAL H 23 32.44 49.10 -51.98
C VAL H 23 33.46 48.40 -52.86
N PHE H 24 33.00 47.75 -53.93
CA PHE H 24 33.94 47.08 -54.81
C PHE H 24 34.75 48.06 -55.64
N SER H 25 34.15 49.20 -56.01
CA SER H 25 34.90 50.22 -56.71
C SER H 25 35.99 50.83 -55.85
N ILE H 26 35.95 50.64 -54.53
CA ILE H 26 37.05 51.08 -53.68
C ILE H 26 37.99 49.91 -53.41
N VAL H 27 37.44 48.70 -53.33
CA VAL H 27 38.26 47.53 -52.97
C VAL H 27 39.21 47.17 -54.11
N ILE H 28 38.70 47.06 -55.34
CA ILE H 28 39.47 46.50 -56.44
C ILE H 28 40.68 47.36 -56.80
N PRO H 29 40.54 48.66 -57.10
CA PRO H 29 41.73 49.41 -57.54
C PRO H 29 42.83 49.47 -56.50
N PHE H 30 42.48 49.66 -55.22
CA PHE H 30 43.52 49.70 -54.20
C PHE H 30 44.15 48.34 -53.96
N LEU H 31 43.40 47.26 -54.18
CA LEU H 31 44.01 45.93 -54.12
C LEU H 31 45.03 45.74 -55.22
N TYR H 32 44.69 46.18 -56.44
CA TYR H 32 45.66 46.10 -57.53
C TYR H 32 46.87 46.99 -57.27
N VAL H 33 46.65 48.17 -56.69
CA VAL H 33 47.75 49.06 -56.37
C VAL H 33 48.67 48.44 -55.32
N GLY H 34 48.08 47.74 -54.35
CA GLY H 34 48.90 47.04 -53.37
C GLY H 34 49.74 45.94 -54.00
N THR H 35 49.12 45.14 -54.87
CA THR H 35 49.89 44.14 -55.60
C THR H 35 51.01 44.76 -56.42
N LEU H 36 50.76 45.94 -56.99
CA LEU H 36 51.77 46.60 -57.80
C LEU H 36 52.96 47.04 -56.96
N ILE H 37 52.69 47.74 -55.85
CA ILE H 37 53.82 48.21 -55.05
C ILE H 37 54.50 47.06 -54.34
N SER H 38 53.84 45.92 -54.19
CA SER H 38 54.52 44.76 -53.62
C SER H 38 55.46 44.14 -54.63
N LYS H 39 55.00 43.95 -55.86
CA LYS H 39 55.88 43.47 -56.92
C LYS H 39 57.08 44.39 -57.09
N ASN H 40 56.84 45.70 -57.12
CA ASN H 40 57.93 46.64 -57.35
C ASN H 40 58.93 46.64 -56.20
N PHE H 41 58.44 46.56 -54.95
CA PHE H 41 59.36 46.52 -53.82
C PHE H 41 60.19 45.24 -53.83
N ALA H 42 59.56 44.10 -54.14
CA ALA H 42 60.30 42.85 -54.21
C ALA H 42 61.36 42.90 -55.30
N ALA H 43 61.02 43.45 -56.45
CA ALA H 43 61.99 43.55 -57.54
C ALA H 43 63.13 44.49 -57.17
N LEU H 44 62.83 45.58 -56.46
CA LEU H 44 63.89 46.50 -56.04
C LEU H 44 64.81 45.85 -55.02
N LEU H 45 64.25 45.03 -54.12
CA LEU H 45 65.10 44.30 -53.19
C LEU H 45 65.93 43.24 -53.91
N GLU H 46 65.39 42.65 -54.98
CA GLU H 46 66.13 41.63 -55.71
C GLU H 46 67.25 42.23 -56.54
N GLU H 47 67.05 43.43 -57.07
CA GLU H 47 68.08 44.08 -57.88
C GLU H 47 69.38 44.20 -57.11
N HIS H 48 69.34 44.83 -55.95
CA HIS H 48 70.52 44.97 -55.11
C HIS H 48 70.91 43.66 -54.43
N ASP H 49 70.11 42.61 -54.55
CA ASP H 49 70.35 41.33 -53.90
C ASP H 49 70.51 41.52 -52.39
N ILE H 50 69.65 42.34 -51.79
CA ILE H 50 69.65 42.49 -50.35
C ILE H 50 69.03 41.26 -49.70
N PHE H 51 67.87 40.82 -50.21
CA PHE H 51 67.28 39.56 -49.81
C PHE H 51 66.93 38.74 -51.05
N VAL H 52 67.42 37.51 -51.09
CA VAL H 52 67.09 36.59 -52.18
C VAL H 52 66.31 35.44 -51.55
N PRO H 53 65.31 34.87 -52.25
CA PRO H 53 64.56 33.74 -51.67
C PRO H 53 65.43 32.53 -51.34
N GLU H 54 66.67 32.47 -51.81
CA GLU H 54 67.59 31.37 -51.53
C GLU H 54 67.01 30.02 -51.93
N GLY I 105 48.85 12.49 -59.83
CA GLY I 105 47.54 12.25 -60.39
C GLY I 105 46.59 11.55 -59.42
N PHE I 106 45.46 12.20 -59.14
CA PHE I 106 44.48 11.64 -58.22
C PHE I 106 43.48 10.72 -58.92
N ARG I 107 43.04 11.09 -60.11
CA ARG I 107 42.04 10.28 -60.81
C ARG I 107 42.63 8.94 -61.24
N ASP I 108 43.81 8.95 -61.85
CA ASP I 108 44.46 7.70 -62.19
C ASP I 108 44.77 6.89 -60.95
N ARG I 109 45.07 7.57 -59.84
CA ARG I 109 45.33 6.86 -58.59
C ARG I 109 44.11 6.08 -58.13
N LYS I 110 42.93 6.72 -58.13
CA LYS I 110 41.72 6.01 -57.71
C LYS I 110 41.33 4.96 -58.72
N VAL I 111 41.63 5.17 -60.00
CA VAL I 111 41.35 4.15 -61.01
C VAL I 111 42.17 2.90 -60.73
N MET I 112 43.47 3.07 -60.50
CA MET I 112 44.32 1.92 -60.19
C MET I 112 43.94 1.29 -58.85
N GLU I 113 43.47 2.09 -57.89
CA GLU I 113 43.04 1.52 -56.63
C GLU I 113 41.80 0.65 -56.81
N TYR I 114 40.83 1.13 -57.58
CA TYR I 114 39.64 0.33 -57.84
C TYR I 114 39.97 -0.93 -58.63
N GLU I 115 40.87 -0.84 -59.61
CA GLU I 115 41.26 -2.04 -60.35
C GLU I 115 41.94 -3.04 -59.43
N ASN I 116 42.86 -2.59 -58.56
CA ASN I 116 43.49 -3.50 -57.61
C ASN I 116 42.46 -4.11 -56.68
N ARG I 117 41.47 -3.33 -56.26
CA ARG I 117 40.47 -3.83 -55.33
C ARG I 117 39.60 -4.89 -55.98
N ILE I 118 39.15 -4.66 -57.21
CA ILE I 118 38.37 -5.68 -57.91
C ILE I 118 39.23 -6.86 -58.29
N ARG I 119 40.55 -6.69 -58.37
CA ARG I 119 41.42 -7.85 -58.53
C ARG I 119 41.50 -8.66 -57.25
N ALA I 120 41.52 -7.99 -56.09
CA ALA I 120 41.68 -8.70 -54.83
C ALA I 120 40.47 -9.56 -54.50
N TYR I 121 39.27 -9.05 -54.78
CA TYR I 121 38.04 -9.74 -54.43
C TYR I 121 37.12 -9.84 -55.64
N SER I 122 36.25 -10.84 -55.61
CA SER I 122 35.32 -11.14 -56.71
C SER I 122 36.07 -11.31 -58.02
N THR I 123 36.92 -12.34 -58.06
CA THR I 123 37.79 -12.61 -59.20
C THR I 123 37.14 -13.33 -60.38
N PRO I 124 36.39 -14.45 -60.17
CA PRO I 124 36.26 -15.45 -61.25
C PRO I 124 35.74 -14.91 -62.57
N ASP I 125 34.53 -14.35 -62.58
CA ASP I 125 33.95 -13.84 -63.81
C ASP I 125 34.13 -12.34 -63.98
N LYS I 126 34.11 -11.60 -62.88
CA LYS I 126 34.20 -10.15 -62.96
C LYS I 126 35.53 -9.71 -63.55
N ILE I 127 36.62 -10.36 -63.15
CA ILE I 127 37.93 -10.00 -63.69
C ILE I 127 38.03 -10.37 -65.16
N PHE I 128 37.59 -11.58 -65.51
CA PHE I 128 37.67 -12.01 -66.90
C PHE I 128 36.86 -11.09 -67.81
N ARG I 129 35.71 -10.62 -67.33
CA ARG I 129 34.94 -9.66 -68.11
C ARG I 129 35.57 -8.28 -68.09
N TYR I 130 36.32 -7.97 -67.03
CA TYR I 130 36.93 -6.65 -66.90
C TYR I 130 38.10 -6.47 -67.86
N PHE I 131 38.70 -7.57 -68.34
CA PHE I 131 39.82 -7.51 -69.26
C PHE I 131 39.53 -8.43 -70.43
N ALA I 132 39.41 -7.85 -71.63
CA ALA I 132 39.10 -8.61 -72.83
C ALA I 132 39.43 -7.74 -74.04
N THR I 133 38.99 -8.17 -75.22
CA THR I 133 39.20 -7.44 -76.46
C THR I 133 37.87 -6.90 -76.96
N LEU I 134 37.96 -6.01 -77.96
CA LEU I 134 36.80 -5.33 -78.53
C LEU I 134 36.01 -4.58 -77.47
N VAL I 145 34.99 -12.02 -76.40
CA VAL I 145 34.68 -12.41 -75.03
C VAL I 145 35.90 -13.17 -74.48
N PHE I 146 36.91 -13.34 -75.32
CA PHE I 146 38.09 -14.10 -74.95
C PHE I 146 39.13 -13.18 -74.31
N MET I 147 40.35 -13.69 -74.16
CA MET I 147 41.42 -12.96 -73.48
C MET I 147 42.71 -13.12 -74.27
N THR I 148 43.65 -12.21 -74.02
CA THR I 148 44.97 -12.26 -74.63
C THR I 148 46.04 -12.39 -73.56
N PRO I 149 47.17 -13.02 -73.89
CA PRO I 149 48.16 -13.32 -72.84
C PRO I 149 48.71 -12.08 -72.15
N GLU I 150 49.05 -11.03 -72.90
CA GLU I 150 49.54 -9.83 -72.25
C GLU I 150 48.48 -9.20 -71.37
N ASP I 151 47.21 -9.30 -71.77
CA ASP I 151 46.13 -8.82 -70.91
C ASP I 151 45.99 -9.69 -69.68
N PHE I 152 46.23 -10.99 -69.79
CA PHE I 152 46.26 -11.84 -68.61
C PHE I 152 47.36 -11.42 -67.65
N VAL I 153 48.55 -11.16 -68.18
CA VAL I 153 49.66 -10.73 -67.33
C VAL I 153 49.33 -9.40 -66.67
N ARG I 154 48.68 -8.50 -67.40
CA ARG I 154 48.25 -7.24 -66.78
C ARG I 154 47.24 -7.50 -65.67
N SER I 155 46.32 -8.44 -65.88
CA SER I 155 45.30 -8.70 -64.87
C SER I 155 45.87 -9.35 -63.62
N ILE I 156 46.97 -10.10 -63.75
CA ILE I 156 47.54 -10.75 -62.59
C ILE I 156 48.54 -9.87 -61.84
N THR I 157 48.86 -8.68 -62.37
CA THR I 157 49.78 -7.82 -61.64
C THR I 157 49.07 -6.59 -61.11
N PRO I 158 49.37 -6.18 -59.87
CA PRO I 158 48.65 -5.04 -59.28
C PRO I 158 49.24 -3.70 -59.70
N ASN I 159 48.35 -2.73 -59.90
CA ASN I 159 48.71 -1.36 -60.23
C ASN I 159 49.62 -1.30 -61.47
N GLU I 160 49.07 -1.77 -62.58
CA GLU I 160 49.81 -1.78 -63.84
C GLU I 160 48.84 -1.75 -65.02
N ALA I 189 56.45 -10.93 -78.04
CA ALA I 189 56.96 -9.82 -77.25
C ALA I 189 57.94 -10.30 -76.19
N ASP I 190 57.99 -11.62 -76.00
CA ASP I 190 58.87 -12.25 -75.01
C ASP I 190 59.93 -13.13 -75.65
N GLU I 191 59.52 -14.02 -76.56
CA GLU I 191 60.37 -14.92 -77.35
C GLU I 191 61.03 -16.01 -76.52
N GLY I 192 60.86 -16.01 -75.21
CA GLY I 192 61.40 -17.07 -74.39
C GLY I 192 60.43 -17.55 -73.33
N SER I 193 59.28 -16.89 -73.25
CA SER I 193 58.32 -17.12 -72.18
C SER I 193 57.22 -18.08 -72.61
N ILE I 194 56.44 -18.52 -71.62
CA ILE I 194 55.22 -19.27 -71.90
C ILE I 194 54.20 -18.38 -72.56
N PHE I 195 54.05 -17.15 -72.06
CA PHE I 195 53.09 -16.22 -72.64
C PHE I 195 53.34 -16.00 -74.11
N TYR I 196 54.59 -16.14 -74.56
CA TYR I 196 54.87 -16.07 -75.99
C TYR I 196 54.20 -17.24 -76.71
N THR I 197 54.27 -18.44 -76.13
CA THR I 197 53.64 -19.59 -76.76
C THR I 197 52.13 -19.40 -76.86
N LEU I 198 51.49 -18.94 -75.77
CA LEU I 198 50.05 -18.66 -75.90
C LEU I 198 49.79 -17.52 -76.88
N GLY I 199 50.65 -16.51 -76.93
CA GLY I 199 50.43 -15.43 -77.88
C GLY I 199 50.42 -15.94 -79.31
N GLU I 200 51.30 -16.91 -79.60
CA GLU I 200 51.26 -17.54 -80.91
C GLU I 200 49.92 -18.24 -81.11
N CYS I 201 49.39 -18.86 -80.06
CA CYS I 201 48.10 -19.54 -80.07
C CYS I 201 46.93 -18.55 -80.01
N GLY I 202 45.74 -19.10 -80.22
CA GLY I 202 44.52 -18.33 -80.21
C GLY I 202 44.18 -17.80 -78.82
N LEU I 203 43.24 -16.86 -78.81
CA LEU I 203 42.85 -16.16 -77.59
C LEU I 203 42.40 -17.15 -76.50
N ILE I 204 42.79 -16.86 -75.26
CA ILE I 204 42.50 -17.74 -74.13
C ILE I 204 41.03 -17.70 -73.77
N SER I 205 40.49 -18.84 -73.38
CA SER I 205 39.11 -18.99 -72.93
C SER I 205 38.99 -18.75 -71.42
N PHE I 206 37.75 -18.59 -70.96
CA PHE I 206 37.49 -18.41 -69.54
C PHE I 206 37.88 -19.64 -68.74
N SER I 207 37.56 -20.83 -69.26
CA SER I 207 37.92 -22.05 -68.55
C SER I 207 39.44 -22.16 -68.44
N ASP I 208 40.13 -21.86 -69.53
CA ASP I 208 41.59 -21.83 -69.49
C ASP I 208 42.08 -20.87 -68.43
N TYR I 209 41.43 -19.71 -68.30
CA TYR I 209 41.79 -18.75 -67.25
C TYR I 209 41.63 -19.37 -65.87
N ILE I 210 40.54 -20.10 -65.64
CA ILE I 210 40.35 -20.73 -64.34
C ILE I 210 41.44 -21.74 -64.08
N PHE I 211 41.76 -22.55 -65.09
CA PHE I 211 42.80 -23.56 -64.92
C PHE I 211 44.15 -22.91 -64.64
N LEU I 212 44.42 -21.78 -65.27
CA LEU I 212 45.67 -21.07 -65.02
C LEU I 212 45.70 -20.51 -63.60
N THR I 213 44.58 -19.99 -63.12
CA THR I 213 44.52 -19.53 -61.74
C THR I 213 44.81 -20.67 -60.77
N THR I 214 44.23 -21.85 -61.04
CA THR I 214 44.46 -22.98 -60.14
C THR I 214 45.90 -23.48 -60.21
N VAL I 215 46.50 -23.48 -61.39
CA VAL I 215 47.89 -23.95 -61.46
C VAL I 215 48.83 -22.95 -60.82
N LEU I 216 48.47 -21.66 -60.83
CA LEU I 216 49.27 -20.70 -60.09
C LEU I 216 49.05 -20.82 -58.60
N SER I 217 47.86 -21.23 -58.18
CA SER I 217 47.52 -21.19 -56.75
C SER I 217 47.97 -22.42 -55.99
N THR I 218 47.57 -23.61 -56.44
CA THR I 218 47.76 -24.80 -55.64
C THR I 218 49.24 -25.14 -55.48
N PRO I 219 49.63 -25.71 -54.34
CA PRO I 219 51.01 -26.17 -54.17
C PRO I 219 51.33 -27.37 -55.04
N GLN I 220 52.55 -27.89 -54.95
CA GLN I 220 52.97 -28.94 -55.87
C GLN I 220 52.26 -30.26 -55.59
N ARG I 221 52.25 -30.69 -54.33
CA ARG I 221 51.65 -31.98 -54.01
C ARG I 221 50.13 -31.97 -54.27
N ASN I 222 49.47 -30.91 -53.85
CA ASN I 222 48.03 -30.80 -54.14
C ASN I 222 47.79 -30.72 -55.64
N PHE I 223 48.71 -30.14 -56.39
CA PHE I 223 48.55 -30.11 -57.84
C PHE I 223 48.71 -31.50 -58.44
N GLU I 224 49.61 -32.31 -57.89
CA GLU I 224 49.73 -33.69 -58.34
C GLU I 224 48.47 -34.47 -58.03
N ILE I 225 47.89 -34.24 -56.86
CA ILE I 225 46.62 -34.88 -56.52
C ILE I 225 45.53 -34.44 -57.48
N ALA I 226 45.49 -33.15 -57.80
CA ALA I 226 44.49 -32.64 -58.73
C ALA I 226 44.66 -33.27 -60.11
N PHE I 227 45.91 -33.46 -60.54
CA PHE I 227 46.14 -34.14 -61.82
C PHE I 227 45.64 -35.57 -61.77
N LYS I 228 45.99 -36.30 -60.71
CA LYS I 228 45.52 -37.67 -60.57
C LYS I 228 44.00 -37.74 -60.59
N MET I 229 43.34 -36.70 -60.08
CA MET I 229 41.88 -36.63 -60.16
C MET I 229 41.41 -36.27 -61.56
N PHE I 230 42.21 -35.50 -62.31
CA PHE I 230 41.86 -35.18 -63.69
C PHE I 230 41.75 -36.43 -64.54
N ASP I 231 42.67 -37.37 -64.36
CA ASP I 231 42.77 -38.56 -65.19
C ASP I 231 41.63 -39.51 -64.83
N LEU I 232 40.62 -39.57 -65.69
CA LEU I 232 39.47 -40.43 -65.42
C LEU I 232 39.81 -41.89 -65.66
N ASN I 233 40.38 -42.21 -66.81
CA ASN I 233 40.75 -43.58 -67.12
C ASN I 233 41.88 -44.04 -66.21
N GLY I 234 42.28 -45.30 -66.38
CA GLY I 234 43.29 -45.87 -65.50
C GLY I 234 44.69 -45.36 -65.81
N ASP I 235 45.05 -45.37 -67.09
CA ASP I 235 46.41 -45.03 -67.50
C ASP I 235 46.73 -43.58 -67.16
N GLY I 236 47.94 -43.35 -66.65
CA GLY I 236 48.35 -42.05 -66.20
C GLY I 236 48.61 -41.06 -67.32
N GLU I 237 47.60 -40.79 -68.13
CA GLU I 237 47.71 -39.81 -69.21
C GLU I 237 46.32 -39.26 -69.50
N VAL I 238 46.20 -37.94 -69.40
CA VAL I 238 44.90 -37.29 -69.56
C VAL I 238 44.61 -37.14 -71.04
N ASP I 239 43.52 -37.77 -71.49
CA ASP I 239 43.09 -37.64 -72.88
C ASP I 239 42.44 -36.27 -73.10
N MET I 240 42.36 -35.89 -74.37
CA MET I 240 41.74 -34.62 -74.71
C MET I 240 40.26 -34.59 -74.35
N GLU I 241 39.58 -35.74 -74.44
CA GLU I 241 38.15 -35.77 -74.18
C GLU I 241 37.84 -35.57 -72.69
N GLU I 242 38.55 -36.29 -71.83
CA GLU I 242 38.31 -36.16 -70.40
C GLU I 242 38.73 -34.78 -69.90
N PHE I 243 39.81 -34.23 -70.45
CA PHE I 243 40.19 -32.87 -70.12
C PHE I 243 39.13 -31.88 -70.59
N GLU I 244 38.55 -32.12 -71.77
CA GLU I 244 37.46 -31.27 -72.24
C GLU I 244 36.27 -31.33 -71.30
N GLN I 245 35.97 -32.51 -70.77
CA GLN I 245 34.86 -32.65 -69.84
C GLN I 245 35.13 -31.87 -68.55
N VAL I 246 36.30 -32.08 -67.96
CA VAL I 246 36.61 -31.42 -66.70
C VAL I 246 36.92 -29.94 -66.85
N GLN I 247 37.07 -29.45 -68.08
CA GLN I 247 37.14 -28.00 -68.27
C GLN I 247 35.78 -27.40 -68.60
N SER I 248 34.91 -28.15 -69.27
CA SER I 248 33.55 -27.68 -69.53
C SER I 248 32.70 -27.70 -68.27
N ILE I 249 33.09 -28.49 -67.27
CA ILE I 249 32.34 -28.50 -66.02
C ILE I 249 32.30 -27.12 -65.36
N ILE I 250 33.20 -26.21 -65.75
CA ILE I 250 33.24 -24.88 -65.15
C ILE I 250 32.36 -23.89 -65.89
N ARG I 251 31.84 -24.25 -67.07
CA ARG I 251 31.01 -23.34 -67.86
C ARG I 251 29.69 -23.13 -67.15
N SER I 252 29.59 -22.03 -66.41
CA SER I 252 28.37 -21.68 -65.68
C SER I 252 27.61 -20.53 -66.27
N GLN I 253 28.25 -19.66 -67.04
CA GLN I 253 27.58 -18.51 -67.65
C GLN I 253 27.05 -18.91 -69.03
N THR I 254 26.06 -19.80 -69.00
CA THR I 254 25.42 -20.30 -70.22
C THR I 254 23.95 -20.57 -69.96
N SER I 276 41.28 -23.86 -80.25
CA SER I 276 41.41 -22.45 -79.96
C SER I 276 41.57 -22.22 -78.46
N ALA I 277 42.48 -22.96 -77.83
CA ALA I 277 42.73 -22.84 -76.41
C ALA I 277 44.19 -23.17 -76.14
N LEU I 278 44.52 -23.36 -74.87
CA LEU I 278 45.87 -23.78 -74.52
C LEU I 278 46.15 -25.23 -74.89
N THR I 279 45.17 -25.91 -75.50
CA THR I 279 45.34 -27.30 -75.89
C THR I 279 46.54 -27.48 -76.81
N THR I 280 46.80 -26.52 -77.70
CA THR I 280 47.94 -26.64 -78.59
C THR I 280 49.26 -26.68 -77.84
N TYR I 281 49.29 -26.21 -76.59
CA TYR I 281 50.49 -26.37 -75.78
C TYR I 281 50.53 -27.73 -75.10
N PHE I 282 49.37 -28.29 -74.78
CA PHE I 282 49.29 -29.62 -74.19
C PHE I 282 49.21 -30.71 -75.24
N PHE I 283 48.41 -30.49 -76.28
CA PHE I 283 48.24 -31.43 -77.37
C PHE I 283 48.83 -30.84 -78.65
N GLY I 284 49.00 -31.70 -79.64
CA GLY I 284 49.48 -31.24 -80.94
C GLY I 284 48.41 -30.47 -81.69
N ALA I 285 48.78 -30.02 -82.88
CA ALA I 285 47.83 -29.34 -83.75
C ALA I 285 46.68 -30.25 -84.15
N ASP I 286 46.90 -31.57 -84.12
CA ASP I 286 45.83 -32.53 -84.35
C ASP I 286 44.97 -32.73 -83.11
N LEU I 287 45.35 -32.14 -81.99
CA LEU I 287 44.62 -32.26 -80.73
C LEU I 287 44.52 -33.73 -80.31
N LYS I 288 45.64 -34.44 -80.40
CA LYS I 288 45.70 -35.84 -80.05
C LYS I 288 46.69 -36.14 -78.93
N GLY I 289 47.89 -35.56 -78.99
CA GLY I 289 48.96 -35.94 -78.10
C GLY I 289 48.66 -35.81 -76.62
N LYS I 290 48.48 -36.94 -75.95
CA LYS I 290 48.21 -36.95 -74.52
C LYS I 290 49.49 -36.71 -73.74
N LEU I 291 49.35 -36.04 -72.59
CA LEU I 291 50.49 -35.68 -71.76
C LEU I 291 50.51 -36.57 -70.52
N THR I 292 51.62 -36.49 -69.80
CA THR I 292 51.85 -37.26 -68.59
C THR I 292 52.03 -36.31 -67.41
N ILE I 293 52.27 -36.91 -66.24
CA ILE I 293 52.45 -36.11 -65.03
C ILE I 293 53.74 -35.31 -65.10
N LYS I 294 54.76 -35.82 -65.79
CA LYS I 294 56.04 -35.13 -65.86
C LYS I 294 55.89 -33.81 -66.59
N ASN I 295 55.29 -33.84 -67.78
CA ASN I 295 55.04 -32.61 -68.52
C ASN I 295 54.12 -31.67 -67.75
N PHE I 296 53.19 -32.23 -66.99
CA PHE I 296 52.27 -31.41 -66.21
C PHE I 296 53.01 -30.61 -65.16
N LEU I 297 53.85 -31.29 -64.38
CA LEU I 297 54.64 -30.58 -63.36
C LEU I 297 55.67 -29.66 -64.00
N GLU I 298 56.18 -30.03 -65.17
CA GLU I 298 57.12 -29.15 -65.87
C GLU I 298 56.44 -27.84 -66.25
N PHE I 299 55.22 -27.93 -66.77
CA PHE I 299 54.47 -26.72 -67.10
C PHE I 299 54.15 -25.91 -65.86
N GLN I 300 53.78 -26.59 -64.77
CA GLN I 300 53.60 -25.92 -63.49
C GLN I 300 54.81 -25.07 -63.13
N ARG I 301 55.97 -25.73 -63.03
CA ARG I 301 57.19 -25.03 -62.62
C ARG I 301 57.55 -23.93 -63.59
N LYS I 302 57.43 -24.18 -64.89
CA LYS I 302 57.79 -23.19 -65.88
C LYS I 302 56.93 -21.95 -65.77
N LEU I 303 55.61 -22.13 -65.65
CA LEU I 303 54.73 -20.97 -65.56
C LEU I 303 54.99 -20.18 -64.29
N GLN I 304 55.20 -20.88 -63.17
CA GLN I 304 55.41 -20.15 -61.92
C GLN I 304 56.74 -19.40 -61.94
N HIS I 305 57.81 -20.07 -62.36
CA HIS I 305 59.09 -19.38 -62.48
C HIS I 305 59.01 -18.23 -63.46
N ASP I 306 58.19 -18.34 -64.49
CA ASP I 306 58.12 -17.29 -65.49
C ASP I 306 57.39 -16.07 -64.95
N VAL I 307 56.26 -16.27 -64.28
CA VAL I 307 55.57 -15.12 -63.71
C VAL I 307 56.42 -14.48 -62.61
N LEU I 308 57.19 -15.30 -61.87
CA LEU I 308 58.04 -14.71 -60.85
C LEU I 308 59.19 -13.93 -61.47
N LYS I 309 59.75 -14.42 -62.58
CA LYS I 309 60.77 -13.68 -63.29
C LYS I 309 60.22 -12.37 -63.83
N LEU I 310 58.99 -12.39 -64.35
CA LEU I 310 58.40 -11.16 -64.86
C LEU I 310 58.19 -10.16 -63.74
N GLU I 311 57.72 -10.63 -62.57
CA GLU I 311 57.55 -9.72 -61.44
C GLU I 311 58.89 -9.18 -60.97
N PHE I 312 59.91 -10.03 -60.94
CA PHE I 312 61.25 -9.57 -60.56
C PHE I 312 61.72 -8.45 -61.49
N GLU I 313 61.67 -8.69 -62.80
CA GLU I 313 62.16 -7.71 -63.76
C GLU I 313 61.30 -6.48 -63.82
N ARG I 314 60.02 -6.56 -63.42
CA ARG I 314 59.20 -5.36 -63.37
C ARG I 314 59.74 -4.37 -62.36
N HIS I 315 60.15 -4.85 -61.20
CA HIS I 315 60.95 -4.04 -60.28
C HIS I 315 62.30 -3.78 -60.92
N ASP I 316 62.60 -2.52 -61.21
CA ASP I 316 63.82 -2.16 -61.93
C ASP I 316 65.06 -2.64 -61.20
N PRO I 317 65.74 -3.65 -61.72
CA PRO I 317 66.89 -4.23 -61.03
C PRO I 317 68.19 -3.50 -61.35
N VAL I 318 69.09 -3.51 -60.37
CA VAL I 318 70.43 -2.96 -60.53
C VAL I 318 71.42 -4.10 -60.40
N ASP I 319 72.26 -4.27 -61.42
CA ASP I 319 73.25 -5.35 -61.45
C ASP I 319 72.58 -6.72 -61.29
N GLY I 320 71.40 -6.87 -61.87
CA GLY I 320 70.65 -8.10 -61.69
C GLY I 320 70.25 -8.35 -60.25
N ARG I 321 69.98 -7.29 -59.48
CA ARG I 321 69.69 -7.40 -58.06
C ARG I 321 68.65 -6.34 -57.70
N ILE I 322 68.05 -6.49 -56.52
CA ILE I 322 66.89 -5.70 -56.14
C ILE I 322 67.06 -5.22 -54.71
N THR I 323 66.80 -3.94 -54.46
CA THR I 323 66.92 -3.37 -53.13
C THR I 323 66.05 -4.12 -52.14
N GLU I 324 66.52 -4.20 -50.89
CA GLU I 324 65.80 -4.94 -49.85
C GLU I 324 64.40 -4.37 -49.63
N ARG I 325 64.25 -3.05 -49.74
CA ARG I 325 62.94 -2.45 -49.58
C ARG I 325 61.99 -2.93 -50.68
N GLN I 326 62.49 -3.06 -51.90
CA GLN I 326 61.65 -3.53 -53.00
C GLN I 326 61.22 -4.97 -52.79
N PHE I 327 62.13 -5.83 -52.33
CA PHE I 327 61.77 -7.21 -52.06
C PHE I 327 60.76 -7.30 -50.94
N GLY I 328 60.93 -6.50 -49.88
CA GLY I 328 59.96 -6.49 -48.81
C GLY I 328 58.60 -6.01 -49.28
N GLY I 329 58.58 -5.00 -50.15
CA GLY I 329 57.31 -4.54 -50.69
C GLY I 329 56.64 -5.60 -51.53
N MET I 330 57.41 -6.30 -52.36
CA MET I 330 56.85 -7.40 -53.14
C MET I 330 56.28 -8.49 -52.24
N LEU I 331 57.01 -8.81 -51.17
CA LEU I 331 56.54 -9.84 -50.23
C LEU I 331 55.23 -9.43 -49.57
N LEU I 332 55.19 -8.22 -49.03
CA LEU I 332 53.97 -7.73 -48.39
C LEU I 332 52.84 -7.59 -49.39
N ALA I 333 53.15 -7.39 -50.67
CA ALA I 333 52.11 -7.35 -51.67
C ALA I 333 51.60 -8.74 -52.01
N TYR I 334 52.45 -9.76 -51.89
CA TYR I 334 52.01 -11.12 -52.16
C TYR I 334 50.88 -11.53 -51.23
N SER I 335 51.01 -11.24 -49.94
CA SER I 335 49.96 -11.50 -48.97
C SER I 335 49.09 -10.26 -48.89
N GLY I 336 47.91 -10.31 -49.50
CA GLY I 336 47.10 -9.12 -49.64
C GLY I 336 46.47 -8.68 -48.33
N VAL I 337 47.32 -8.24 -47.40
CA VAL I 337 46.89 -7.72 -46.11
C VAL I 337 47.36 -6.28 -46.01
N GLN I 338 46.42 -5.37 -45.78
CA GLN I 338 46.73 -3.96 -45.59
C GLN I 338 46.64 -3.62 -44.11
N SER I 339 47.73 -3.91 -43.40
CA SER I 339 47.78 -3.60 -41.97
C SER I 339 47.99 -2.11 -41.72
N LYS I 340 48.44 -1.36 -42.73
CA LYS I 340 48.72 0.07 -42.63
C LYS I 340 49.82 0.36 -41.62
N LYS I 341 50.42 -0.69 -41.05
CA LYS I 341 51.51 -0.53 -40.10
C LYS I 341 52.71 -1.32 -40.55
N LEU I 342 52.48 -2.48 -41.18
CA LEU I 342 53.57 -3.23 -41.77
C LEU I 342 54.27 -2.45 -42.88
N THR I 343 53.55 -1.50 -43.51
CA THR I 343 54.20 -0.62 -44.47
C THR I 343 55.27 0.22 -43.80
N ALA I 344 55.06 0.63 -42.54
CA ALA I 344 56.10 1.35 -41.82
C ALA I 344 57.34 0.49 -41.63
N MET I 345 57.14 -0.80 -41.35
CA MET I 345 58.29 -1.71 -41.26
C MET I 345 58.97 -1.85 -42.60
N GLN I 346 58.19 -1.92 -43.68
CA GLN I 346 58.78 -1.96 -45.02
C GLN I 346 59.66 -0.74 -45.26
N ARG I 347 59.17 0.43 -44.89
CA ARG I 347 59.95 1.65 -45.08
C ARG I 347 61.20 1.64 -44.21
N GLN I 348 61.09 1.16 -42.97
CA GLN I 348 62.23 1.12 -42.07
C GLN I 348 63.29 0.12 -42.50
N LEU I 349 62.92 -0.89 -43.29
CA LEU I 349 63.89 -1.92 -43.68
C LEU I 349 65.09 -1.33 -44.41
N LYS I 350 64.92 -0.19 -45.08
CA LYS I 350 66.04 0.37 -45.83
C LYS I 350 67.14 0.83 -44.88
N LYS I 351 66.80 1.71 -43.94
CA LYS I 351 67.80 2.17 -42.98
C LYS I 351 68.27 1.05 -42.08
N HIS I 352 67.38 0.09 -41.76
CA HIS I 352 67.80 -1.06 -40.98
C HIS I 352 68.83 -1.89 -41.73
N PHE I 353 68.79 -1.87 -43.06
CA PHE I 353 69.78 -2.57 -43.88
C PHE I 353 70.58 -1.59 -44.72
N LYS I 354 71.02 -0.50 -44.10
CA LYS I 354 71.76 0.54 -44.80
C LYS I 354 72.95 -0.04 -45.55
N GLU I 355 72.98 0.21 -46.86
CA GLU I 355 74.02 -0.29 -47.75
C GLU I 355 74.15 -1.82 -47.66
N GLY I 356 73.04 -2.50 -48.01
CA GLY I 356 72.97 -3.93 -47.96
C GLY I 356 73.28 -4.58 -49.30
N LYS I 357 72.94 -5.86 -49.39
CA LYS I 357 73.18 -6.64 -50.58
C LYS I 357 72.09 -6.35 -51.62
N GLY I 358 72.06 -7.14 -52.69
CA GLY I 358 71.11 -6.91 -53.77
C GLY I 358 70.04 -7.96 -53.94
N LEU I 359 70.08 -9.02 -53.14
CA LEU I 359 69.03 -10.05 -53.13
C LEU I 359 68.82 -10.64 -54.53
N THR I 360 69.83 -11.38 -54.96
CA THR I 360 69.83 -12.00 -56.29
C THR I 360 68.57 -12.82 -56.55
N PHE I 361 68.26 -13.04 -57.83
CA PHE I 361 66.99 -13.65 -58.19
C PHE I 361 66.84 -15.04 -57.59
N GLN I 362 67.92 -15.79 -57.44
CA GLN I 362 67.79 -17.15 -56.93
C GLN I 362 67.35 -17.16 -55.47
N GLU I 363 67.78 -16.19 -54.68
CA GLU I 363 67.39 -16.14 -53.28
C GLU I 363 65.89 -15.92 -53.13
N VAL I 364 65.37 -14.89 -53.81
CA VAL I 364 63.94 -14.62 -53.74
C VAL I 364 63.13 -15.74 -54.38
N GLU I 365 63.68 -16.38 -55.42
CA GLU I 365 63.01 -17.54 -56.00
C GLU I 365 62.84 -18.65 -54.97
N ASN I 366 63.93 -19.00 -54.28
CA ASN I 366 63.85 -20.04 -53.27
C ASN I 366 62.89 -19.64 -52.15
N PHE I 367 62.92 -18.39 -51.73
CA PHE I 367 62.01 -17.99 -50.66
C PHE I 367 60.56 -18.05 -51.10
N PHE I 368 60.29 -17.72 -52.37
CA PHE I 368 58.91 -17.76 -52.84
C PHE I 368 58.41 -19.18 -53.02
N THR I 369 59.27 -20.09 -53.50
CA THR I 369 58.84 -21.49 -53.53
C THR I 369 58.61 -22.04 -52.13
N PHE I 370 59.41 -21.61 -51.15
CA PHE I 370 59.17 -22.06 -49.78
C PHE I 370 57.84 -21.53 -49.27
N LEU I 371 57.58 -20.25 -49.51
CA LEU I 371 56.33 -19.66 -49.03
C LEU I 371 55.13 -20.34 -49.69
N LYS I 372 55.27 -20.67 -50.97
CA LYS I 372 54.20 -21.40 -51.65
C LYS I 372 53.97 -22.77 -51.03
N ASN I 373 55.04 -23.44 -50.61
CA ASN I 373 54.90 -24.75 -49.98
C ASN I 373 54.88 -24.61 -48.46
N ILE I 374 53.90 -23.84 -47.98
CA ILE I 374 53.75 -23.60 -46.56
C ILE I 374 52.63 -24.42 -45.93
N ASN I 375 51.68 -24.91 -46.72
CA ASN I 375 50.62 -25.74 -46.15
C ASN I 375 51.18 -27.00 -45.50
N ASP I 376 52.28 -27.53 -46.02
CA ASP I 376 52.97 -28.64 -45.41
C ASP I 376 53.95 -28.18 -44.34
N VAL I 377 54.53 -26.99 -44.50
CA VAL I 377 55.44 -26.47 -43.49
C VAL I 377 54.71 -26.31 -42.16
N ASP I 378 53.47 -25.85 -42.21
CA ASP I 378 52.69 -25.64 -40.99
C ASP I 378 52.55 -26.94 -40.21
N THR I 379 52.02 -27.98 -40.85
CA THR I 379 51.85 -29.26 -40.17
C THR I 379 53.19 -29.94 -39.88
N ALA I 380 54.28 -29.51 -40.52
CA ALA I 380 55.57 -30.12 -40.23
C ALA I 380 56.14 -29.66 -38.90
N LEU I 381 55.97 -28.38 -38.58
CA LEU I 381 56.39 -27.85 -37.28
C LEU I 381 55.25 -27.78 -36.28
N SER I 382 54.30 -28.73 -36.35
CA SER I 382 53.13 -28.69 -35.50
C SER I 382 53.48 -28.81 -34.02
N PHE I 383 54.65 -29.37 -33.68
CA PHE I 383 55.02 -29.45 -32.28
C PHE I 383 55.35 -28.09 -31.70
N TYR I 384 55.81 -27.14 -32.52
CA TYR I 384 56.01 -25.80 -32.02
C TYR I 384 54.69 -25.14 -31.67
N HIS I 385 53.67 -25.37 -32.48
CA HIS I 385 52.32 -25.11 -32.03
C HIS I 385 51.93 -26.14 -30.98
N MET I 386 50.80 -25.94 -30.33
CA MET I 386 50.34 -26.80 -29.26
C MET I 386 51.33 -26.84 -28.09
N ALA I 387 52.34 -25.97 -28.13
CA ALA I 387 53.31 -25.88 -27.05
C ALA I 387 53.67 -24.44 -26.74
N GLY I 388 53.01 -23.47 -27.38
CA GLY I 388 53.32 -22.08 -27.12
C GLY I 388 54.67 -21.64 -27.60
N ALA I 389 55.31 -22.42 -28.47
CA ALA I 389 56.65 -22.08 -28.92
C ALA I 389 56.59 -21.00 -29.99
N SER I 390 57.77 -20.54 -30.40
CA SER I 390 57.89 -19.55 -31.45
C SER I 390 59.01 -19.97 -32.38
N LEU I 391 58.99 -19.41 -33.59
CA LEU I 391 59.94 -19.79 -34.61
C LEU I 391 61.32 -19.21 -34.28
N ASP I 392 62.29 -19.45 -35.17
CA ASP I 392 63.64 -18.96 -34.98
C ASP I 392 64.36 -19.04 -36.31
N LYS I 393 65.54 -18.42 -36.37
CA LYS I 393 66.32 -18.41 -37.60
C LYS I 393 66.72 -19.83 -38.01
N VAL I 394 67.39 -20.54 -37.11
CA VAL I 394 67.89 -21.87 -37.45
C VAL I 394 66.73 -22.83 -37.73
N THR I 395 65.65 -22.71 -36.96
CA THR I 395 64.51 -23.60 -37.18
C THR I 395 63.85 -23.31 -38.52
N MET I 396 63.79 -22.04 -38.91
CA MET I 396 63.28 -21.72 -40.24
C MET I 396 64.17 -22.28 -41.33
N GLN I 397 65.49 -22.15 -41.17
CA GLN I 397 66.42 -22.76 -42.11
C GLN I 397 66.14 -24.25 -42.24
N GLN I 398 65.97 -24.93 -41.10
CA GLN I 398 65.80 -26.38 -41.11
C GLN I 398 64.49 -26.77 -41.77
N VAL I 399 63.40 -26.10 -41.44
CA VAL I 399 62.11 -26.49 -41.98
C VAL I 399 62.03 -26.16 -43.46
N ALA I 400 62.73 -25.10 -43.90
CA ALA I 400 62.75 -24.82 -45.33
C ALA I 400 63.62 -25.81 -46.08
N ARG I 401 64.69 -26.29 -45.45
CA ARG I 401 65.54 -27.28 -46.09
C ARG I 401 64.85 -28.64 -46.18
N THR I 402 64.07 -28.99 -45.16
CA THR I 402 63.46 -30.32 -45.11
C THR I 402 62.18 -30.38 -45.94
N VAL I 403 61.23 -29.51 -45.64
CA VAL I 403 59.92 -29.58 -46.29
C VAL I 403 59.99 -29.07 -47.71
N ALA I 404 60.38 -27.80 -47.87
CA ALA I 404 60.45 -27.20 -49.20
C ALA I 404 61.59 -27.76 -50.04
N LYS I 405 62.55 -28.45 -49.42
CA LYS I 405 63.67 -29.06 -50.14
C LYS I 405 64.45 -28.02 -50.93
N VAL I 406 64.84 -26.93 -50.25
CA VAL I 406 65.56 -25.84 -50.89
C VAL I 406 66.27 -25.06 -49.80
N GLU I 407 67.42 -24.49 -50.15
CA GLU I 407 68.21 -23.71 -49.20
C GLU I 407 67.76 -22.26 -49.18
N LEU I 408 68.01 -21.59 -48.06
CA LEU I 408 67.72 -20.18 -47.89
C LEU I 408 68.95 -19.49 -47.32
N SER I 409 69.40 -18.42 -47.98
CA SER I 409 70.52 -17.67 -47.44
C SER I 409 70.11 -16.95 -46.17
N ASP I 410 71.07 -16.78 -45.26
CA ASP I 410 70.77 -16.18 -43.97
C ASP I 410 70.25 -14.76 -44.12
N HIS I 411 70.63 -14.07 -45.19
CA HIS I 411 70.20 -12.69 -45.38
C HIS I 411 68.70 -12.61 -45.62
N VAL I 412 68.15 -13.57 -46.36
CA VAL I 412 66.71 -13.55 -46.65
C VAL I 412 65.91 -13.81 -45.37
N CYS I 413 66.32 -14.80 -44.59
CA CYS I 413 65.65 -15.03 -43.31
C CYS I 413 65.79 -13.82 -42.41
N ASP I 414 66.94 -13.14 -42.47
CA ASP I 414 67.12 -11.94 -41.66
C ASP I 414 66.15 -10.85 -42.05
N VAL I 415 65.99 -10.62 -43.36
CA VAL I 415 65.11 -9.54 -43.78
C VAL I 415 63.65 -9.90 -43.52
N VAL I 416 63.28 -11.17 -43.64
CA VAL I 416 61.91 -11.56 -43.31
C VAL I 416 61.64 -11.36 -41.83
N PHE I 417 62.61 -11.74 -40.98
CA PHE I 417 62.46 -11.49 -39.54
C PHE I 417 62.31 -10.01 -39.27
N ALA I 418 63.14 -9.18 -39.90
CA ALA I 418 63.07 -7.75 -39.68
C ALA I 418 61.76 -7.16 -40.18
N LEU I 419 61.14 -7.79 -41.19
CA LEU I 419 59.89 -7.27 -41.70
C LEU I 419 58.70 -7.68 -40.83
N PHE I 420 58.68 -8.93 -40.37
CA PHE I 420 57.48 -9.46 -39.73
C PHE I 420 57.51 -9.46 -38.21
N ASP I 421 58.65 -9.78 -37.60
CA ASP I 421 58.73 -9.88 -36.14
C ASP I 421 58.70 -8.48 -35.55
N CYS I 422 57.50 -7.90 -35.51
CA CYS I 422 57.32 -6.55 -34.99
C CYS I 422 57.06 -6.54 -33.49
N ASP I 423 55.98 -7.21 -33.05
CA ASP I 423 55.71 -7.29 -31.62
C ASP I 423 56.80 -8.06 -30.90
N GLY I 424 57.22 -9.19 -31.46
CA GLY I 424 58.20 -10.03 -30.81
C GLY I 424 59.56 -9.37 -30.74
N ASN I 425 60.53 -10.15 -30.29
CA ASN I 425 61.92 -9.74 -30.15
C ASN I 425 62.84 -10.65 -30.94
N GLY I 426 62.38 -11.06 -32.11
CA GLY I 426 63.14 -11.97 -32.95
C GLY I 426 62.70 -13.41 -32.90
N GLU I 427 61.43 -13.68 -32.56
CA GLU I 427 60.94 -15.04 -32.44
C GLU I 427 59.90 -15.40 -33.49
N LEU I 428 59.09 -14.44 -33.94
CA LEU I 428 58.19 -14.64 -35.07
C LEU I 428 57.22 -15.80 -34.81
N SER I 429 56.34 -15.56 -33.84
CA SER I 429 55.36 -16.56 -33.44
C SER I 429 54.35 -16.83 -34.57
N ASN I 430 53.41 -17.73 -34.29
CA ASN I 430 52.44 -18.15 -35.31
C ASN I 430 51.65 -16.97 -35.83
N LYS I 431 51.05 -16.19 -34.94
CA LYS I 431 50.21 -15.08 -35.38
C LYS I 431 50.99 -14.05 -36.17
N GLU I 432 52.31 -14.01 -36.01
CA GLU I 432 53.11 -12.99 -36.67
C GLU I 432 53.30 -13.29 -38.15
N PHE I 433 53.81 -14.47 -38.49
CA PHE I 433 54.15 -14.76 -39.88
C PHE I 433 53.39 -15.93 -40.47
N VAL I 434 53.43 -17.11 -39.83
CA VAL I 434 52.94 -18.32 -40.49
C VAL I 434 51.44 -18.24 -40.73
N SER I 435 50.69 -17.69 -39.77
CA SER I 435 49.25 -17.62 -39.91
C SER I 435 48.84 -16.78 -41.12
N ILE I 436 49.58 -15.70 -41.37
CA ILE I 436 49.24 -14.82 -42.49
C ILE I 436 49.32 -15.58 -43.81
N MET I 437 50.43 -16.24 -44.06
CA MET I 437 50.60 -16.95 -45.32
C MET I 437 49.67 -18.16 -45.41
N LYS I 438 49.46 -18.85 -44.28
CA LYS I 438 48.55 -19.98 -44.27
C LYS I 438 47.13 -19.55 -44.60
N GLN I 439 46.74 -18.35 -44.18
CA GLN I 439 45.41 -17.85 -44.50
C GLN I 439 45.34 -17.33 -45.92
N ARG I 440 46.41 -16.72 -46.41
CA ARG I 440 46.40 -16.16 -47.76
C ARG I 440 46.44 -17.24 -48.82
N LEU I 441 47.09 -18.37 -48.53
CA LEU I 441 47.09 -19.47 -49.49
C LEU I 441 45.70 -20.07 -49.68
N MET I 442 44.77 -19.79 -48.77
CA MET I 442 43.40 -20.29 -48.87
C MET I 442 42.45 -19.24 -49.41
N ARG I 443 42.87 -18.43 -50.38
CA ARG I 443 41.97 -17.44 -50.96
C ARG I 443 40.81 -18.06 -51.73
N GLY I 444 40.87 -19.37 -52.03
CA GLY I 444 39.81 -20.00 -52.78
C GLY I 444 38.47 -19.97 -52.09
N LEU I 445 38.44 -19.68 -50.79
CA LEU I 445 37.19 -19.55 -50.07
C LEU I 445 37.18 -18.25 -49.27
N PHE I 453 29.29 2.70 -49.31
CA PHE I 453 30.57 2.06 -49.01
C PHE I 453 30.37 0.75 -48.25
N THR I 454 30.74 -0.36 -48.88
CA THR I 454 30.63 -1.67 -48.25
C THR I 454 31.93 -2.04 -47.56
N ARG I 455 33.01 -1.36 -47.94
CA ARG I 455 34.32 -1.65 -47.38
C ARG I 455 34.52 -0.91 -46.05
N LEU I 456 33.66 -1.20 -45.09
CA LEU I 456 33.72 -0.54 -43.80
C LEU I 456 33.00 -1.36 -42.72
N MET I 457 31.83 -1.88 -43.06
CA MET I 457 31.03 -2.68 -42.14
C MET I 457 31.77 -3.91 -41.62
N GLN I 458 32.14 -4.81 -42.52
CA GLN I 458 32.84 -6.04 -42.15
C GLN I 458 34.17 -5.76 -41.46
N ALA I 459 34.91 -4.78 -41.98
CA ALA I 459 36.21 -4.41 -41.43
C ALA I 459 36.06 -3.96 -39.98
N MET I 460 35.14 -3.04 -39.76
CA MET I 460 34.89 -2.49 -38.43
C MET I 460 34.41 -3.58 -37.50
N TRP I 461 33.60 -4.50 -38.03
CA TRP I 461 33.06 -5.59 -37.23
C TRP I 461 34.18 -6.49 -36.75
N LYS I 462 35.08 -6.86 -37.66
CA LYS I 462 36.21 -7.73 -37.33
C LYS I 462 37.12 -7.04 -36.32
N CYS I 463 37.36 -5.75 -36.53
CA CYS I 463 38.20 -4.97 -35.63
C CYS I 463 37.62 -4.94 -34.23
N ALA I 464 36.32 -4.68 -34.14
CA ALA I 464 35.62 -4.60 -32.87
C ALA I 464 35.63 -5.95 -32.17
N GLN I 465 35.47 -7.01 -32.95
CA GLN I 465 35.47 -8.36 -32.41
C GLN I 465 36.82 -8.68 -31.78
N GLU I 466 37.88 -8.36 -32.52
CA GLU I 466 39.24 -8.59 -32.04
C GLU I 466 39.51 -7.78 -30.78
N THR I 467 39.07 -6.53 -30.78
CA THR I 467 39.25 -5.65 -29.64
C THR I 467 38.54 -6.17 -28.40
N ALA I 468 37.28 -6.60 -28.58
CA ALA I 468 36.49 -7.14 -27.49
C ALA I 468 37.12 -8.42 -26.94
N TRP I 469 37.63 -9.26 -27.84
CA TRP I 469 38.30 -10.49 -27.44
C TRP I 469 39.53 -10.18 -26.60
N ASP I 470 40.34 -9.24 -27.08
CA ASP I 470 41.56 -8.84 -26.38
C ASP I 470 41.24 -8.22 -25.02
N PHE I 471 40.15 -7.49 -24.95
CA PHE I 471 39.72 -6.87 -23.70
C PHE I 471 39.24 -7.92 -22.70
N ALA I 472 38.43 -8.86 -23.17
CA ALA I 472 37.92 -9.93 -22.32
C ALA I 472 39.03 -10.90 -21.91
N LEU I 473 40.13 -10.88 -22.66
CA LEU I 473 41.27 -11.72 -22.34
C LEU I 473 41.85 -11.35 -20.97
N PRO I 474 41.19 -11.81 -19.92
CA PRO I 474 41.67 -11.61 -18.56
C PRO I 474 41.49 -12.86 -17.72
N LYS I 475 41.48 -14.01 -18.39
CA LYS I 475 41.44 -15.32 -17.74
C LYS I 475 40.19 -15.49 -16.87
N GLN I 476 40.21 -16.51 -16.02
CA GLN I 476 39.11 -16.78 -15.12
C GLN I 476 39.19 -15.89 -13.87
N PRO J 1 51.92 -21.82 -15.94
CA PRO J 1 51.12 -23.00 -16.26
C PRO J 1 50.11 -22.73 -17.37
N SER J 2 50.48 -23.07 -18.60
CA SER J 2 49.59 -22.84 -19.73
C SER J 2 48.38 -23.75 -19.65
N LEU J 3 47.44 -23.54 -20.58
CA LEU J 3 46.23 -24.35 -20.60
C LEU J 3 46.54 -25.81 -20.84
N ARG J 4 47.49 -26.10 -21.73
CA ARG J 4 47.84 -27.48 -22.00
C ARG J 4 48.46 -28.14 -20.77
N LYS J 5 49.38 -27.45 -20.11
CA LYS J 5 49.97 -28.02 -18.90
C LYS J 5 48.94 -28.13 -17.78
N GLN J 6 47.99 -27.21 -17.72
CA GLN J 6 46.93 -27.31 -16.73
C GLN J 6 46.10 -28.56 -16.97
N ARG J 7 45.72 -28.79 -18.23
CA ARG J 7 44.99 -30.02 -18.56
C ARG J 7 45.82 -31.26 -18.24
N PHE J 8 47.12 -31.20 -18.52
CA PHE J 8 47.97 -32.35 -18.28
C PHE J 8 48.06 -32.67 -16.79
N MET J 9 48.24 -31.66 -15.96
CA MET J 9 48.30 -31.90 -14.52
C MET J 9 46.93 -32.25 -13.95
N GLN J 10 45.86 -31.82 -14.60
CA GLN J 10 44.53 -32.23 -14.17
C GLN J 10 44.29 -33.70 -14.45
N PHE J 11 44.69 -34.18 -15.62
CA PHE J 11 44.54 -35.59 -15.97
C PHE J 11 45.71 -36.46 -15.54
N SER J 12 46.71 -35.88 -14.87
CA SER J 12 47.85 -36.65 -14.42
C SER J 12 47.46 -37.55 -13.25
N SER J 13 48.35 -38.49 -12.92
CA SER J 13 48.13 -39.36 -11.78
C SER J 13 49.35 -39.55 -10.90
N LEU J 14 50.55 -39.17 -11.34
CA LEU J 14 51.77 -39.38 -10.58
C LEU J 14 52.58 -38.10 -10.52
N GLU J 15 53.21 -37.86 -9.39
CA GLU J 15 54.15 -36.75 -9.23
C GLU J 15 55.43 -37.26 -8.61
N HIS J 16 56.55 -36.64 -8.97
CA HIS J 16 57.85 -37.07 -8.47
C HIS J 16 58.81 -35.90 -8.51
N GLU J 17 59.37 -35.55 -7.35
CA GLU J 17 60.29 -34.42 -7.23
C GLU J 17 59.66 -33.14 -7.77
N GLY J 18 58.39 -32.93 -7.43
CA GLY J 18 57.69 -31.74 -7.89
C GLY J 18 57.49 -31.70 -9.39
N GLU J 19 57.18 -32.85 -10.00
CA GLU J 19 56.96 -32.92 -11.44
C GLU J 19 55.87 -33.95 -11.71
N TYR J 20 54.75 -33.50 -12.24
CA TYR J 20 53.63 -34.40 -12.51
C TYR J 20 53.97 -35.33 -13.67
N TYR J 21 53.51 -36.56 -13.56
CA TYR J 21 53.68 -37.56 -14.61
C TYR J 21 52.31 -38.14 -14.97
N MET J 22 52.30 -39.11 -15.88
CA MET J 22 51.06 -39.63 -16.40
C MET J 22 51.29 -41.05 -16.90
N THR J 23 50.28 -41.91 -16.72
CA THR J 23 50.21 -43.29 -17.16
C THR J 23 49.36 -43.41 -18.41
N PRO J 24 49.58 -44.43 -19.24
CA PRO J 24 48.81 -44.56 -20.48
C PRO J 24 47.31 -44.53 -20.29
N ARG J 25 46.80 -45.01 -19.16
CA ARG J 25 45.37 -44.95 -18.92
C ARG J 25 44.90 -43.50 -18.87
N ASP J 26 45.69 -42.62 -18.26
CA ASP J 26 45.30 -41.23 -18.18
C ASP J 26 45.43 -40.55 -19.52
N PHE J 27 46.41 -40.94 -20.33
CA PHE J 27 46.52 -40.39 -21.67
C PHE J 27 45.31 -40.77 -22.51
N LEU J 28 44.89 -42.02 -22.42
CA LEU J 28 43.71 -42.46 -23.16
C LEU J 28 42.46 -41.72 -22.70
N PHE J 29 42.32 -41.52 -21.39
CA PHE J 29 41.18 -40.78 -20.89
C PHE J 29 41.20 -39.33 -21.37
N SER J 30 42.37 -38.71 -21.38
CA SER J 30 42.48 -37.34 -21.89
C SER J 30 42.16 -37.27 -23.37
N VAL J 31 42.45 -38.34 -24.11
CA VAL J 31 42.16 -38.34 -25.54
C VAL J 31 40.66 -38.52 -25.79
N MET J 32 40.01 -39.43 -25.07
CA MET J 32 38.63 -39.78 -25.40
C MET J 32 37.59 -39.10 -24.53
N PHE J 33 37.95 -38.64 -23.34
CA PHE J 33 36.99 -38.03 -22.42
C PHE J 33 37.33 -36.58 -22.22
N GLU J 34 36.34 -35.71 -22.34
CA GLU J 34 36.57 -34.28 -22.17
C GLU J 34 36.93 -33.94 -20.73
N GLN J 35 36.16 -34.46 -19.77
CA GLN J 35 36.42 -34.20 -18.36
C GLN J 35 36.31 -35.49 -17.57
N MET J 36 37.28 -35.71 -16.68
CA MET J 36 37.31 -36.86 -15.78
C MET J 36 37.34 -36.42 -14.34
N GLU J 37 36.55 -37.10 -13.51
CA GLU J 37 36.49 -36.84 -12.07
C GLU J 37 37.34 -37.88 -11.35
N ARG J 38 38.47 -37.43 -10.80
CA ARG J 38 39.40 -38.34 -10.12
C ARG J 38 38.94 -38.52 -8.68
N LYS J 39 38.47 -39.74 -8.36
CA LYS J 39 38.03 -40.01 -7.00
C LYS J 39 39.21 -39.99 -6.03
N THR J 40 40.37 -40.45 -6.45
CA THR J 40 41.54 -40.56 -5.58
C THR J 40 42.45 -39.35 -5.77
N SER J 41 43.62 -39.42 -5.15
CA SER J 41 44.59 -38.34 -5.15
C SER J 41 45.89 -38.81 -5.79
N VAL J 42 46.76 -37.85 -6.08
CA VAL J 42 48.05 -38.17 -6.68
C VAL J 42 48.95 -38.82 -5.63
N LYS J 43 49.92 -39.58 -6.11
CA LYS J 43 50.86 -40.29 -5.25
C LYS J 43 52.28 -40.06 -5.71
N LYS J 44 53.20 -40.00 -4.76
CA LYS J 44 54.59 -39.79 -5.08
C LYS J 44 55.26 -41.11 -5.47
N LEU J 45 56.54 -41.05 -5.83
CA LEU J 45 57.24 -42.22 -6.33
C LEU J 45 58.64 -42.28 -5.75
N THR J 46 59.25 -43.45 -5.87
CA THR J 46 60.67 -43.66 -5.60
C THR J 46 61.25 -44.47 -6.76
N LYS J 47 62.56 -44.74 -6.67
CA LYS J 47 63.19 -45.55 -7.70
C LYS J 47 62.57 -46.94 -7.76
N LYS J 48 62.20 -47.50 -6.61
CA LYS J 48 61.49 -48.76 -6.60
C LYS J 48 60.13 -48.63 -7.29
N ASP J 49 59.43 -47.52 -7.04
CA ASP J 49 58.18 -47.29 -7.76
C ASP J 49 58.42 -47.15 -9.25
N ILE J 50 59.51 -46.48 -9.63
CA ILE J 50 59.83 -46.31 -11.04
C ILE J 50 60.06 -47.67 -11.70
N GLU J 51 60.77 -48.57 -11.02
CA GLU J 51 61.03 -49.87 -11.61
C GLU J 51 59.78 -50.74 -11.63
N ASP J 52 58.96 -50.66 -10.58
CA ASP J 52 57.69 -51.39 -10.59
C ASP J 52 56.79 -50.93 -11.72
N THR J 53 56.86 -49.65 -12.07
CA THR J 53 56.08 -49.15 -13.20
C THR J 53 56.70 -49.57 -14.53
N LEU J 54 58.02 -49.44 -14.67
CA LEU J 54 58.69 -49.74 -15.93
C LEU J 54 58.84 -51.24 -16.18
N SER J 55 58.46 -52.08 -15.22
CA SER J 55 58.52 -53.52 -15.43
C SER J 55 57.43 -54.04 -16.35
N GLY J 56 56.69 -53.20 -17.07
CA GLY J 56 55.64 -53.69 -17.95
C GLY J 56 56.06 -53.79 -19.40
N ILE J 57 56.93 -52.87 -19.83
CA ILE J 57 57.32 -52.82 -21.24
C ILE J 57 58.07 -54.07 -21.65
N GLN J 58 58.73 -54.75 -20.71
CA GLN J 58 59.48 -55.94 -21.06
C GLN J 58 58.56 -57.06 -21.55
N THR J 59 57.32 -57.09 -21.08
CA THR J 59 56.37 -58.12 -21.46
C THR J 59 55.17 -57.54 -22.20
N ALA J 60 55.37 -56.41 -22.88
CA ALA J 60 54.32 -55.75 -23.62
C ALA J 60 54.47 -56.02 -25.12
N GLY J 61 53.34 -56.05 -25.81
CA GLY J 61 53.35 -56.31 -27.24
C GLY J 61 53.56 -55.05 -28.03
N CYS J 62 54.57 -55.06 -28.90
CA CYS J 62 54.90 -53.94 -29.75
C CYS J 62 54.07 -53.88 -31.03
N GLY J 63 52.96 -54.60 -31.07
CA GLY J 63 52.11 -54.63 -32.25
C GLY J 63 51.14 -53.47 -32.32
N SER J 64 49.95 -53.75 -32.87
CA SER J 64 48.94 -52.71 -33.02
C SER J 64 48.42 -52.24 -31.66
N THR J 65 48.26 -53.17 -30.71
CA THR J 65 47.80 -52.83 -29.38
C THR J 65 49.01 -52.65 -28.46
N PHE J 66 49.19 -51.44 -27.97
CA PHE J 66 50.31 -51.17 -27.10
C PHE J 66 49.91 -50.44 -25.81
N PHE J 67 48.93 -49.55 -25.88
CA PHE J 67 48.60 -48.76 -24.70
C PHE J 67 47.67 -49.49 -23.74
N ARG J 68 46.58 -50.07 -24.25
CA ARG J 68 45.73 -50.89 -23.39
C ARG J 68 46.49 -52.09 -22.86
N ASP J 69 47.47 -52.59 -23.62
CA ASP J 69 48.30 -53.68 -23.14
C ASP J 69 49.12 -53.24 -21.93
N LEU J 70 49.68 -52.03 -21.98
CA LEU J 70 50.43 -51.53 -20.84
C LEU J 70 49.53 -51.28 -19.64
N GLY J 71 48.30 -50.86 -19.87
CA GLY J 71 47.36 -50.61 -18.80
C GLY J 71 47.73 -49.40 -17.97
N ASP J 72 48.18 -49.63 -16.74
CA ASP J 72 48.52 -48.54 -15.83
C ASP J 72 50.00 -48.47 -15.52
N LYS J 73 50.76 -49.55 -15.77
CA LYS J 73 52.19 -49.57 -15.46
C LYS J 73 52.98 -48.95 -16.61
N GLY J 74 52.88 -47.62 -16.70
CA GLY J 74 53.60 -46.86 -17.70
C GLY J 74 53.89 -45.48 -17.19
N LEU J 75 54.77 -44.78 -17.90
CA LEU J 75 55.21 -43.46 -17.49
C LEU J 75 55.32 -42.54 -18.70
N ILE J 76 54.70 -41.37 -18.59
CA ILE J 76 54.65 -40.39 -19.68
C ILE J 76 54.77 -39.01 -19.06
N SER J 77 55.74 -38.22 -19.53
CA SER J 77 55.93 -36.88 -19.03
C SER J 77 55.17 -35.89 -19.92
N TYR J 78 55.40 -34.60 -19.70
CA TYR J 78 54.68 -33.58 -20.46
C TYR J 78 55.14 -33.54 -21.91
N THR J 79 56.44 -33.66 -22.14
CA THR J 79 56.97 -33.58 -23.49
C THR J 79 56.44 -34.71 -24.36
N GLU J 80 56.48 -35.94 -23.84
CA GLU J 80 55.93 -37.05 -24.60
C GLU J 80 54.43 -36.91 -24.77
N TYR J 81 53.74 -36.30 -23.80
CA TYR J 81 52.32 -36.04 -23.96
C TYR J 81 52.06 -35.15 -25.16
N LEU J 82 52.80 -34.05 -25.27
CA LEU J 82 52.61 -33.16 -26.41
C LEU J 82 52.99 -33.83 -27.72
N PHE J 83 54.07 -34.61 -27.69
CA PHE J 83 54.50 -35.30 -28.91
C PHE J 83 53.43 -36.26 -29.40
N LEU J 84 52.90 -37.08 -28.51
CA LEU J 84 51.84 -38.01 -28.89
C LEU J 84 50.59 -37.26 -29.32
N LEU J 85 50.30 -36.13 -28.68
CA LEU J 85 49.12 -35.37 -29.05
C LEU J 85 49.24 -34.81 -30.46
N THR J 86 50.45 -34.41 -30.87
CA THR J 86 50.63 -34.02 -32.26
C THR J 86 50.56 -35.21 -33.20
N ILE J 87 51.01 -36.37 -32.75
CA ILE J 87 50.93 -37.57 -33.58
C ILE J 87 49.47 -37.93 -33.87
N LEU J 88 48.59 -37.74 -32.88
CA LEU J 88 47.19 -38.11 -33.05
C LEU J 88 46.56 -37.50 -34.30
N THR J 89 46.87 -36.24 -34.59
CA THR J 89 46.21 -35.52 -35.67
C THR J 89 47.13 -35.28 -36.86
N LYS J 90 48.24 -35.97 -36.94
CA LYS J 90 49.15 -35.81 -38.06
C LYS J 90 48.70 -36.67 -39.23
N PRO J 91 48.45 -36.10 -40.40
CA PRO J 91 48.02 -36.90 -41.54
C PRO J 91 49.18 -37.66 -42.15
N HIS J 92 48.84 -38.58 -43.05
CA HIS J 92 49.85 -39.29 -43.81
C HIS J 92 50.60 -38.31 -44.72
N SER J 93 51.67 -38.82 -45.34
CA SER J 93 52.58 -38.04 -46.15
C SER J 93 53.27 -36.94 -45.36
N GLY J 94 53.07 -36.89 -44.05
CA GLY J 94 53.79 -35.98 -43.19
C GLY J 94 54.63 -36.78 -42.23
N PHE J 95 54.50 -38.11 -42.30
CA PHE J 95 55.26 -38.98 -41.42
C PHE J 95 56.76 -38.86 -41.69
N HIS J 96 57.15 -39.01 -42.95
CA HIS J 96 58.57 -38.92 -43.28
C HIS J 96 59.11 -37.53 -43.02
N VAL J 97 58.31 -36.49 -43.29
CA VAL J 97 58.74 -35.13 -43.01
C VAL J 97 58.93 -34.92 -41.52
N ALA J 98 57.99 -35.42 -40.71
CA ALA J 98 58.15 -35.30 -39.26
C ALA J 98 59.36 -36.06 -38.77
N PHE J 99 59.63 -37.22 -39.36
CA PHE J 99 60.80 -37.99 -38.97
C PHE J 99 62.09 -37.23 -39.27
N LYS J 100 62.21 -36.73 -40.50
CA LYS J 100 63.41 -35.97 -40.85
C LYS J 100 63.51 -34.69 -40.03
N MET J 101 62.38 -34.15 -39.59
CA MET J 101 62.42 -32.95 -38.77
C MET J 101 62.96 -33.25 -37.39
N LEU J 102 62.62 -34.41 -36.83
CA LEU J 102 63.08 -34.77 -35.49
C LEU J 102 64.52 -35.11 -35.43
N ASP J 103 65.33 -34.91 -36.46
CA ASP J 103 66.76 -35.18 -36.35
C ASP J 103 67.52 -34.23 -37.26
N THR J 104 68.55 -33.59 -36.71
CA THR J 104 69.58 -32.99 -37.53
C THR J 104 70.39 -34.12 -38.16
N ASP J 105 70.66 -34.01 -39.45
CA ASP J 105 71.03 -35.21 -40.21
C ASP J 105 72.38 -35.77 -39.81
N GLY J 106 73.03 -35.29 -38.76
CA GLY J 106 74.19 -35.99 -38.22
C GLY J 106 73.91 -37.41 -37.82
N ASN J 107 72.64 -37.76 -37.59
CA ASN J 107 72.23 -39.13 -37.36
C ASN J 107 71.06 -39.44 -38.29
N GLU J 108 71.25 -40.44 -39.17
CA GLU J 108 70.15 -40.83 -40.05
C GLU J 108 69.05 -41.52 -39.26
N MET J 109 69.38 -42.17 -38.17
CA MET J 109 68.39 -42.64 -37.22
C MET J 109 68.19 -41.54 -36.16
N ILE J 110 67.44 -41.86 -35.12
CA ILE J 110 67.19 -40.94 -34.01
C ILE J 110 67.79 -41.55 -32.76
N GLU J 111 68.82 -40.92 -32.22
CA GLU J 111 69.29 -41.23 -30.89
C GLU J 111 68.53 -40.37 -29.88
N LYS J 112 68.68 -40.69 -28.60
CA LYS J 112 67.92 -39.98 -27.58
C LYS J 112 68.34 -38.53 -27.45
N ARG J 113 69.41 -38.12 -28.12
CA ARG J 113 69.81 -36.71 -28.07
C ARG J 113 68.79 -35.82 -28.73
N GLU J 114 68.05 -36.33 -29.71
CA GLU J 114 67.06 -35.50 -30.38
C GLU J 114 65.80 -35.33 -29.53
N PHE J 115 65.37 -36.38 -28.85
CA PHE J 115 64.31 -36.20 -27.86
C PHE J 115 64.77 -35.30 -26.73
N PHE J 116 66.06 -35.33 -26.39
CA PHE J 116 66.57 -34.36 -25.43
C PHE J 116 66.47 -32.95 -25.99
N LYS J 117 66.66 -32.79 -27.30
CA LYS J 117 66.47 -31.49 -27.92
C LYS J 117 65.02 -31.04 -27.84
N LEU J 118 64.09 -31.98 -28.01
CA LEU J 118 62.68 -31.65 -27.87
C LEU J 118 62.36 -31.18 -26.44
N GLN J 119 62.86 -31.93 -25.46
CA GLN J 119 62.67 -31.51 -24.07
C GLN J 119 63.33 -30.17 -23.81
N LYS J 120 64.44 -29.88 -24.47
CA LYS J 120 65.10 -28.59 -24.30
C LYS J 120 64.28 -27.47 -24.91
N ILE J 121 63.63 -27.73 -26.04
CA ILE J 121 62.70 -26.75 -26.58
C ILE J 121 61.60 -26.44 -25.57
N ILE J 122 61.03 -27.50 -24.98
CA ILE J 122 59.98 -27.31 -23.99
C ILE J 122 60.48 -26.49 -22.81
N SER J 123 61.66 -26.85 -22.29
CA SER J 123 62.18 -26.17 -21.11
C SER J 123 62.58 -24.74 -21.41
N LYS J 124 63.07 -24.46 -22.62
CA LYS J 124 63.40 -23.09 -22.97
C LYS J 124 62.14 -22.25 -23.10
N GLN J 125 61.09 -22.81 -23.69
CA GLN J 125 59.83 -22.08 -23.75
C GLN J 125 59.24 -21.86 -22.38
N ASP J 126 59.47 -22.80 -21.45
CA ASP J 126 58.92 -22.67 -20.10
C ASP J 126 59.68 -21.63 -19.29
N ASP J 127 61.00 -21.79 -19.18
CA ASP J 127 61.78 -20.96 -18.26
C ASP J 127 61.77 -19.50 -18.68
N LEU J 128 61.77 -19.23 -19.99
CA LEU J 128 61.79 -17.86 -20.49
C LEU J 128 60.38 -17.24 -20.37
N MET J 129 59.94 -17.14 -19.13
CA MET J 129 58.62 -16.58 -18.82
C MET J 129 58.63 -15.06 -18.93
N GLU J 147 68.06 -38.61 -16.62
CA GLU J 147 67.66 -38.50 -15.23
C GLU J 147 66.51 -39.45 -14.91
N ILE J 148 65.38 -39.23 -15.56
CA ILE J 148 64.19 -40.06 -15.39
C ILE J 148 63.82 -40.65 -16.75
N ASN J 149 63.65 -41.97 -16.77
CA ASN J 149 63.31 -42.69 -18.00
C ASN J 149 61.81 -42.88 -18.07
N THR J 150 61.19 -42.36 -19.11
CA THR J 150 59.78 -42.58 -19.32
C THR J 150 59.56 -43.88 -20.07
N THR J 151 58.29 -44.24 -20.26
CA THR J 151 58.00 -45.49 -20.97
C THR J 151 58.27 -45.36 -22.46
N LEU J 152 57.98 -44.19 -23.03
CA LEU J 152 58.12 -44.02 -24.46
C LEU J 152 59.58 -44.07 -24.88
N GLN J 153 60.46 -43.44 -24.11
CA GLN J 153 61.89 -43.55 -24.40
C GLN J 153 62.37 -44.98 -24.27
N MET J 154 61.90 -45.69 -23.25
CA MET J 154 62.25 -47.09 -23.10
C MET J 154 61.73 -47.94 -24.24
N ARG J 155 60.67 -47.50 -24.90
CA ARG J 155 60.17 -48.22 -26.07
C ARG J 155 61.00 -47.93 -27.30
N PHE J 156 61.29 -46.66 -27.56
CA PHE J 156 62.11 -46.31 -28.70
C PHE J 156 63.57 -46.71 -28.49
N PHE J 157 64.14 -46.35 -27.34
CA PHE J 157 65.53 -46.64 -27.03
C PHE J 157 65.60 -47.68 -25.92
N GLY J 158 66.70 -48.42 -25.90
CA GLY J 158 66.85 -49.49 -24.94
C GLY J 158 66.99 -48.97 -23.52
N LYS J 159 66.96 -49.91 -22.58
CA LYS J 159 67.19 -49.57 -21.18
C LYS J 159 68.57 -48.96 -20.97
N ARG J 160 69.56 -49.41 -21.73
CA ARG J 160 70.89 -48.82 -21.63
C ARG J 160 70.89 -47.40 -22.16
N GLY J 161 70.18 -47.14 -23.25
CA GLY J 161 70.10 -45.81 -23.83
C GLY J 161 70.86 -45.63 -25.12
N GLN J 162 71.50 -46.66 -25.65
CA GLN J 162 72.23 -46.58 -26.91
C GLN J 162 71.48 -47.44 -27.93
N ARG J 163 70.52 -46.83 -28.61
CA ARG J 163 69.69 -47.54 -29.57
C ARG J 163 69.29 -46.58 -30.68
N LYS J 164 69.46 -47.01 -31.92
CA LYS J 164 69.08 -46.21 -33.06
C LYS J 164 67.63 -46.50 -33.43
N LEU J 165 66.90 -45.46 -33.80
CA LEU J 165 65.49 -45.57 -34.18
C LEU J 165 65.37 -45.23 -35.65
N HIS J 166 65.03 -46.21 -36.46
CA HIS J 166 64.90 -46.00 -37.89
C HIS J 166 63.53 -45.45 -38.24
N TYR J 167 63.36 -45.10 -39.51
CA TYR J 167 62.13 -44.44 -39.92
C TYR J 167 60.97 -45.42 -40.02
N LYS J 168 61.24 -46.65 -40.43
CA LYS J 168 60.17 -47.64 -40.59
C LYS J 168 59.51 -47.92 -39.25
N GLU J 169 60.31 -48.07 -38.20
CA GLU J 169 59.74 -48.28 -36.87
C GLU J 169 58.93 -47.07 -36.42
N PHE J 170 59.37 -45.88 -36.77
CA PHE J 170 58.63 -44.67 -36.44
C PHE J 170 57.26 -44.67 -37.09
N ARG J 171 57.23 -44.97 -38.39
CA ARG J 171 55.95 -45.02 -39.11
C ARG J 171 55.04 -46.09 -38.55
N ARG J 172 55.61 -47.27 -38.24
CA ARG J 172 54.83 -48.33 -37.64
C ARG J 172 54.20 -47.89 -36.32
N PHE J 173 55.00 -47.23 -35.48
CA PHE J 173 54.50 -46.79 -34.18
C PHE J 173 53.38 -45.78 -34.33
N MET J 174 53.54 -44.81 -35.24
CA MET J 174 52.50 -43.80 -35.40
C MET J 174 51.21 -44.41 -35.95
N GLU J 175 51.32 -45.30 -36.94
CA GLU J 175 50.13 -45.97 -37.45
C GLU J 175 49.45 -46.78 -36.35
N ASN J 176 50.24 -47.46 -35.52
CA ASN J 176 49.66 -48.24 -34.44
C ASN J 176 48.93 -47.37 -33.45
N LEU J 177 49.50 -46.20 -33.11
CA LEU J 177 48.83 -45.31 -32.18
C LEU J 177 47.52 -44.80 -32.74
N GLN J 178 47.52 -44.38 -34.01
CA GLN J 178 46.27 -43.89 -34.60
C GLN J 178 45.21 -44.99 -34.63
N THR J 179 45.58 -46.19 -35.07
CA THR J 179 44.62 -47.28 -35.14
C THR J 179 44.13 -47.67 -33.76
N GLU J 180 45.00 -47.60 -32.75
CA GLU J 180 44.58 -47.90 -31.40
C GLU J 180 43.54 -46.91 -30.92
N ILE J 181 43.73 -45.63 -31.25
CA ILE J 181 42.74 -44.63 -30.86
C ILE J 181 41.42 -44.87 -31.59
N GLN J 182 41.48 -45.22 -32.88
CA GLN J 182 40.23 -45.52 -33.59
C GLN J 182 39.51 -46.71 -32.97
N GLU J 183 40.23 -47.78 -32.64
CA GLU J 183 39.60 -48.92 -31.97
C GLU J 183 38.98 -48.52 -30.65
N MET J 184 39.67 -47.67 -29.90
CA MET J 184 39.15 -47.25 -28.60
C MET J 184 37.85 -46.48 -28.77
N GLU J 185 37.81 -45.55 -29.72
CA GLU J 185 36.59 -44.78 -29.91
C GLU J 185 35.46 -45.65 -30.44
N PHE J 186 35.78 -46.61 -31.32
CA PHE J 186 34.77 -47.52 -31.84
C PHE J 186 34.15 -48.34 -30.72
N LEU J 187 34.98 -48.92 -29.86
CA LEU J 187 34.46 -49.74 -28.77
C LEU J 187 33.77 -48.89 -27.71
N GLN J 188 34.13 -47.61 -27.62
CA GLN J 188 33.45 -46.75 -26.67
C GLN J 188 32.07 -46.33 -27.19
N PHE J 189 31.90 -46.24 -28.50
CA PHE J 189 30.61 -45.86 -29.07
C PHE J 189 29.73 -47.04 -29.43
N SER J 190 30.28 -48.25 -29.51
CA SER J 190 29.51 -49.44 -29.85
C SER J 190 29.10 -50.26 -28.64
N LYS J 191 29.44 -49.81 -27.43
CA LYS J 191 29.08 -50.45 -26.18
C LYS J 191 29.67 -51.85 -26.02
N GLY J 192 30.54 -52.27 -26.94
CA GLY J 192 31.21 -53.55 -26.87
C GLY J 192 30.96 -54.43 -28.09
N LEU J 193 29.82 -54.25 -28.74
CA LEU J 193 29.49 -55.09 -29.89
C LEU J 193 30.40 -54.77 -31.07
N SER J 194 30.46 -55.70 -32.01
CA SER J 194 31.34 -55.58 -33.17
C SER J 194 30.64 -54.95 -34.38
N PHE J 195 29.41 -54.48 -34.22
CA PHE J 195 28.67 -53.85 -35.31
C PHE J 195 27.82 -52.72 -34.72
N MET J 196 28.34 -51.51 -34.77
CA MET J 196 27.60 -50.37 -34.25
C MET J 196 26.46 -49.99 -35.18
N ARG J 197 25.37 -49.49 -34.59
CA ARG J 197 24.22 -49.06 -35.35
C ARG J 197 24.50 -47.74 -36.03
N LYS J 198 23.89 -47.56 -37.20
CA LYS J 198 24.05 -46.31 -37.95
C LYS J 198 23.77 -45.08 -37.09
N GLU J 199 22.92 -45.23 -36.06
CA GLU J 199 22.62 -44.09 -35.20
C GLU J 199 23.83 -43.66 -34.41
N ASP J 200 24.66 -44.61 -33.99
CA ASP J 200 25.87 -44.26 -33.26
C ASP J 200 26.85 -43.51 -34.13
N PHE J 201 27.02 -43.93 -35.38
CA PHE J 201 27.85 -43.19 -36.31
C PHE J 201 27.28 -41.80 -36.58
N ALA J 202 25.95 -41.71 -36.65
CA ALA J 202 25.31 -40.42 -36.87
C ALA J 202 25.59 -39.46 -35.73
N GLU J 203 25.43 -39.93 -34.49
CA GLU J 203 25.67 -39.05 -33.35
C GLU J 203 27.14 -38.74 -33.18
N TRP J 204 28.02 -39.69 -33.52
CA TRP J 204 29.45 -39.42 -33.47
C TRP J 204 29.83 -38.31 -34.45
N LEU J 205 29.24 -38.35 -35.66
CA LEU J 205 29.47 -37.26 -36.60
C LEU J 205 28.90 -35.94 -36.09
N LEU J 206 27.65 -35.96 -35.64
CA LEU J 206 26.98 -34.74 -35.21
C LEU J 206 27.59 -34.15 -33.94
N PHE J 207 28.41 -34.91 -33.22
CA PHE J 207 29.01 -34.37 -32.00
C PHE J 207 29.82 -33.11 -32.27
N PHE J 208 30.79 -33.20 -33.18
CA PHE J 208 31.73 -32.10 -33.39
C PHE J 208 31.32 -31.14 -34.49
N THR J 209 30.20 -31.38 -35.17
CA THR J 209 29.71 -30.40 -36.14
C THR J 209 29.36 -29.10 -35.45
N ASN J 210 29.73 -27.98 -36.08
CA ASN J 210 29.55 -26.66 -35.47
C ASN J 210 28.23 -26.03 -35.91
N THR J 211 27.15 -26.65 -35.45
CA THR J 211 25.81 -26.15 -35.68
C THR J 211 25.09 -26.00 -34.35
N GLU J 212 24.00 -25.22 -34.36
CA GLU J 212 23.25 -24.94 -33.16
C GLU J 212 21.94 -25.71 -33.07
N ASN J 213 21.47 -26.30 -34.17
CA ASN J 213 20.20 -27.01 -34.19
C ASN J 213 20.39 -28.34 -34.93
N LYS J 214 20.64 -29.40 -34.17
CA LYS J 214 20.71 -30.73 -34.73
C LYS J 214 19.34 -31.30 -35.08
N ASP J 215 18.29 -30.52 -34.85
CA ASP J 215 16.93 -31.01 -35.03
C ASP J 215 16.68 -31.48 -36.46
N ILE J 216 17.20 -30.74 -37.43
CA ILE J 216 16.99 -31.13 -38.82
C ILE J 216 17.70 -32.44 -39.14
N TYR J 217 18.91 -32.61 -38.61
CA TYR J 217 19.64 -33.85 -38.84
C TYR J 217 18.99 -35.02 -38.13
N TRP J 218 18.44 -34.79 -36.94
CA TRP J 218 17.73 -35.85 -36.24
C TRP J 218 16.44 -36.21 -36.97
N LYS J 219 15.76 -35.22 -37.54
CA LYS J 219 14.61 -35.51 -38.38
C LYS J 219 15.02 -36.33 -39.60
N ASN J 220 16.15 -36.01 -40.20
CA ASN J 220 16.62 -36.74 -41.36
C ASN J 220 16.93 -38.20 -41.01
N VAL J 221 17.62 -38.42 -39.89
CA VAL J 221 17.96 -39.79 -39.52
C VAL J 221 16.73 -40.54 -39.04
N ARG J 222 15.72 -39.84 -38.55
CA ARG J 222 14.48 -40.49 -38.16
C ARG J 222 13.68 -40.91 -39.40
N GLU J 223 13.64 -40.05 -40.41
CA GLU J 223 12.84 -40.30 -41.60
C GLU J 223 13.60 -41.10 -42.64
N LYS J 224 14.73 -40.58 -43.12
CA LYS J 224 15.38 -41.17 -44.28
C LYS J 224 16.16 -42.44 -43.92
N LEU J 225 16.84 -42.44 -42.79
CA LEU J 225 17.70 -43.58 -42.47
C LEU J 225 16.85 -44.76 -42.03
N SER J 226 17.31 -45.96 -42.40
CA SER J 226 16.58 -47.18 -42.06
C SER J 226 16.55 -47.38 -40.56
N ALA J 227 15.60 -48.22 -40.12
CA ALA J 227 15.47 -48.50 -38.70
C ALA J 227 16.64 -49.31 -38.17
N GLY J 228 17.13 -50.27 -38.95
CA GLY J 228 18.24 -51.08 -38.52
C GLY J 228 19.30 -51.30 -39.58
N GLU J 229 20.54 -50.89 -39.28
CA GLU J 229 21.66 -51.10 -40.18
C GLU J 229 22.94 -50.91 -39.39
N SER J 230 23.98 -51.63 -39.80
CA SER J 230 25.21 -51.73 -39.02
C SER J 230 26.40 -51.17 -39.80
N ILE J 231 27.49 -50.95 -39.07
CA ILE J 231 28.75 -50.48 -39.62
C ILE J 231 29.87 -51.31 -39.03
N SER J 232 30.78 -51.78 -39.88
CA SER J 232 31.89 -52.61 -39.44
C SER J 232 32.96 -51.74 -38.81
N LEU J 233 34.14 -52.31 -38.58
CA LEU J 233 35.25 -51.59 -37.97
C LEU J 233 36.17 -50.97 -39.01
N ASP J 234 36.50 -51.73 -40.06
CA ASP J 234 37.38 -51.21 -41.10
C ASP J 234 36.77 -49.98 -41.76
N GLU J 235 35.45 -49.99 -41.94
CA GLU J 235 34.77 -48.84 -42.52
C GLU J 235 34.91 -47.61 -41.63
N PHE J 236 34.76 -47.79 -40.32
CA PHE J 236 34.94 -46.68 -39.40
C PHE J 236 36.37 -46.15 -39.44
N LYS J 237 37.35 -47.05 -39.50
CA LYS J 237 38.74 -46.59 -39.58
C LYS J 237 39.01 -45.83 -40.87
N SER J 238 38.46 -46.30 -41.99
CA SER J 238 38.63 -45.60 -43.25
C SER J 238 38.00 -44.22 -43.20
N PHE J 239 36.82 -44.11 -42.59
CA PHE J 239 36.19 -42.79 -42.49
C PHE J 239 36.99 -41.87 -41.59
N CYS J 240 37.58 -42.41 -40.52
CA CYS J 240 38.41 -41.57 -39.66
C CYS J 240 39.64 -41.06 -40.41
N HIS J 241 40.27 -41.92 -41.21
CA HIS J 241 41.42 -41.45 -41.99
C HIS J 241 41.02 -40.41 -43.01
N PHE J 242 39.84 -40.55 -43.62
CA PHE J 242 39.35 -39.49 -44.49
C PHE J 242 39.14 -38.21 -43.69
N THR J 243 38.61 -38.31 -42.47
CA THR J 243 38.39 -37.12 -41.68
C THR J 243 39.71 -36.43 -41.37
N THR J 244 40.77 -37.21 -41.16
CA THR J 244 42.04 -36.59 -40.84
C THR J 244 42.76 -36.08 -42.07
N HIS J 245 42.35 -36.48 -43.28
CA HIS J 245 42.90 -35.90 -44.51
C HIS J 245 41.94 -34.90 -45.14
N LEU J 246 40.90 -34.49 -44.39
CA LEU J 246 39.89 -33.58 -44.92
C LEU J 246 40.47 -32.32 -45.55
N GLU J 247 41.62 -31.83 -45.06
CA GLU J 247 42.14 -30.58 -45.61
C GLU J 247 42.62 -30.77 -47.05
N ASP J 248 43.40 -31.82 -47.28
CA ASP J 248 43.82 -32.12 -48.64
C ASP J 248 42.62 -32.44 -49.52
N PHE J 249 41.63 -33.14 -48.95
CA PHE J 249 40.42 -33.44 -49.70
C PHE J 249 39.70 -32.17 -50.14
N ALA J 250 39.61 -31.18 -49.25
CA ALA J 250 38.95 -29.93 -49.62
C ALA J 250 39.77 -29.13 -50.61
N ILE J 251 41.09 -29.18 -50.51
CA ILE J 251 41.93 -28.51 -51.51
C ILE J 251 41.68 -29.12 -52.87
N ALA J 252 41.54 -30.45 -52.93
CA ALA J 252 41.26 -31.10 -54.21
C ALA J 252 39.86 -30.79 -54.71
N MET J 253 38.91 -30.60 -53.79
CA MET J 253 37.53 -30.37 -54.16
C MET J 253 37.20 -28.89 -54.44
N GLN J 254 38.12 -27.98 -54.12
CA GLN J 254 37.83 -26.56 -54.36
C GLN J 254 37.62 -26.28 -55.84
N MET J 255 38.31 -26.98 -56.73
CA MET J 255 38.07 -26.79 -58.15
C MET J 255 36.64 -27.15 -58.51
N PHE J 256 36.11 -28.20 -57.90
CA PHE J 256 34.74 -28.62 -58.17
C PHE J 256 33.73 -27.71 -57.50
N SER J 257 34.11 -27.10 -56.37
CA SER J 257 33.21 -26.17 -55.70
C SER J 257 33.00 -24.91 -56.52
N LEU J 258 34.02 -24.49 -57.28
CA LEU J 258 33.83 -23.44 -58.26
C LEU J 258 32.73 -23.85 -59.24
N ALA J 259 31.97 -22.84 -59.69
CA ALA J 259 30.72 -22.96 -60.42
C ALA J 259 29.59 -23.48 -59.54
N HIS J 260 29.87 -23.80 -58.28
CA HIS J 260 28.84 -24.18 -57.31
C HIS J 260 28.06 -25.40 -57.79
N ARG J 261 28.79 -26.46 -58.11
CA ARG J 261 28.20 -27.68 -58.62
C ARG J 261 28.12 -28.71 -57.51
N PRO J 262 26.93 -29.06 -57.04
CA PRO J 262 26.83 -30.13 -56.03
C PRO J 262 27.31 -31.46 -56.59
N VAL J 263 28.04 -32.19 -55.77
CA VAL J 263 28.67 -33.44 -56.18
C VAL J 263 27.79 -34.62 -55.80
N ARG J 264 27.68 -35.59 -56.71
CA ARG J 264 26.87 -36.78 -56.47
C ARG J 264 27.66 -37.77 -55.62
N LEU J 265 27.16 -39.00 -55.51
CA LEU J 265 27.80 -39.97 -54.63
C LEU J 265 28.98 -40.65 -55.32
N ALA J 266 28.82 -41.03 -56.58
CA ALA J 266 29.90 -41.72 -57.28
C ALA J 266 31.14 -40.84 -57.41
N GLU J 267 30.94 -39.56 -57.78
CA GLU J 267 32.07 -38.66 -57.87
C GLU J 267 32.68 -38.37 -56.51
N PHE J 268 31.85 -38.31 -55.46
CA PHE J 268 32.37 -38.15 -54.12
C PHE J 268 33.29 -39.31 -53.74
N LYS J 269 32.85 -40.53 -54.03
CA LYS J 269 33.66 -41.70 -53.70
C LYS J 269 34.95 -41.72 -54.50
N ARG J 270 34.87 -41.46 -55.81
CA ARG J 270 36.08 -41.42 -56.62
C ARG J 270 37.04 -40.36 -56.12
N ALA J 271 36.53 -39.19 -55.75
CA ALA J 271 37.39 -38.10 -55.32
C ALA J 271 38.07 -38.40 -54.00
N VAL J 272 37.32 -38.94 -53.03
CA VAL J 272 37.94 -39.26 -51.75
C VAL J 272 38.97 -40.38 -51.93
N LYS J 273 38.69 -41.33 -52.82
CA LYS J 273 39.67 -42.39 -53.09
C LYS J 273 40.94 -41.82 -53.71
N VAL J 274 40.79 -40.88 -54.64
CA VAL J 274 41.97 -40.38 -55.33
C VAL J 274 42.75 -39.35 -54.52
N ALA J 275 42.10 -38.67 -53.58
CA ALA J 275 42.78 -37.63 -52.82
C ALA J 275 43.26 -38.08 -51.45
N THR J 276 42.66 -39.12 -50.87
CA THR J 276 43.06 -39.59 -49.55
C THR J 276 43.49 -41.04 -49.51
N GLY J 277 43.33 -41.79 -50.60
CA GLY J 277 43.69 -43.18 -50.62
C GLY J 277 42.85 -44.08 -49.74
N GLN J 278 41.81 -43.55 -49.12
CA GLN J 278 40.92 -44.32 -48.24
C GLN J 278 39.59 -44.51 -48.97
N GLU J 279 39.44 -45.63 -49.66
CA GLU J 279 38.18 -45.93 -50.31
C GLU J 279 37.09 -46.22 -49.29
N LEU J 280 35.94 -45.58 -49.44
CA LEU J 280 34.83 -45.74 -48.52
C LEU J 280 33.79 -46.70 -49.10
N SER J 281 32.99 -47.28 -48.21
CA SER J 281 31.93 -48.16 -48.62
C SER J 281 30.70 -47.35 -49.03
N ASN J 282 29.75 -48.03 -49.65
CA ASN J 282 28.49 -47.39 -50.00
C ASN J 282 27.62 -47.13 -48.78
N ASN J 283 27.80 -47.90 -47.70
CA ASN J 283 26.97 -47.72 -46.51
C ASN J 283 27.26 -46.39 -45.84
N ILE J 284 28.54 -46.09 -45.61
CA ILE J 284 28.89 -44.85 -44.93
C ILE J 284 28.51 -43.65 -45.76
N LEU J 285 28.73 -43.71 -47.07
CA LEU J 285 28.39 -42.58 -47.93
C LEU J 285 26.88 -42.38 -48.00
N ASP J 286 26.13 -43.48 -48.15
CA ASP J 286 24.67 -43.40 -48.09
C ASP J 286 24.23 -42.75 -46.80
N THR J 287 24.82 -43.16 -45.67
CA THR J 287 24.42 -42.63 -44.38
C THR J 287 24.73 -41.14 -44.26
N VAL J 288 25.93 -40.74 -44.69
CA VAL J 288 26.32 -39.35 -44.53
C VAL J 288 25.52 -38.45 -45.47
N PHE J 289 25.05 -38.99 -46.58
CA PHE J 289 24.15 -38.22 -47.43
C PHE J 289 22.72 -38.23 -46.93
N LYS J 290 22.33 -39.24 -46.16
CA LYS J 290 21.00 -39.21 -45.55
C LYS J 290 20.95 -38.25 -44.37
N ILE J 291 22.07 -38.07 -43.68
CA ILE J 291 22.09 -37.13 -42.57
C ILE J 291 22.32 -35.70 -43.05
N PHE J 292 23.13 -35.50 -44.09
CA PHE J 292 23.58 -34.14 -44.40
C PHE J 292 22.87 -33.50 -45.57
N ASP J 293 22.04 -34.22 -46.31
CA ASP J 293 21.36 -33.62 -47.45
C ASP J 293 20.15 -32.85 -46.95
N LEU J 294 20.37 -31.56 -46.66
CA LEU J 294 19.27 -30.72 -46.20
C LEU J 294 18.24 -30.49 -47.29
N ASP J 295 18.68 -30.40 -48.54
CA ASP J 295 17.78 -30.15 -49.65
C ASP J 295 17.08 -31.45 -50.05
N GLY J 296 16.31 -31.41 -51.12
CA GLY J 296 15.56 -32.57 -51.55
C GLY J 296 16.26 -33.40 -52.59
N ASP J 297 17.28 -32.84 -53.22
CA ASP J 297 18.02 -33.57 -54.23
C ASP J 297 18.75 -34.75 -53.61
N GLU J 298 19.13 -35.70 -54.47
CA GLU J 298 19.81 -36.91 -53.99
C GLU J 298 21.21 -36.62 -53.48
N CYS J 299 21.79 -35.49 -53.85
CA CYS J 299 23.13 -35.11 -53.41
C CYS J 299 23.16 -33.61 -53.21
N LEU J 300 23.94 -33.17 -52.23
CA LEU J 300 24.00 -31.76 -51.89
C LEU J 300 25.43 -31.26 -52.03
N SER J 301 25.58 -29.95 -52.12
CA SER J 301 26.85 -29.34 -52.45
C SER J 301 27.84 -29.50 -51.30
N HIS J 302 29.04 -28.96 -51.52
CA HIS J 302 30.08 -29.04 -50.50
C HIS J 302 29.76 -28.17 -49.30
N GLU J 303 28.82 -27.23 -49.45
CA GLU J 303 28.59 -26.21 -48.42
C GLU J 303 28.41 -26.84 -47.05
N GLU J 304 27.33 -27.61 -46.87
CA GLU J 304 27.01 -28.10 -45.54
C GLU J 304 28.11 -29.02 -45.01
N PHE J 305 28.55 -29.98 -45.83
CA PHE J 305 29.47 -30.98 -45.32
C PHE J 305 30.82 -30.36 -44.95
N LEU J 306 31.36 -29.53 -45.84
CA LEU J 306 32.67 -28.95 -45.59
C LEU J 306 32.61 -27.87 -44.51
N GLY J 307 31.77 -26.85 -44.71
CA GLY J 307 31.73 -25.76 -43.75
C GLY J 307 31.29 -26.21 -42.37
N VAL J 308 30.36 -27.15 -42.30
CA VAL J 308 29.90 -27.63 -41.00
C VAL J 308 30.94 -28.53 -40.34
N LEU J 309 31.45 -29.51 -41.10
CA LEU J 309 32.52 -30.36 -40.59
C LEU J 309 33.86 -29.66 -40.83
N LYS J 310 34.10 -28.64 -40.01
CA LYS J 310 35.25 -27.76 -40.18
C LYS J 310 36.28 -27.89 -39.08
N ASN J 311 35.86 -28.21 -37.85
CA ASN J 311 36.79 -28.15 -36.72
C ASN J 311 37.84 -29.24 -36.79
N ARG J 312 37.40 -30.52 -36.78
CA ARG J 312 38.26 -31.70 -36.72
C ARG J 312 39.01 -31.77 -35.40
N MET J 313 38.79 -30.83 -34.49
CA MET J 313 39.43 -30.77 -33.18
C MET J 313 38.72 -31.65 -32.16
N HIS J 314 37.87 -32.55 -32.64
CA HIS J 314 37.13 -33.49 -31.80
C HIS J 314 38.06 -34.43 -31.04
N ARG J 315 37.48 -35.32 -30.23
CA ARG J 315 38.25 -36.33 -29.51
C ARG J 315 39.24 -35.66 -28.54
N GLY J 316 38.68 -34.99 -27.55
CA GLY J 316 39.51 -34.25 -26.62
C GLY J 316 40.09 -33.03 -27.31
N LEU J 317 41.41 -32.88 -27.21
CA LEU J 317 42.13 -31.83 -27.92
C LEU J 317 41.53 -30.46 -27.63
N TRP J 318 41.13 -30.26 -26.37
CA TRP J 318 40.42 -29.04 -26.01
C TRP J 318 41.29 -27.81 -26.22
N VAL J 319 40.70 -26.78 -26.82
CA VAL J 319 41.35 -25.50 -27.02
C VAL J 319 40.61 -24.47 -26.17
N PRO J 320 40.78 -24.50 -24.86
CA PRO J 320 39.96 -23.65 -23.98
C PRO J 320 40.62 -22.29 -23.74
N GLN J 321 40.65 -21.46 -24.77
CA GLN J 321 41.11 -20.08 -24.60
C GLN J 321 39.94 -19.18 -24.21
N HIS J 322 39.17 -19.64 -23.23
CA HIS J 322 37.95 -18.99 -22.75
C HIS J 322 37.17 -18.35 -23.89
N GLN J 323 36.96 -19.14 -24.94
CA GLN J 323 36.35 -18.65 -26.18
C GLN J 323 34.84 -18.50 -26.08
N SER J 324 34.25 -18.65 -24.90
CA SER J 324 32.81 -18.49 -24.74
C SER J 324 32.38 -17.06 -25.05
N ILE J 325 32.93 -16.10 -24.30
CA ILE J 325 32.50 -14.71 -24.46
C ILE J 325 33.02 -14.13 -25.77
N GLN J 326 34.22 -14.51 -26.19
CA GLN J 326 34.70 -14.08 -27.49
C GLN J 326 33.85 -14.65 -28.61
N GLU J 327 33.35 -15.88 -28.45
CA GLU J 327 32.46 -16.46 -29.45
C GLU J 327 31.13 -15.72 -29.49
N TYR J 328 30.58 -15.39 -28.32
CA TYR J 328 29.33 -14.64 -28.29
C TYR J 328 29.49 -13.27 -28.92
N TRP J 329 30.62 -12.60 -28.64
CA TRP J 329 30.88 -11.29 -29.24
C TRP J 329 31.02 -11.39 -30.75
N LYS J 330 31.76 -12.39 -31.23
CA LYS J 330 31.92 -12.56 -32.67
C LYS J 330 30.60 -12.93 -33.34
N CYS J 331 29.73 -13.64 -32.63
CA CYS J 331 28.40 -13.92 -33.13
C CYS J 331 27.59 -12.64 -33.27
N VAL J 332 27.57 -11.82 -32.22
CA VAL J 332 26.84 -10.57 -32.26
C VAL J 332 27.37 -9.66 -33.37
N LYS J 333 28.68 -9.75 -33.66
CA LYS J 333 29.27 -8.89 -34.69
C LYS J 333 28.99 -9.40 -36.10
N LYS J 334 29.46 -10.62 -36.41
CA LYS J 334 29.49 -11.14 -37.77
C LYS J 334 28.15 -11.68 -38.25
N GLU J 335 27.15 -11.79 -37.38
CA GLU J 335 25.92 -12.52 -37.71
C GLU J 335 25.30 -12.08 -39.03
N SER J 336 25.47 -10.81 -39.41
CA SER J 336 24.99 -10.34 -40.69
C SER J 336 25.80 -10.93 -41.84
N ASP K 1 -48.29 57.98 39.77
CA ASP K 1 -47.61 57.22 38.72
C ASP K 1 -46.37 56.51 39.25
N ASP K 2 -46.57 55.29 39.75
CA ASP K 2 -45.47 54.52 40.31
C ASP K 2 -45.75 53.04 40.07
N VAL K 3 -44.81 52.20 40.50
CA VAL K 3 -44.93 50.77 40.30
C VAL K 3 -46.00 50.21 41.23
N THR K 4 -46.91 49.41 40.68
CA THR K 4 -48.00 48.84 41.46
C THR K 4 -47.93 47.32 41.44
N VAL K 5 -48.09 46.71 42.61
CA VAL K 5 -48.11 45.25 42.75
C VAL K 5 -49.52 44.85 43.16
N VAL K 6 -50.16 44.00 42.34
CA VAL K 6 -51.53 43.58 42.57
C VAL K 6 -51.61 42.08 42.36
N TYR K 7 -52.22 41.38 43.31
CA TYR K 7 -52.36 39.93 43.19
C TYR K 7 -53.58 39.59 42.36
N GLN K 8 -53.36 38.88 41.25
CA GLN K 8 -54.43 38.43 40.37
C GLN K 8 -54.21 36.96 40.06
N ASN K 9 -55.28 36.17 40.20
CA ASN K 9 -55.26 34.75 39.88
C ASN K 9 -54.22 34.00 40.70
N GLY K 10 -53.96 34.45 41.92
CA GLY K 10 -52.97 33.83 42.76
C GLY K 10 -51.54 34.21 42.45
N LEU K 11 -51.31 35.04 41.44
CA LEU K 11 -49.97 35.44 41.06
C LEU K 11 -49.81 36.95 41.16
N PRO K 12 -48.65 37.44 41.56
CA PRO K 12 -48.43 38.89 41.59
C PRO K 12 -48.27 39.45 40.19
N VAL K 13 -48.73 40.68 40.02
CA VAL K 13 -48.61 41.42 38.77
C VAL K 13 -48.00 42.78 39.10
N ILE K 14 -46.88 43.09 38.46
CA ILE K 14 -46.17 44.35 38.67
C ILE K 14 -46.38 45.22 37.45
N SER K 15 -46.96 46.39 37.64
CA SER K 15 -47.14 47.36 36.57
C SER K 15 -46.11 48.46 36.75
N VAL K 16 -45.24 48.61 35.75
CA VAL K 16 -44.17 49.61 35.76
C VAL K 16 -44.36 50.53 34.57
N ARG K 17 -43.52 51.56 34.47
CA ARG K 17 -43.59 52.54 33.39
C ARG K 17 -42.27 52.47 32.62
N LEU K 18 -42.33 52.01 31.37
CA LEU K 18 -41.10 51.84 30.62
C LEU K 18 -40.67 53.15 29.99
N PRO K 19 -39.39 53.48 30.01
CA PRO K 19 -38.96 54.84 29.69
C PRO K 19 -38.93 55.17 28.20
N SER K 20 -38.57 54.21 27.35
CA SER K 20 -38.35 54.51 25.94
C SER K 20 -39.62 55.05 25.29
N ARG K 21 -40.66 54.25 25.26
CA ARG K 21 -42.00 54.69 24.88
C ARG K 21 -42.80 54.75 26.17
N ARG K 22 -43.17 55.95 26.59
CA ARG K 22 -43.66 56.16 27.96
C ARG K 22 -45.03 55.51 28.08
N GLU K 23 -45.02 54.21 28.31
CA GLU K 23 -46.24 53.44 28.50
C GLU K 23 -46.01 52.44 29.62
N ARG K 24 -47.12 51.97 30.18
CA ARG K 24 -47.07 51.03 31.29
C ARG K 24 -46.98 49.60 30.77
N CYS K 25 -46.40 48.74 31.61
CA CYS K 25 -46.22 47.34 31.28
C CYS K 25 -46.54 46.48 32.49
N GLN K 26 -47.29 45.40 32.26
CA GLN K 26 -47.68 44.46 33.29
C GLN K 26 -46.84 43.20 33.18
N PHE K 27 -46.15 42.84 34.26
CA PHE K 27 -45.33 41.65 34.33
C PHE K 27 -45.95 40.70 35.35
N THR K 28 -46.36 39.53 34.89
CA THR K 28 -46.96 38.51 35.76
C THR K 28 -45.85 37.61 36.27
N LEU K 29 -45.53 37.74 37.55
CA LEU K 29 -44.44 36.99 38.16
C LEU K 29 -44.96 35.69 38.75
N LYS K 30 -44.07 34.70 38.81
CA LYS K 30 -44.35 33.41 39.44
C LYS K 30 -43.43 33.26 40.63
N PRO K 31 -43.88 33.60 41.84
CA PRO K 31 -42.96 33.71 42.97
C PRO K 31 -42.34 32.40 43.41
N ILE K 32 -42.85 31.26 42.94
CA ILE K 32 -42.29 30.00 43.42
C ILE K 32 -41.04 29.59 42.65
N SER K 33 -40.90 30.04 41.40
CA SER K 33 -39.78 29.62 40.57
C SER K 33 -39.16 30.77 39.79
N ASP K 34 -39.14 31.96 40.38
CA ASP K 34 -38.53 33.11 39.73
C ASP K 34 -37.57 33.79 40.69
N SER K 35 -36.51 34.35 40.12
CA SER K 35 -35.53 35.13 40.85
C SER K 35 -35.63 36.60 40.43
N VAL K 36 -34.86 37.44 41.10
CA VAL K 36 -34.80 38.84 40.71
C VAL K 36 -34.13 38.98 39.36
N GLY K 37 -33.14 38.13 39.07
CA GLY K 37 -32.48 38.17 37.78
C GLY K 37 -33.44 37.95 36.63
N VAL K 38 -34.38 37.02 36.80
CA VAL K 38 -35.34 36.75 35.72
C VAL K 38 -36.26 37.94 35.51
N PHE K 39 -36.71 38.56 36.61
CA PHE K 39 -37.57 39.73 36.47
C PHE K 39 -36.84 40.87 35.77
N LEU K 40 -35.59 41.12 36.15
CA LEU K 40 -34.83 42.18 35.48
C LEU K 40 -34.54 41.84 34.03
N ARG K 41 -34.35 40.56 33.72
CA ARG K 41 -34.13 40.17 32.33
C ARG K 41 -35.37 40.42 31.48
N GLN K 42 -36.56 40.07 32.01
CA GLN K 42 -37.79 40.40 31.29
C GLN K 42 -37.97 41.89 31.16
N LEU K 43 -37.60 42.64 32.20
CA LEU K 43 -37.76 44.09 32.16
C LEU K 43 -36.86 44.72 31.10
N GLN K 44 -35.66 44.16 30.92
CA GLN K 44 -34.77 44.68 29.88
C GLN K 44 -35.18 44.21 28.49
N GLU K 45 -35.76 43.01 28.38
CA GLU K 45 -36.19 42.52 27.08
C GLU K 45 -37.41 43.29 26.57
N GLU K 46 -38.29 43.72 27.48
CA GLU K 46 -39.50 44.41 27.03
C GLU K 46 -39.23 45.82 26.53
N ASP K 47 -38.09 46.40 26.89
CA ASP K 47 -37.78 47.77 26.46
C ASP K 47 -36.56 47.85 25.56
N ARG K 48 -35.46 47.19 25.94
CA ARG K 48 -34.18 47.20 25.24
C ARG K 48 -33.48 48.55 25.32
N GLY K 49 -34.13 49.56 25.89
CA GLY K 49 -33.50 50.83 26.16
C GLY K 49 -33.13 51.02 27.60
N ILE K 50 -33.41 50.04 28.44
CA ILE K 50 -33.04 50.07 29.85
C ILE K 50 -31.66 49.45 29.98
N ASP K 51 -30.65 50.29 30.20
CA ASP K 51 -29.27 49.80 30.23
C ASP K 51 -28.77 49.50 31.63
N ARG K 52 -29.43 50.00 32.67
CA ARG K 52 -28.97 49.73 34.04
C ARG K 52 -30.20 49.72 34.95
N VAL K 53 -30.75 48.53 35.17
CA VAL K 53 -31.89 48.33 36.05
C VAL K 53 -31.42 47.55 37.27
N ALA K 54 -31.93 47.91 38.44
CA ALA K 54 -31.52 47.25 39.67
C ALA K 54 -32.64 47.31 40.69
N ILE K 55 -32.53 46.47 41.71
CA ILE K 55 -33.51 46.42 42.81
C ILE K 55 -32.77 46.62 44.11
N TYR K 56 -33.21 47.60 44.90
CA TYR K 56 -32.51 48.00 46.11
C TYR K 56 -33.39 47.74 47.33
N SER K 57 -32.76 47.32 48.42
CA SER K 57 -33.44 47.23 49.70
C SER K 57 -33.75 48.63 50.20
N PRO K 58 -34.79 48.78 51.03
CA PRO K 58 -35.13 50.12 51.54
C PRO K 58 -34.00 50.79 52.30
N ASP K 59 -33.03 50.04 52.82
CA ASP K 59 -31.90 50.65 53.49
C ASP K 59 -30.85 51.17 52.52
N GLY K 60 -30.90 50.73 51.27
CA GLY K 60 -29.94 51.17 50.26
C GLY K 60 -29.04 50.09 49.72
N VAL K 61 -28.98 48.92 50.35
CA VAL K 61 -28.13 47.85 49.87
C VAL K 61 -28.81 47.16 48.70
N ARG K 62 -28.02 46.74 47.71
CA ARG K 62 -28.58 46.08 46.55
C ARG K 62 -29.07 44.69 46.93
N VAL K 63 -29.83 44.09 46.02
CA VAL K 63 -30.35 42.74 46.18
C VAL K 63 -29.81 41.90 45.04
N ALA K 64 -29.13 40.81 45.37
CA ALA K 64 -28.51 39.98 44.35
C ALA K 64 -29.55 39.40 43.40
N ALA K 65 -29.12 39.14 42.17
CA ALA K 65 -30.01 38.60 41.15
C ALA K 65 -30.39 37.14 41.40
N SER K 66 -29.89 36.53 42.47
CA SER K 66 -30.25 35.16 42.81
C SER K 66 -31.32 35.08 43.88
N THR K 67 -31.78 36.22 44.39
CA THR K 67 -32.81 36.23 45.41
C THR K 67 -34.15 35.84 44.81
N GLY K 68 -34.84 34.91 45.45
CA GLY K 68 -36.15 34.51 44.96
C GLY K 68 -37.14 35.65 45.01
N ILE K 69 -38.15 35.57 44.14
CA ILE K 69 -39.15 36.64 44.09
C ILE K 69 -40.03 36.60 45.33
N ASP K 70 -40.39 35.40 45.79
CA ASP K 70 -41.25 35.29 46.97
C ASP K 70 -40.59 35.87 48.20
N LEU K 71 -39.25 35.85 48.27
CA LEU K 71 -38.56 36.48 49.38
C LEU K 71 -38.52 37.99 49.26
N LEU K 72 -38.75 38.53 48.07
CA LEU K 72 -38.68 39.97 47.85
C LEU K 72 -40.01 40.67 48.07
N LEU K 73 -41.11 40.02 47.77
CA LEU K 73 -42.44 40.61 47.93
C LEU K 73 -42.91 40.60 49.37
N LEU K 74 -42.06 40.22 50.32
CA LEU K 74 -42.39 40.26 51.73
C LEU K 74 -42.04 41.59 52.37
N ASP K 75 -41.47 42.53 51.62
CA ASP K 75 -41.09 43.82 52.15
C ASP K 75 -40.88 44.78 51.00
N ASP K 76 -41.22 46.05 51.21
CA ASP K 76 -41.13 47.04 50.16
C ASP K 76 -39.67 47.25 49.75
N PHE K 77 -39.49 47.73 48.52
CA PHE K 77 -38.15 47.89 47.97
C PHE K 77 -38.14 49.07 47.01
N LYS K 78 -36.99 49.29 46.38
CA LYS K 78 -36.84 50.31 45.36
C LYS K 78 -36.46 49.66 44.04
N LEU K 79 -36.91 50.25 42.94
CA LEU K 79 -36.62 49.78 41.61
C LEU K 79 -36.01 50.92 40.82
N VAL K 80 -34.79 50.73 40.34
CA VAL K 80 -34.08 51.72 39.55
C VAL K 80 -34.11 51.28 38.10
N ILE K 81 -34.67 52.11 37.23
CA ILE K 81 -34.85 51.73 35.83
C ILE K 81 -33.68 52.23 35.00
N ASN K 82 -33.53 53.54 34.87
CA ASN K 82 -32.30 54.13 34.34
C ASN K 82 -31.64 55.03 35.36
N ASP K 83 -32.36 56.05 35.83
CA ASP K 83 -31.94 56.85 36.96
C ASP K 83 -33.10 57.22 37.86
N LEU K 84 -34.31 56.74 37.56
CA LEU K 84 -35.48 57.01 38.37
C LEU K 84 -35.66 55.87 39.38
N THR K 85 -35.93 56.23 40.62
CA THR K 85 -36.11 55.27 41.70
C THR K 85 -37.58 55.23 42.07
N TYR K 86 -38.25 54.14 41.71
CA TYR K 86 -39.65 53.94 42.08
C TYR K 86 -39.72 53.13 43.37
N HIS K 87 -40.44 53.64 44.36
CA HIS K 87 -40.57 52.97 45.64
C HIS K 87 -41.72 51.98 45.56
N VAL K 88 -41.39 50.72 45.31
CA VAL K 88 -42.40 49.67 45.19
C VAL K 88 -42.79 49.21 46.59
N ARG K 89 -44.10 49.08 46.82
CA ARG K 89 -44.64 48.71 48.13
C ARG K 89 -45.72 47.66 47.92
N PRO K 90 -45.38 46.38 48.04
CA PRO K 90 -46.32 45.32 47.74
C PRO K 90 -47.29 45.11 48.88
N PRO K 91 -48.49 44.60 48.60
CA PRO K 91 -49.45 44.30 49.67
C PRO K 91 -49.05 43.07 50.45
N LYS K 92 -48.56 43.25 51.66
CA LYS K 92 -48.08 42.15 52.50
C LYS K 92 -49.05 41.91 53.64
N ARG K 93 -49.19 40.63 54.02
CA ARG K 93 -50.00 40.27 55.16
C ARG K 93 -49.34 40.73 56.44
N ASP K 94 -50.04 41.51 57.24
CA ASP K 94 -49.48 42.10 58.44
C ASP K 94 -49.49 41.16 59.64
N LEU K 95 -49.62 39.85 59.41
CA LEU K 95 -49.63 38.88 60.49
C LEU K 95 -48.21 38.45 60.84
N LEU K 96 -48.08 37.79 61.98
CA LEU K 96 -46.78 37.51 62.60
C LEU K 96 -46.55 35.99 62.64
N SER K 97 -45.48 35.59 63.33
CA SER K 97 -45.02 34.21 63.28
C SER K 97 -46.08 33.24 63.82
N HIS K 98 -46.62 33.52 65.02
CA HIS K 98 -47.56 32.59 65.62
C HIS K 98 -48.87 32.52 64.83
N GLU K 99 -49.24 33.61 64.16
CA GLU K 99 -50.53 33.66 63.48
C GLU K 99 -50.65 32.59 62.42
N ASN K 100 -49.54 31.93 62.06
CA ASN K 100 -49.61 30.83 61.12
C ASN K 100 -50.54 29.73 61.62
N ALA K 101 -50.43 29.38 62.91
CA ALA K 101 -51.32 28.36 63.46
C ALA K 101 -52.77 28.76 63.31
N ALA K 102 -53.05 30.07 63.26
CA ALA K 102 -54.37 30.54 62.87
C ALA K 102 -54.50 30.61 61.36
N THR K 103 -53.51 31.21 60.70
CA THR K 103 -53.56 31.41 59.26
C THR K 103 -53.84 30.10 58.54
N LEU K 104 -53.04 29.08 58.83
CA LEU K 104 -53.31 27.74 58.29
C LEU K 104 -54.74 27.33 58.56
N ASN K 105 -55.17 27.40 59.82
CA ASN K 105 -56.57 27.11 60.14
C ASN K 105 -57.51 28.01 59.35
N ASP K 106 -57.16 29.29 59.22
CA ASP K 106 -57.94 30.19 58.40
C ASP K 106 -58.16 29.61 57.02
N VAL K 107 -57.08 29.10 56.40
CA VAL K 107 -57.19 28.50 55.08
C VAL K 107 -58.29 27.46 55.05
N LYS K 108 -58.31 26.59 56.07
CA LYS K 108 -59.35 25.56 56.15
C LYS K 108 -60.73 26.16 55.94
N THR K 109 -61.03 27.21 56.69
CA THR K 109 -62.35 27.84 56.58
C THR K 109 -62.68 28.17 55.13
N LEU K 110 -61.74 28.83 54.44
CA LEU K 110 -61.99 29.21 53.06
C LEU K 110 -62.31 27.99 52.21
N VAL K 111 -61.52 26.93 52.36
CA VAL K 111 -61.79 25.73 51.58
C VAL K 111 -63.19 25.23 51.86
N GLN K 112 -63.61 25.27 53.13
CA GLN K 112 -64.95 24.82 53.47
C GLN K 112 -66.00 25.58 52.66
N GLN K 113 -65.82 26.90 52.52
CA GLN K 113 -66.75 27.66 51.70
C GLN K 113 -66.79 27.11 50.28
N LEU K 114 -65.62 26.92 49.67
CA LEU K 114 -65.57 26.39 48.32
C LEU K 114 -66.10 24.96 48.26
N TYR K 115 -66.18 24.28 49.40
CA TYR K 115 -66.76 22.94 49.40
C TYR K 115 -68.27 22.95 49.47
N THR K 116 -68.88 24.06 49.83
CA THR K 116 -70.33 24.17 49.90
C THR K 116 -70.90 25.12 48.86
N THR K 117 -70.23 26.23 48.56
CA THR K 117 -70.70 27.09 47.49
C THR K 117 -70.57 26.37 46.14
N LEU K 118 -69.53 25.57 45.97
CA LEU K 118 -69.43 24.64 44.86
C LEU K 118 -69.80 23.26 45.38
N CYS K 119 -70.87 22.68 44.84
CA CYS K 119 -71.32 21.39 45.32
C CYS K 119 -70.35 20.31 44.88
N ILE K 120 -69.39 19.98 45.75
CA ILE K 120 -68.33 19.07 45.38
C ILE K 120 -68.73 17.60 45.62
N GLU K 121 -69.51 17.32 46.66
CA GLU K 121 -69.96 15.96 46.88
C GLU K 121 -70.78 15.45 45.70
N GLN K 122 -71.64 16.30 45.15
CA GLN K 122 -72.37 15.93 43.95
C GLN K 122 -71.44 15.70 42.77
N HIS K 123 -70.35 16.45 42.70
CA HIS K 123 -69.38 16.23 41.63
C HIS K 123 -68.70 14.88 41.75
N GLN K 124 -68.31 14.49 42.97
CA GLN K 124 -67.71 13.17 43.17
C GLN K 124 -68.71 12.06 42.87
N LEU K 125 -69.96 12.24 43.29
CA LEU K 125 -70.99 11.26 42.97
C LEU K 125 -71.19 11.15 41.46
N ASN K 126 -71.14 12.27 40.75
CA ASN K 126 -71.26 12.22 39.30
C ASN K 126 -70.10 11.47 38.67
N LYS K 127 -68.88 11.69 39.18
CA LYS K 127 -67.73 10.96 38.64
C LYS K 127 -67.88 9.46 38.86
N GLU K 128 -68.28 9.06 40.06
CA GLU K 128 -68.47 7.64 40.34
C GLU K 128 -69.57 7.04 39.46
N ARG K 129 -70.67 7.78 39.29
CA ARG K 129 -71.76 7.29 38.46
C ARG K 129 -71.33 7.16 37.01
N GLU K 130 -70.48 8.08 36.54
CA GLU K 130 -69.98 7.99 35.17
C GLU K 130 -69.08 6.77 34.99
N LEU K 131 -68.22 6.49 35.96
CA LEU K 131 -67.40 5.29 35.89
C LEU K 131 -68.26 4.04 35.87
N ILE K 132 -69.28 3.98 36.73
CA ILE K 132 -70.17 2.82 36.75
C ILE K 132 -70.89 2.68 35.41
N GLU K 133 -71.30 3.79 34.82
CA GLU K 133 -72.00 3.75 33.54
C GLU K 133 -71.09 3.19 32.45
N ARG K 134 -69.84 3.66 32.40
CA ARG K 134 -68.91 3.17 31.40
C ARG K 134 -68.63 1.68 31.58
N LEU K 135 -68.43 1.25 32.83
CA LEU K 135 -68.18 -0.16 33.08
C LEU K 135 -69.38 -1.00 32.67
N GLU K 136 -70.59 -0.52 32.95
CA GLU K 136 -71.78 -1.30 32.59
C GLU K 136 -71.97 -1.35 31.08
N ASP K 137 -71.62 -0.27 30.37
CA ASP K 137 -71.68 -0.30 28.91
C ASP K 137 -70.70 -1.34 28.35
N LEU K 138 -69.48 -1.35 28.88
CA LEU K 138 -68.49 -2.32 28.42
C LEU K 138 -68.94 -3.75 28.71
N LYS K 139 -69.56 -3.98 29.86
CA LYS K 139 -70.05 -5.33 30.16
C LYS K 139 -71.26 -5.68 29.29
N GLU K 140 -72.07 -4.68 28.92
CA GLU K 140 -73.28 -4.95 28.16
C GLU K 140 -72.96 -5.29 26.71
N GLN K 141 -71.99 -4.61 26.12
CA GLN K 141 -71.65 -4.90 24.73
C GLN K 141 -70.70 -6.09 24.57
N LEU K 142 -70.64 -6.96 25.57
CA LEU K 142 -69.78 -8.14 25.56
C LEU K 142 -70.54 -9.45 25.50
N ALA K 143 -71.77 -9.49 26.01
CA ALA K 143 -72.52 -10.74 26.09
C ALA K 143 -72.67 -11.44 24.74
N PRO K 144 -73.03 -10.77 23.64
CA PRO K 144 -73.18 -11.51 22.38
C PRO K 144 -71.90 -12.15 21.91
N LEU K 145 -70.75 -11.61 22.30
CA LEU K 145 -69.48 -12.23 21.91
C LEU K 145 -69.13 -13.39 22.83
N GLU K 146 -69.37 -13.23 24.13
CA GLU K 146 -69.07 -14.32 25.06
C GLU K 146 -69.94 -15.53 24.78
N LYS K 147 -71.19 -15.30 24.38
CA LYS K 147 -72.11 -16.42 24.16
C LYS K 147 -71.65 -17.33 23.04
N VAL K 148 -70.96 -16.79 22.04
CA VAL K 148 -70.45 -17.64 20.97
C VAL K 148 -69.03 -18.10 21.25
N ARG K 149 -68.24 -17.31 21.98
CA ARG K 149 -66.92 -17.79 22.40
C ARG K 149 -67.04 -19.02 23.27
N ILE K 150 -68.10 -19.11 24.07
CA ILE K 150 -68.33 -20.30 24.88
C ILE K 150 -68.44 -21.53 23.98
N GLU K 151 -69.23 -21.43 22.92
CA GLU K 151 -69.42 -22.57 22.02
C GLU K 151 -68.12 -22.91 21.28
N ILE K 152 -67.36 -21.89 20.87
CA ILE K 152 -66.10 -22.16 20.19
C ILE K 152 -65.16 -22.91 21.11
N SER K 153 -65.05 -22.47 22.36
CA SER K 153 -64.18 -23.14 23.31
C SER K 153 -64.66 -24.56 23.60
N ARG K 154 -65.98 -24.75 23.67
CA ARG K 154 -66.50 -26.10 23.90
C ARG K 154 -66.14 -27.03 22.75
N LYS K 155 -66.28 -26.56 21.51
CA LYS K 155 -65.89 -27.38 20.37
C LYS K 155 -64.41 -27.71 20.41
N ALA K 156 -63.57 -26.71 20.72
CA ALA K 156 -62.13 -26.95 20.76
C ALA K 156 -61.77 -27.96 21.84
N GLU K 157 -62.40 -27.86 23.01
CA GLU K 157 -62.10 -28.81 24.09
C GLU K 157 -62.58 -30.21 23.74
N LYS K 158 -63.78 -30.33 23.18
CA LYS K 158 -64.27 -31.64 22.76
C LYS K 158 -63.38 -32.24 21.68
N ARG K 159 -62.74 -31.39 20.88
CA ARG K 159 -61.86 -31.93 19.84
C ARG K 159 -60.49 -32.32 20.37
N THR K 160 -59.97 -31.60 21.37
CA THR K 160 -58.67 -31.98 21.92
C THR K 160 -58.76 -33.18 22.85
N THR K 161 -59.89 -33.37 23.52
CA THR K 161 -60.05 -34.58 24.32
C THR K 161 -59.96 -35.83 23.45
N LEU K 162 -60.43 -35.75 22.21
CA LEU K 162 -60.36 -36.88 21.30
C LEU K 162 -58.92 -37.30 21.04
N VAL K 163 -58.05 -36.34 20.73
CA VAL K 163 -56.66 -36.71 20.47
C VAL K 163 -55.96 -37.11 21.75
N LEU K 164 -56.35 -36.54 22.90
CA LEU K 164 -55.78 -36.97 24.16
C LEU K 164 -56.06 -38.45 24.41
N TRP K 165 -57.28 -38.91 24.10
CA TRP K 165 -57.57 -40.33 24.27
C TRP K 165 -56.97 -41.17 23.15
N GLY K 166 -56.85 -40.62 21.95
CA GLY K 166 -56.24 -41.35 20.86
C GLY K 166 -54.78 -41.66 21.12
N GLY K 167 -54.08 -40.78 21.83
CA GLY K 167 -52.72 -41.10 22.22
C GLY K 167 -52.63 -42.37 23.04
N LEU K 168 -53.48 -42.48 24.06
CA LEU K 168 -53.51 -43.69 24.89
C LEU K 168 -53.93 -44.90 24.08
N ALA K 169 -54.87 -44.71 23.15
CA ALA K 169 -55.26 -45.82 22.28
C ALA K 169 -54.09 -46.32 21.45
N TYR K 170 -53.30 -45.40 20.89
CA TYR K 170 -52.13 -45.82 20.11
C TYR K 170 -51.10 -46.52 20.98
N MET K 171 -50.87 -46.02 22.19
CA MET K 171 -49.93 -46.69 23.08
C MET K 171 -50.38 -48.11 23.38
N ALA K 172 -51.67 -48.30 23.65
CA ALA K 172 -52.19 -49.64 23.90
C ALA K 172 -52.04 -50.54 22.68
N THR K 173 -52.28 -49.99 21.49
CA THR K 173 -52.13 -50.79 20.28
C THR K 173 -50.69 -51.25 20.09
N GLN K 174 -49.73 -50.37 20.32
CA GLN K 174 -48.34 -50.75 20.17
C GLN K 174 -47.94 -51.79 21.20
N PHE K 175 -48.40 -51.62 22.45
CA PHE K 175 -48.14 -52.63 23.47
C PHE K 175 -48.68 -53.99 23.04
N GLY K 176 -49.91 -54.04 22.54
CA GLY K 176 -50.46 -55.30 22.08
C GLY K 176 -49.68 -55.92 20.94
N ILE K 177 -49.26 -55.10 19.99
CA ILE K 177 -48.50 -55.59 18.84
C ILE K 177 -47.20 -56.24 19.32
N LEU K 178 -46.44 -55.51 20.15
CA LEU K 178 -45.14 -56.01 20.57
C LEU K 178 -45.26 -57.15 21.58
N ALA K 179 -46.40 -57.29 22.24
CA ALA K 179 -46.57 -58.43 23.13
C ALA K 179 -47.01 -59.67 22.37
N ARG K 180 -47.75 -59.49 21.28
CA ARG K 180 -48.14 -60.64 20.48
C ARG K 180 -46.96 -61.18 19.68
N LEU K 181 -46.17 -60.28 19.09
CA LEU K 181 -45.08 -60.77 18.24
C LEU K 181 -43.92 -61.36 19.03
N THR K 182 -43.94 -61.32 20.35
CA THR K 182 -42.81 -61.76 21.16
C THR K 182 -42.95 -63.19 21.66
N TRP K 183 -44.11 -63.56 22.18
CA TRP K 183 -44.27 -64.87 22.80
C TRP K 183 -44.97 -65.89 21.91
N TRP K 184 -45.70 -65.45 20.89
CA TRP K 184 -46.49 -66.34 20.07
C TRP K 184 -45.88 -66.58 18.69
N GLU K 185 -45.65 -65.53 17.92
CA GLU K 185 -45.19 -65.72 16.55
C GLU K 185 -43.68 -65.91 16.49
N TYR K 186 -42.93 -64.90 16.92
CA TYR K 186 -41.48 -64.91 16.87
C TYR K 186 -40.93 -65.06 18.28
N SER K 187 -39.62 -64.94 18.41
CA SER K 187 -38.95 -65.00 19.70
C SER K 187 -38.48 -63.63 20.11
N TRP K 188 -38.03 -63.52 21.36
CA TRP K 188 -37.52 -62.24 21.85
C TRP K 188 -36.20 -61.87 21.17
N ASP K 189 -35.43 -62.86 20.75
CA ASP K 189 -34.18 -62.59 20.04
C ASP K 189 -34.40 -61.83 18.76
N ILE K 190 -35.61 -61.86 18.21
CA ILE K 190 -35.91 -61.15 16.96
C ILE K 190 -36.55 -59.82 17.28
N MET K 191 -37.25 -59.75 18.41
CA MET K 191 -38.05 -58.58 18.75
C MET K 191 -37.36 -57.61 19.70
N GLU K 192 -36.15 -57.90 20.14
CA GLU K 192 -35.47 -56.90 20.99
C GLU K 192 -34.91 -55.75 20.15
N PRO K 193 -34.27 -56.00 19.01
CA PRO K 193 -33.77 -54.86 18.22
C PRO K 193 -34.87 -53.93 17.74
N VAL K 194 -36.00 -54.46 17.27
CA VAL K 194 -37.08 -53.58 16.85
C VAL K 194 -37.57 -52.76 18.02
N THR K 195 -37.53 -53.33 19.23
CA THR K 195 -37.90 -52.58 20.42
C THR K 195 -36.95 -51.40 20.64
N TYR K 196 -35.64 -51.67 20.61
CA TYR K 196 -34.69 -50.58 20.82
C TYR K 196 -34.82 -49.50 19.76
N PHE K 197 -35.07 -49.89 18.52
CA PHE K 197 -35.14 -48.89 17.46
C PHE K 197 -36.45 -48.12 17.48
N ILE K 198 -37.53 -48.74 17.95
CA ILE K 198 -38.76 -47.99 18.19
C ILE K 198 -38.52 -46.96 19.29
N THR K 199 -37.81 -47.35 20.35
CA THR K 199 -37.50 -46.41 21.42
C THR K 199 -36.68 -45.24 20.90
N TYR K 200 -35.66 -45.52 20.09
CA TYR K 200 -34.82 -44.45 19.56
C TYR K 200 -35.59 -43.58 18.56
N GLY K 201 -36.47 -44.17 17.77
CA GLY K 201 -37.29 -43.39 16.87
C GLY K 201 -38.20 -42.44 17.62
N SER K 202 -38.77 -42.89 18.74
CA SER K 202 -39.55 -41.99 19.59
C SER K 202 -38.67 -40.89 20.18
N ALA K 203 -37.46 -41.25 20.61
CA ALA K 203 -36.57 -40.26 21.20
C ALA K 203 -36.17 -39.19 20.20
N MET K 204 -36.10 -39.54 18.91
CA MET K 204 -35.77 -38.53 17.91
C MET K 204 -37.01 -37.80 17.39
N ALA K 205 -38.19 -38.42 17.45
CA ALA K 205 -39.41 -37.70 17.11
C ALA K 205 -39.73 -36.64 18.14
N MET K 206 -39.43 -36.90 19.41
CA MET K 206 -39.62 -35.89 20.44
C MET K 206 -38.67 -34.71 20.29
N TYR K 207 -37.61 -34.85 19.50
CA TYR K 207 -36.71 -33.75 19.18
C TYR K 207 -37.11 -33.04 17.90
N ALA K 208 -37.62 -33.79 16.93
CA ALA K 208 -38.22 -33.17 15.76
C ALA K 208 -39.38 -32.27 16.15
N TYR K 209 -40.18 -32.70 17.14
CA TYR K 209 -41.24 -31.84 17.64
C TYR K 209 -40.68 -30.52 18.14
N PHE K 210 -39.54 -30.55 18.84
CA PHE K 210 -38.96 -29.32 19.34
C PHE K 210 -38.49 -28.43 18.21
N VAL K 211 -37.76 -29.00 17.25
CA VAL K 211 -37.26 -28.17 16.15
C VAL K 211 -38.38 -27.65 15.28
N MET K 212 -39.57 -28.26 15.34
CA MET K 212 -40.68 -27.77 14.55
C MET K 212 -41.57 -26.78 15.29
N THR K 213 -41.65 -26.87 16.62
CA THR K 213 -42.52 -26.01 17.39
C THR K 213 -41.77 -25.02 18.26
N ARG K 214 -40.43 -25.07 18.28
CA ARG K 214 -39.61 -24.15 19.06
C ARG K 214 -39.91 -24.22 20.56
N GLN K 215 -40.41 -25.36 21.02
CA GLN K 215 -40.66 -25.56 22.44
C GLN K 215 -40.57 -27.04 22.76
N GLU K 216 -40.18 -27.34 23.99
CA GLU K 216 -39.98 -28.72 24.40
C GLU K 216 -41.32 -29.47 24.46
N TYR K 217 -41.25 -30.77 24.24
CA TYR K 217 -42.44 -31.61 24.17
C TYR K 217 -42.73 -32.17 25.55
N VAL K 218 -43.64 -31.53 26.28
CA VAL K 218 -44.21 -32.11 27.48
C VAL K 218 -45.72 -32.20 27.28
N TYR K 219 -46.38 -32.90 28.19
CA TYR K 219 -47.80 -33.19 27.99
C TYR K 219 -48.67 -31.95 28.09
N PRO K 220 -48.69 -31.21 29.21
CA PRO K 220 -49.66 -30.11 29.31
C PRO K 220 -49.40 -28.98 28.33
N GLU K 221 -48.13 -28.67 28.06
CA GLU K 221 -47.85 -27.59 27.12
C GLU K 221 -48.25 -27.98 25.70
N ALA K 222 -48.00 -29.22 25.30
CA ALA K 222 -48.45 -29.66 23.98
C ALA K 222 -49.97 -29.68 23.88
N ARG K 223 -50.64 -30.09 24.95
CA ARG K 223 -52.10 -30.06 24.94
C ARG K 223 -52.61 -28.64 24.79
N ASP K 224 -51.99 -27.69 25.50
CA ASP K 224 -52.42 -26.29 25.39
C ASP K 224 -52.16 -25.74 24.00
N ARG K 225 -51.04 -26.11 23.39
CA ARG K 225 -50.75 -25.66 22.03
C ARG K 225 -51.79 -26.18 21.05
N GLN K 226 -52.12 -27.46 21.15
CA GLN K 226 -53.13 -28.03 20.26
C GLN K 226 -54.49 -27.40 20.49
N TYR K 227 -54.83 -27.13 21.75
CA TYR K 227 -56.11 -26.49 22.03
C TYR K 227 -56.17 -25.10 21.43
N LEU K 228 -55.08 -24.34 21.53
CA LEU K 228 -55.07 -23.00 20.93
C LEU K 228 -55.19 -23.07 19.41
N LEU K 229 -54.52 -24.03 18.79
CA LEU K 229 -54.64 -24.17 17.34
C LEU K 229 -56.07 -24.51 16.94
N PHE K 230 -56.70 -25.44 17.65
CA PHE K 230 -58.08 -25.78 17.35
C PHE K 230 -59.01 -24.60 17.56
N PHE K 231 -58.83 -23.87 18.66
CA PHE K 231 -59.69 -22.73 18.94
C PHE K 231 -59.56 -21.67 17.87
N HIS K 232 -58.33 -21.40 17.41
CA HIS K 232 -58.17 -20.35 16.42
C HIS K 232 -58.59 -20.80 15.03
N LYS K 233 -58.58 -22.10 14.74
CA LYS K 233 -59.14 -22.56 13.48
C LYS K 233 -60.65 -22.47 13.50
N GLY K 234 -61.27 -22.80 14.63
CA GLY K 234 -62.71 -22.63 14.74
C GLY K 234 -63.12 -21.17 14.69
N ALA K 235 -62.33 -20.29 15.32
CA ALA K 235 -62.62 -18.87 15.28
C ALA K 235 -62.48 -18.31 13.87
N LYS K 236 -61.54 -18.82 13.08
CA LYS K 236 -61.44 -18.37 11.70
C LYS K 236 -62.57 -18.94 10.85
N LYS K 237 -63.00 -20.16 11.13
CA LYS K 237 -64.10 -20.76 10.39
C LYS K 237 -65.42 -20.08 10.69
N SER K 238 -65.58 -19.52 11.88
CA SER K 238 -66.84 -18.89 12.27
C SER K 238 -66.81 -17.37 12.19
N ARG K 239 -65.66 -16.76 11.88
CA ARG K 239 -65.51 -15.32 11.78
C ARG K 239 -65.94 -14.64 13.09
N PHE K 240 -65.20 -14.96 14.14
CA PHE K 240 -65.58 -14.55 15.50
C PHE K 240 -65.22 -13.11 15.83
N ASP K 241 -64.30 -12.50 15.08
CA ASP K 241 -63.80 -11.15 15.37
C ASP K 241 -63.18 -11.09 16.76
N LEU K 242 -62.08 -11.83 16.89
CA LEU K 242 -61.44 -12.02 18.18
C LEU K 242 -60.84 -10.72 18.73
N GLU K 243 -60.45 -9.80 17.85
CA GLU K 243 -59.74 -8.61 18.31
C GLU K 243 -60.64 -7.71 19.15
N LYS K 244 -61.89 -7.54 18.74
CA LYS K 244 -62.81 -6.73 19.53
C LYS K 244 -63.08 -7.39 20.88
N TYR K 245 -63.19 -8.72 20.91
CA TYR K 245 -63.39 -9.41 22.18
C TYR K 245 -62.21 -9.20 23.12
N ASN K 246 -60.99 -9.33 22.59
CA ASN K 246 -59.82 -9.10 23.43
C ASN K 246 -59.75 -7.66 23.93
N GLN K 247 -60.06 -6.70 23.06
CA GLN K 247 -60.04 -5.30 23.47
C GLN K 247 -61.08 -5.04 24.54
N LEU K 248 -62.28 -5.61 24.40
CA LEU K 248 -63.32 -5.42 25.40
C LEU K 248 -62.95 -6.06 26.72
N LYS K 249 -62.31 -7.23 26.68
CA LYS K 249 -61.86 -7.86 27.92
C LYS K 249 -60.83 -6.99 28.63
N ASP K 250 -59.86 -6.46 27.88
CA ASP K 250 -58.86 -5.61 28.50
C ASP K 250 -59.46 -4.30 29.01
N ALA K 251 -60.50 -3.79 28.34
CA ALA K 251 -61.11 -2.55 28.77
C ALA K 251 -61.99 -2.76 30.00
N ILE K 252 -62.60 -3.93 30.13
CA ILE K 252 -63.32 -4.24 31.37
C ILE K 252 -62.32 -4.47 32.50
N ALA K 253 -61.18 -5.10 32.21
CA ALA K 253 -60.15 -5.28 33.23
C ALA K 253 -59.57 -3.95 33.67
N GLN K 254 -59.63 -2.92 32.83
CA GLN K 254 -59.12 -1.61 33.22
C GLN K 254 -60.18 -0.73 33.86
N ALA K 255 -61.44 -0.88 33.46
CA ALA K 255 -62.50 -0.01 33.96
C ALA K 255 -62.92 -0.36 35.38
N GLU K 256 -62.86 -1.63 35.74
CA GLU K 256 -63.19 -2.03 37.11
C GLU K 256 -62.01 -1.98 38.04
N MET K 257 -60.79 -1.84 37.52
CA MET K 257 -59.63 -1.64 38.38
C MET K 257 -59.65 -0.24 38.97
N ASP K 258 -59.76 0.79 38.12
CA ASP K 258 -59.79 2.17 38.60
C ASP K 258 -61.13 2.56 39.18
N LEU K 259 -62.13 1.68 39.16
CA LEU K 259 -63.36 1.94 39.88
C LEU K 259 -63.26 1.51 41.33
N LYS K 260 -62.69 0.33 41.59
CA LYS K 260 -62.40 -0.07 42.96
C LYS K 260 -61.26 0.74 43.55
N ARG K 261 -60.49 1.45 42.71
CA ARG K 261 -59.51 2.39 43.19
C ARG K 261 -60.13 3.71 43.62
N LEU K 262 -61.32 4.02 43.11
CA LEU K 262 -62.03 5.23 43.56
C LEU K 262 -62.80 4.97 44.85
N ARG K 263 -63.39 3.79 44.99
CA ARG K 263 -64.02 3.41 46.24
C ARG K 263 -62.99 2.83 47.19
N ASP K 264 -61.91 3.57 47.42
CA ASP K 264 -60.86 3.09 48.30
C ASP K 264 -61.25 3.40 49.75
N PRO K 265 -61.28 2.40 50.64
CA PRO K 265 -61.69 2.66 52.02
C PRO K 265 -60.71 3.52 52.80
N LEU K 266 -59.53 3.78 52.27
CA LEU K 266 -58.52 4.59 52.96
C LEU K 266 -58.54 6.05 52.53
N GLN K 267 -58.63 6.31 51.23
CA GLN K 267 -58.69 7.68 50.73
C GLN K 267 -60.14 8.15 50.72
N VAL K 268 -60.35 9.39 51.13
CA VAL K 268 -61.69 9.97 51.20
C VAL K 268 -61.97 10.62 49.84
N HIS K 269 -62.45 9.80 48.92
CA HIS K 269 -62.79 10.27 47.58
C HIS K 269 -64.28 10.46 47.37
N LEU K 270 -65.11 9.80 48.17
CA LEU K 270 -66.55 9.85 48.05
C LEU K 270 -67.19 10.06 49.41
N PRO K 271 -68.36 10.69 49.45
CA PRO K 271 -69.07 10.80 50.73
C PRO K 271 -69.61 9.47 51.22
N LEU K 272 -70.39 9.50 52.31
CA LEU K 272 -70.96 8.29 52.91
C LEU K 272 -69.83 7.33 53.34
N ARG K 273 -69.06 7.81 54.31
CA ARG K 273 -67.96 7.03 54.88
C ARG K 273 -68.36 6.44 56.23
N ASP L 1 -51.88 9.44 -7.40
CA ASP L 1 -53.32 9.61 -7.27
C ASP L 1 -53.64 10.63 -6.19
N ASP L 2 -53.53 10.23 -4.93
CA ASP L 2 -53.84 11.10 -3.80
C ASP L 2 -52.79 10.90 -2.72
N VAL L 3 -52.96 11.61 -1.61
CA VAL L 3 -51.98 11.67 -0.53
C VAL L 3 -52.55 10.94 0.67
N THR L 4 -51.72 10.11 1.32
CA THR L 4 -52.15 9.33 2.47
C THR L 4 -51.20 9.56 3.63
N VAL L 5 -51.74 9.42 4.85
CA VAL L 5 -51.00 9.61 6.09
C VAL L 5 -51.22 8.39 6.96
N VAL L 6 -50.13 7.81 7.47
CA VAL L 6 -50.19 6.63 8.32
C VAL L 6 -49.22 6.79 9.49
N TYR L 7 -49.64 6.36 10.68
CA TYR L 7 -48.75 6.29 11.83
C TYR L 7 -48.13 4.90 11.89
N GLN L 8 -46.80 4.84 11.88
CA GLN L 8 -46.08 3.58 12.06
C GLN L 8 -45.06 3.76 13.17
N ASN L 9 -45.03 2.80 14.10
CA ASN L 9 -44.18 2.82 15.29
C ASN L 9 -44.15 4.18 15.98
N GLY L 10 -45.31 4.85 16.03
CA GLY L 10 -45.44 6.11 16.73
C GLY L 10 -45.04 7.34 15.95
N LEU L 11 -44.62 7.19 14.69
CA LEU L 11 -44.21 8.31 13.87
C LEU L 11 -45.13 8.41 12.66
N PRO L 12 -45.60 9.62 12.32
CA PRO L 12 -46.41 9.77 11.10
C PRO L 12 -45.57 9.84 9.84
N VAL L 13 -46.14 9.30 8.78
CA VAL L 13 -45.53 9.29 7.46
C VAL L 13 -46.59 9.67 6.43
N ILE L 14 -46.20 10.45 5.43
CA ILE L 14 -47.11 11.00 4.45
C ILE L 14 -46.56 10.71 3.06
N SER L 15 -47.40 10.19 2.18
CA SER L 15 -46.99 9.79 0.84
C SER L 15 -47.49 10.82 -0.15
N VAL L 16 -46.59 11.63 -0.69
CA VAL L 16 -46.93 12.72 -1.59
C VAL L 16 -46.62 12.34 -3.03
N ARG L 17 -47.49 12.75 -3.94
CA ARG L 17 -47.27 12.59 -5.38
C ARG L 17 -46.67 13.88 -5.91
N LEU L 18 -45.49 13.79 -6.52
CA LEU L 18 -44.77 14.98 -6.90
C LEU L 18 -44.84 15.22 -8.40
N PRO L 19 -44.94 16.48 -8.84
CA PRO L 19 -45.10 16.75 -10.27
C PRO L 19 -43.85 16.47 -11.10
N SER L 20 -42.70 17.01 -10.70
CA SER L 20 -41.52 16.94 -11.55
C SER L 20 -41.00 15.51 -11.68
N ARG L 21 -41.03 14.75 -10.59
CA ARG L 21 -40.65 13.34 -10.59
C ARG L 21 -41.87 12.54 -10.16
N ARG L 22 -42.55 11.95 -11.12
CA ARG L 22 -43.82 11.27 -10.85
C ARG L 22 -43.58 9.99 -10.08
N GLU L 23 -43.23 10.12 -8.81
CA GLU L 23 -42.90 9.00 -7.93
C GLU L 23 -43.42 9.30 -6.54
N ARG L 24 -44.06 8.31 -5.92
CA ARG L 24 -44.70 8.52 -4.62
C ARG L 24 -43.66 8.66 -3.52
N CYS L 25 -43.27 9.90 -3.21
CA CYS L 25 -42.22 10.14 -2.23
C CYS L 25 -42.80 10.16 -0.83
N GLN L 26 -42.17 9.43 0.08
CA GLN L 26 -42.65 9.34 1.45
C GLN L 26 -41.84 10.25 2.37
N PHE L 27 -42.53 10.85 3.34
CA PHE L 27 -41.92 11.74 4.32
C PHE L 27 -42.29 11.24 5.71
N THR L 28 -41.30 10.84 6.48
CA THR L 28 -41.51 10.45 7.88
C THR L 28 -41.16 11.65 8.74
N LEU L 29 -42.17 12.19 9.42
CA LEU L 29 -41.98 13.45 10.15
C LEU L 29 -42.55 13.37 11.55
N LYS L 30 -41.89 14.05 12.47
CA LYS L 30 -42.28 14.06 13.87
C LYS L 30 -43.36 15.11 14.10
N PRO L 31 -44.44 14.78 14.79
CA PRO L 31 -45.53 15.75 14.95
C PRO L 31 -45.25 16.85 15.98
N ILE L 32 -44.40 16.59 16.96
CA ILE L 32 -44.21 17.55 18.04
C ILE L 32 -43.03 18.47 17.77
N SER L 33 -41.90 17.92 17.33
CA SER L 33 -40.66 18.67 17.22
C SER L 33 -40.45 19.29 15.84
N ASP L 34 -41.51 19.44 15.05
CA ASP L 34 -41.43 20.07 13.73
C ASP L 34 -42.65 20.95 13.51
N SER L 35 -42.56 21.79 12.49
CA SER L 35 -43.65 22.69 12.10
C SER L 35 -44.03 22.43 10.65
N VAL L 36 -45.00 23.20 10.17
CA VAL L 36 -45.38 23.12 8.76
C VAL L 36 -44.28 23.69 7.88
N GLY L 37 -43.57 24.71 8.37
CA GLY L 37 -42.51 25.33 7.58
C GLY L 37 -41.44 24.34 7.18
N VAL L 38 -40.99 23.52 8.14
CA VAL L 38 -39.93 22.57 7.82
C VAL L 38 -40.44 21.49 6.88
N PHE L 39 -41.74 21.18 6.93
CA PHE L 39 -42.29 20.21 5.99
C PHE L 39 -42.31 20.77 4.58
N LEU L 40 -42.69 22.04 4.43
CA LEU L 40 -42.63 22.66 3.10
C LEU L 40 -41.19 22.77 2.61
N ARG L 41 -40.24 23.02 3.52
CA ARG L 41 -38.84 23.05 3.12
C ARG L 41 -38.38 21.68 2.65
N GLN L 42 -38.80 20.62 3.33
CA GLN L 42 -38.47 19.27 2.88
C GLN L 42 -39.06 19.01 1.49
N LEU L 43 -40.31 19.43 1.27
CA LEU L 43 -40.92 19.25 -0.04
C LEU L 43 -40.12 19.97 -1.13
N GLN L 44 -39.77 21.23 -0.88
CA GLN L 44 -39.04 22.00 -1.88
C GLN L 44 -37.66 21.43 -2.12
N GLU L 45 -36.98 20.98 -1.07
CA GLU L 45 -35.65 20.40 -1.23
C GLU L 45 -35.72 19.07 -1.98
N GLU L 46 -36.79 18.30 -1.76
CA GLU L 46 -36.93 17.02 -2.47
C GLU L 46 -37.20 17.24 -3.95
N ASP L 47 -38.14 18.13 -4.29
CA ASP L 47 -38.48 18.32 -5.69
C ASP L 47 -37.54 19.30 -6.37
N ARG L 48 -37.45 20.52 -5.85
CA ARG L 48 -36.72 21.62 -6.47
C ARG L 48 -37.21 21.94 -7.86
N GLY L 49 -38.47 21.61 -8.15
CA GLY L 49 -39.09 21.91 -9.42
C GLY L 49 -40.52 22.39 -9.21
N ILE L 50 -40.89 22.56 -7.94
CA ILE L 50 -42.20 23.05 -7.54
C ILE L 50 -42.11 24.55 -7.31
N ASP L 51 -43.03 25.31 -7.93
CA ASP L 51 -42.96 26.77 -7.84
C ASP L 51 -43.29 27.25 -6.43
N ARG L 52 -44.31 26.67 -5.81
CA ARG L 52 -44.71 27.07 -4.47
C ARG L 52 -45.47 25.91 -3.83
N VAL L 53 -45.75 26.06 -2.54
CA VAL L 53 -46.49 25.07 -1.80
C VAL L 53 -47.12 25.75 -0.60
N ALA L 54 -48.33 25.32 -0.24
CA ALA L 54 -49.03 25.94 0.87
C ALA L 54 -50.03 24.96 1.43
N ILE L 55 -50.35 25.13 2.70
CA ILE L 55 -51.37 24.32 3.38
C ILE L 55 -52.52 25.24 3.74
N TYR L 56 -53.74 24.75 3.58
CA TYR L 56 -54.95 25.49 3.90
C TYR L 56 -55.83 24.67 4.83
N SER L 57 -56.61 25.38 5.63
CA SER L 57 -57.60 24.75 6.47
C SER L 57 -58.76 24.24 5.63
N PRO L 58 -59.59 23.35 6.17
CA PRO L 58 -60.73 22.83 5.40
C PRO L 58 -61.69 23.90 4.90
N ASP L 59 -61.57 25.14 5.37
CA ASP L 59 -62.46 26.22 4.96
C ASP L 59 -61.85 27.12 3.90
N GLY L 60 -60.55 27.39 3.98
CA GLY L 60 -59.92 28.22 2.97
C GLY L 60 -58.93 29.22 3.53
N VAL L 61 -58.94 29.43 4.83
CA VAL L 61 -57.97 30.31 5.46
C VAL L 61 -56.63 29.60 5.55
N ARG L 62 -55.57 30.31 5.16
CA ARG L 62 -54.25 29.71 5.13
C ARG L 62 -53.73 29.46 6.54
N VAL L 63 -53.14 28.31 6.75
CA VAL L 63 -52.57 27.96 8.05
C VAL L 63 -51.15 28.49 8.12
N ALA L 64 -50.75 28.95 9.29
CA ALA L 64 -49.46 29.59 9.45
C ALA L 64 -48.33 28.59 9.22
N ALA L 65 -47.15 29.13 8.91
CA ALA L 65 -45.96 28.33 8.67
C ALA L 65 -45.21 28.00 9.95
N SER L 66 -45.84 28.18 11.11
CA SER L 66 -45.19 27.91 12.38
C SER L 66 -45.95 26.95 13.28
N THR L 67 -47.18 26.56 12.93
CA THR L 67 -47.91 25.64 13.77
C THR L 67 -47.25 24.27 13.76
N GLY L 68 -47.16 23.66 14.92
CA GLY L 68 -46.63 22.31 14.99
C GLY L 68 -47.47 21.32 14.21
N ILE L 69 -46.85 20.22 13.80
CA ILE L 69 -47.55 19.25 12.97
C ILE L 69 -48.58 18.48 13.79
N ASP L 70 -48.34 18.34 15.10
CA ASP L 70 -49.35 17.72 15.95
C ASP L 70 -50.62 18.54 16.02
N LEU L 71 -50.50 19.88 15.97
CA LEU L 71 -51.67 20.73 15.95
C LEU L 71 -52.43 20.63 14.63
N LEU L 72 -51.77 20.13 13.59
CA LEU L 72 -52.35 20.07 12.25
C LEU L 72 -53.05 18.74 11.98
N LEU L 73 -52.47 17.63 12.43
CA LEU L 73 -53.01 16.32 12.10
C LEU L 73 -54.30 16.01 12.83
N LEU L 74 -54.85 16.95 13.60
CA LEU L 74 -56.13 16.72 14.25
C LEU L 74 -57.24 16.58 13.22
N ASP L 75 -57.42 17.59 12.39
CA ASP L 75 -58.49 17.61 11.41
C ASP L 75 -57.92 17.59 9.99
N ASP L 76 -58.83 17.58 9.01
CA ASP L 76 -58.45 17.51 7.62
C ASP L 76 -57.76 18.81 7.20
N PHE L 77 -57.14 18.80 6.01
CA PHE L 77 -56.59 20.03 5.47
C PHE L 77 -56.40 19.86 3.97
N LYS L 78 -55.92 20.93 3.32
CA LYS L 78 -55.63 20.92 1.91
C LYS L 78 -54.17 21.26 1.69
N LEU L 79 -53.52 20.55 0.78
CA LEU L 79 -52.13 20.82 0.41
C LEU L 79 -52.14 21.24 -1.05
N VAL L 80 -51.76 22.49 -1.32
CA VAL L 80 -51.76 23.03 -2.67
C VAL L 80 -50.31 23.16 -3.12
N ILE L 81 -50.00 22.48 -4.22
CA ILE L 81 -48.78 22.73 -4.95
C ILE L 81 -49.13 23.60 -6.16
N ASN L 82 -48.11 24.14 -6.82
CA ASN L 82 -48.30 25.22 -7.78
C ASN L 82 -49.42 24.97 -8.78
N ASP L 83 -49.76 23.70 -9.04
CA ASP L 83 -50.82 23.41 -9.98
C ASP L 83 -51.92 22.49 -9.45
N LEU L 84 -51.66 21.69 -8.42
CA LEU L 84 -52.65 20.75 -7.92
C LEU L 84 -52.97 21.04 -6.46
N THR L 85 -54.18 20.65 -6.05
CA THR L 85 -54.69 20.85 -4.70
C THR L 85 -55.23 19.53 -4.18
N TYR L 86 -54.50 18.87 -3.30
CA TYR L 86 -54.90 17.58 -2.76
C TYR L 86 -55.54 17.77 -1.40
N HIS L 87 -56.76 17.27 -1.23
CA HIS L 87 -57.43 17.27 0.06
C HIS L 87 -56.89 16.10 0.88
N VAL L 88 -56.10 16.41 1.90
CA VAL L 88 -55.48 15.39 2.75
C VAL L 88 -56.34 15.21 3.99
N ARG L 89 -56.73 13.98 4.26
CA ARG L 89 -57.49 13.61 5.45
C ARG L 89 -56.66 12.72 6.34
N PRO L 90 -56.18 13.21 7.48
CA PRO L 90 -55.33 12.38 8.34
C PRO L 90 -56.13 11.27 8.97
N PRO L 91 -55.48 10.23 9.50
CA PRO L 91 -56.23 9.17 10.17
C PRO L 91 -56.94 9.69 11.41
N LYS L 92 -58.05 9.05 11.74
CA LYS L 92 -58.85 9.44 12.89
C LYS L 92 -58.05 9.29 14.18
N ARG L 93 -57.85 10.40 14.87
CA ARG L 93 -57.06 10.41 16.10
C ARG L 93 -57.70 11.40 17.07
N ASP L 94 -57.92 10.95 18.31
CA ASP L 94 -58.71 11.71 19.27
C ASP L 94 -57.89 12.76 20.02
N LEU L 95 -56.89 12.32 20.77
CA LEU L 95 -56.20 13.18 21.73
C LEU L 95 -54.70 13.10 21.51
N LEU L 96 -54.00 14.15 21.91
CA LEU L 96 -52.56 14.25 21.73
C LEU L 96 -51.80 14.23 23.06
N SER L 97 -52.12 15.12 23.99
CA SER L 97 -51.38 15.21 25.24
C SER L 97 -52.25 15.56 26.45
N HIS L 98 -53.55 15.71 26.28
CA HIS L 98 -54.44 16.20 27.34
C HIS L 98 -53.94 17.54 27.87
N GLU L 99 -53.67 18.45 26.95
CA GLU L 99 -53.30 19.82 27.28
C GLU L 99 -54.15 20.77 26.46
N ASN L 100 -55.10 21.43 27.11
CA ASN L 100 -56.02 22.34 26.44
C ASN L 100 -56.40 23.44 27.42
N ALA L 101 -57.46 24.18 27.10
CA ALA L 101 -57.87 25.29 27.94
C ALA L 101 -58.39 24.78 29.28
N ALA L 102 -58.65 25.72 30.19
CA ALA L 102 -59.12 25.37 31.51
C ALA L 102 -60.63 25.12 31.49
N THR L 103 -61.12 24.45 32.52
CA THR L 103 -62.51 24.08 32.61
C THR L 103 -62.94 24.13 34.07
N LEU L 104 -64.21 24.42 34.30
CA LEU L 104 -64.71 24.49 35.68
C LEU L 104 -64.54 23.18 36.41
N ASN L 105 -64.55 22.05 35.69
CA ASN L 105 -64.33 20.76 36.33
C ASN L 105 -62.92 20.67 36.91
N ASP L 106 -61.95 21.30 36.28
CA ASP L 106 -60.60 21.31 36.84
C ASP L 106 -60.56 22.05 38.16
N VAL L 107 -61.24 23.19 38.25
CA VAL L 107 -61.29 23.92 39.52
C VAL L 107 -62.03 23.10 40.57
N LYS L 108 -63.09 22.40 40.16
CA LYS L 108 -63.84 21.61 41.13
C LYS L 108 -62.98 20.47 41.68
N THR L 109 -62.27 19.76 40.81
CA THR L 109 -61.42 18.69 41.30
C THR L 109 -60.23 19.24 42.10
N LEU L 110 -59.78 20.45 41.80
CA LEU L 110 -58.74 21.06 42.62
C LEU L 110 -59.24 21.35 44.03
N VAL L 111 -60.46 21.88 44.15
CA VAL L 111 -61.02 22.13 45.48
C VAL L 111 -61.24 20.82 46.21
N GLN L 112 -61.66 19.78 45.51
CA GLN L 112 -61.79 18.47 46.12
C GLN L 112 -60.46 17.97 46.64
N GLN L 113 -59.39 18.16 45.86
CA GLN L 113 -58.06 17.73 46.32
C GLN L 113 -57.61 18.52 47.53
N LEU L 114 -57.95 19.80 47.58
CA LEU L 114 -57.60 20.61 48.75
C LEU L 114 -58.30 20.10 50.00
N TYR L 115 -59.60 19.83 49.88
CA TYR L 115 -60.36 19.30 51.02
C TYR L 115 -59.82 17.94 51.45
N THR L 116 -59.47 17.10 50.49
CA THR L 116 -58.89 15.80 50.82
C THR L 116 -57.56 15.96 51.54
N THR L 117 -56.71 16.88 51.07
CA THR L 117 -55.44 17.12 51.76
C THR L 117 -55.68 17.64 53.17
N LEU L 118 -56.74 18.40 53.38
CA LEU L 118 -56.97 18.95 54.71
C LEU L 118 -57.55 17.93 55.68
N CYS L 119 -58.28 16.91 55.20
CA CYS L 119 -58.94 15.99 56.11
C CYS L 119 -58.38 14.58 56.12
N ILE L 120 -57.49 14.23 55.19
CA ILE L 120 -57.04 12.84 55.07
C ILE L 120 -56.19 12.43 56.26
N GLU L 121 -55.51 13.38 56.89
CA GLU L 121 -54.71 13.04 58.06
C GLU L 121 -55.57 12.49 59.19
N GLN L 122 -56.57 13.27 59.60
CA GLN L 122 -57.48 12.84 60.65
C GLN L 122 -58.36 11.68 60.21
N HIS L 123 -58.54 11.47 58.90
CA HIS L 123 -59.26 10.29 58.46
C HIS L 123 -58.43 9.03 58.68
N GLN L 124 -57.22 8.99 58.14
CA GLN L 124 -56.40 7.81 58.25
C GLN L 124 -55.98 7.56 59.69
N LEU L 125 -55.86 8.61 60.50
CA LEU L 125 -55.36 8.44 61.87
C LEU L 125 -56.30 7.56 62.69
N ASN L 126 -57.61 7.71 62.51
CA ASN L 126 -58.53 6.82 63.20
C ASN L 126 -59.01 5.66 62.33
N LYS L 127 -58.71 5.66 61.04
CA LYS L 127 -58.95 4.46 60.25
C LYS L 127 -57.96 3.37 60.64
N GLU L 128 -56.72 3.75 60.94
CA GLU L 128 -55.77 2.77 61.46
C GLU L 128 -56.21 2.22 62.81
N ARG L 129 -56.75 3.09 63.66
CA ARG L 129 -57.22 2.64 64.97
C ARG L 129 -58.44 1.75 64.86
N GLU L 130 -59.24 1.90 63.82
CA GLU L 130 -60.35 0.98 63.62
C GLU L 130 -59.90 -0.32 62.97
N LEU L 131 -58.91 -0.26 62.07
CA LEU L 131 -58.39 -1.47 61.46
C LEU L 131 -57.69 -2.36 62.48
N ILE L 132 -56.95 -1.77 63.41
CA ILE L 132 -56.27 -2.58 64.43
C ILE L 132 -57.27 -3.22 65.37
N GLU L 133 -58.48 -2.67 65.49
CA GLU L 133 -59.52 -3.32 66.29
C GLU L 133 -60.19 -4.44 65.51
N ARG L 134 -60.53 -4.18 64.24
CA ARG L 134 -61.13 -5.22 63.42
C ARG L 134 -60.20 -6.41 63.25
N LEU L 135 -58.89 -6.17 63.20
CA LEU L 135 -57.94 -7.27 63.06
C LEU L 135 -57.99 -8.20 64.26
N GLU L 136 -57.98 -7.64 65.47
CA GLU L 136 -58.09 -8.48 66.67
C GLU L 136 -59.44 -9.17 66.73
N ASP L 137 -60.50 -8.49 66.31
CA ASP L 137 -61.81 -9.13 66.29
C ASP L 137 -61.80 -10.35 65.39
N LEU L 138 -61.27 -10.20 64.17
CA LEU L 138 -61.21 -11.33 63.25
C LEU L 138 -60.28 -12.42 63.77
N LYS L 139 -59.20 -12.05 64.45
CA LYS L 139 -58.24 -13.05 64.91
C LYS L 139 -58.80 -13.86 66.07
N GLU L 140 -59.60 -13.24 66.94
CA GLU L 140 -60.20 -14.01 68.03
C GLU L 140 -61.36 -14.88 67.56
N GLN L 141 -61.98 -14.54 66.43
CA GLN L 141 -63.00 -15.39 65.82
C GLN L 141 -62.40 -16.62 65.17
N LEU L 142 -61.08 -16.65 64.96
CA LEU L 142 -60.43 -17.73 64.24
C LEU L 142 -59.74 -18.73 65.16
N ALA L 143 -59.47 -18.36 66.40
CA ALA L 143 -58.75 -19.26 67.30
C ALA L 143 -59.40 -20.63 67.45
N PRO L 144 -60.72 -20.77 67.61
CA PRO L 144 -61.29 -22.11 67.77
C PRO L 144 -61.19 -22.98 66.53
N LEU L 145 -61.11 -22.40 65.33
CA LEU L 145 -61.07 -23.19 64.11
C LEU L 145 -59.67 -23.64 63.73
N GLU L 146 -58.64 -22.92 64.20
CA GLU L 146 -57.29 -23.24 63.79
C GLU L 146 -56.85 -24.59 64.32
N LYS L 147 -57.20 -24.91 65.57
CA LYS L 147 -56.80 -26.20 66.11
C LYS L 147 -57.53 -27.34 65.43
N VAL L 148 -58.80 -27.15 65.07
CA VAL L 148 -59.51 -28.18 64.32
C VAL L 148 -58.86 -28.41 62.96
N ARG L 149 -58.49 -27.31 62.28
CA ARG L 149 -57.80 -27.46 61.00
C ARG L 149 -56.46 -28.16 61.18
N ILE L 150 -55.77 -27.91 62.30
CA ILE L 150 -54.51 -28.57 62.55
C ILE L 150 -54.71 -30.07 62.73
N GLU L 151 -55.73 -30.45 63.50
CA GLU L 151 -56.01 -31.86 63.70
C GLU L 151 -56.47 -32.55 62.43
N ILE L 152 -57.04 -31.81 61.47
CA ILE L 152 -57.40 -32.43 60.21
C ILE L 152 -56.16 -32.59 59.31
N SER L 153 -55.32 -31.57 59.26
CA SER L 153 -54.17 -31.64 58.38
C SER L 153 -53.08 -32.54 58.95
N ARG L 154 -53.14 -32.88 60.23
CA ARG L 154 -52.20 -33.87 60.74
C ARG L 154 -52.54 -35.26 60.24
N LYS L 155 -53.82 -35.61 60.20
CA LYS L 155 -54.21 -36.88 59.62
C LYS L 155 -53.94 -36.90 58.11
N ALA L 156 -54.14 -35.76 57.45
CA ALA L 156 -53.85 -35.71 56.02
C ALA L 156 -52.36 -35.94 55.76
N GLU L 157 -51.49 -35.31 56.55
CA GLU L 157 -50.06 -35.53 56.41
C GLU L 157 -49.70 -36.98 56.71
N LYS L 158 -50.30 -37.57 57.74
CA LYS L 158 -49.97 -38.96 58.07
C LYS L 158 -50.37 -39.91 56.94
N ARG L 159 -51.46 -39.61 56.23
CA ARG L 159 -51.85 -40.51 55.16
C ARG L 159 -50.98 -40.30 53.92
N THR L 160 -50.59 -39.06 53.64
CA THR L 160 -49.67 -38.84 52.54
C THR L 160 -48.32 -39.50 52.79
N THR L 161 -47.86 -39.46 54.04
CA THR L 161 -46.62 -40.15 54.40
C THR L 161 -46.74 -41.66 54.19
N LEU L 162 -47.87 -42.24 54.64
CA LEU L 162 -48.10 -43.66 54.37
C LEU L 162 -48.03 -43.95 52.88
N VAL L 163 -48.65 -43.10 52.05
CA VAL L 163 -48.66 -43.35 50.61
C VAL L 163 -47.24 -43.32 50.03
N LEU L 164 -46.46 -42.32 50.43
CA LEU L 164 -45.10 -42.20 49.89
C LEU L 164 -44.25 -43.42 50.26
N TRP L 165 -44.25 -43.77 51.56
CA TRP L 165 -43.44 -44.93 51.96
C TRP L 165 -43.96 -46.22 51.36
N GLY L 166 -45.26 -46.30 51.08
CA GLY L 166 -45.78 -47.48 50.42
C GLY L 166 -45.34 -47.58 48.97
N GLY L 167 -45.27 -46.44 48.28
CA GLY L 167 -44.73 -46.45 46.93
C GLY L 167 -43.28 -46.90 46.91
N LEU L 168 -42.49 -46.43 47.87
CA LEU L 168 -41.10 -46.89 47.95
C LEU L 168 -41.03 -48.39 48.22
N ALA L 169 -41.86 -48.89 49.14
CA ALA L 169 -41.85 -50.31 49.44
C ALA L 169 -42.27 -51.13 48.22
N TYR L 170 -43.21 -50.63 47.42
CA TYR L 170 -43.62 -51.35 46.22
C TYR L 170 -42.50 -51.42 45.20
N MET L 171 -41.85 -50.29 44.93
CA MET L 171 -40.78 -50.36 43.94
C MET L 171 -39.53 -51.05 44.49
N ALA L 172 -39.50 -51.34 45.79
CA ALA L 172 -38.44 -52.22 46.29
C ALA L 172 -38.82 -53.69 46.14
N THR L 173 -40.08 -54.04 46.42
CA THR L 173 -40.47 -55.44 46.30
C THR L 173 -40.53 -55.89 44.86
N GLN L 174 -40.79 -54.98 43.92
CA GLN L 174 -40.71 -55.37 42.51
C GLN L 174 -39.28 -55.72 42.12
N PHE L 175 -38.31 -54.91 42.56
CA PHE L 175 -36.91 -55.23 42.37
C PHE L 175 -36.58 -56.59 42.95
N GLY L 176 -37.07 -56.86 44.17
CA GLY L 176 -36.81 -58.16 44.78
C GLY L 176 -37.36 -59.32 43.97
N ILE L 177 -38.60 -59.19 43.52
CA ILE L 177 -39.23 -60.25 42.74
C ILE L 177 -38.43 -60.52 41.46
N LEU L 178 -38.13 -59.47 40.71
CA LEU L 178 -37.43 -59.67 39.45
C LEU L 178 -36.03 -60.20 39.65
N ALA L 179 -35.35 -59.79 40.73
CA ALA L 179 -34.00 -60.28 40.98
C ALA L 179 -34.02 -61.74 41.38
N ARG L 180 -35.05 -62.19 42.10
CA ARG L 180 -35.14 -63.60 42.41
C ARG L 180 -35.45 -64.42 41.17
N LEU L 181 -36.32 -63.90 40.30
CA LEU L 181 -36.70 -64.68 39.13
C LEU L 181 -35.55 -64.80 38.13
N THR L 182 -34.77 -63.74 37.96
CA THR L 182 -33.80 -63.74 36.87
C THR L 182 -32.54 -64.54 37.15
N TRP L 183 -32.29 -64.94 38.40
CA TRP L 183 -31.02 -65.58 38.75
C TRP L 183 -31.17 -66.91 39.47
N TRP L 184 -32.31 -67.20 40.08
CA TRP L 184 -32.50 -68.47 40.78
C TRP L 184 -33.42 -69.42 40.01
N GLU L 185 -34.63 -68.98 39.68
CA GLU L 185 -35.61 -69.88 39.07
C GLU L 185 -35.42 -69.97 37.56
N TYR L 186 -35.58 -68.85 36.87
CA TYR L 186 -35.43 -68.79 35.42
C TYR L 186 -34.14 -68.08 35.07
N SER L 187 -33.94 -67.88 33.77
CA SER L 187 -32.77 -67.20 33.26
C SER L 187 -33.16 -65.81 32.78
N TRP L 188 -32.15 -65.04 32.37
CA TRP L 188 -32.41 -63.65 31.97
C TRP L 188 -33.09 -63.59 30.62
N ASP L 189 -32.78 -64.52 29.72
CA ASP L 189 -33.43 -64.54 28.41
C ASP L 189 -34.92 -64.82 28.51
N ILE L 190 -35.41 -65.24 29.68
CA ILE L 190 -36.84 -65.37 29.90
C ILE L 190 -37.43 -64.11 30.52
N MET L 191 -36.64 -63.40 31.33
CA MET L 191 -37.11 -62.26 32.10
C MET L 191 -36.85 -60.92 31.44
N GLU L 192 -36.19 -60.89 30.29
CA GLU L 192 -35.96 -59.62 29.63
C GLU L 192 -37.25 -59.07 29.00
N PRO L 193 -38.06 -59.89 28.32
CA PRO L 193 -39.33 -59.35 27.78
C PRO L 193 -40.24 -58.84 28.87
N VAL L 194 -40.38 -59.58 29.96
CA VAL L 194 -41.22 -59.14 31.07
C VAL L 194 -40.74 -57.80 31.58
N THR L 195 -39.44 -57.64 31.73
CA THR L 195 -38.92 -56.42 32.32
C THR L 195 -38.92 -55.24 31.34
N TYR L 196 -39.02 -55.50 30.04
CA TYR L 196 -39.25 -54.39 29.14
C TYR L 196 -40.71 -53.98 29.12
N PHE L 197 -41.62 -54.95 29.13
CA PHE L 197 -43.04 -54.59 29.12
C PHE L 197 -43.46 -53.95 30.43
N ILE L 198 -42.79 -54.26 31.53
CA ILE L 198 -43.06 -53.53 32.77
C ILE L 198 -42.71 -52.05 32.60
N THR L 199 -41.55 -51.76 32.00
CA THR L 199 -41.17 -50.39 31.75
C THR L 199 -42.17 -49.69 30.85
N TYR L 200 -42.59 -50.35 29.78
CA TYR L 200 -43.55 -49.73 28.86
C TYR L 200 -44.90 -49.52 29.53
N GLY L 201 -45.34 -50.46 30.35
CA GLY L 201 -46.59 -50.27 31.08
C GLY L 201 -46.52 -49.12 32.06
N SER L 202 -45.36 -48.95 32.71
CA SER L 202 -45.21 -47.80 33.59
C SER L 202 -45.22 -46.49 32.82
N ALA L 203 -44.57 -46.47 31.65
CA ALA L 203 -44.57 -45.27 30.83
C ALA L 203 -45.96 -44.96 30.28
N MET L 204 -46.80 -45.98 30.12
CA MET L 204 -48.17 -45.75 29.69
C MET L 204 -49.05 -45.30 30.85
N ALA L 205 -48.80 -45.81 32.06
CA ALA L 205 -49.56 -45.38 33.22
C ALA L 205 -49.26 -43.94 33.58
N MET L 206 -48.00 -43.51 33.41
CA MET L 206 -47.66 -42.13 33.69
C MET L 206 -48.33 -41.16 32.72
N TYR L 207 -48.74 -41.63 31.55
CA TYR L 207 -49.48 -40.81 30.61
C TYR L 207 -50.97 -40.85 30.85
N ALA L 208 -51.50 -42.02 31.22
CA ALA L 208 -52.89 -42.09 31.62
C ALA L 208 -53.16 -41.22 32.84
N TYR L 209 -52.18 -41.10 33.73
CA TYR L 209 -52.29 -40.18 34.86
C TYR L 209 -52.53 -38.76 34.37
N PHE L 210 -51.77 -38.32 33.37
CA PHE L 210 -51.96 -36.97 32.85
C PHE L 210 -53.31 -36.84 32.15
N VAL L 211 -53.70 -37.86 31.39
CA VAL L 211 -54.99 -37.81 30.69
C VAL L 211 -56.13 -37.67 31.69
N MET L 212 -56.00 -38.33 32.83
CA MET L 212 -57.09 -38.37 33.81
C MET L 212 -57.10 -37.18 34.76
N THR L 213 -55.93 -36.68 35.16
CA THR L 213 -55.85 -35.61 36.15
C THR L 213 -55.42 -34.27 35.56
N ARG L 214 -55.22 -34.19 34.26
CA ARG L 214 -54.94 -32.93 33.55
C ARG L 214 -53.64 -32.26 34.00
N GLN L 215 -52.70 -33.02 34.56
CA GLN L 215 -51.42 -32.45 34.94
C GLN L 215 -50.35 -33.54 34.89
N GLU L 216 -49.12 -33.12 34.62
CA GLU L 216 -48.02 -34.07 34.44
C GLU L 216 -47.69 -34.78 35.75
N TYR L 217 -47.27 -36.03 35.63
CA TYR L 217 -46.93 -36.84 36.80
C TYR L 217 -45.56 -36.45 37.29
N VAL L 218 -45.51 -35.51 38.23
CA VAL L 218 -44.30 -35.10 38.92
C VAL L 218 -44.51 -35.39 40.40
N TYR L 219 -43.43 -35.74 41.09
CA TYR L 219 -43.55 -36.23 42.46
C TYR L 219 -44.16 -35.21 43.42
N PRO L 220 -43.60 -34.01 43.60
CA PRO L 220 -44.20 -33.10 44.58
C PRO L 220 -45.57 -32.59 44.18
N GLU L 221 -45.94 -32.72 42.91
CA GLU L 221 -47.26 -32.28 42.50
C GLU L 221 -48.30 -33.35 42.75
N ALA L 222 -48.00 -34.59 42.42
CA ALA L 222 -48.92 -35.66 42.77
C ALA L 222 -49.05 -35.78 44.28
N ARG L 223 -47.95 -35.54 45.01
CA ARG L 223 -48.03 -35.56 46.47
C ARG L 223 -48.96 -34.48 46.99
N ASP L 224 -48.81 -33.24 46.48
CA ASP L 224 -49.69 -32.17 46.96
C ASP L 224 -51.14 -32.43 46.56
N ARG L 225 -51.33 -33.06 45.36
CA ARG L 225 -52.67 -33.38 44.87
C ARG L 225 -53.33 -34.40 45.77
N GLN L 226 -52.61 -35.41 46.22
CA GLN L 226 -53.16 -36.42 47.11
C GLN L 226 -53.34 -35.89 48.52
N TYR L 227 -52.49 -34.97 48.96
CA TYR L 227 -52.70 -34.34 50.25
C TYR L 227 -53.97 -33.51 50.26
N LEU L 228 -54.21 -32.74 49.20
CA LEU L 228 -55.43 -31.95 49.13
C LEU L 228 -56.67 -32.85 49.10
N LEU L 229 -56.60 -33.96 48.36
CA LEU L 229 -57.72 -34.88 48.33
C LEU L 229 -57.99 -35.48 49.71
N PHE L 230 -56.93 -35.91 50.39
CA PHE L 230 -57.10 -36.46 51.73
C PHE L 230 -57.67 -35.42 52.70
N PHE L 231 -57.21 -34.18 52.59
CA PHE L 231 -57.71 -33.13 53.47
C PHE L 231 -59.18 -32.86 53.21
N HIS L 232 -59.57 -32.72 51.94
CA HIS L 232 -60.94 -32.38 51.62
C HIS L 232 -61.89 -33.54 51.86
N LYS L 233 -61.40 -34.77 51.86
CA LYS L 233 -62.23 -35.92 52.19
C LYS L 233 -62.21 -36.21 53.68
N GLY L 234 -61.29 -35.61 54.42
CA GLY L 234 -61.31 -35.73 55.86
C GLY L 234 -62.11 -34.62 56.51
N ALA L 235 -62.37 -33.54 55.78
CA ALA L 235 -63.24 -32.49 56.30
C ALA L 235 -64.72 -32.84 56.21
N LYS L 236 -65.06 -33.94 55.53
CA LYS L 236 -66.44 -34.39 55.54
C LYS L 236 -66.76 -35.19 56.80
N LYS L 237 -65.79 -35.92 57.33
CA LYS L 237 -65.99 -36.66 58.57
C LYS L 237 -65.98 -35.78 59.81
N SER L 238 -65.89 -34.46 59.63
CA SER L 238 -65.88 -33.54 60.76
C SER L 238 -66.83 -32.37 60.57
N ARG L 239 -67.49 -32.26 59.42
CA ARG L 239 -68.37 -31.15 59.11
C ARG L 239 -67.64 -29.82 59.28
N PHE L 240 -66.43 -29.77 58.75
CA PHE L 240 -65.59 -28.58 58.87
C PHE L 240 -66.03 -27.55 57.83
N ASP L 241 -66.46 -26.39 58.28
CA ASP L 241 -66.91 -25.31 57.40
C ASP L 241 -65.68 -24.62 56.81
N LEU L 242 -65.20 -25.15 55.68
CA LEU L 242 -64.02 -24.58 55.05
C LEU L 242 -64.30 -23.22 54.44
N GLU L 243 -65.55 -22.94 54.08
CA GLU L 243 -65.89 -21.63 53.54
C GLU L 243 -65.63 -20.54 54.57
N LYS L 244 -66.08 -20.76 55.81
CA LYS L 244 -65.83 -19.79 56.88
C LYS L 244 -64.35 -19.60 57.13
N TYR L 245 -63.59 -20.68 57.14
CA TYR L 245 -62.15 -20.59 57.39
C TYR L 245 -61.45 -19.80 56.29
N ASN L 246 -61.77 -20.10 55.03
CA ASN L 246 -61.16 -19.35 53.93
C ASN L 246 -61.54 -17.88 53.98
N GLN L 247 -62.82 -17.59 54.27
CA GLN L 247 -63.25 -16.21 54.37
C GLN L 247 -62.49 -15.47 55.48
N LEU L 248 -62.32 -16.12 56.63
CA LEU L 248 -61.60 -15.48 57.72
C LEU L 248 -60.13 -15.25 57.38
N LYS L 249 -59.49 -16.23 56.76
CA LYS L 249 -58.08 -16.06 56.40
C LYS L 249 -57.92 -14.94 55.38
N ASP L 250 -58.80 -14.89 54.38
CA ASP L 250 -58.71 -13.83 53.38
C ASP L 250 -58.96 -12.46 53.99
N ALA L 251 -59.93 -12.37 54.91
CA ALA L 251 -60.21 -11.08 55.53
C ALA L 251 -59.05 -10.62 56.41
N ILE L 252 -58.43 -11.54 57.15
CA ILE L 252 -57.29 -11.17 57.97
C ILE L 252 -56.12 -10.72 57.11
N ALA L 253 -55.86 -11.44 56.01
CA ALA L 253 -54.79 -11.02 55.11
C ALA L 253 -55.05 -9.65 54.54
N GLN L 254 -56.29 -9.38 54.12
CA GLN L 254 -56.63 -8.08 53.55
C GLN L 254 -56.50 -6.98 54.59
N ALA L 255 -56.91 -7.23 55.83
CA ALA L 255 -56.78 -6.22 56.87
C ALA L 255 -55.31 -5.91 57.16
N GLU L 256 -54.47 -6.95 57.25
CA GLU L 256 -53.05 -6.72 57.48
C GLU L 256 -52.41 -5.98 56.31
N MET L 257 -52.84 -6.29 55.08
CA MET L 257 -52.32 -5.59 53.93
C MET L 257 -52.71 -4.11 53.96
N ASP L 258 -53.97 -3.82 54.32
CA ASP L 258 -54.39 -2.42 54.43
C ASP L 258 -53.59 -1.70 55.50
N LEU L 259 -53.36 -2.34 56.66
CA LEU L 259 -52.59 -1.71 57.71
C LEU L 259 -51.16 -1.44 57.26
N LYS L 260 -50.54 -2.40 56.57
CA LYS L 260 -49.16 -2.21 56.11
C LYS L 260 -49.08 -1.12 55.05
N ARG L 261 -50.08 -1.04 54.18
CA ARG L 261 -50.08 -0.02 53.14
C ARG L 261 -50.36 1.36 53.70
N LEU L 262 -51.11 1.44 54.80
CA LEU L 262 -51.51 2.72 55.35
C LEU L 262 -50.51 3.28 56.35
N ARG L 263 -49.84 2.42 57.12
CA ARG L 263 -49.01 2.91 58.21
C ARG L 263 -47.70 3.50 57.74
N ASP L 264 -47.20 3.08 56.59
CA ASP L 264 -45.94 3.62 56.07
C ASP L 264 -46.06 5.08 55.64
N PRO L 265 -47.15 5.49 54.97
CA PRO L 265 -47.33 6.93 54.72
C PRO L 265 -47.46 7.76 55.98
N LEU L 266 -47.77 7.14 57.13
CA LEU L 266 -47.81 7.85 58.39
C LEU L 266 -46.46 7.95 59.07
N GLN L 267 -45.48 7.14 58.65
CA GLN L 267 -44.15 7.15 59.25
C GLN L 267 -43.18 8.01 58.45
N VAL L 268 -43.03 7.72 57.15
CA VAL L 268 -42.09 8.44 56.31
C VAL L 268 -42.75 9.56 55.50
N HIS L 269 -44.06 9.74 55.63
CA HIS L 269 -44.78 10.83 54.99
C HIS L 269 -44.62 10.80 53.46
N LEU L 270 -45.08 9.69 52.88
CA LEU L 270 -45.05 9.50 51.44
C LEU L 270 -46.47 9.22 50.95
N PRO L 271 -46.73 9.25 49.64
CA PRO L 271 -48.06 8.88 49.14
C PRO L 271 -48.46 7.47 49.58
N LEU L 272 -49.74 7.17 49.42
CA LEU L 272 -50.34 6.00 50.05
C LEU L 272 -49.94 4.68 49.38
N ARG L 273 -50.36 4.48 48.14
CA ARG L 273 -50.20 3.18 47.49
C ARG L 273 -48.82 3.05 46.86
N ASP M 1 -16.07 48.19 53.57
CA ASP M 1 -16.23 48.29 55.01
C ASP M 1 -16.15 46.91 55.67
N ASP M 2 -17.30 46.36 56.06
CA ASP M 2 -17.36 45.07 56.73
C ASP M 2 -18.32 44.15 55.99
N VAL M 3 -18.30 42.88 56.36
CA VAL M 3 -19.16 41.85 55.80
C VAL M 3 -19.96 41.26 56.93
N THR M 4 -21.29 41.35 56.84
CA THR M 4 -22.15 40.90 57.93
C THR M 4 -23.00 39.70 57.49
N VAL M 5 -23.15 38.73 58.37
CA VAL M 5 -23.98 37.56 58.12
C VAL M 5 -25.09 37.54 59.15
N VAL M 6 -26.35 37.59 58.68
CA VAL M 6 -27.49 37.53 59.58
C VAL M 6 -28.47 36.50 59.05
N TYR M 7 -29.51 36.23 59.84
CA TYR M 7 -30.49 35.20 59.53
C TYR M 7 -31.86 35.84 59.39
N GLN M 8 -32.53 35.57 58.27
CA GLN M 8 -33.89 36.05 58.03
C GLN M 8 -34.68 34.94 57.36
N ASN M 9 -35.86 34.65 57.90
CA ASN M 9 -36.72 33.58 57.38
C ASN M 9 -36.01 32.23 57.37
N GLY M 10 -35.09 32.02 58.30
CA GLY M 10 -34.34 30.79 58.34
C GLY M 10 -33.21 30.70 57.33
N LEU M 11 -33.01 31.71 56.50
CA LEU M 11 -31.93 31.70 55.54
C LEU M 11 -30.87 32.72 55.91
N PRO M 12 -29.59 32.40 55.70
CA PRO M 12 -28.52 33.37 56.00
C PRO M 12 -28.32 34.33 54.83
N VAL M 13 -28.46 35.61 55.10
CA VAL M 13 -28.12 36.65 54.15
C VAL M 13 -26.79 37.25 54.55
N ILE M 14 -25.88 37.37 53.59
CA ILE M 14 -24.54 37.89 53.82
C ILE M 14 -24.37 39.15 52.99
N SER M 15 -23.94 40.22 53.64
CA SER M 15 -23.84 41.55 53.05
C SER M 15 -22.37 41.90 52.90
N VAL M 16 -21.92 41.95 51.66
CA VAL M 16 -20.54 42.31 51.32
C VAL M 16 -20.54 43.68 50.67
N ARG M 17 -19.34 44.22 50.45
CA ARG M 17 -19.15 45.52 49.82
C ARG M 17 -18.49 45.33 48.46
N LEU M 18 -19.20 45.64 47.38
CA LEU M 18 -18.67 45.43 46.05
C LEU M 18 -17.72 46.57 45.67
N PRO M 19 -16.65 46.28 44.95
CA PRO M 19 -15.64 47.32 44.67
C PRO M 19 -15.99 48.26 43.53
N SER M 20 -16.66 47.76 42.50
CA SER M 20 -16.82 48.55 41.28
C SER M 20 -17.75 49.74 41.47
N ARG M 21 -18.71 49.67 42.39
CA ARG M 21 -19.61 50.77 42.62
C ARG M 21 -19.61 51.29 44.05
N ARG M 22 -18.78 50.72 44.92
CA ARG M 22 -18.67 51.17 46.31
C ARG M 22 -20.03 51.13 47.00
N GLU M 23 -20.75 50.03 46.81
CA GLU M 23 -22.03 49.85 47.47
C GLU M 23 -22.13 48.44 48.03
N ARG M 24 -23.00 48.27 49.01
CA ARG M 24 -23.19 46.97 49.61
C ARG M 24 -24.07 46.09 48.72
N CYS M 25 -24.10 44.81 49.03
CA CYS M 25 -24.91 43.85 48.30
C CYS M 25 -25.13 42.64 49.19
N GLN M 26 -26.38 42.20 49.30
CA GLN M 26 -26.74 41.09 50.16
C GLN M 26 -27.10 39.87 49.33
N PHE M 27 -26.52 38.74 49.66
CA PHE M 27 -26.76 37.47 48.99
C PHE M 27 -27.46 36.54 49.96
N THR M 28 -28.57 35.95 49.52
CA THR M 28 -29.31 34.97 50.32
C THR M 28 -28.80 33.58 50.00
N LEU M 29 -28.13 32.95 50.94
CA LEU M 29 -27.55 31.63 50.75
C LEU M 29 -28.50 30.56 51.24
N LYS M 30 -28.56 29.44 50.53
CA LYS M 30 -29.35 28.31 50.96
C LYS M 30 -28.44 27.27 51.60
N PRO M 31 -28.58 26.99 52.89
CA PRO M 31 -27.56 26.20 53.59
C PRO M 31 -27.47 24.74 53.16
N ILE M 32 -28.33 24.25 52.27
CA ILE M 32 -28.32 22.85 51.86
C ILE M 32 -28.03 22.71 50.37
N SER M 33 -28.71 23.48 49.54
CA SER M 33 -28.59 23.34 48.09
C SER M 33 -27.44 24.14 47.50
N ASP M 34 -26.85 25.06 48.25
CA ASP M 34 -25.77 25.89 47.75
C ASP M 34 -24.43 25.43 48.30
N SER M 35 -23.37 25.78 47.58
CA SER M 35 -22.00 25.46 47.97
C SER M 35 -21.17 26.74 47.92
N VAL M 36 -19.87 26.60 48.19
CA VAL M 36 -18.99 27.76 48.15
C VAL M 36 -18.79 28.23 46.72
N GLY M 37 -18.68 27.31 45.78
CA GLY M 37 -18.54 27.70 44.38
C GLY M 37 -19.73 28.48 43.88
N VAL M 38 -20.93 28.09 44.30
CA VAL M 38 -22.13 28.83 43.90
C VAL M 38 -22.10 30.25 44.46
N PHE M 39 -21.72 30.39 45.74
CA PHE M 39 -21.65 31.71 46.32
C PHE M 39 -20.61 32.58 45.62
N LEU M 40 -19.46 32.01 45.28
CA LEU M 40 -18.43 32.78 44.61
C LEU M 40 -18.87 33.19 43.21
N ARG M 41 -19.56 32.29 42.50
CA ARG M 41 -20.06 32.65 41.17
C ARG M 41 -21.10 33.75 41.25
N GLN M 42 -22.01 33.67 42.22
CA GLN M 42 -22.99 34.73 42.39
C GLN M 42 -22.33 36.04 42.82
N LEU M 43 -21.21 35.96 43.54
CA LEU M 43 -20.54 37.15 44.01
C LEU M 43 -19.79 37.85 42.88
N GLN M 44 -19.17 37.09 41.99
CA GLN M 44 -18.45 37.68 40.87
C GLN M 44 -19.31 37.82 39.63
N GLU M 45 -20.59 37.47 39.71
CA GLU M 45 -21.53 37.74 38.61
C GLU M 45 -22.32 39.02 38.81
N GLU M 46 -22.62 39.40 40.05
CA GLU M 46 -23.27 40.68 40.31
C GLU M 46 -22.33 41.85 40.13
N ASP M 47 -21.04 41.61 39.93
CA ASP M 47 -20.07 42.68 39.72
C ASP M 47 -18.93 42.10 38.90
N ARG M 48 -18.65 42.71 37.75
CA ARG M 48 -17.68 42.14 36.82
C ARG M 48 -16.24 42.43 37.19
N GLY M 49 -15.98 43.32 38.14
CA GLY M 49 -14.61 43.67 38.48
C GLY M 49 -14.08 42.90 39.66
N ILE M 50 -14.54 41.65 39.82
CA ILE M 50 -14.16 40.82 40.96
C ILE M 50 -13.41 39.59 40.46
N ASP M 51 -12.58 39.78 39.43
CA ASP M 51 -11.85 38.68 38.80
C ASP M 51 -11.13 37.76 39.80
N ARG M 52 -10.83 38.23 41.00
CA ARG M 52 -10.16 37.42 42.01
C ARG M 52 -11.04 37.31 43.24
N VAL M 53 -11.47 36.09 43.56
CA VAL M 53 -12.28 35.82 44.74
C VAL M 53 -11.71 34.59 45.43
N ALA M 54 -11.79 34.57 46.75
CA ALA M 54 -11.31 33.41 47.49
C ALA M 54 -11.97 33.35 48.86
N ILE M 55 -11.93 32.18 49.47
CA ILE M 55 -12.42 31.99 50.84
C ILE M 55 -11.44 31.10 51.59
N TYR M 56 -10.90 31.61 52.68
CA TYR M 56 -9.91 30.88 53.47
C TYR M 56 -10.45 30.58 54.85
N SER M 57 -10.03 29.43 55.38
CA SER M 57 -10.26 29.13 56.77
C SER M 57 -9.40 30.04 57.64
N PRO M 58 -9.83 30.34 58.87
CA PRO M 58 -9.10 31.31 59.69
C PRO M 58 -7.70 30.88 60.06
N ASP M 59 -7.32 29.63 59.79
CA ASP M 59 -5.97 29.17 60.11
C ASP M 59 -5.01 29.30 58.93
N GLY M 60 -5.52 29.47 57.72
CA GLY M 60 -4.64 29.71 56.59
C GLY M 60 -4.97 28.90 55.34
N VAL M 61 -5.50 27.69 55.52
CA VAL M 61 -5.79 26.85 54.37
C VAL M 61 -6.94 27.43 53.57
N ARG M 62 -6.97 27.10 52.29
CA ARG M 62 -8.02 27.58 51.40
C ARG M 62 -9.18 26.60 51.37
N VAL M 63 -10.39 27.09 51.60
CA VAL M 63 -11.56 26.24 51.59
C VAL M 63 -11.85 25.80 50.16
N ALA M 64 -12.15 24.51 50.00
CA ALA M 64 -12.44 23.97 48.68
C ALA M 64 -13.75 24.54 48.16
N ALA M 65 -13.90 24.49 46.84
CA ALA M 65 -15.10 25.04 46.21
C ALA M 65 -16.32 24.17 46.44
N SER M 66 -16.12 22.87 46.65
CA SER M 66 -17.23 21.94 46.87
C SER M 66 -17.53 21.76 48.36
N THR M 67 -17.77 22.87 49.06
CA THR M 67 -18.06 22.84 50.49
C THR M 67 -19.44 23.42 50.73
N GLY M 68 -20.24 22.73 51.54
CA GLY M 68 -21.57 23.21 51.82
C GLY M 68 -21.56 24.43 52.70
N ILE M 69 -22.59 25.27 52.54
CA ILE M 69 -22.68 26.49 53.33
C ILE M 69 -22.92 26.17 54.80
N ASP M 70 -23.78 25.18 55.08
CA ASP M 70 -24.03 24.81 56.46
C ASP M 70 -22.78 24.31 57.16
N LEU M 71 -21.82 23.79 56.38
CA LEU M 71 -20.55 23.37 56.96
C LEU M 71 -19.60 24.55 57.12
N LEU M 72 -19.76 25.58 56.30
CA LEU M 72 -18.87 26.74 56.33
C LEU M 72 -19.27 27.78 57.36
N LEU M 73 -20.57 27.98 57.56
CA LEU M 73 -21.06 29.02 58.46
C LEU M 73 -20.90 28.66 59.93
N LEU M 74 -20.23 27.56 60.25
CA LEU M 74 -20.03 27.19 61.64
C LEU M 74 -18.95 28.03 62.29
N ASP M 75 -17.77 28.09 61.70
CA ASP M 75 -16.65 28.86 62.22
C ASP M 75 -16.41 30.08 61.36
N ASP M 76 -15.61 31.00 61.88
CA ASP M 76 -15.28 32.21 61.14
C ASP M 76 -14.51 31.85 59.86
N PHE M 77 -14.37 32.83 58.97
CA PHE M 77 -13.55 32.62 57.79
C PHE M 77 -13.10 33.98 57.26
N LYS M 78 -12.37 33.94 56.14
CA LYS M 78 -11.88 35.15 55.50
C LYS M 78 -12.29 35.16 54.04
N LEU M 79 -12.99 36.20 53.63
CA LEU M 79 -13.36 36.39 52.24
C LEU M 79 -12.35 37.31 51.57
N VAL M 80 -12.00 37.01 50.33
CA VAL M 80 -10.97 37.76 49.61
C VAL M 80 -11.57 38.25 48.30
N ILE M 81 -11.64 39.57 48.16
CA ILE M 81 -11.99 40.27 46.93
C ILE M 81 -10.67 40.78 46.37
N ASN M 82 -10.70 41.39 45.18
CA ASN M 82 -9.51 41.59 44.34
C ASN M 82 -8.23 41.85 45.12
N ASP M 83 -8.27 42.75 46.09
CA ASP M 83 -7.11 42.97 46.93
C ASP M 83 -7.44 43.19 48.40
N LEU M 84 -8.69 43.09 48.81
CA LEU M 84 -9.09 43.28 50.19
C LEU M 84 -9.45 41.96 50.84
N THR M 85 -9.30 41.90 52.16
CA THR M 85 -9.65 40.72 52.93
C THR M 85 -10.63 41.13 54.02
N TYR M 86 -11.71 40.36 54.17
CA TYR M 86 -12.73 40.62 55.15
C TYR M 86 -12.83 39.45 56.10
N HIS M 87 -12.77 39.72 57.39
CA HIS M 87 -12.86 38.71 58.43
C HIS M 87 -14.34 38.52 58.75
N VAL M 88 -14.92 37.44 58.24
CA VAL M 88 -16.35 37.18 58.41
C VAL M 88 -16.56 36.28 59.61
N ARG M 89 -17.49 36.67 60.48
CA ARG M 89 -17.81 35.92 61.69
C ARG M 89 -19.30 35.64 61.74
N PRO M 90 -19.72 34.42 61.37
CA PRO M 90 -21.15 34.10 61.31
C PRO M 90 -21.75 34.06 62.69
N PRO M 91 -23.07 34.23 62.80
CA PRO M 91 -23.72 34.11 64.12
C PRO M 91 -24.09 32.67 64.41
N LYS M 92 -24.68 32.42 65.57
CA LYS M 92 -25.09 31.08 65.98
C LYS M 92 -26.55 31.14 66.42
N ARG M 93 -27.45 30.80 65.51
CA ARG M 93 -28.86 30.81 65.85
C ARG M 93 -29.18 29.68 66.82
N ASP M 94 -30.34 29.79 67.46
CA ASP M 94 -30.72 28.90 68.55
C ASP M 94 -31.68 27.83 68.06
N LEU M 95 -31.41 26.58 68.43
CA LEU M 95 -32.38 25.52 68.25
C LEU M 95 -33.51 25.72 69.26
N LEU M 96 -34.74 25.71 68.77
CA LEU M 96 -35.89 26.13 69.57
C LEU M 96 -36.08 25.22 70.79
N SER M 97 -36.45 23.97 70.55
CA SER M 97 -36.62 22.97 71.61
C SER M 97 -36.90 21.63 70.93
N HIS M 98 -37.20 20.61 71.74
CA HIS M 98 -37.73 19.36 71.24
C HIS M 98 -39.25 19.31 71.17
N GLU M 99 -39.93 20.25 71.84
CA GLU M 99 -41.39 20.26 71.85
C GLU M 99 -41.98 21.15 70.76
N ASN M 100 -41.49 22.39 70.65
CA ASN M 100 -42.03 23.30 69.66
C ASN M 100 -41.78 22.80 68.25
N ALA M 101 -40.61 22.19 68.00
CA ALA M 101 -40.36 21.63 66.69
C ALA M 101 -41.26 20.43 66.40
N ALA M 102 -41.60 19.65 67.43
CA ALA M 102 -42.48 18.51 67.24
C ALA M 102 -43.86 18.92 66.77
N THR M 103 -44.36 20.07 67.25
CA THR M 103 -45.64 20.59 66.79
C THR M 103 -45.50 21.49 65.57
N LEU M 104 -44.28 21.91 65.25
CA LEU M 104 -44.04 22.69 64.04
C LEU M 104 -43.91 21.80 62.82
N ASN M 105 -43.46 20.56 63.00
CA ASN M 105 -43.35 19.66 61.86
C ASN M 105 -44.71 19.36 61.25
N ASP M 106 -45.75 19.31 62.07
CA ASP M 106 -47.10 19.10 61.54
C ASP M 106 -47.48 20.19 60.56
N VAL M 107 -47.28 21.44 60.96
CA VAL M 107 -47.59 22.55 60.06
C VAL M 107 -46.66 22.55 58.85
N LYS M 108 -45.39 22.24 59.07
CA LYS M 108 -44.44 22.29 57.98
C LYS M 108 -44.70 21.22 56.94
N THR M 109 -45.31 20.11 57.34
CA THR M 109 -45.68 19.09 56.36
C THR M 109 -47.06 19.32 55.77
N LEU M 110 -47.97 19.93 56.52
CA LEU M 110 -49.28 20.26 55.97
C LEU M 110 -49.16 21.33 54.89
N VAL M 111 -48.31 22.34 55.12
CA VAL M 111 -48.11 23.36 54.11
C VAL M 111 -47.46 22.77 52.87
N GLN M 112 -46.55 21.83 53.05
CA GLN M 112 -45.93 21.15 51.92
C GLN M 112 -46.98 20.39 51.11
N GLN M 113 -47.84 19.64 51.80
CA GLN M 113 -48.89 18.91 51.09
C GLN M 113 -49.84 19.85 50.36
N LEU M 114 -50.18 20.97 50.98
CA LEU M 114 -51.08 21.93 50.32
C LEU M 114 -50.42 22.52 49.09
N TYR M 115 -49.16 22.93 49.20
CA TYR M 115 -48.46 23.50 48.06
C TYR M 115 -48.33 22.48 46.94
N THR M 116 -48.05 21.22 47.29
CA THR M 116 -48.03 20.16 46.29
C THR M 116 -49.38 20.04 45.59
N THR M 117 -50.47 20.11 46.36
CA THR M 117 -51.78 19.99 45.76
C THR M 117 -52.08 21.15 44.82
N LEU M 118 -51.61 22.34 45.15
CA LEU M 118 -51.97 23.52 44.35
C LEU M 118 -51.26 23.55 43.00
N CYS M 119 -50.08 22.93 42.89
CA CYS M 119 -49.23 23.13 41.73
C CYS M 119 -48.67 21.82 41.21
N ILE M 120 -49.51 20.79 41.11
CA ILE M 120 -49.06 19.51 40.57
C ILE M 120 -49.67 19.18 39.22
N GLU M 121 -50.80 19.78 38.83
CA GLU M 121 -51.36 19.47 37.53
C GLU M 121 -50.60 20.15 36.41
N GLN M 122 -50.20 21.41 36.63
CA GLN M 122 -49.41 22.10 35.61
C GLN M 122 -48.01 21.53 35.51
N HIS M 123 -47.49 21.03 36.61
CA HIS M 123 -46.15 20.44 36.59
C HIS M 123 -46.17 19.09 35.89
N GLN M 124 -47.21 18.30 36.15
CA GLN M 124 -47.32 17.02 35.45
C GLN M 124 -47.64 17.22 33.98
N LEU M 125 -48.32 18.30 33.60
CA LEU M 125 -48.52 18.56 32.18
C LEU M 125 -47.20 18.90 31.49
N ASN M 126 -46.41 19.78 32.11
CA ASN M 126 -45.09 20.06 31.55
C ASN M 126 -44.24 18.79 31.50
N LYS M 127 -44.34 17.94 32.51
CA LYS M 127 -43.57 16.70 32.53
C LYS M 127 -43.98 15.77 31.39
N GLU M 128 -45.28 15.64 31.14
CA GLU M 128 -45.72 14.77 30.06
C GLU M 128 -45.32 15.32 28.70
N ARG M 129 -45.33 16.64 28.54
CA ARG M 129 -44.88 17.23 27.28
C ARG M 129 -43.39 16.98 27.06
N GLU M 130 -42.59 17.19 28.10
CA GLU M 130 -41.16 16.91 28.00
C GLU M 130 -40.90 15.45 27.73
N LEU M 131 -41.69 14.55 28.33
CA LEU M 131 -41.47 13.13 28.12
C LEU M 131 -41.81 12.72 26.68
N ILE M 132 -42.84 13.32 26.10
CA ILE M 132 -43.14 13.01 24.70
C ILE M 132 -42.04 13.54 23.79
N GLU M 133 -41.59 14.78 24.04
CA GLU M 133 -40.50 15.33 23.25
C GLU M 133 -39.21 14.52 23.38
N ARG M 134 -39.01 13.88 24.54
CA ARG M 134 -37.80 13.08 24.74
C ARG M 134 -37.92 11.69 24.14
N LEU M 135 -39.12 11.11 24.19
CA LEU M 135 -39.31 9.80 23.59
C LEU M 135 -39.20 9.87 22.07
N GLU M 136 -39.75 10.92 21.48
CA GLU M 136 -39.64 11.08 20.03
C GLU M 136 -38.21 11.29 19.57
N ASP M 137 -37.32 11.74 20.44
CA ASP M 137 -35.93 11.88 20.08
C ASP M 137 -35.16 10.59 20.34
N LEU M 138 -35.50 9.89 21.43
CA LEU M 138 -34.85 8.61 21.70
C LEU M 138 -35.15 7.60 20.61
N LYS M 139 -36.40 7.53 20.15
CA LYS M 139 -36.73 6.58 19.09
C LYS M 139 -36.04 6.95 17.77
N GLU M 140 -35.96 8.25 17.48
CA GLU M 140 -35.27 8.68 16.27
C GLU M 140 -33.78 8.36 16.34
N GLN M 141 -33.19 8.46 17.53
CA GLN M 141 -31.78 8.12 17.68
C GLN M 141 -31.55 6.62 17.63
N LEU M 142 -32.55 5.83 18.04
CA LEU M 142 -32.43 4.38 17.98
C LEU M 142 -32.66 3.83 16.58
N ALA M 143 -33.40 4.55 15.76
CA ALA M 143 -33.73 4.09 14.41
C ALA M 143 -32.55 3.51 13.63
N PRO M 144 -31.36 4.14 13.57
CA PRO M 144 -30.30 3.59 12.72
C PRO M 144 -29.67 2.31 13.28
N LEU M 145 -29.63 2.14 14.61
CA LEU M 145 -28.99 0.95 15.17
C LEU M 145 -29.82 -0.31 14.97
N GLU M 146 -31.13 -0.16 14.76
CA GLU M 146 -31.98 -1.34 14.58
C GLU M 146 -31.57 -2.10 13.33
N LYS M 147 -31.15 -1.39 12.28
CA LYS M 147 -30.74 -2.05 11.05
C LYS M 147 -29.53 -2.95 11.29
N VAL M 148 -28.52 -2.44 12.00
CA VAL M 148 -27.35 -3.24 12.30
C VAL M 148 -27.72 -4.40 13.23
N ARG M 149 -28.62 -4.15 14.18
CA ARG M 149 -29.05 -5.22 15.08
C ARG M 149 -29.69 -6.36 14.30
N ILE M 150 -30.55 -6.04 13.35
CA ILE M 150 -31.25 -7.08 12.61
C ILE M 150 -30.27 -7.81 11.68
N GLU M 151 -29.36 -7.06 11.06
CA GLU M 151 -28.37 -7.71 10.22
C GLU M 151 -27.46 -8.63 11.01
N ILE M 152 -27.28 -8.35 12.30
CA ILE M 152 -26.49 -9.26 13.14
C ILE M 152 -27.33 -10.44 13.59
N SER M 153 -28.58 -10.21 13.96
CA SER M 153 -29.41 -11.28 14.48
C SER M 153 -29.79 -12.29 13.42
N ARG M 154 -29.82 -11.88 12.14
CA ARG M 154 -30.09 -12.87 11.10
C ARG M 154 -28.92 -13.82 10.95
N LYS M 155 -27.69 -13.30 10.97
CA LYS M 155 -26.53 -14.18 10.92
C LYS M 155 -26.39 -15.01 12.18
N ALA M 156 -26.85 -14.49 13.32
CA ALA M 156 -26.78 -15.26 14.56
C ALA M 156 -27.88 -16.31 14.66
N GLU M 157 -28.97 -16.16 13.89
CA GLU M 157 -30.03 -17.15 13.90
C GLU M 157 -29.85 -18.20 12.81
N LYS M 158 -29.25 -17.83 11.68
CA LYS M 158 -28.98 -18.82 10.65
C LYS M 158 -28.09 -19.94 11.18
N ARG M 159 -27.04 -19.59 11.91
CA ARG M 159 -26.13 -20.61 12.39
C ARG M 159 -26.74 -21.47 13.49
N THR M 160 -27.74 -20.98 14.21
CA THR M 160 -28.35 -21.85 15.20
C THR M 160 -29.44 -22.71 14.60
N THR M 161 -30.06 -22.27 13.50
CA THR M 161 -30.92 -23.18 12.77
C THR M 161 -30.07 -24.27 12.11
N LEU M 162 -28.90 -23.91 11.62
CA LEU M 162 -27.96 -24.91 11.13
C LEU M 162 -27.58 -25.90 12.23
N VAL M 163 -27.39 -25.41 13.45
CA VAL M 163 -26.99 -26.32 14.53
C VAL M 163 -28.14 -27.29 14.87
N LEU M 164 -29.37 -26.80 14.96
CA LEU M 164 -30.50 -27.68 15.24
C LEU M 164 -30.68 -28.72 14.14
N TRP M 165 -30.65 -28.29 12.88
CA TRP M 165 -30.82 -29.25 11.80
C TRP M 165 -29.66 -30.25 11.74
N GLY M 166 -28.46 -29.81 12.08
CA GLY M 166 -27.34 -30.74 12.13
C GLY M 166 -27.49 -31.76 13.24
N GLY M 167 -28.06 -31.35 14.38
CA GLY M 167 -28.32 -32.31 15.43
C GLY M 167 -29.33 -33.36 15.02
N LEU M 168 -30.40 -32.94 14.35
CA LEU M 168 -31.36 -33.92 13.84
C LEU M 168 -30.72 -34.85 12.82
N ALA M 169 -29.90 -34.31 11.91
CA ALA M 169 -29.23 -35.14 10.93
C ALA M 169 -28.28 -36.13 11.58
N TYR M 170 -27.61 -35.72 12.66
CA TYR M 170 -26.69 -36.64 13.34
C TYR M 170 -27.46 -37.76 14.03
N MET M 171 -28.58 -37.43 14.67
CA MET M 171 -29.41 -38.48 15.25
C MET M 171 -29.83 -39.50 14.20
N ALA M 172 -30.29 -39.00 13.04
CA ALA M 172 -30.70 -39.90 11.97
C ALA M 172 -29.52 -40.75 11.48
N THR M 173 -28.34 -40.15 11.37
CA THR M 173 -27.16 -40.90 10.92
C THR M 173 -26.82 -42.01 11.88
N GLN M 174 -26.87 -41.74 13.18
CA GLN M 174 -26.58 -42.79 14.16
C GLN M 174 -27.62 -43.91 14.10
N PHE M 175 -28.89 -43.55 13.96
CA PHE M 175 -29.93 -44.55 13.78
C PHE M 175 -29.61 -45.46 12.60
N GLY M 176 -29.29 -44.85 11.46
CA GLY M 176 -28.99 -45.64 10.27
C GLY M 176 -27.78 -46.53 10.45
N ILE M 177 -26.72 -46.00 11.05
CA ILE M 177 -25.50 -46.79 11.28
C ILE M 177 -25.83 -48.02 12.12
N LEU M 178 -26.52 -47.82 13.24
CA LEU M 178 -26.83 -48.94 14.11
C LEU M 178 -27.71 -49.96 13.42
N ALA M 179 -28.72 -49.50 12.67
CA ALA M 179 -29.60 -50.45 11.99
C ALA M 179 -28.84 -51.28 10.96
N ARG M 180 -28.05 -50.62 10.11
CA ARG M 180 -27.31 -51.34 9.08
C ARG M 180 -26.33 -52.33 9.69
N LEU M 181 -25.62 -51.92 10.73
CA LEU M 181 -24.65 -52.84 11.32
C LEU M 181 -25.31 -53.90 12.18
N THR M 182 -26.58 -53.73 12.54
CA THR M 182 -27.31 -54.69 13.35
C THR M 182 -28.00 -55.77 12.54
N TRP M 183 -28.59 -55.42 11.41
CA TRP M 183 -29.37 -56.43 10.67
C TRP M 183 -28.64 -57.01 9.47
N TRP M 184 -27.51 -56.44 9.05
CA TRP M 184 -26.83 -56.90 7.85
C TRP M 184 -25.47 -57.50 8.13
N GLU M 185 -24.57 -56.77 8.79
CA GLU M 185 -23.21 -57.25 8.97
C GLU M 185 -23.04 -58.07 10.25
N TYR M 186 -23.28 -57.47 11.40
CA TYR M 186 -23.12 -58.14 12.67
C TYR M 186 -24.48 -58.36 13.33
N SER M 187 -24.58 -59.42 14.11
CA SER M 187 -25.84 -59.77 14.74
C SER M 187 -26.14 -58.83 15.91
N TRP M 188 -27.37 -58.92 16.41
CA TRP M 188 -27.79 -58.08 17.53
C TRP M 188 -27.06 -58.46 18.81
N ASP M 189 -26.69 -59.74 18.96
CA ASP M 189 -25.93 -60.17 20.12
C ASP M 189 -24.59 -59.47 20.21
N ILE M 190 -24.09 -58.94 19.11
CA ILE M 190 -22.85 -58.18 19.14
C ILE M 190 -23.11 -56.69 19.31
N MET M 191 -24.25 -56.21 18.84
CA MET M 191 -24.53 -54.79 18.78
C MET M 191 -25.39 -54.28 19.94
N GLU M 192 -25.75 -55.14 20.89
CA GLU M 192 -26.53 -54.63 22.01
C GLU M 192 -25.65 -53.85 22.99
N PRO M 193 -24.49 -54.36 23.41
CA PRO M 193 -23.66 -53.56 24.31
C PRO M 193 -23.24 -52.22 23.75
N VAL M 194 -23.02 -52.13 22.45
CA VAL M 194 -22.68 -50.84 21.84
C VAL M 194 -23.80 -49.84 22.09
N THR M 195 -25.04 -50.26 21.89
CA THR M 195 -26.17 -49.35 22.13
C THR M 195 -26.28 -48.98 23.59
N TYR M 196 -26.12 -49.95 24.49
CA TYR M 196 -26.21 -49.62 25.91
C TYR M 196 -25.18 -48.59 26.30
N PHE M 197 -23.93 -48.76 25.85
CA PHE M 197 -22.89 -47.84 26.26
C PHE M 197 -23.03 -46.50 25.55
N ILE M 198 -23.61 -46.46 24.36
CA ILE M 198 -23.92 -45.18 23.74
C ILE M 198 -24.96 -44.43 24.56
N THR M 199 -25.98 -45.14 25.04
CA THR M 199 -26.98 -44.52 25.88
C THR M 199 -26.37 -43.99 27.18
N TYR M 200 -25.49 -44.78 27.80
CA TYR M 200 -24.88 -44.32 29.05
C TYR M 200 -23.94 -43.14 28.80
N GLY M 201 -23.22 -43.14 27.68
CA GLY M 201 -22.37 -42.01 27.36
C GLY M 201 -23.17 -40.75 27.11
N SER M 202 -24.33 -40.87 26.47
CA SER M 202 -25.20 -39.72 26.32
C SER M 202 -25.69 -39.21 27.67
N ALA M 203 -26.05 -40.13 28.56
CA ALA M 203 -26.49 -39.73 29.89
C ALA M 203 -25.39 -39.02 30.66
N MET M 204 -24.14 -39.43 30.43
CA MET M 204 -23.01 -38.79 31.10
C MET M 204 -22.67 -37.44 30.49
N ALA M 205 -22.81 -37.30 29.17
CA ALA M 205 -22.56 -36.02 28.53
C ALA M 205 -23.61 -34.99 28.91
N MET M 206 -24.86 -35.43 29.07
CA MET M 206 -25.89 -34.50 29.51
C MET M 206 -25.66 -34.00 30.92
N TYR M 207 -24.85 -34.71 31.71
CA TYR M 207 -24.49 -34.24 33.04
C TYR M 207 -23.23 -33.38 33.03
N ALA M 208 -22.26 -33.73 32.19
CA ALA M 208 -21.09 -32.87 32.03
C ALA M 208 -21.49 -31.50 31.50
N TYR M 209 -22.51 -31.46 30.64
CA TYR M 209 -23.02 -30.17 30.16
C TYR M 209 -23.45 -29.29 31.31
N PHE M 210 -24.21 -29.85 32.27
CA PHE M 210 -24.64 -29.07 33.42
C PHE M 210 -23.45 -28.70 34.30
N VAL M 211 -22.51 -29.62 34.47
CA VAL M 211 -21.34 -29.33 35.30
C VAL M 211 -20.60 -28.11 34.76
N MET M 212 -20.46 -28.01 33.44
CA MET M 212 -19.61 -26.98 32.86
C MET M 212 -20.36 -25.75 32.37
N THR M 213 -21.70 -25.76 32.35
CA THR M 213 -22.45 -24.57 31.98
C THR M 213 -23.42 -24.10 33.05
N ARG M 214 -23.55 -24.83 34.15
CA ARG M 214 -24.42 -24.47 35.28
C ARG M 214 -25.88 -24.36 34.86
N GLN M 215 -26.26 -25.03 33.79
CA GLN M 215 -27.65 -25.09 33.34
C GLN M 215 -28.02 -26.52 33.03
N GLU M 216 -29.27 -26.88 33.27
CA GLU M 216 -29.74 -28.20 32.91
C GLU M 216 -29.93 -28.29 31.39
N TYR M 217 -29.60 -29.44 30.82
CA TYR M 217 -29.65 -29.60 29.38
C TYR M 217 -31.09 -29.70 28.89
N VAL M 218 -31.70 -28.57 28.59
CA VAL M 218 -33.03 -28.52 27.99
C VAL M 218 -32.88 -27.91 26.61
N TYR M 219 -33.76 -28.32 25.68
CA TYR M 219 -33.64 -27.88 24.30
C TYR M 219 -33.75 -26.36 24.15
N PRO M 220 -34.80 -25.70 24.62
CA PRO M 220 -34.88 -24.25 24.40
C PRO M 220 -33.78 -23.46 25.09
N GLU M 221 -33.37 -23.87 26.30
CA GLU M 221 -32.32 -23.15 26.98
C GLU M 221 -30.99 -23.29 26.26
N ALA M 222 -30.67 -24.49 25.78
CA ALA M 222 -29.45 -24.67 25.01
C ALA M 222 -29.49 -23.87 23.73
N ARG M 223 -30.64 -23.85 23.05
CA ARG M 223 -30.74 -23.07 21.83
C ARG M 223 -30.54 -21.58 22.10
N ASP M 224 -31.13 -21.07 23.19
CA ASP M 224 -30.97 -19.66 23.52
C ASP M 224 -29.53 -19.33 23.88
N ARG M 225 -28.87 -20.20 24.64
CA ARG M 225 -27.47 -19.96 24.98
C ARG M 225 -26.59 -19.93 23.73
N GLN M 226 -26.82 -20.87 22.81
CA GLN M 226 -26.02 -20.88 21.59
C GLN M 226 -26.30 -19.66 20.72
N TYR M 227 -27.58 -19.25 20.65
CA TYR M 227 -27.90 -18.04 19.91
C TYR M 227 -27.22 -16.82 20.51
N LEU M 228 -27.19 -16.73 21.84
CA LEU M 228 -26.55 -15.59 22.48
C LEU M 228 -25.05 -15.59 22.21
N LEU M 229 -24.41 -16.76 22.22
CA LEU M 229 -22.98 -16.80 21.93
C LEU M 229 -22.71 -16.42 20.48
N PHE M 230 -23.57 -16.84 19.57
CA PHE M 230 -23.39 -16.47 18.16
C PHE M 230 -23.60 -14.98 17.97
N PHE M 231 -24.57 -14.40 18.67
CA PHE M 231 -24.83 -12.97 18.55
C PHE M 231 -23.68 -12.16 19.12
N HIS M 232 -23.18 -12.54 20.29
CA HIS M 232 -22.08 -11.81 20.91
C HIS M 232 -20.74 -12.08 20.24
N LYS M 233 -20.69 -13.01 19.29
CA LYS M 233 -19.49 -13.09 18.46
C LYS M 233 -19.64 -12.30 17.17
N GLY M 234 -20.81 -12.38 16.54
CA GLY M 234 -21.05 -11.57 15.35
C GLY M 234 -21.09 -10.09 15.61
N ALA M 235 -21.42 -9.69 16.84
CA ALA M 235 -21.41 -8.27 17.18
C ALA M 235 -20.00 -7.77 17.46
N LYS M 236 -19.13 -8.64 17.95
CA LYS M 236 -17.73 -8.25 18.11
C LYS M 236 -17.01 -8.20 16.76
N LYS M 237 -17.34 -9.13 15.86
CA LYS M 237 -16.73 -9.11 14.53
C LYS M 237 -17.14 -7.87 13.76
N SER M 238 -18.36 -7.40 13.95
CA SER M 238 -18.87 -6.24 13.22
C SER M 238 -18.66 -4.93 13.96
N ARG M 239 -18.14 -4.97 15.19
CA ARG M 239 -17.90 -3.78 15.99
C ARG M 239 -19.19 -2.97 16.15
N PHE M 240 -20.19 -3.61 16.75
CA PHE M 240 -21.48 -3.01 17.00
C PHE M 240 -21.55 -2.53 18.43
N ASP M 241 -21.92 -1.26 18.61
CA ASP M 241 -21.96 -0.65 19.94
C ASP M 241 -23.17 -1.19 20.69
N LEU M 242 -23.00 -2.39 21.25
CA LEU M 242 -24.10 -3.05 21.95
C LEU M 242 -24.45 -2.34 23.25
N GLU M 243 -23.45 -1.75 23.90
CA GLU M 243 -23.66 -1.07 25.17
C GLU M 243 -24.56 0.14 24.98
N LYS M 244 -24.28 0.96 23.95
CA LYS M 244 -25.13 2.10 23.65
C LYS M 244 -26.53 1.65 23.28
N TYR M 245 -26.63 0.55 22.52
CA TYR M 245 -27.94 0.03 22.14
C TYR M 245 -28.76 -0.36 23.36
N ASN M 246 -28.14 -1.04 24.32
CA ASN M 246 -28.88 -1.43 25.52
C ASN M 246 -29.27 -0.22 26.36
N GLN M 247 -28.35 0.72 26.55
CA GLN M 247 -28.68 1.88 27.37
C GLN M 247 -29.66 2.81 26.67
N LEU M 248 -29.82 2.67 25.35
CA LEU M 248 -30.82 3.43 24.63
C LEU M 248 -32.17 2.75 24.59
N LYS M 249 -32.19 1.42 24.59
CA LYS M 249 -33.46 0.71 24.66
C LYS M 249 -34.03 0.66 26.07
N ASP M 250 -33.20 0.88 27.10
CA ASP M 250 -33.74 0.96 28.44
C ASP M 250 -34.34 2.33 28.75
N ALA M 251 -33.92 3.37 28.02
CA ALA M 251 -34.46 4.70 28.29
C ALA M 251 -35.83 4.87 27.65
N ILE M 252 -36.05 4.27 26.49
CA ILE M 252 -37.38 4.26 25.90
C ILE M 252 -38.36 3.52 26.81
N ALA M 253 -37.90 2.42 27.41
CA ALA M 253 -38.75 1.67 28.34
C ALA M 253 -39.06 2.51 29.57
N GLN M 254 -38.06 3.23 30.09
CA GLN M 254 -38.31 4.07 31.24
C GLN M 254 -39.30 5.18 30.92
N ALA M 255 -39.13 5.85 29.77
CA ALA M 255 -40.06 6.92 29.43
C ALA M 255 -41.47 6.43 29.13
N GLU M 256 -41.62 5.20 28.64
CA GLU M 256 -42.99 4.70 28.42
C GLU M 256 -43.62 4.24 29.71
N MET M 257 -42.85 3.69 30.64
CA MET M 257 -43.44 3.40 31.94
C MET M 257 -43.85 4.69 32.64
N ASP M 258 -43.08 5.76 32.46
CA ASP M 258 -43.49 7.04 33.01
C ASP M 258 -44.77 7.55 32.36
N LEU M 259 -44.89 7.41 31.03
CA LEU M 259 -46.13 7.81 30.37
C LEU M 259 -47.32 6.98 30.83
N LYS M 260 -47.10 5.68 31.04
CA LYS M 260 -48.18 4.83 31.55
C LYS M 260 -48.59 5.25 32.95
N ARG M 261 -47.62 5.63 33.79
CA ARG M 261 -47.96 6.09 35.12
C ARG M 261 -48.76 7.38 35.08
N LEU M 262 -48.37 8.31 34.19
CA LEU M 262 -49.05 9.60 34.13
C LEU M 262 -50.48 9.53 33.60
N ARG M 263 -51.03 8.35 33.34
CA ARG M 263 -52.40 8.27 32.85
C ARG M 263 -53.41 8.49 33.96
N ASP M 264 -53.10 8.12 35.20
CA ASP M 264 -54.08 8.25 36.28
C ASP M 264 -54.38 9.70 36.63
N PRO M 265 -53.39 10.53 36.99
CA PRO M 265 -53.71 11.88 37.45
C PRO M 265 -54.09 12.84 36.33
N LEU M 266 -54.06 12.41 35.07
CA LEU M 266 -54.31 13.30 33.94
C LEU M 266 -55.57 12.97 33.17
N GLN M 267 -56.05 11.72 33.22
CA GLN M 267 -57.24 11.31 32.49
C GLN M 267 -58.40 10.92 33.39
N VAL M 268 -58.13 10.17 34.46
CA VAL M 268 -59.19 9.72 35.37
C VAL M 268 -59.14 10.43 36.70
N HIS M 269 -58.22 11.37 36.90
CA HIS M 269 -58.15 12.20 38.10
C HIS M 269 -57.99 11.34 39.37
N LEU M 270 -57.18 10.30 39.28
CA LEU M 270 -56.87 9.45 40.41
C LEU M 270 -55.43 9.69 40.86
N PRO M 271 -55.11 9.36 42.11
CA PRO M 271 -53.75 9.61 42.61
C PRO M 271 -52.71 8.78 41.86
N LEU M 272 -51.55 9.37 41.68
CA LEU M 272 -50.48 8.73 40.93
C LEU M 272 -49.94 7.50 41.66
N ARG M 273 -49.63 6.46 40.90
CA ARG M 273 -49.05 5.25 41.45
C ARG M 273 -47.58 5.44 41.72
N GLN M 274 -47.12 4.94 42.87
CA GLN M 274 -45.72 5.09 43.25
C GLN M 274 -44.83 4.21 42.37
N ILE M 275 -43.52 4.41 42.51
CA ILE M 275 -42.54 3.64 41.75
C ILE M 275 -42.54 2.20 42.27
N GLY M 276 -43.05 1.28 41.48
CA GLY M 276 -43.09 -0.12 41.87
C GLY M 276 -44.44 -0.57 42.39
N ASP N 1 -58.80 43.94 7.63
CA ASP N 1 -60.17 43.49 7.84
C ASP N 1 -60.47 43.34 9.34
N ASP N 2 -60.42 42.11 9.83
CA ASP N 2 -60.77 41.83 11.21
C ASP N 2 -59.96 40.64 11.70
N VAL N 3 -59.88 40.50 13.02
CA VAL N 3 -59.16 39.41 13.68
C VAL N 3 -60.12 38.70 14.61
N THR N 4 -60.20 37.38 14.48
CA THR N 4 -61.12 36.58 15.27
C THR N 4 -60.37 35.54 16.10
N VAL N 5 -61.03 35.07 17.15
CA VAL N 5 -60.49 34.03 18.01
C VAL N 5 -61.58 32.98 18.19
N VAL N 6 -61.32 31.76 17.71
CA VAL N 6 -62.31 30.69 17.74
C VAL N 6 -61.69 29.46 18.36
N TYR N 7 -62.42 28.79 19.26
CA TYR N 7 -61.94 27.56 19.87
C TYR N 7 -62.29 26.40 18.97
N GLN N 8 -61.27 25.62 18.59
CA GLN N 8 -61.45 24.42 17.78
C GLN N 8 -60.77 23.27 18.49
N ASN N 9 -61.53 22.22 18.79
CA ASN N 9 -61.01 21.04 19.48
C ASN N 9 -60.34 21.42 20.80
N GLY N 10 -60.88 22.44 21.46
CA GLY N 10 -60.36 22.91 22.73
C GLY N 10 -59.16 23.81 22.65
N LEU N 11 -58.68 24.14 21.44
CA LEU N 11 -57.51 24.97 21.31
C LEU N 11 -57.87 26.29 20.62
N PRO N 12 -57.30 27.41 21.07
CA PRO N 12 -57.62 28.69 20.43
C PRO N 12 -56.95 28.81 19.08
N VAL N 13 -57.69 29.38 18.14
CA VAL N 13 -57.22 29.65 16.78
C VAL N 13 -57.49 31.12 16.50
N ILE N 14 -56.43 31.87 16.26
CA ILE N 14 -56.52 33.31 15.99
C ILE N 14 -56.34 33.55 14.51
N SER N 15 -57.36 34.10 13.88
CA SER N 15 -57.33 34.41 12.45
C SER N 15 -57.09 35.90 12.28
N VAL N 16 -56.00 36.24 11.59
CA VAL N 16 -55.55 37.62 11.45
C VAL N 16 -55.13 37.86 10.01
N ARG N 17 -55.34 39.09 9.54
CA ARG N 17 -54.96 39.49 8.19
C ARG N 17 -53.63 40.23 8.23
N LEU N 18 -52.65 39.70 7.54
CA LEU N 18 -51.29 40.25 7.57
C LEU N 18 -51.15 41.39 6.58
N PRO N 19 -50.26 42.36 6.86
CA PRO N 19 -50.20 43.55 6.00
C PRO N 19 -49.57 43.29 4.65
N SER N 20 -48.47 42.55 4.59
CA SER N 20 -47.73 42.44 3.34
C SER N 20 -48.38 41.43 2.39
N ARG N 21 -48.68 40.23 2.88
CA ARG N 21 -49.19 39.18 2.01
C ARG N 21 -50.60 39.49 1.52
N ARG N 22 -51.35 40.29 2.27
CA ARG N 22 -52.75 40.58 1.96
C ARG N 22 -53.58 39.29 1.89
N GLU N 23 -53.24 38.34 2.76
CA GLU N 23 -53.96 37.07 2.83
C GLU N 23 -54.15 36.69 4.29
N ARG N 24 -55.33 36.18 4.61
CA ARG N 24 -55.70 35.91 5.98
C ARG N 24 -55.04 34.61 6.45
N CYS N 25 -54.31 34.67 7.55
CA CYS N 25 -53.67 33.51 8.14
C CYS N 25 -54.33 33.16 9.47
N GLN N 26 -54.02 31.96 9.96
CA GLN N 26 -54.55 31.52 11.25
C GLN N 26 -53.45 30.83 12.05
N PHE N 27 -53.46 31.06 13.35
CA PHE N 27 -52.45 30.53 14.26
C PHE N 27 -53.15 29.73 15.35
N THR N 28 -52.75 28.47 15.51
CA THR N 28 -53.27 27.63 16.58
C THR N 28 -52.31 27.70 17.77
N LEU N 29 -52.85 28.01 18.95
CA LEU N 29 -52.03 28.21 20.14
C LEU N 29 -52.41 27.24 21.24
N LYS N 30 -51.41 26.83 22.02
CA LYS N 30 -51.65 26.03 23.21
C LYS N 30 -51.76 26.96 24.42
N PRO N 31 -52.86 26.93 25.16
CA PRO N 31 -53.04 27.91 26.24
C PRO N 31 -52.10 27.71 27.42
N ILE N 32 -51.45 26.56 27.54
CA ILE N 32 -50.62 26.25 28.70
C ILE N 32 -49.14 26.48 28.40
N SER N 33 -48.68 26.00 27.25
CA SER N 33 -47.25 26.04 26.95
C SER N 33 -46.82 27.36 26.33
N ASP N 34 -47.58 27.89 25.37
CA ASP N 34 -47.16 29.11 24.71
C ASP N 34 -47.41 30.33 25.59
N SER N 35 -46.94 31.48 25.10
CA SER N 35 -47.07 32.74 25.82
C SER N 35 -47.32 33.84 24.80
N VAL N 36 -47.38 35.08 25.28
CA VAL N 36 -47.55 36.21 24.37
C VAL N 36 -46.31 36.37 23.49
N GLY N 37 -45.13 36.18 24.06
CA GLY N 37 -43.91 36.29 23.28
C GLY N 37 -43.84 35.29 22.15
N VAL N 38 -44.29 34.06 22.41
CA VAL N 38 -44.27 33.03 21.37
C VAL N 38 -45.23 33.38 20.26
N PHE N 39 -46.43 33.86 20.60
CA PHE N 39 -47.39 34.25 19.58
C PHE N 39 -46.87 35.41 18.75
N LEU N 40 -46.26 36.40 19.39
CA LEU N 40 -45.74 37.53 18.64
C LEU N 40 -44.58 37.12 17.75
N ARG N 41 -43.76 36.18 18.21
CA ARG N 41 -42.66 35.70 17.39
C ARG N 41 -43.17 34.93 16.19
N GLN N 42 -44.19 34.08 16.38
CA GLN N 42 -44.78 33.37 15.26
C GLN N 42 -45.41 34.34 14.28
N LEU N 43 -46.00 35.43 14.78
CA LEU N 43 -46.63 36.39 13.90
C LEU N 43 -45.60 37.23 13.15
N GLN N 44 -44.42 37.41 13.74
CA GLN N 44 -43.38 38.17 13.07
C GLN N 44 -42.64 37.33 12.04
N GLU N 45 -42.35 36.07 12.36
CA GLU N 45 -41.63 35.20 11.43
C GLU N 45 -42.53 34.60 10.37
N GLU N 46 -43.71 35.18 10.17
CA GLU N 46 -44.66 34.70 9.17
C GLU N 46 -44.45 35.38 7.83
N ASP N 47 -44.53 36.72 7.81
CA ASP N 47 -44.43 37.46 6.55
C ASP N 47 -43.20 38.35 6.46
N ARG N 48 -42.50 38.60 7.57
CA ARG N 48 -41.27 39.36 7.66
C ARG N 48 -41.46 40.85 7.37
N GLY N 49 -42.66 41.28 7.00
CA GLY N 49 -42.93 42.67 6.74
C GLY N 49 -43.48 43.43 7.92
N ILE N 50 -43.48 42.83 9.11
CA ILE N 50 -44.02 43.43 10.32
C ILE N 50 -42.84 43.79 11.21
N ASP N 51 -42.56 45.08 11.33
CA ASP N 51 -41.41 45.53 12.10
C ASP N 51 -41.74 45.79 13.56
N ARG N 52 -43.00 46.05 13.88
CA ARG N 52 -43.38 46.33 15.26
C ARG N 52 -44.75 45.74 15.53
N VAL N 53 -44.85 44.93 16.57
CA VAL N 53 -46.11 44.29 16.97
C VAL N 53 -46.16 44.23 18.49
N ALA N 54 -47.33 44.45 19.05
CA ALA N 54 -47.51 44.45 20.49
C ALA N 54 -48.94 44.07 20.82
N ILE N 55 -49.18 43.74 22.09
CA ILE N 55 -50.50 43.40 22.58
C ILE N 55 -50.79 44.23 23.82
N TYR N 56 -51.83 45.04 23.75
CA TYR N 56 -52.18 45.94 24.84
C TYR N 56 -53.45 45.46 25.53
N SER N 57 -53.48 45.60 26.84
CA SER N 57 -54.71 45.42 27.59
C SER N 57 -55.67 46.55 27.26
N PRO N 58 -56.99 46.30 27.30
CA PRO N 58 -57.94 47.35 26.91
C PRO N 58 -57.85 48.61 27.76
N ASP N 59 -57.12 48.60 28.88
CA ASP N 59 -56.96 49.79 29.69
C ASP N 59 -55.84 50.69 29.20
N GLY N 60 -55.08 50.27 28.19
CA GLY N 60 -53.98 51.03 27.65
C GLY N 60 -52.62 50.45 27.95
N VAL N 61 -52.49 49.74 29.08
CA VAL N 61 -51.20 49.15 29.42
C VAL N 61 -50.86 48.03 28.46
N ARG N 62 -49.58 47.69 28.40
CA ARG N 62 -49.09 46.64 27.52
C ARG N 62 -48.78 45.40 28.34
N VAL N 63 -49.21 44.25 27.86
CA VAL N 63 -48.89 42.99 28.53
C VAL N 63 -47.49 42.54 28.13
N ALA N 64 -46.81 41.90 29.07
CA ALA N 64 -45.43 41.49 28.85
C ALA N 64 -45.36 40.37 27.83
N ALA N 65 -44.14 39.97 27.49
CA ALA N 65 -43.92 38.88 26.56
C ALA N 65 -43.87 37.52 27.23
N SER N 66 -43.92 37.47 28.56
CA SER N 66 -43.91 36.21 29.29
C SER N 66 -45.29 35.83 29.82
N THR N 67 -46.30 36.67 29.59
CA THR N 67 -47.65 36.34 30.04
C THR N 67 -48.20 35.17 29.26
N GLY N 68 -48.75 34.19 29.97
CA GLY N 68 -49.28 33.01 29.30
C GLY N 68 -50.48 33.35 28.42
N ILE N 69 -50.71 32.48 27.45
CA ILE N 69 -51.82 32.70 26.53
C ILE N 69 -53.16 32.53 27.24
N ASP N 70 -53.23 31.59 28.18
CA ASP N 70 -54.47 31.37 28.90
C ASP N 70 -54.88 32.59 29.70
N LEU N 71 -53.93 33.20 30.42
CA LEU N 71 -54.23 34.38 31.20
C LEU N 71 -54.59 35.58 30.33
N LEU N 72 -54.23 35.57 29.06
CA LEU N 72 -54.52 36.69 28.19
C LEU N 72 -55.94 36.61 27.61
N LEU N 73 -56.41 35.40 27.32
CA LEU N 73 -57.69 35.22 26.64
C LEU N 73 -58.88 35.34 27.57
N LEU N 74 -58.71 35.85 28.79
CA LEU N 74 -59.85 36.03 29.67
C LEU N 74 -60.75 37.18 29.21
N ASP N 75 -60.16 38.28 28.75
CA ASP N 75 -60.93 39.43 28.31
C ASP N 75 -60.34 39.96 27.01
N ASP N 76 -60.96 41.03 26.50
CA ASP N 76 -60.56 41.62 25.23
C ASP N 76 -59.12 42.11 25.30
N PHE N 77 -58.54 42.38 24.14
CA PHE N 77 -57.27 43.09 24.09
C PHE N 77 -57.15 43.81 22.75
N LYS N 78 -56.00 44.43 22.53
CA LYS N 78 -55.75 45.19 21.31
C LYS N 78 -54.44 44.71 20.71
N LEU N 79 -54.52 44.10 19.53
CA LEU N 79 -53.33 43.66 18.82
C LEU N 79 -52.89 44.80 17.91
N VAL N 80 -51.71 45.35 18.18
CA VAL N 80 -51.19 46.49 17.42
C VAL N 80 -50.10 45.96 16.50
N ILE N 81 -50.37 46.02 15.20
CA ILE N 81 -49.38 45.76 14.19
C ILE N 81 -48.88 47.13 13.72
N ASN N 82 -47.82 47.13 12.92
CA ASN N 82 -46.93 48.28 12.73
C ASN N 82 -47.62 49.65 12.83
N ASP N 83 -48.73 49.85 12.13
CA ASP N 83 -49.51 51.05 12.40
C ASP N 83 -51.02 50.80 12.39
N LEU N 84 -51.45 49.55 12.50
CA LEU N 84 -52.85 49.19 12.65
C LEU N 84 -53.10 48.74 14.08
N THR N 85 -54.35 48.92 14.54
CA THR N 85 -54.75 48.52 15.88
C THR N 85 -56.07 47.78 15.79
N TYR N 86 -56.04 46.47 16.00
CA TYR N 86 -57.24 45.65 15.92
C TYR N 86 -57.73 45.30 17.32
N HIS N 87 -59.04 45.36 17.52
CA HIS N 87 -59.65 45.04 18.80
C HIS N 87 -60.09 43.58 18.80
N VAL N 88 -59.44 42.76 19.62
CA VAL N 88 -59.68 41.33 19.66
C VAL N 88 -60.60 41.02 20.82
N ARG N 89 -61.64 40.24 20.56
CA ARG N 89 -62.59 39.82 21.59
C ARG N 89 -62.67 38.30 21.62
N PRO N 90 -61.98 37.63 22.54
CA PRO N 90 -62.09 36.19 22.62
C PRO N 90 -63.42 35.78 23.19
N PRO N 91 -63.93 34.59 22.86
CA PRO N 91 -65.21 34.15 23.41
C PRO N 91 -65.10 33.89 24.90
N LYS N 92 -66.12 34.31 25.63
CA LYS N 92 -66.09 34.24 27.09
C LYS N 92 -66.27 32.80 27.57
N ARG N 93 -65.47 32.43 28.56
CA ARG N 93 -65.55 31.13 29.19
C ARG N 93 -66.47 31.19 30.40
N ASP N 94 -67.03 30.03 30.76
CA ASP N 94 -67.91 29.90 31.91
C ASP N 94 -67.10 29.32 33.07
N LEU N 95 -66.64 30.20 33.96
CA LEU N 95 -65.84 29.77 35.10
C LEU N 95 -66.45 30.30 36.39
N LEU N 96 -65.71 30.19 37.49
CA LEU N 96 -66.21 30.65 38.78
C LEU N 96 -66.61 32.12 38.72
N SER N 97 -67.66 32.45 39.47
CA SER N 97 -68.13 33.82 39.53
C SER N 97 -67.07 34.73 40.14
N HIS N 98 -67.34 36.03 40.09
CA HIS N 98 -66.40 37.02 40.62
C HIS N 98 -66.26 36.95 42.13
N GLU N 99 -67.00 36.10 42.81
CA GLU N 99 -66.92 35.94 44.26
C GLU N 99 -66.10 34.72 44.68
N ASN N 100 -66.32 33.58 44.04
CA ASN N 100 -65.52 32.40 44.38
C ASN N 100 -64.09 32.54 43.91
N ALA N 101 -63.87 33.25 42.80
CA ALA N 101 -62.51 33.47 42.33
C ALA N 101 -61.68 34.20 43.37
N ALA N 102 -62.29 35.15 44.08
CA ALA N 102 -61.57 35.85 45.15
C ALA N 102 -61.19 34.89 46.27
N THR N 103 -62.08 33.97 46.63
CA THR N 103 -61.77 33.01 47.68
C THR N 103 -60.63 32.08 47.26
N LEU N 104 -60.68 31.59 46.02
CA LEU N 104 -59.62 30.71 45.53
C LEU N 104 -58.30 31.46 45.46
N ASN N 105 -58.33 32.72 45.03
CA ASN N 105 -57.12 33.53 45.01
C ASN N 105 -56.56 33.73 46.40
N ASP N 106 -57.43 33.97 47.38
CA ASP N 106 -56.97 34.13 48.75
C ASP N 106 -56.34 32.84 49.27
N VAL N 107 -56.92 31.69 48.95
CA VAL N 107 -56.34 30.42 49.36
C VAL N 107 -54.96 30.24 48.74
N LYS N 108 -54.85 30.47 47.44
CA LYS N 108 -53.56 30.32 46.77
C LYS N 108 -52.51 31.24 47.39
N THR N 109 -52.87 32.50 47.62
CA THR N 109 -51.91 33.46 48.16
C THR N 109 -51.48 33.09 49.57
N LEU N 110 -52.43 32.68 50.42
CA LEU N 110 -52.07 32.30 51.78
C LEU N 110 -51.19 31.06 51.80
N VAL N 111 -51.50 30.07 50.96
CA VAL N 111 -50.67 28.87 50.92
C VAL N 111 -49.27 29.21 50.45
N GLN N 112 -49.15 30.10 49.46
CA GLN N 112 -47.83 30.46 48.96
C GLN N 112 -47.03 31.22 50.00
N GLN N 113 -47.67 32.16 50.70
CA GLN N 113 -46.94 32.91 51.72
C GLN N 113 -46.55 32.02 52.89
N LEU N 114 -47.37 31.02 53.22
CA LEU N 114 -46.96 30.06 54.25
C LEU N 114 -45.80 29.20 53.78
N TYR N 115 -45.81 28.80 52.50
CA TYR N 115 -44.70 28.04 51.98
C TYR N 115 -43.42 28.84 51.97
N THR N 116 -43.52 30.16 51.82
CA THR N 116 -42.30 30.97 51.80
C THR N 116 -41.80 31.27 53.20
N THR N 117 -42.65 31.82 54.07
CA THR N 117 -42.17 32.26 55.38
C THR N 117 -41.71 31.11 56.25
N LEU N 118 -42.38 29.95 56.15
CA LEU N 118 -41.98 28.81 56.96
C LEU N 118 -40.73 28.12 56.43
N CYS N 119 -40.28 28.48 55.23
CA CYS N 119 -39.08 27.91 54.61
C CYS N 119 -39.21 26.39 54.48
N ILE N 120 -40.19 25.99 53.69
CA ILE N 120 -40.48 24.57 53.51
C ILE N 120 -39.46 23.92 52.58
N GLU N 121 -38.85 24.70 51.69
CA GLU N 121 -37.84 24.13 50.80
C GLU N 121 -36.68 23.53 51.58
N GLN N 122 -36.17 24.27 52.56
CA GLN N 122 -35.10 23.75 53.39
C GLN N 122 -35.57 22.59 54.24
N HIS N 123 -36.85 22.57 54.61
CA HIS N 123 -37.37 21.42 55.35
C HIS N 123 -37.34 20.16 54.49
N GLN N 124 -37.76 20.25 53.24
CA GLN N 124 -37.71 19.10 52.36
C GLN N 124 -36.27 18.67 52.10
N LEU N 125 -35.37 19.64 51.90
CA LEU N 125 -33.97 19.28 51.68
C LEU N 125 -33.37 18.62 52.91
N ASN N 126 -33.76 19.06 54.10
CA ASN N 126 -33.26 18.42 55.31
C ASN N 126 -33.82 17.02 55.46
N LYS N 127 -35.07 16.81 55.06
CA LYS N 127 -35.63 15.46 55.08
C LYS N 127 -34.86 14.53 54.15
N GLU N 128 -34.60 15.00 52.93
CA GLU N 128 -33.85 14.18 51.98
C GLU N 128 -32.42 13.94 52.46
N ARG N 129 -31.83 14.94 53.13
CA ARG N 129 -30.48 14.76 53.66
C ARG N 129 -30.45 13.74 54.79
N GLU N 130 -31.44 13.79 55.68
CA GLU N 130 -31.53 12.78 56.74
C GLU N 130 -31.71 11.39 56.15
N LEU N 131 -32.50 11.27 55.09
CA LEU N 131 -32.71 9.98 54.46
C LEU N 131 -31.41 9.46 53.83
N ILE N 132 -30.68 10.32 53.13
CA ILE N 132 -29.39 9.91 52.57
C ILE N 132 -28.43 9.50 53.67
N GLU N 133 -28.42 10.24 54.78
CA GLU N 133 -27.49 9.92 55.86
C GLU N 133 -27.84 8.59 56.50
N ARG N 134 -29.13 8.31 56.70
CA ARG N 134 -29.51 7.01 57.24
C ARG N 134 -29.14 5.88 56.28
N LEU N 135 -29.38 6.08 54.98
CA LEU N 135 -29.03 5.04 54.02
C LEU N 135 -27.52 4.78 54.00
N GLU N 136 -26.72 5.84 54.05
CA GLU N 136 -25.27 5.67 54.06
C GLU N 136 -24.75 5.14 55.37
N ASP N 137 -25.51 5.30 56.46
CA ASP N 137 -25.13 4.69 57.72
C ASP N 137 -25.45 3.20 57.72
N LEU N 138 -26.53 2.80 57.07
CA LEU N 138 -26.87 1.38 57.01
C LEU N 138 -25.81 0.58 56.27
N LYS N 139 -25.07 1.23 55.36
CA LYS N 139 -24.04 0.54 54.59
C LYS N 139 -22.70 0.50 55.30
N GLU N 140 -22.51 1.25 56.38
CA GLU N 140 -21.28 1.16 57.15
C GLU N 140 -21.31 0.04 58.18
N GLN N 141 -22.50 -0.42 58.57
CA GLN N 141 -22.61 -1.62 59.38
C GLN N 141 -22.54 -2.87 58.54
N LEU N 142 -22.56 -2.75 57.23
CA LEU N 142 -22.51 -3.91 56.33
C LEU N 142 -21.11 -4.19 55.81
N ALA N 143 -20.23 -3.19 55.79
CA ALA N 143 -18.88 -3.42 55.30
C ALA N 143 -18.11 -4.51 56.06
N PRO N 144 -18.19 -4.61 57.39
CA PRO N 144 -17.50 -5.72 58.06
C PRO N 144 -18.16 -7.06 57.85
N LEU N 145 -19.48 -7.12 57.74
CA LEU N 145 -20.17 -8.40 57.67
C LEU N 145 -20.01 -9.05 56.31
N GLU N 146 -20.11 -8.27 55.24
CA GLU N 146 -19.99 -8.85 53.90
C GLU N 146 -18.58 -9.39 53.65
N LYS N 147 -17.57 -8.83 54.32
CA LYS N 147 -16.21 -9.30 54.11
C LYS N 147 -16.01 -10.73 54.59
N VAL N 148 -16.80 -11.18 55.55
CA VAL N 148 -16.71 -12.57 56.01
C VAL N 148 -17.77 -13.41 55.32
N ARG N 149 -18.89 -12.78 54.94
CA ARG N 149 -19.90 -13.51 54.18
C ARG N 149 -19.32 -13.98 52.84
N ILE N 150 -18.50 -13.16 52.20
CA ILE N 150 -17.90 -13.55 50.93
C ILE N 150 -16.96 -14.74 51.13
N GLU N 151 -16.19 -14.73 52.22
CA GLU N 151 -15.31 -15.85 52.51
C GLU N 151 -16.11 -17.14 52.70
N ILE N 152 -17.19 -17.07 53.46
CA ILE N 152 -18.01 -18.26 53.69
C ILE N 152 -18.62 -18.77 52.39
N SER N 153 -19.14 -17.85 51.58
CA SER N 153 -19.74 -18.26 50.30
C SER N 153 -18.69 -18.89 49.39
N ARG N 154 -17.47 -18.37 49.40
CA ARG N 154 -16.43 -18.91 48.54
C ARG N 154 -16.05 -20.32 48.97
N LYS N 155 -15.82 -20.53 50.26
CA LYS N 155 -15.47 -21.88 50.68
C LYS N 155 -16.67 -22.82 50.75
N ALA N 156 -17.89 -22.33 50.49
CA ALA N 156 -19.00 -23.26 50.26
C ALA N 156 -19.10 -23.66 48.79
N GLU N 157 -18.96 -22.71 47.88
CA GLU N 157 -18.97 -23.08 46.47
C GLU N 157 -17.76 -23.94 46.11
N LYS N 158 -16.65 -23.78 46.84
CA LYS N 158 -15.49 -24.61 46.56
C LYS N 158 -15.71 -26.07 46.93
N ARG N 159 -16.64 -26.35 47.84
CA ARG N 159 -17.03 -27.74 48.10
C ARG N 159 -18.13 -28.20 47.16
N THR N 160 -19.04 -27.31 46.78
CA THR N 160 -20.09 -27.70 45.84
C THR N 160 -19.51 -28.15 44.50
N THR N 161 -18.54 -27.39 43.97
CA THR N 161 -17.93 -27.77 42.70
C THR N 161 -17.20 -29.09 42.82
N LEU N 162 -16.57 -29.33 43.97
CA LEU N 162 -15.87 -30.60 44.17
C LEU N 162 -16.84 -31.75 44.21
N VAL N 163 -18.02 -31.55 44.80
CA VAL N 163 -19.05 -32.60 44.79
C VAL N 163 -19.51 -32.87 43.37
N LEU N 164 -19.70 -31.83 42.56
CA LEU N 164 -20.08 -32.03 41.17
C LEU N 164 -19.05 -32.87 40.42
N TRP N 165 -17.77 -32.48 40.54
CA TRP N 165 -16.73 -33.22 39.83
C TRP N 165 -16.62 -34.65 40.36
N GLY N 166 -16.87 -34.85 41.65
CA GLY N 166 -16.85 -36.21 42.18
C GLY N 166 -17.96 -37.07 41.60
N GLY N 167 -19.16 -36.51 41.46
CA GLY N 167 -20.24 -37.25 40.82
C GLY N 167 -19.90 -37.62 39.39
N LEU N 168 -19.30 -36.68 38.65
CA LEU N 168 -18.90 -36.99 37.28
C LEU N 168 -17.85 -38.10 37.25
N ALA N 169 -16.87 -38.05 38.14
CA ALA N 169 -15.85 -39.09 38.20
C ALA N 169 -16.47 -40.44 38.54
N TYR N 170 -17.49 -40.45 39.39
CA TYR N 170 -18.16 -41.70 39.71
C TYR N 170 -18.88 -42.27 38.50
N MET N 171 -19.57 -41.42 37.74
CA MET N 171 -20.21 -41.90 36.51
C MET N 171 -19.16 -42.49 35.56
N ALA N 172 -18.01 -41.83 35.44
CA ALA N 172 -16.96 -42.32 34.55
C ALA N 172 -16.45 -43.68 35.01
N THR N 173 -16.14 -43.82 36.29
CA THR N 173 -15.60 -45.08 36.77
C THR N 173 -16.64 -46.20 36.69
N GLN N 174 -17.93 -45.88 36.81
CA GLN N 174 -18.94 -46.91 36.60
C GLN N 174 -18.98 -47.35 35.15
N PHE N 175 -18.93 -46.40 34.21
CA PHE N 175 -18.82 -46.76 32.80
C PHE N 175 -17.65 -47.70 32.57
N GLY N 176 -16.49 -47.37 33.13
CA GLY N 176 -15.32 -48.21 32.90
C GLY N 176 -15.45 -49.58 33.51
N ILE N 177 -15.92 -49.65 34.76
CA ILE N 177 -16.01 -50.93 35.45
C ILE N 177 -17.08 -51.82 34.83
N LEU N 178 -18.07 -51.24 34.16
CA LEU N 178 -19.05 -52.05 33.47
C LEU N 178 -18.63 -52.43 32.05
N ALA N 179 -17.87 -51.58 31.38
CA ALA N 179 -17.46 -51.89 30.02
C ALA N 179 -16.25 -52.80 29.96
N ARG N 180 -15.47 -52.88 31.04
CA ARG N 180 -14.33 -53.78 31.02
C ARG N 180 -14.78 -55.23 31.03
N LEU N 181 -15.83 -55.52 31.80
CA LEU N 181 -16.25 -56.90 32.00
C LEU N 181 -16.94 -57.48 30.78
N THR N 182 -17.78 -56.69 30.11
CA THR N 182 -18.63 -57.25 29.05
C THR N 182 -17.86 -57.65 27.81
N TRP N 183 -16.58 -57.32 27.71
CA TRP N 183 -15.82 -57.67 26.52
C TRP N 183 -14.56 -58.46 26.82
N TRP N 184 -13.92 -58.24 27.97
CA TRP N 184 -12.67 -58.91 28.28
C TRP N 184 -12.89 -60.16 29.14
N GLU N 185 -13.46 -59.99 30.33
CA GLU N 185 -13.56 -61.10 31.28
C GLU N 185 -14.83 -61.91 31.08
N TYR N 186 -15.99 -61.27 31.23
CA TYR N 186 -17.27 -61.94 31.11
C TYR N 186 -17.90 -61.63 29.76
N SER N 187 -19.14 -62.06 29.56
CA SER N 187 -19.87 -61.80 28.34
C SER N 187 -21.08 -60.92 28.64
N TRP N 188 -21.73 -60.45 27.58
CA TRP N 188 -22.91 -59.62 27.76
C TRP N 188 -24.08 -60.43 28.32
N ASP N 189 -24.14 -61.72 27.99
CA ASP N 189 -25.19 -62.59 28.52
C ASP N 189 -25.17 -62.64 30.03
N ILE N 190 -24.05 -62.29 30.66
CA ILE N 190 -23.94 -62.27 32.11
C ILE N 190 -24.16 -60.88 32.67
N MET N 191 -23.69 -59.85 31.96
CA MET N 191 -23.68 -58.50 32.49
C MET N 191 -24.91 -57.68 32.13
N GLU N 192 -25.80 -58.17 31.27
CA GLU N 192 -26.97 -57.35 30.93
C GLU N 192 -27.91 -57.18 32.12
N PRO N 193 -28.30 -58.23 32.86
CA PRO N 193 -29.18 -58.02 34.01
C PRO N 193 -28.56 -57.15 35.09
N VAL N 194 -27.24 -57.22 35.27
CA VAL N 194 -26.59 -56.35 36.23
C VAL N 194 -26.81 -54.89 35.85
N THR N 195 -26.67 -54.57 34.56
CA THR N 195 -26.90 -53.20 34.12
C THR N 195 -28.35 -52.79 34.30
N TYR N 196 -29.29 -53.68 33.99
CA TYR N 196 -30.69 -53.33 34.19
C TYR N 196 -30.99 -53.05 35.64
N PHE N 197 -30.47 -53.88 36.54
CA PHE N 197 -30.75 -53.66 37.96
C PHE N 197 -30.04 -52.42 38.49
N ILE N 198 -28.89 -52.07 37.91
CA ILE N 198 -28.26 -50.81 38.27
C ILE N 198 -29.14 -49.64 37.87
N THR N 199 -29.72 -49.70 36.67
CA THR N 199 -30.62 -48.64 36.23
C THR N 199 -31.84 -48.52 37.14
N TYR N 200 -32.44 -49.67 37.48
CA TYR N 200 -33.61 -49.61 38.35
C TYR N 200 -33.25 -49.14 39.75
N GLY N 201 -32.07 -49.49 40.24
CA GLY N 201 -31.64 -48.97 41.53
C GLY N 201 -31.40 -47.47 41.48
N SER N 202 -30.92 -46.96 40.35
CA SER N 202 -30.79 -45.52 40.18
C SER N 202 -32.15 -44.85 40.23
N ALA N 203 -33.16 -45.46 39.61
CA ALA N 203 -34.51 -44.90 39.68
C ALA N 203 -35.05 -44.90 41.10
N MET N 204 -34.82 -46.01 41.83
CA MET N 204 -35.27 -46.07 43.22
C MET N 204 -34.56 -45.03 44.07
N ALA N 205 -33.27 -44.79 43.82
CA ALA N 205 -32.54 -43.78 44.57
C ALA N 205 -33.05 -42.37 44.25
N MET N 206 -33.34 -42.11 42.99
CA MET N 206 -33.88 -40.80 42.63
C MET N 206 -35.27 -40.58 43.22
N TYR N 207 -36.02 -41.66 43.47
CA TYR N 207 -37.29 -41.49 44.17
C TYR N 207 -37.10 -41.30 45.67
N ALA N 208 -36.14 -42.02 46.26
CA ALA N 208 -35.86 -41.84 47.68
C ALA N 208 -35.34 -40.45 47.97
N TYR N 209 -34.63 -39.84 47.03
CA TYR N 209 -34.20 -38.46 47.21
C TYR N 209 -35.39 -37.53 47.38
N PHE N 210 -36.41 -37.71 46.55
CA PHE N 210 -37.62 -36.89 46.71
C PHE N 210 -38.32 -37.20 48.03
N VAL N 211 -38.42 -38.49 48.38
CA VAL N 211 -39.08 -38.84 49.64
C VAL N 211 -38.39 -38.16 50.82
N MET N 212 -37.06 -38.08 50.78
CA MET N 212 -36.31 -37.53 51.91
C MET N 212 -36.29 -36.02 51.91
N THR N 213 -36.06 -35.38 50.76
CA THR N 213 -35.87 -33.95 50.70
C THR N 213 -37.13 -33.19 50.32
N ARG N 214 -38.21 -33.89 50.00
CA ARG N 214 -39.50 -33.28 49.66
C ARG N 214 -39.40 -32.38 48.43
N GLN N 215 -38.49 -32.70 47.51
CA GLN N 215 -38.40 -31.97 46.26
C GLN N 215 -37.75 -32.86 45.21
N GLU N 216 -38.15 -32.67 43.96
CA GLU N 216 -37.69 -33.54 42.89
C GLU N 216 -36.18 -33.41 42.69
N TYR N 217 -35.57 -34.48 42.21
CA TYR N 217 -34.13 -34.52 41.99
C TYR N 217 -33.83 -34.00 40.60
N VAL N 218 -33.41 -32.74 40.51
CA VAL N 218 -32.88 -32.18 39.28
C VAL N 218 -31.54 -31.54 39.61
N TYR N 219 -30.71 -31.38 38.58
CA TYR N 219 -29.32 -30.98 38.80
C TYR N 219 -29.18 -29.62 39.46
N PRO N 220 -29.73 -28.52 38.91
CA PRO N 220 -29.49 -27.22 39.54
C PRO N 220 -30.12 -27.08 40.92
N GLU N 221 -31.31 -27.65 41.13
CA GLU N 221 -31.93 -27.56 42.44
C GLU N 221 -31.15 -28.35 43.48
N ALA N 222 -30.64 -29.53 43.11
CA ALA N 222 -29.83 -30.30 44.04
C ALA N 222 -28.53 -29.57 44.37
N ARG N 223 -27.90 -28.95 43.35
CA ARG N 223 -26.70 -28.18 43.61
C ARG N 223 -26.98 -27.01 44.54
N ASP N 224 -28.10 -26.31 44.34
CA ASP N 224 -28.42 -25.18 45.19
C ASP N 224 -28.72 -25.62 46.62
N ARG N 225 -29.38 -26.76 46.76
CA ARG N 225 -29.72 -27.30 48.10
C ARG N 225 -28.42 -27.68 48.82
N GLN N 226 -27.46 -28.30 48.12
CA GLN N 226 -26.19 -28.65 48.74
C GLN N 226 -25.39 -27.41 49.10
N TYR N 227 -25.42 -26.39 48.23
CA TYR N 227 -24.69 -25.17 48.54
C TYR N 227 -25.28 -24.47 49.76
N LEU N 228 -26.60 -24.45 49.88
CA LEU N 228 -27.21 -23.82 51.04
C LEU N 228 -26.85 -24.55 52.31
N LEU N 229 -26.84 -25.88 52.28
CA LEU N 229 -26.42 -26.64 53.45
C LEU N 229 -24.97 -26.35 53.82
N PHE N 230 -24.08 -26.32 52.81
CA PHE N 230 -22.68 -26.02 53.09
C PHE N 230 -22.53 -24.63 53.68
N PHE N 231 -23.24 -23.64 53.14
CA PHE N 231 -23.12 -22.28 53.65
C PHE N 231 -23.63 -22.18 55.08
N HIS N 232 -24.78 -22.79 55.37
CA HIS N 232 -25.32 -22.69 56.72
C HIS N 232 -24.57 -23.54 57.72
N LYS N 233 -23.75 -24.48 57.26
CA LYS N 233 -22.83 -25.15 58.17
C LYS N 233 -21.60 -24.30 58.42
N GLY N 234 -21.04 -23.70 57.38
CA GLY N 234 -19.89 -22.83 57.57
C GLY N 234 -20.20 -21.59 58.37
N ALA N 235 -21.44 -21.11 58.31
CA ALA N 235 -21.82 -19.94 59.09
C ALA N 235 -21.89 -20.27 60.57
N LYS N 236 -22.34 -21.47 60.91
CA LYS N 236 -22.36 -21.88 62.31
C LYS N 236 -20.97 -22.25 62.81
N LYS N 237 -20.12 -22.79 61.94
CA LYS N 237 -18.76 -23.13 62.34
C LYS N 237 -17.93 -21.88 62.61
N SER N 238 -18.33 -20.73 62.07
CA SER N 238 -17.58 -19.49 62.22
C SER N 238 -18.30 -18.45 63.04
N ARG N 239 -19.42 -18.81 63.65
CA ARG N 239 -20.20 -17.89 64.51
C ARG N 239 -20.60 -16.63 63.76
N PHE N 240 -21.05 -16.79 62.52
CA PHE N 240 -21.51 -15.67 61.72
C PHE N 240 -22.93 -15.28 62.13
N ASP N 241 -23.22 -13.99 62.04
CA ASP N 241 -24.51 -13.45 62.45
C ASP N 241 -25.36 -13.25 61.20
N LEU N 242 -26.07 -14.31 60.80
CA LEU N 242 -26.92 -14.23 59.62
C LEU N 242 -28.12 -13.31 59.85
N GLU N 243 -28.61 -13.23 61.08
CA GLU N 243 -29.83 -12.47 61.33
C GLU N 243 -29.59 -10.98 61.11
N LYS N 244 -28.53 -10.44 61.71
CA LYS N 244 -28.22 -9.03 61.50
C LYS N 244 -27.88 -8.75 60.04
N TYR N 245 -27.24 -9.70 59.37
CA TYR N 245 -26.94 -9.53 57.95
C TYR N 245 -28.21 -9.41 57.13
N ASN N 246 -29.18 -10.28 57.39
CA ASN N 246 -30.44 -10.21 56.65
C ASN N 246 -31.21 -8.95 56.99
N GLN N 247 -31.22 -8.55 58.27
CA GLN N 247 -31.90 -7.33 58.65
C GLN N 247 -31.30 -6.12 57.93
N LEU N 248 -29.98 -6.04 57.89
CA LEU N 248 -29.34 -4.94 57.18
C LEU N 248 -29.63 -4.99 55.69
N LYS N 249 -29.61 -6.19 55.10
CA LYS N 249 -29.85 -6.31 53.67
C LYS N 249 -31.27 -5.95 53.31
N ASP N 250 -32.22 -6.13 54.23
CA ASP N 250 -33.59 -5.71 53.96
C ASP N 250 -33.79 -4.21 54.23
N ALA N 251 -33.18 -3.69 55.30
CA ALA N 251 -33.31 -2.27 55.60
C ALA N 251 -32.66 -1.41 54.54
N ILE N 252 -31.55 -1.87 53.95
CA ILE N 252 -30.91 -1.11 52.89
C ILE N 252 -31.84 -0.99 51.70
N ALA N 253 -32.48 -2.11 51.32
CA ALA N 253 -33.42 -2.07 50.20
C ALA N 253 -34.60 -1.17 50.51
N GLN N 254 -35.11 -1.22 51.74
CA GLN N 254 -36.23 -0.36 52.12
C GLN N 254 -35.84 1.11 52.03
N ALA N 255 -34.65 1.46 52.54
CA ALA N 255 -34.22 2.85 52.50
C ALA N 255 -33.97 3.32 51.08
N GLU N 256 -33.42 2.45 50.23
CA GLU N 256 -33.22 2.81 48.83
C GLU N 256 -34.56 3.02 48.12
N MET N 257 -35.55 2.20 48.44
CA MET N 257 -36.87 2.41 47.86
C MET N 257 -37.48 3.73 48.32
N ASP N 258 -37.32 4.06 49.61
CA ASP N 258 -37.82 5.34 50.10
C ASP N 258 -37.14 6.51 49.40
N LEU N 259 -35.82 6.45 49.25
CA LEU N 259 -35.10 7.54 48.60
C LEU N 259 -35.46 7.65 47.13
N LYS N 260 -35.69 6.51 46.47
CA LYS N 260 -36.08 6.55 45.06
C LYS N 260 -37.51 7.07 44.89
N ARG N 261 -38.38 6.81 45.86
CA ARG N 261 -39.74 7.33 45.77
C ARG N 261 -39.80 8.81 46.11
N LEU N 262 -38.92 9.29 46.97
CA LEU N 262 -38.92 10.70 47.32
C LEU N 262 -38.30 11.56 46.23
N ARG N 263 -37.50 10.97 45.35
CA ARG N 263 -36.91 11.69 44.22
C ARG N 263 -37.67 11.46 42.93
N ASP N 264 -38.98 11.28 43.01
CA ASP N 264 -39.78 11.00 41.83
C ASP N 264 -39.80 12.23 40.94
N PRO N 265 -39.44 12.11 39.65
CA PRO N 265 -39.51 13.27 38.75
C PRO N 265 -40.92 13.73 38.47
N LEU N 266 -41.92 12.86 38.61
CA LEU N 266 -43.30 13.25 38.33
C LEU N 266 -43.94 14.06 39.44
N GLN N 267 -43.39 13.99 40.66
CA GLN N 267 -43.93 14.72 41.79
C GLN N 267 -42.98 15.83 42.20
N VAL N 268 -43.43 16.65 43.15
CA VAL N 268 -42.69 17.83 43.53
C VAL N 268 -42.22 17.74 44.98
N HIS N 269 -41.91 16.52 45.42
CA HIS N 269 -41.40 16.32 46.77
C HIS N 269 -40.15 17.14 47.04
N LEU N 270 -39.39 17.46 45.99
CA LEU N 270 -38.15 18.22 46.11
C LEU N 270 -38.13 19.27 45.02
N PRO N 271 -37.36 20.35 45.20
CA PRO N 271 -37.21 21.33 44.12
C PRO N 271 -36.43 20.76 42.94
N LEU N 272 -36.23 21.57 41.90
CA LEU N 272 -35.55 21.11 40.70
C LEU N 272 -34.07 20.82 40.95
N ARG N 273 -33.48 21.41 41.99
CA ARG N 273 -32.07 21.24 42.31
C ARG N 273 -31.16 21.61 41.14
N VAL O 1 -34.77 -17.24 26.84
CA VAL O 1 -35.06 -15.91 26.35
C VAL O 1 -33.79 -15.25 25.82
N ILE O 2 -33.95 -14.33 24.88
CA ILE O 2 -32.83 -13.63 24.27
C ILE O 2 -32.91 -12.12 24.42
N VAL O 3 -33.97 -11.61 25.05
CA VAL O 3 -34.13 -10.18 25.29
C VAL O 3 -34.70 -9.99 26.68
N THR O 4 -34.45 -8.81 27.24
CA THR O 4 -34.95 -8.46 28.57
C THR O 4 -36.42 -8.03 28.46
N ARG O 5 -36.95 -7.46 29.54
CA ARG O 5 -38.30 -6.91 29.49
C ARG O 5 -38.40 -5.82 28.43
N SER O 6 -37.36 -4.99 28.31
CA SER O 6 -37.24 -4.04 27.23
C SER O 6 -36.58 -4.75 26.04
N GLY O 7 -36.17 -3.98 25.04
CA GLY O 7 -35.54 -4.60 23.89
C GLY O 7 -34.08 -4.96 24.06
N ALA O 8 -33.50 -4.72 25.23
CA ALA O 8 -32.09 -4.96 25.43
C ALA O 8 -31.76 -6.44 25.29
N ILE O 9 -30.50 -6.71 24.98
CA ILE O 9 -30.01 -8.08 24.80
C ILE O 9 -29.41 -8.57 26.09
N LEU O 10 -29.54 -9.88 26.35
CA LEU O 10 -28.94 -10.46 27.52
C LEU O 10 -27.42 -10.43 27.43
N PRO O 11 -26.73 -10.39 28.56
CA PRO O 11 -25.26 -10.45 28.53
C PRO O 11 -24.78 -11.78 27.98
N LYS O 12 -23.49 -11.82 27.66
CA LYS O 12 -22.91 -13.01 27.06
C LYS O 12 -22.86 -14.14 28.08
N PRO O 13 -23.18 -15.37 27.68
CA PRO O 13 -23.10 -16.50 28.61
C PRO O 13 -21.67 -16.74 29.08
N VAL O 14 -21.51 -16.88 30.39
CA VAL O 14 -20.19 -17.03 31.00
C VAL O 14 -19.72 -18.46 30.80
N LYS O 15 -18.73 -18.64 29.93
CA LYS O 15 -18.17 -19.96 29.66
C LYS O 15 -17.09 -20.31 30.68
N MET O 16 -16.82 -21.60 30.80
CA MET O 16 -15.81 -22.10 31.71
C MET O 16 -14.47 -22.18 31.00
N SER O 17 -13.42 -21.74 31.70
CA SER O 17 -12.08 -21.72 31.11
C SER O 17 -11.59 -23.15 30.89
N PHE O 18 -11.39 -23.51 29.61
CA PHE O 18 -10.93 -24.83 29.22
C PHE O 18 -11.87 -25.92 29.74
N GLY O 19 -13.14 -25.78 29.37
CA GLY O 19 -14.15 -26.69 29.91
C GLY O 19 -14.01 -28.11 29.41
N LEU O 20 -13.92 -28.26 28.08
CA LEU O 20 -13.86 -29.60 27.51
C LEU O 20 -12.58 -30.31 27.92
N LEU O 21 -11.46 -29.59 27.98
CA LEU O 21 -10.23 -30.19 28.47
C LEU O 21 -10.36 -30.56 29.94
N ARG O 22 -10.98 -29.70 30.74
CA ARG O 22 -11.12 -29.98 32.17
C ARG O 22 -12.03 -31.17 32.42
N VAL O 23 -12.96 -31.46 31.51
CA VAL O 23 -13.85 -32.61 31.71
C VAL O 23 -13.23 -33.89 31.17
N PHE O 24 -12.48 -33.80 30.06
CA PHE O 24 -11.82 -35.00 29.55
C PHE O 24 -10.56 -35.34 30.34
N SER O 25 -10.07 -34.43 31.16
CA SER O 25 -8.99 -34.77 32.09
C SER O 25 -9.51 -35.46 33.34
N ILE O 26 -10.82 -35.58 33.50
CA ILE O 26 -11.43 -36.28 34.62
C ILE O 26 -12.08 -37.58 34.17
N VAL O 27 -12.68 -37.57 32.98
CA VAL O 27 -13.42 -38.75 32.52
C VAL O 27 -12.47 -39.92 32.28
N ILE O 28 -11.40 -39.69 31.54
CA ILE O 28 -10.53 -40.77 31.06
C ILE O 28 -9.73 -41.43 32.19
N PRO O 29 -9.02 -40.70 33.05
CA PRO O 29 -8.26 -41.39 34.10
C PRO O 29 -9.13 -42.21 35.02
N PHE O 30 -10.30 -41.70 35.41
CA PHE O 30 -11.20 -42.49 36.25
C PHE O 30 -11.79 -43.66 35.48
N LEU O 31 -11.95 -43.52 34.17
CA LEU O 31 -12.37 -44.66 33.35
C LEU O 31 -11.34 -45.78 33.44
N TYR O 32 -10.06 -45.44 33.29
CA TYR O 32 -9.02 -46.45 33.39
C TYR O 32 -8.92 -47.00 34.81
N VAL O 33 -9.17 -46.17 35.82
CA VAL O 33 -9.16 -46.66 37.20
C VAL O 33 -10.27 -47.69 37.41
N GLY O 34 -11.46 -47.41 36.88
CA GLY O 34 -12.54 -48.38 36.96
C GLY O 34 -12.21 -49.67 36.22
N THR O 35 -11.56 -49.56 35.07
CA THR O 35 -11.11 -50.75 34.36
C THR O 35 -10.17 -51.59 35.22
N LEU O 36 -9.22 -50.93 35.88
CA LEU O 36 -8.30 -51.65 36.76
C LEU O 36 -9.04 -52.31 37.92
N ILE O 37 -9.98 -51.60 38.53
CA ILE O 37 -10.76 -52.17 39.62
C ILE O 37 -11.48 -53.43 39.16
N SER O 38 -12.12 -53.36 37.99
CA SER O 38 -12.84 -54.51 37.49
C SER O 38 -11.91 -55.69 37.22
N LYS O 39 -10.76 -55.42 36.61
CA LYS O 39 -9.81 -56.49 36.32
C LYS O 39 -9.34 -57.17 37.60
N ASN O 40 -8.97 -56.38 38.60
CA ASN O 40 -8.46 -56.96 39.84
C ASN O 40 -9.53 -57.74 40.57
N PHE O 41 -10.77 -57.24 40.58
CA PHE O 41 -11.83 -57.96 41.26
C PHE O 41 -12.17 -59.27 40.54
N ALA O 42 -12.20 -59.24 39.20
CA ALA O 42 -12.46 -60.48 38.47
C ALA O 42 -11.35 -61.50 38.70
N ALA O 43 -10.10 -61.04 38.72
CA ALA O 43 -8.99 -61.96 38.97
C ALA O 43 -9.07 -62.54 40.38
N LEU O 44 -9.38 -61.71 41.37
CA LEU O 44 -9.50 -62.20 42.75
C LEU O 44 -10.63 -63.21 42.86
N LEU O 45 -11.75 -62.96 42.17
CA LEU O 45 -12.88 -63.88 42.24
C LEU O 45 -12.56 -65.20 41.56
N GLU O 46 -11.87 -65.17 40.43
CA GLU O 46 -11.59 -66.40 39.70
C GLU O 46 -10.47 -67.21 40.33
N GLU O 47 -9.53 -66.52 41.05
CA GLU O 47 -8.40 -67.24 41.65
C GLU O 47 -8.87 -68.15 42.78
N HIS O 48 -9.81 -67.69 43.59
CA HIS O 48 -10.28 -68.44 44.75
C HIS O 48 -11.36 -69.45 44.42
N ASP O 49 -11.58 -69.74 43.14
CA ASP O 49 -12.56 -70.74 42.70
C ASP O 49 -13.96 -70.40 43.25
N ILE O 50 -14.40 -69.18 42.95
CA ILE O 50 -15.72 -68.71 43.33
C ILE O 50 -16.63 -68.61 42.11
N PHE O 51 -16.23 -67.83 41.10
CA PHE O 51 -16.98 -67.71 39.86
C PHE O 51 -16.02 -67.85 38.70
N VAL O 52 -16.24 -68.87 37.86
CA VAL O 52 -15.48 -69.09 36.65
C VAL O 52 -16.45 -69.09 35.48
N PRO O 53 -16.22 -68.29 34.44
CA PRO O 53 -17.19 -68.24 33.34
C PRO O 53 -17.37 -69.57 32.63
N GLU O 54 -16.27 -70.22 32.25
CA GLU O 54 -16.34 -71.51 31.58
C GLU O 54 -15.10 -72.35 31.87
N VAL P 1 -50.68 -21.73 29.42
CA VAL P 1 -52.06 -21.43 29.77
C VAL P 1 -52.79 -21.00 28.49
N ILE P 2 -54.12 -20.95 28.52
CA ILE P 2 -54.89 -20.60 27.34
C ILE P 2 -55.45 -19.18 27.37
N VAL P 3 -55.49 -18.52 28.52
CA VAL P 3 -55.99 -17.17 28.63
C VAL P 3 -55.00 -16.34 29.43
N THR P 4 -55.07 -15.02 29.23
CA THR P 4 -54.19 -14.09 29.93
C THR P 4 -54.71 -13.83 31.35
N ARG P 5 -54.17 -12.79 31.99
CA ARG P 5 -54.65 -12.43 33.33
C ARG P 5 -56.12 -12.03 33.31
N SER P 6 -56.56 -11.36 32.25
CA SER P 6 -57.98 -11.14 32.02
C SER P 6 -58.51 -12.31 31.19
N GLY P 7 -59.71 -12.19 30.66
CA GLY P 7 -60.24 -13.26 29.87
C GLY P 7 -59.77 -13.32 28.43
N ALA P 8 -58.77 -12.51 28.07
CA ALA P 8 -58.31 -12.48 26.70
C ALA P 8 -57.64 -13.81 26.31
N ILE P 9 -57.63 -14.09 25.02
CA ILE P 9 -57.08 -15.33 24.49
C ILE P 9 -55.70 -15.08 23.91
N LEU P 10 -54.80 -16.03 24.11
CA LEU P 10 -53.45 -15.91 23.58
C LEU P 10 -53.47 -16.08 22.07
N PRO P 11 -52.48 -15.52 21.36
CA PRO P 11 -52.49 -15.60 19.90
C PRO P 11 -52.27 -17.03 19.42
N LYS P 12 -52.52 -17.22 18.12
CA LYS P 12 -52.34 -18.53 17.51
C LYS P 12 -50.86 -18.89 17.52
N PRO P 13 -50.49 -20.10 17.94
CA PRO P 13 -49.08 -20.50 17.94
C PRO P 13 -48.51 -20.55 16.53
N VAL P 14 -47.27 -20.09 16.40
CA VAL P 14 -46.62 -20.06 15.09
C VAL P 14 -46.35 -21.48 14.64
N LYS P 15 -46.71 -21.78 13.39
CA LYS P 15 -46.54 -23.10 12.81
C LYS P 15 -45.59 -23.02 11.63
N MET P 16 -44.60 -23.90 11.61
CA MET P 16 -43.59 -23.87 10.56
C MET P 16 -44.19 -24.34 9.24
N SER P 17 -43.90 -23.61 8.18
CA SER P 17 -44.41 -23.98 6.86
C SER P 17 -43.71 -25.23 6.36
N PHE P 18 -44.51 -26.22 5.96
CA PHE P 18 -44.01 -27.50 5.45
C PHE P 18 -43.10 -28.18 6.47
N GLY P 19 -43.66 -28.45 7.64
CA GLY P 19 -42.88 -29.03 8.71
C GLY P 19 -42.47 -30.46 8.46
N LEU P 20 -43.45 -31.35 8.26
CA LEU P 20 -43.14 -32.75 8.06
C LEU P 20 -42.24 -32.96 6.84
N LEU P 21 -42.45 -32.16 5.80
CA LEU P 21 -41.61 -32.29 4.61
C LEU P 21 -40.17 -31.90 4.92
N ARG P 22 -39.97 -30.78 5.61
CA ARG P 22 -38.62 -30.34 5.95
C ARG P 22 -37.95 -31.27 6.96
N VAL P 23 -38.74 -32.06 7.70
CA VAL P 23 -38.15 -33.04 8.61
C VAL P 23 -37.76 -34.31 7.87
N PHE P 24 -38.69 -34.88 7.12
CA PHE P 24 -38.43 -36.13 6.41
C PHE P 24 -37.56 -35.95 5.18
N SER P 25 -37.27 -34.71 4.78
CA SER P 25 -36.31 -34.48 3.71
C SER P 25 -34.89 -34.42 4.24
N ILE P 26 -34.70 -34.50 5.54
CA ILE P 26 -33.38 -34.51 6.15
C ILE P 26 -33.17 -35.72 7.05
N VAL P 27 -34.23 -36.43 7.40
CA VAL P 27 -34.05 -37.68 8.14
C VAL P 27 -33.62 -38.81 7.23
N ILE P 28 -34.37 -39.03 6.14
CA ILE P 28 -34.12 -40.19 5.28
C ILE P 28 -32.75 -40.16 4.62
N PRO P 29 -32.34 -39.08 3.95
CA PRO P 29 -31.01 -39.09 3.31
C PRO P 29 -29.89 -39.39 4.30
N PHE P 30 -30.03 -38.97 5.55
CA PHE P 30 -28.98 -39.26 6.51
C PHE P 30 -29.06 -40.68 7.05
N LEU P 31 -30.25 -41.30 7.09
CA LEU P 31 -30.29 -42.73 7.31
C LEU P 31 -29.53 -43.48 6.21
N TYR P 32 -29.71 -43.07 4.96
CA TYR P 32 -28.98 -43.72 3.89
C TYR P 32 -27.48 -43.48 4.01
N VAL P 33 -27.08 -42.27 4.37
CA VAL P 33 -25.66 -41.98 4.54
C VAL P 33 -25.07 -42.80 5.68
N GLY P 34 -25.83 -42.97 6.77
CA GLY P 34 -25.35 -43.80 7.86
C GLY P 34 -25.22 -45.26 7.47
N THR P 35 -26.17 -45.77 6.69
CA THR P 35 -26.06 -47.12 6.17
C THR P 35 -24.79 -47.29 5.35
N LEU P 36 -24.54 -46.33 4.45
CA LEU P 36 -23.33 -46.41 3.63
C LEU P 36 -22.07 -46.37 4.48
N ILE P 37 -22.03 -45.47 5.47
CA ILE P 37 -20.85 -45.35 6.31
C ILE P 37 -20.59 -46.65 7.05
N SER P 38 -21.65 -47.25 7.62
CA SER P 38 -21.46 -48.48 8.37
C SER P 38 -21.02 -49.62 7.46
N LYS P 39 -21.60 -49.72 6.26
CA LYS P 39 -21.20 -50.77 5.33
C LYS P 39 -19.74 -50.63 4.96
N ASN P 40 -19.30 -49.41 4.62
CA ASN P 40 -17.91 -49.21 4.23
C ASN P 40 -16.96 -49.46 5.39
N PHE P 41 -17.35 -49.07 6.61
CA PHE P 41 -16.49 -49.30 7.75
C PHE P 41 -16.36 -50.79 8.06
N ALA P 42 -17.45 -51.54 7.94
CA ALA P 42 -17.36 -52.98 8.13
C ALA P 42 -16.50 -53.62 7.05
N ALA P 43 -16.63 -53.17 5.81
CA ALA P 43 -15.80 -53.68 4.74
C ALA P 43 -14.32 -53.41 5.01
N LEU P 44 -13.99 -52.21 5.49
CA LEU P 44 -12.60 -51.88 5.76
C LEU P 44 -12.06 -52.66 6.96
N LEU P 45 -12.89 -52.86 7.98
CA LEU P 45 -12.47 -53.68 9.11
C LEU P 45 -12.21 -55.13 8.69
N GLU P 46 -13.00 -55.64 7.74
CA GLU P 46 -12.73 -56.97 7.22
C GLU P 46 -11.53 -56.98 6.29
N GLU P 47 -11.22 -55.85 5.67
CA GLU P 47 -10.09 -55.79 4.75
C GLU P 47 -8.76 -55.87 5.49
N HIS P 48 -8.64 -55.12 6.58
CA HIS P 48 -7.42 -55.10 7.37
C HIS P 48 -7.25 -56.33 8.25
N ASP P 49 -8.10 -57.35 8.05
CA ASP P 49 -8.01 -58.60 8.79
C ASP P 49 -8.10 -58.37 10.30
N ILE P 50 -9.01 -57.49 10.71
CA ILE P 50 -9.12 -57.11 12.11
C ILE P 50 -10.31 -57.81 12.75
N PHE P 51 -11.50 -57.57 12.22
CA PHE P 51 -12.74 -58.10 12.80
C PHE P 51 -13.49 -58.85 11.71
N VAL P 52 -13.52 -60.17 11.81
CA VAL P 52 -14.24 -61.00 10.86
C VAL P 52 -15.27 -61.84 11.62
N PRO P 53 -16.56 -61.56 11.49
CA PRO P 53 -17.56 -62.32 12.25
C PRO P 53 -17.69 -63.73 11.70
N GLU P 54 -17.72 -64.71 12.60
CA GLU P 54 -17.87 -66.10 12.21
C GLU P 54 -18.52 -66.91 13.34
N VAL Q 1 -47.88 -26.62 46.14
CA VAL Q 1 -48.48 -25.72 47.11
C VAL Q 1 -49.81 -26.27 47.60
N ILE Q 2 -50.18 -25.92 48.83
CA ILE Q 2 -51.42 -26.39 49.43
C ILE Q 2 -52.19 -25.23 50.03
N VAL Q 3 -51.57 -24.05 50.06
CA VAL Q 3 -52.19 -22.86 50.63
C VAL Q 3 -51.94 -21.67 49.71
N THR Q 4 -52.82 -20.68 49.81
CA THR Q 4 -52.71 -19.47 49.00
C THR Q 4 -51.70 -18.53 49.64
N ARG Q 5 -51.67 -17.28 49.18
CA ARG Q 5 -50.81 -16.28 49.81
C ARG Q 5 -51.17 -16.12 51.29
N SER Q 6 -52.46 -16.05 51.59
CA SER Q 6 -52.93 -16.19 52.95
C SER Q 6 -53.06 -17.68 53.29
N GLY Q 7 -53.23 -17.97 54.56
CA GLY Q 7 -53.31 -19.36 54.98
C GLY Q 7 -54.64 -20.01 54.71
N ALA Q 8 -55.06 -20.04 53.45
CA ALA Q 8 -56.33 -20.64 53.06
C ALA Q 8 -56.07 -21.89 52.23
N ILE Q 9 -56.95 -22.87 52.36
CA ILE Q 9 -56.76 -24.18 51.75
C ILE Q 9 -57.28 -24.14 50.32
N LEU Q 10 -56.49 -24.67 49.39
CA LEU Q 10 -56.90 -24.74 48.00
C LEU Q 10 -58.08 -25.69 47.85
N PRO Q 11 -58.94 -25.45 46.86
CA PRO Q 11 -60.08 -26.35 46.65
C PRO Q 11 -59.64 -27.73 46.22
N LYS Q 12 -60.50 -28.71 46.47
CA LYS Q 12 -60.17 -30.07 46.12
C LYS Q 12 -60.00 -30.20 44.61
N PRO Q 13 -59.07 -31.01 44.15
CA PRO Q 13 -58.84 -31.11 42.70
C PRO Q 13 -60.01 -31.78 41.99
N VAL Q 14 -60.29 -31.30 40.78
CA VAL Q 14 -61.37 -31.89 39.98
C VAL Q 14 -60.98 -33.30 39.60
N LYS Q 15 -61.88 -34.25 39.87
CA LYS Q 15 -61.64 -35.66 39.62
C LYS Q 15 -62.56 -36.16 38.51
N MET Q 16 -61.96 -36.79 37.49
CA MET Q 16 -62.74 -37.30 36.38
C MET Q 16 -63.64 -38.43 36.84
N SER Q 17 -64.92 -38.36 36.46
CA SER Q 17 -65.90 -39.35 36.87
C SER Q 17 -65.61 -40.68 36.19
N PHE Q 18 -65.46 -41.74 36.99
CA PHE Q 18 -65.17 -43.08 36.49
C PHE Q 18 -63.89 -43.10 35.66
N GLY Q 19 -62.78 -42.76 36.32
CA GLY Q 19 -61.52 -42.65 35.60
C GLY Q 19 -60.96 -44.00 35.21
N LEU Q 20 -60.86 -44.93 36.17
CA LEU Q 20 -60.28 -46.23 35.85
C LEU Q 20 -61.14 -47.01 34.85
N LEU Q 21 -62.46 -46.85 34.92
CA LEU Q 21 -63.32 -47.51 33.93
C LEU Q 21 -63.06 -46.95 32.54
N ARG Q 22 -63.07 -45.63 32.41
CA ARG Q 22 -62.84 -45.01 31.11
C ARG Q 22 -61.41 -45.24 30.60
N VAL Q 23 -60.49 -45.61 31.47
CA VAL Q 23 -59.13 -45.94 31.03
C VAL Q 23 -59.03 -47.38 30.58
N PHE Q 24 -59.54 -48.31 31.39
CA PHE Q 24 -59.46 -49.72 31.04
C PHE Q 24 -60.52 -50.15 30.04
N SER Q 25 -61.42 -49.25 29.64
CA SER Q 25 -62.32 -49.52 28.54
C SER Q 25 -61.75 -49.07 27.21
N ILE Q 26 -60.60 -48.40 27.22
CA ILE Q 26 -59.90 -48.03 25.99
C ILE Q 26 -58.51 -48.65 25.92
N VAL Q 27 -57.99 -49.18 27.02
CA VAL Q 27 -56.69 -49.83 26.96
C VAL Q 27 -56.82 -51.27 26.50
N ILE Q 28 -57.79 -52.01 27.04
CA ILE Q 28 -57.95 -53.43 26.75
C ILE Q 28 -58.44 -53.67 25.32
N PRO Q 29 -59.49 -52.97 24.83
CA PRO Q 29 -59.92 -53.23 23.44
C PRO Q 29 -58.83 -53.00 22.42
N PHE Q 30 -58.07 -51.91 22.55
CA PHE Q 30 -57.01 -51.65 21.57
C PHE Q 30 -55.83 -52.60 21.76
N LEU Q 31 -55.59 -53.07 22.98
CA LEU Q 31 -54.55 -54.07 23.17
C LEU Q 31 -54.93 -55.39 22.49
N TYR Q 32 -56.22 -55.72 22.47
CA TYR Q 32 -56.64 -56.92 21.76
C TYR Q 32 -56.61 -56.70 20.26
N VAL Q 33 -56.95 -55.48 19.82
CA VAL Q 33 -56.87 -55.15 18.41
C VAL Q 33 -55.43 -55.27 17.92
N GLY Q 34 -54.48 -54.78 18.70
CA GLY Q 34 -53.08 -54.94 18.33
C GLY Q 34 -52.64 -56.39 18.29
N THR Q 35 -53.09 -57.18 19.26
CA THR Q 35 -52.74 -58.60 19.26
C THR Q 35 -53.22 -59.28 17.97
N LEU Q 36 -54.49 -59.07 17.62
CA LEU Q 36 -55.01 -59.72 16.42
C LEU Q 36 -54.39 -59.17 15.14
N ILE Q 37 -54.05 -57.88 15.12
CA ILE Q 37 -53.39 -57.31 13.95
C ILE Q 37 -52.03 -57.97 13.73
N SER Q 38 -51.25 -58.10 14.80
CA SER Q 38 -49.96 -58.77 14.67
C SER Q 38 -50.12 -60.22 14.24
N LYS Q 39 -51.10 -60.92 14.81
CA LYS Q 39 -51.33 -62.31 14.44
C LYS Q 39 -51.63 -62.44 12.95
N ASN Q 40 -52.55 -61.62 12.44
CA ASN Q 40 -52.93 -61.72 11.03
C ASN Q 40 -51.78 -61.32 10.12
N PHE Q 41 -51.05 -60.26 10.45
CA PHE Q 41 -49.97 -59.81 9.60
C PHE Q 41 -48.84 -60.84 9.55
N ALA Q 42 -48.58 -61.51 10.67
CA ALA Q 42 -47.52 -62.52 10.66
C ALA Q 42 -47.96 -63.77 9.93
N ALA Q 43 -49.23 -64.15 10.03
CA ALA Q 43 -49.69 -65.29 9.25
C ALA Q 43 -49.68 -64.96 7.75
N LEU Q 44 -49.94 -63.71 7.40
CA LEU Q 44 -49.88 -63.30 6.00
C LEU Q 44 -48.47 -63.36 5.48
N LEU Q 45 -47.49 -62.92 6.27
CA LEU Q 45 -46.11 -63.01 5.81
C LEU Q 45 -45.61 -64.44 5.78
N GLU Q 46 -46.18 -65.31 6.61
CA GLU Q 46 -45.81 -66.71 6.56
C GLU Q 46 -46.40 -67.44 5.36
N GLU Q 47 -47.59 -67.03 4.89
CA GLU Q 47 -48.19 -67.74 3.76
C GLU Q 47 -47.46 -67.46 2.45
N HIS Q 48 -46.85 -66.28 2.31
CA HIS Q 48 -46.16 -65.91 1.08
C HIS Q 48 -44.67 -66.20 1.13
N ASP Q 49 -44.18 -66.78 2.22
CA ASP Q 49 -42.77 -67.18 2.35
C ASP Q 49 -41.82 -66.00 2.13
N ILE Q 50 -42.06 -64.93 2.87
CA ILE Q 50 -41.18 -63.77 2.87
C ILE Q 50 -40.27 -63.75 4.08
N PHE Q 51 -40.82 -64.05 5.26
CA PHE Q 51 -40.03 -64.17 6.48
C PHE Q 51 -40.59 -65.32 7.29
N VAL Q 52 -39.76 -66.33 7.54
CA VAL Q 52 -40.17 -67.56 8.22
C VAL Q 52 -39.46 -67.61 9.57
N PRO Q 53 -40.17 -67.80 10.67
CA PRO Q 53 -39.50 -68.01 11.97
C PRO Q 53 -38.96 -69.43 12.06
N GLU Q 54 -37.64 -69.55 12.14
CA GLU Q 54 -36.99 -70.85 12.17
C GLU Q 54 -36.60 -71.24 13.60
N VAL R 1 -32.14 -21.15 43.15
CA VAL R 1 -31.89 -19.82 43.68
C VAL R 1 -31.21 -19.92 45.03
N ILE R 2 -30.37 -18.94 45.34
CA ILE R 2 -29.58 -18.92 46.56
C ILE R 2 -29.98 -17.78 47.48
N VAL R 3 -30.11 -16.57 46.92
CA VAL R 3 -30.39 -15.39 47.70
C VAL R 3 -31.78 -14.86 47.35
N THR R 4 -32.32 -14.04 48.24
CA THR R 4 -33.57 -13.34 48.01
C THR R 4 -33.32 -12.13 47.12
N ARG R 5 -34.41 -11.59 46.55
CA ARG R 5 -34.28 -10.44 45.65
C ARG R 5 -33.64 -9.25 46.34
N SER R 6 -33.82 -9.12 47.65
CA SER R 6 -33.20 -8.02 48.37
C SER R 6 -31.71 -8.25 48.60
N GLY R 7 -31.31 -9.51 48.77
CA GLY R 7 -29.91 -9.83 48.96
C GLY R 7 -29.67 -10.79 50.11
N ALA R 8 -30.69 -11.02 50.92
CA ALA R 8 -30.54 -11.91 52.07
C ALA R 8 -30.43 -13.35 51.62
N ILE R 9 -29.80 -14.16 52.45
CA ILE R 9 -29.59 -15.57 52.12
C ILE R 9 -30.83 -16.37 52.49
N LEU R 10 -31.15 -17.36 51.67
CA LEU R 10 -32.30 -18.20 51.92
C LEU R 10 -32.11 -19.01 53.20
N PRO R 11 -33.19 -19.43 53.84
CA PRO R 11 -33.06 -20.21 55.07
C PRO R 11 -32.45 -21.58 54.81
N LYS R 12 -32.01 -22.20 55.89
CA LYS R 12 -31.34 -23.49 55.79
C LYS R 12 -32.34 -24.56 55.35
N PRO R 13 -31.99 -25.40 54.39
CA PRO R 13 -32.94 -26.43 53.95
C PRO R 13 -33.20 -27.43 55.06
N VAL R 14 -34.47 -27.82 55.20
CA VAL R 14 -34.84 -28.79 56.21
C VAL R 14 -34.28 -30.16 55.83
N LYS R 15 -33.88 -30.92 56.84
CA LYS R 15 -33.28 -32.23 56.64
C LYS R 15 -33.99 -33.26 57.51
N MET R 16 -34.43 -34.35 56.89
CA MET R 16 -35.13 -35.39 57.63
C MET R 16 -34.17 -36.10 58.58
N SER R 17 -34.62 -36.30 59.81
CA SER R 17 -33.79 -36.93 60.83
C SER R 17 -33.65 -38.42 60.56
N PHE R 18 -32.41 -38.89 60.40
CA PHE R 18 -32.11 -40.30 60.16
C PHE R 18 -32.80 -40.81 58.90
N GLY R 19 -32.70 -40.02 57.83
CA GLY R 19 -33.35 -40.40 56.59
C GLY R 19 -32.67 -41.59 55.92
N LEU R 20 -31.34 -41.57 55.90
CA LEU R 20 -30.59 -42.65 55.28
C LEU R 20 -30.76 -43.98 56.01
N LEU R 21 -31.18 -43.95 57.27
CA LEU R 21 -31.49 -45.20 57.97
C LEU R 21 -32.90 -45.66 57.69
N ARG R 22 -33.86 -44.74 57.70
CA ARG R 22 -35.25 -45.10 57.39
C ARG R 22 -35.38 -45.67 55.99
N VAL R 23 -34.63 -45.12 55.04
CA VAL R 23 -34.78 -45.56 53.66
C VAL R 23 -34.36 -47.01 53.50
N PHE R 24 -33.23 -47.38 54.08
CA PHE R 24 -32.79 -48.77 53.98
C PHE R 24 -33.64 -49.68 54.86
N SER R 25 -34.13 -49.19 56.00
CA SER R 25 -35.03 -49.99 56.82
C SER R 25 -36.36 -50.24 56.12
N ILE R 26 -36.68 -49.49 55.07
CA ILE R 26 -37.87 -49.80 54.28
C ILE R 26 -37.50 -50.62 53.06
N VAL R 27 -36.31 -50.40 52.51
CA VAL R 27 -35.92 -51.08 51.29
C VAL R 27 -35.63 -52.55 51.54
N ILE R 28 -34.84 -52.86 52.57
CA ILE R 28 -34.34 -54.23 52.77
C ILE R 28 -35.46 -55.23 53.06
N PRO R 29 -36.31 -55.02 54.07
CA PRO R 29 -37.29 -56.06 54.38
C PRO R 29 -38.26 -56.34 53.25
N PHE R 30 -38.73 -55.29 52.55
CA PHE R 30 -39.65 -55.52 51.45
C PHE R 30 -38.95 -56.17 50.26
N LEU R 31 -37.66 -55.91 50.07
CA LEU R 31 -36.92 -56.62 49.04
C LEU R 31 -36.84 -58.11 49.35
N TYR R 32 -36.56 -58.45 50.61
CA TYR R 32 -36.53 -59.85 51.00
C TYR R 32 -37.91 -60.49 50.86
N VAL R 33 -38.97 -59.74 51.20
CA VAL R 33 -40.32 -60.27 51.06
C VAL R 33 -40.66 -60.52 49.60
N GLY R 34 -40.19 -59.65 48.71
CA GLY R 34 -40.39 -59.88 47.29
C GLY R 34 -39.68 -61.13 46.81
N THR R 35 -38.42 -61.29 47.22
CA THR R 35 -37.71 -62.53 46.87
C THR R 35 -38.43 -63.75 47.41
N LEU R 36 -39.02 -63.65 48.60
CA LEU R 36 -39.72 -64.78 49.19
C LEU R 36 -40.95 -65.15 48.38
N ILE R 37 -41.80 -64.16 48.06
CA ILE R 37 -43.01 -64.52 47.34
C ILE R 37 -42.70 -64.89 45.90
N SER R 38 -41.53 -64.50 45.39
CA SER R 38 -41.15 -64.95 44.05
C SER R 38 -40.72 -66.40 44.08
N LYS R 39 -39.87 -66.78 45.05
CA LYS R 39 -39.51 -68.18 45.21
C LYS R 39 -40.75 -69.05 45.40
N ASN R 40 -41.66 -68.60 46.26
CA ASN R 40 -42.84 -69.42 46.56
C ASN R 40 -43.74 -69.56 45.34
N PHE R 41 -43.93 -68.48 44.58
CA PHE R 41 -44.76 -68.57 43.39
C PHE R 41 -44.13 -69.49 42.34
N ALA R 42 -42.81 -69.40 42.17
CA ALA R 42 -42.15 -70.27 41.21
C ALA R 42 -42.26 -71.73 41.63
N ALA R 43 -42.11 -72.01 42.93
CA ALA R 43 -42.23 -73.39 43.40
C ALA R 43 -43.66 -73.90 43.24
N LEU R 44 -44.65 -73.03 43.47
CA LEU R 44 -46.04 -73.45 43.29
C LEU R 44 -46.34 -73.73 41.83
N LEU R 45 -45.78 -72.94 40.92
CA LEU R 45 -45.95 -73.23 39.49
C LEU R 45 -45.23 -74.51 39.11
N GLU R 46 -44.10 -74.81 39.74
CA GLU R 46 -43.36 -76.02 39.41
C GLU R 46 -44.05 -77.27 39.95
N GLU R 47 -44.70 -77.17 41.10
CA GLU R 47 -45.41 -78.32 41.67
C GLU R 47 -46.41 -78.90 40.69
N HIS R 48 -47.34 -78.07 40.22
CA HIS R 48 -48.31 -78.51 39.23
C HIS R 48 -47.73 -78.69 37.84
N ASP R 49 -46.46 -78.33 37.64
CA ASP R 49 -45.81 -78.41 36.33
C ASP R 49 -46.61 -77.66 35.28
N ILE R 50 -47.09 -76.46 35.65
CA ILE R 50 -47.75 -75.59 34.68
C ILE R 50 -46.72 -74.98 33.74
N PHE R 51 -45.63 -74.45 34.29
CA PHE R 51 -44.50 -74.00 33.50
C PHE R 51 -43.23 -74.60 34.07
N VAL R 52 -42.45 -75.25 33.21
CA VAL R 52 -41.15 -75.80 33.60
C VAL R 52 -40.10 -75.05 32.78
N PRO R 53 -38.92 -74.76 33.33
CA PRO R 53 -37.89 -74.07 32.55
C PRO R 53 -37.46 -74.81 31.28
N GLU R 54 -37.82 -76.09 31.13
CA GLU R 54 -37.50 -76.88 29.94
C GLU R 54 -35.99 -76.91 29.68
N GLY S 105 -10.44 -70.50 32.27
CA GLY S 105 -9.42 -69.83 33.04
C GLY S 105 -8.79 -68.67 32.29
N PHE S 106 -8.87 -67.47 32.89
CA PHE S 106 -8.31 -66.28 32.27
C PHE S 106 -6.84 -66.07 32.63
N ARG S 107 -6.47 -66.33 33.89
CA ARG S 107 -5.10 -66.10 34.31
C ARG S 107 -4.14 -67.08 33.63
N ASP S 108 -4.49 -68.37 33.64
CA ASP S 108 -3.67 -69.33 32.92
C ASP S 108 -3.64 -69.03 31.44
N ARG S 109 -4.74 -68.50 30.90
CA ARG S 109 -4.77 -68.13 29.49
C ARG S 109 -3.75 -67.06 29.17
N LYS S 110 -3.70 -65.99 29.98
CA LYS S 110 -2.73 -64.93 29.73
C LYS S 110 -1.31 -65.41 30.01
N VAL S 111 -1.14 -66.33 30.95
CA VAL S 111 0.18 -66.90 31.21
C VAL S 111 0.69 -67.64 29.98
N MET S 112 -0.15 -68.51 29.42
CA MET S 112 0.24 -69.24 28.21
C MET S 112 0.42 -68.30 27.03
N GLU S 113 -0.36 -67.22 26.96
CA GLU S 113 -0.18 -66.28 25.87
C GLU S 113 1.17 -65.57 25.98
N TYR S 114 1.54 -65.13 27.19
CA TYR S 114 2.84 -64.50 27.36
C TYR S 114 3.98 -65.46 27.10
N GLU S 115 3.85 -66.73 27.52
CA GLU S 115 4.91 -67.70 27.23
C GLU S 115 5.03 -67.92 25.72
N ASN S 116 3.92 -68.06 25.01
CA ASN S 116 3.98 -68.21 23.56
C ASN S 116 4.59 -66.98 22.91
N ARG S 117 4.29 -65.79 23.44
CA ARG S 117 4.80 -64.56 22.85
C ARG S 117 6.31 -64.45 23.04
N ILE S 118 6.80 -64.76 24.24
CA ILE S 118 8.24 -64.75 24.46
C ILE S 118 8.92 -65.88 23.74
N ARG S 119 8.19 -66.94 23.40
CA ARG S 119 8.76 -67.97 22.53
C ARG S 119 8.88 -67.47 21.09
N ALA S 120 7.91 -66.68 20.63
CA ALA S 120 7.92 -66.23 19.25
C ALA S 120 9.04 -65.25 18.97
N TYR S 121 9.31 -64.35 19.92
CA TYR S 121 10.32 -63.32 19.73
C TYR S 121 11.29 -63.30 20.91
N SER S 122 12.48 -62.79 20.64
CA SER S 122 13.58 -62.74 21.62
C SER S 122 13.86 -64.12 22.20
N THR S 123 14.29 -65.01 21.32
CA THR S 123 14.52 -66.42 21.66
C THR S 123 15.85 -66.72 22.36
N PRO S 124 17.02 -66.23 21.85
CA PRO S 124 18.28 -66.94 22.12
C PRO S 124 18.59 -67.18 23.59
N ASP S 125 18.73 -66.11 24.37
CA ASP S 125 19.06 -66.24 25.78
C ASP S 125 17.85 -66.17 26.69
N LYS S 126 16.85 -65.39 26.32
CA LYS S 126 15.68 -65.21 27.17
C LYS S 126 14.92 -66.51 27.35
N ILE S 127 14.78 -67.29 26.27
CA ILE S 127 14.07 -68.57 26.37
C ILE S 127 14.88 -69.56 27.21
N PHE S 128 16.18 -69.65 26.93
CA PHE S 128 17.01 -70.60 27.67
C PHE S 128 17.01 -70.29 29.16
N ARG S 129 16.99 -69.00 29.51
CA ARG S 129 16.89 -68.64 30.93
C ARG S 129 15.48 -68.86 31.46
N TYR S 130 14.48 -68.78 30.58
CA TYR S 130 13.09 -68.94 31.01
C TYR S 130 12.77 -70.37 31.37
N PHE S 131 13.53 -71.34 30.86
CA PHE S 131 13.30 -72.75 31.15
C PHE S 131 14.61 -73.37 31.58
N ALA S 132 14.67 -73.84 32.83
CA ALA S 132 15.86 -74.44 33.40
C ALA S 132 15.47 -75.21 34.64
N THR S 133 16.47 -75.62 35.43
CA THR S 133 16.26 -76.35 36.67
C THR S 133 16.65 -75.47 37.85
N LEU S 134 16.28 -75.93 39.04
CA LEU S 134 16.51 -75.20 40.29
C LEU S 134 15.88 -73.81 40.24
N VAL S 145 21.88 -73.89 35.60
CA VAL S 145 21.81 -72.95 34.50
C VAL S 145 21.64 -73.75 33.20
N PHE S 146 21.61 -75.07 33.33
CA PHE S 146 21.52 -75.95 32.18
C PHE S 146 20.05 -76.23 31.85
N MET S 147 19.82 -77.21 30.98
CA MET S 147 18.48 -77.53 30.51
C MET S 147 18.29 -79.04 30.50
N THR S 148 17.03 -79.45 30.48
CA THR S 148 16.68 -80.87 30.41
C THR S 148 15.87 -81.14 29.14
N PRO S 149 15.96 -82.35 28.59
CA PRO S 149 15.33 -82.61 27.28
C PRO S 149 13.83 -82.39 27.28
N GLU S 150 13.11 -82.88 28.29
CA GLU S 150 11.67 -82.66 28.32
C GLU S 150 11.35 -81.18 28.45
N ASP S 151 12.18 -80.42 29.16
CA ASP S 151 11.99 -78.98 29.21
C ASP S 151 12.27 -78.33 27.88
N PHE S 152 13.24 -78.86 27.12
CA PHE S 152 13.46 -78.38 25.76
C PHE S 152 12.24 -78.62 24.89
N VAL S 153 11.67 -79.82 24.97
CA VAL S 153 10.48 -80.13 24.18
C VAL S 153 9.32 -79.21 24.58
N ARG S 154 9.19 -78.93 25.88
CA ARG S 154 8.17 -77.98 26.30
C ARG S 154 8.42 -76.60 25.73
N SER S 155 9.69 -76.18 25.69
CA SER S 155 10.00 -74.84 25.20
C SER S 155 9.77 -74.71 23.69
N ILE S 156 9.90 -75.81 22.95
CA ILE S 156 9.70 -75.73 21.51
C ILE S 156 8.25 -75.93 21.09
N THR S 157 7.35 -76.24 22.03
CA THR S 157 5.96 -76.38 21.64
C THR S 157 5.11 -75.26 22.24
N PRO S 158 4.18 -74.71 21.46
CA PRO S 158 3.39 -73.57 21.95
C PRO S 158 2.20 -74.01 22.79
N ASN S 159 1.93 -73.22 23.83
CA ASN S 159 0.79 -73.42 24.72
C ASN S 159 0.78 -74.84 25.31
N GLU S 160 1.84 -75.13 26.06
CA GLU S 160 1.97 -76.44 26.69
C GLU S 160 2.85 -76.34 27.94
N ALA S 189 11.47 -91.68 29.30
CA ALA S 189 10.05 -91.41 29.17
C ALA S 189 9.57 -91.69 27.75
N ASP S 190 10.52 -91.88 26.84
CA ASP S 190 10.23 -92.15 25.43
C ASP S 190 10.67 -93.53 25.00
N GLU S 191 11.92 -93.91 25.30
CA GLU S 191 12.53 -95.22 25.05
C GLU S 191 12.77 -95.49 23.57
N GLY S 192 12.36 -94.60 22.67
CA GLY S 192 12.64 -94.77 21.26
C GLY S 192 13.07 -93.50 20.59
N SER S 193 13.06 -92.41 21.34
CA SER S 193 13.29 -91.08 20.79
C SER S 193 14.75 -90.64 20.98
N ILE S 194 15.09 -89.55 20.30
CA ILE S 194 16.37 -88.89 20.53
C ILE S 194 16.40 -88.26 21.91
N PHE S 195 15.30 -87.62 22.30
CA PHE S 195 15.23 -86.99 23.62
C PHE S 195 15.49 -87.99 24.72
N TYR S 196 15.18 -89.27 24.50
CA TYR S 196 15.54 -90.29 25.47
C TYR S 196 17.06 -90.41 25.59
N THR S 197 17.75 -90.38 24.45
CA THR S 197 19.21 -90.47 24.50
C THR S 197 19.81 -89.29 25.24
N LEU S 198 19.34 -88.06 24.96
CA LEU S 198 19.84 -86.93 25.75
C LEU S 198 19.43 -87.06 27.21
N GLY S 199 18.24 -87.56 27.50
CA GLY S 199 17.84 -87.71 28.89
C GLY S 199 18.78 -88.62 29.64
N GLU S 200 19.26 -89.68 28.97
CA GLU S 200 20.28 -90.52 29.58
C GLU S 200 21.54 -89.72 29.84
N CYS S 201 21.89 -88.82 28.92
CA CYS S 201 23.04 -87.94 29.03
C CYS S 201 22.79 -86.78 29.99
N GLY S 202 23.86 -86.06 30.28
CA GLY S 202 23.82 -84.92 31.17
C GLY S 202 23.05 -83.75 30.59
N LEU S 203 22.73 -82.81 31.47
CA LEU S 203 21.90 -81.66 31.13
C LEU S 203 22.49 -80.88 29.95
N ILE S 204 21.60 -80.42 29.06
CA ILE S 204 22.00 -79.73 27.85
C ILE S 204 22.54 -78.34 28.16
N SER S 205 23.56 -77.92 27.42
CA SER S 205 24.16 -76.60 27.54
C SER S 205 23.46 -75.59 26.61
N PHE S 206 23.75 -74.31 26.84
CA PHE S 206 23.19 -73.25 26.01
C PHE S 206 23.68 -73.36 24.57
N SER S 207 24.98 -73.64 24.39
CA SER S 207 25.51 -73.77 23.04
C SER S 207 24.83 -74.93 22.33
N ASP S 208 24.68 -76.05 23.03
CA ASP S 208 23.95 -77.18 22.47
C ASP S 208 22.55 -76.77 22.06
N TYR S 209 21.89 -75.94 22.88
CA TYR S 209 20.56 -75.44 22.52
C TYR S 209 20.60 -74.65 21.22
N ILE S 210 21.61 -73.80 21.05
CA ILE S 210 21.71 -73.03 19.81
C ILE S 210 21.90 -73.95 18.63
N PHE S 211 22.77 -74.95 18.78
CA PHE S 211 23.02 -75.89 17.69
C PHE S 211 21.76 -76.66 17.35
N LEU S 212 20.97 -77.02 18.35
CA LEU S 212 19.72 -77.72 18.10
C LEU S 212 18.73 -76.83 17.38
N THR S 213 18.66 -75.55 17.75
CA THR S 213 17.80 -74.63 17.02
C THR S 213 18.21 -74.53 15.56
N THR S 214 19.52 -74.47 15.30
CA THR S 214 19.97 -74.36 13.91
C THR S 214 19.71 -75.64 13.13
N VAL S 215 19.88 -76.80 13.77
CA VAL S 215 19.62 -78.04 13.02
C VAL S 215 18.14 -78.22 12.77
N LEU S 216 17.29 -77.68 13.65
CA LEU S 216 15.87 -77.70 13.37
C LEU S 216 15.49 -76.69 12.29
N SER S 217 16.23 -75.59 12.19
CA SER S 217 15.82 -74.50 11.31
C SER S 217 16.29 -74.67 9.88
N THR S 218 17.60 -74.85 9.68
CA THR S 218 18.16 -74.78 8.34
C THR S 218 17.66 -75.94 7.48
N PRO S 219 17.50 -75.71 6.17
CA PRO S 219 17.15 -76.81 5.26
C PRO S 219 18.28 -77.80 5.09
N GLN S 220 18.09 -78.83 4.27
CA GLN S 220 19.07 -79.89 4.18
C GLN S 220 20.35 -79.44 3.49
N ARG S 221 20.23 -78.80 2.33
CA ARG S 221 21.42 -78.40 1.59
C ARG S 221 22.22 -77.34 2.35
N ASN S 222 21.53 -76.36 2.91
CA ASN S 222 22.24 -75.36 3.72
C ASN S 222 22.85 -76.00 4.95
N PHE S 223 22.23 -77.05 5.48
CA PHE S 223 22.84 -77.74 6.62
C PHE S 223 24.10 -78.49 6.20
N GLU S 224 24.11 -79.06 5.00
CA GLU S 224 25.32 -79.69 4.50
C GLU S 224 26.42 -78.67 4.30
N ILE S 225 26.07 -77.49 3.79
CA ILE S 225 27.05 -76.41 3.66
C ILE S 225 27.58 -76.01 5.03
N ALA S 226 26.69 -75.90 6.01
CA ALA S 226 27.12 -75.53 7.36
C ALA S 226 28.05 -76.58 7.94
N PHE S 227 27.78 -77.86 7.67
CA PHE S 227 28.69 -78.91 8.13
C PHE S 227 30.05 -78.78 7.46
N LYS S 228 30.06 -78.59 6.14
CA LYS S 228 31.32 -78.42 5.44
C LYS S 228 32.10 -77.23 5.99
N MET S 229 31.40 -76.21 6.46
CA MET S 229 32.07 -75.08 7.11
C MET S 229 32.53 -75.43 8.52
N PHE S 230 31.82 -76.34 9.20
CA PHE S 230 32.25 -76.78 10.52
C PHE S 230 33.62 -77.44 10.47
N ASP S 231 33.86 -78.25 9.45
CA ASP S 231 35.08 -79.05 9.34
C ASP S 231 36.24 -78.13 8.96
N LEU S 232 37.09 -77.82 9.93
CA LEU S 232 38.21 -76.93 9.68
C LEU S 232 39.31 -77.63 8.89
N ASN S 233 39.72 -78.81 9.33
CA ASN S 233 40.76 -79.56 8.64
C ASN S 233 40.24 -80.03 7.29
N GLY S 234 41.12 -80.69 6.53
CA GLY S 234 40.76 -81.12 5.19
C GLY S 234 39.82 -82.31 5.18
N ASP S 235 40.13 -83.33 5.97
CA ASP S 235 39.37 -84.57 5.95
C ASP S 235 37.94 -84.34 6.40
N GLY S 236 36.99 -84.97 5.71
CA GLY S 236 35.60 -84.77 5.97
C GLY S 236 35.11 -85.41 7.25
N GLU S 237 35.68 -85.02 8.38
CA GLU S 237 35.25 -85.53 9.68
C GLU S 237 35.58 -84.47 10.73
N VAL S 238 34.55 -84.05 11.47
CA VAL S 238 34.71 -82.98 12.44
C VAL S 238 35.29 -83.56 13.72
N ASP S 239 36.47 -83.08 14.10
CA ASP S 239 37.09 -83.51 15.34
C ASP S 239 36.40 -82.84 16.53
N MET S 240 36.61 -83.42 17.71
CA MET S 240 36.03 -82.86 18.92
C MET S 240 36.57 -81.48 19.22
N GLU S 241 37.84 -81.22 18.89
CA GLU S 241 38.44 -79.93 19.23
C GLU S 241 37.87 -78.81 18.37
N GLU S 242 37.77 -79.02 17.06
CA GLU S 242 37.24 -77.99 16.18
C GLU S 242 35.76 -77.76 16.46
N PHE S 243 35.02 -78.82 16.76
CA PHE S 243 33.63 -78.66 17.16
C PHE S 243 33.53 -77.88 18.46
N GLU S 244 34.43 -78.14 19.40
CA GLU S 244 34.46 -77.37 20.64
C GLU S 244 34.71 -75.90 20.37
N GLN S 245 35.59 -75.60 19.43
CA GLN S 245 35.88 -74.21 19.09
C GLN S 245 34.64 -73.54 18.50
N VAL S 246 34.03 -74.17 17.50
CA VAL S 246 32.88 -73.56 16.83
C VAL S 246 31.62 -73.60 17.68
N GLN S 247 31.62 -74.32 18.80
CA GLN S 247 30.50 -74.19 19.74
C GLN S 247 30.80 -73.18 20.84
N SER S 248 32.06 -73.02 21.23
CA SER S 248 32.42 -71.98 22.19
C SER S 248 32.36 -70.60 21.58
N ILE S 249 32.43 -70.50 20.26
CA ILE S 249 32.32 -69.19 19.63
C ILE S 249 30.99 -68.50 19.95
N ILE S 250 29.98 -69.26 20.41
CA ILE S 250 28.68 -68.68 20.72
C ILE S 250 28.59 -68.20 22.16
N ARG S 251 29.57 -68.53 23.01
CA ARG S 251 29.54 -68.14 24.41
C ARG S 251 29.73 -66.64 24.52
N SER S 252 28.62 -65.92 24.65
CA SER S 252 28.65 -64.46 24.77
C SER S 252 28.32 -63.95 26.15
N GLN S 253 27.61 -64.73 26.96
CA GLN S 253 27.24 -64.32 28.32
C GLN S 253 28.33 -64.76 29.29
N THR S 254 29.50 -64.14 29.14
CA THR S 254 30.66 -64.41 29.98
C THR S 254 31.47 -63.16 30.19
N SER S 276 29.78 -83.49 29.26
CA SER S 276 28.48 -83.14 29.81
C SER S 276 27.66 -82.36 28.79
N ALA S 277 27.58 -82.88 27.57
CA ALA S 277 26.82 -82.24 26.50
C ALA S 277 26.29 -83.32 25.56
N LEU S 278 25.81 -82.89 24.40
CA LEU S 278 25.37 -83.86 23.40
C LEU S 278 26.53 -84.58 22.74
N THR S 279 27.77 -84.29 23.17
CA THR S 279 28.94 -84.93 22.59
C THR S 279 28.87 -86.44 22.69
N THR S 280 28.32 -86.96 23.80
CA THR S 280 28.21 -88.40 23.95
C THR S 280 27.33 -89.04 22.89
N TYR S 281 26.47 -88.25 22.23
CA TYR S 281 25.73 -88.77 21.11
C TYR S 281 26.53 -88.70 19.81
N PHE S 282 27.41 -87.70 19.69
CA PHE S 282 28.27 -87.57 18.54
C PHE S 282 29.59 -88.32 18.71
N PHE S 283 30.17 -88.24 19.89
CA PHE S 283 31.42 -88.92 20.21
C PHE S 283 31.15 -89.99 21.26
N GLY S 284 32.13 -90.87 21.43
CA GLY S 284 32.03 -91.90 22.45
C GLY S 284 32.21 -91.32 23.85
N ALA S 285 32.12 -92.21 24.84
CA ALA S 285 32.36 -91.80 26.21
C ALA S 285 33.78 -91.30 26.42
N ASP S 286 34.71 -91.73 25.57
CA ASP S 286 36.06 -91.20 25.59
C ASP S 286 36.17 -89.85 24.90
N LEU S 287 35.09 -89.39 24.27
CA LEU S 287 35.07 -88.11 23.56
C LEU S 287 36.12 -88.09 22.45
N LYS S 288 36.19 -89.18 21.69
CA LYS S 288 37.15 -89.31 20.60
C LYS S 288 36.49 -89.53 19.25
N GLY S 289 35.48 -90.39 19.17
CA GLY S 289 34.94 -90.81 17.90
C GLY S 289 34.42 -89.70 17.01
N LYS S 290 35.15 -89.41 15.94
CA LYS S 290 34.75 -88.38 15.00
C LYS S 290 33.65 -88.90 14.08
N LEU S 291 32.75 -88.01 13.70
CA LEU S 291 31.62 -88.36 12.85
C LEU S 291 31.84 -87.84 11.43
N THR S 292 30.98 -88.31 10.53
CA THR S 292 31.03 -87.95 9.13
C THR S 292 29.74 -87.23 8.74
N ILE S 293 29.66 -86.87 7.45
CA ILE S 293 28.48 -86.17 6.96
C ILE S 293 27.26 -87.07 6.98
N LYS S 294 27.46 -88.37 6.80
CA LYS S 294 26.32 -89.30 6.77
C LYS S 294 25.62 -89.33 8.11
N ASN S 295 26.38 -89.53 9.19
CA ASN S 295 25.79 -89.51 10.53
C ASN S 295 25.19 -88.15 10.84
N PHE S 296 25.80 -87.08 10.33
CA PHE S 296 25.28 -85.75 10.57
C PHE S 296 23.89 -85.57 9.98
N LEU S 297 23.73 -85.93 8.71
CA LEU S 297 22.42 -85.83 8.08
C LEU S 297 21.44 -86.83 8.68
N GLU S 298 21.93 -87.98 9.13
CA GLU S 298 21.06 -88.95 9.78
C GLU S 298 20.48 -88.37 11.06
N PHE S 299 21.32 -87.71 11.85
CA PHE S 299 20.84 -87.05 13.07
C PHE S 299 19.87 -85.93 12.75
N GLN S 300 20.17 -85.15 11.71
CA GLN S 300 19.24 -84.14 11.22
C GLN S 300 17.85 -84.73 10.98
N ARG S 301 17.80 -85.72 10.10
CA ARG S 301 16.52 -86.32 9.73
C ARG S 301 15.84 -86.93 10.94
N LYS S 302 16.59 -87.64 11.79
CA LYS S 302 16.00 -88.29 12.94
C LYS S 302 15.37 -87.29 13.89
N LEU S 303 16.09 -86.21 14.20
CA LEU S 303 15.57 -85.22 15.12
C LEU S 303 14.33 -84.54 14.55
N GLN S 304 14.36 -84.21 13.26
CA GLN S 304 13.20 -83.52 12.68
C GLN S 304 11.99 -84.43 12.62
N HIS S 305 12.17 -85.66 12.15
CA HIS S 305 11.07 -86.61 12.14
C HIS S 305 10.56 -86.88 13.54
N ASP S 306 11.43 -86.83 14.54
CA ASP S 306 11.00 -87.13 15.90
C ASP S 306 10.17 -86.00 16.47
N VAL S 307 10.62 -84.76 16.30
CA VAL S 307 9.81 -83.64 16.80
C VAL S 307 8.49 -83.57 16.05
N LEU S 308 8.49 -83.92 14.75
CA LEU S 308 7.23 -83.90 14.01
C LEU S 308 6.30 -85.01 14.48
N LYS S 309 6.85 -86.19 14.79
CA LYS S 309 6.04 -87.26 15.36
C LYS S 309 5.45 -86.86 16.69
N LEU S 310 6.26 -86.19 17.53
CA LEU S 310 5.75 -85.76 18.83
C LEU S 310 4.63 -84.74 18.66
N GLU S 311 4.79 -83.81 17.72
CA GLU S 311 3.72 -82.84 17.48
C GLU S 311 2.47 -83.53 16.94
N PHE S 312 2.64 -84.49 16.04
CA PHE S 312 1.51 -85.25 15.53
C PHE S 312 0.75 -85.92 16.67
N GLU S 313 1.47 -86.67 17.50
CA GLU S 313 0.81 -87.42 18.56
C GLU S 313 0.26 -86.52 19.65
N ARG S 314 0.78 -85.30 19.80
CA ARG S 314 0.19 -84.37 20.76
C ARG S 314 -1.24 -84.03 20.38
N HIS S 315 -1.49 -83.78 19.10
CA HIS S 315 -2.85 -83.73 18.60
C HIS S 315 -3.46 -85.12 18.70
N ASP S 316 -4.49 -85.27 19.52
CA ASP S 316 -5.09 -86.58 19.79
C ASP S 316 -5.56 -87.24 18.51
N PRO S 317 -4.89 -88.29 18.06
CA PRO S 317 -5.23 -88.92 16.79
C PRO S 317 -6.30 -89.99 16.95
N VAL S 318 -7.09 -90.15 15.89
CA VAL S 318 -8.10 -91.20 15.82
C VAL S 318 -7.72 -92.14 14.69
N ASP S 319 -7.60 -93.43 15.01
CA ASP S 319 -7.19 -94.45 14.04
C ASP S 319 -5.84 -94.11 13.41
N GLY S 320 -4.95 -93.53 14.19
CA GLY S 320 -3.68 -93.07 13.64
C GLY S 320 -3.84 -91.98 12.60
N ARG S 321 -4.85 -91.12 12.74
CA ARG S 321 -5.15 -90.10 11.76
C ARG S 321 -5.63 -88.85 12.50
N ILE S 322 -5.68 -87.73 11.77
CA ILE S 322 -5.91 -86.43 12.38
C ILE S 322 -6.91 -85.65 11.55
N THR S 323 -7.90 -85.05 12.20
CA THR S 323 -8.91 -84.26 11.51
C THR S 323 -8.28 -83.15 10.69
N GLU S 324 -8.91 -82.83 9.56
CA GLU S 324 -8.37 -81.82 8.65
C GLU S 324 -8.24 -80.47 9.34
N ARG S 325 -9.19 -80.15 10.22
CA ARG S 325 -9.10 -78.89 10.95
C ARG S 325 -7.86 -78.85 11.83
N GLN S 326 -7.53 -79.98 12.46
CA GLN S 326 -6.34 -80.02 13.31
C GLN S 326 -5.07 -79.85 12.50
N PHE S 327 -4.99 -80.50 11.33
CA PHE S 327 -3.83 -80.33 10.49
C PHE S 327 -3.69 -78.90 9.99
N GLY S 328 -4.82 -78.28 9.62
CA GLY S 328 -4.77 -76.89 9.21
C GLY S 328 -4.33 -75.98 10.35
N GLY S 329 -4.79 -76.26 11.56
CA GLY S 329 -4.36 -75.46 12.69
C GLY S 329 -2.88 -75.62 12.96
N MET S 330 -2.36 -76.84 12.87
CA MET S 330 -0.93 -77.07 13.03
C MET S 330 -0.14 -76.32 11.96
N LEU S 331 -0.63 -76.36 10.72
CA LEU S 331 0.05 -75.66 9.63
C LEU S 331 0.10 -74.16 9.88
N LEU S 332 -1.06 -73.57 10.18
CA LEU S 332 -1.11 -72.14 10.46
C LEU S 332 -0.30 -71.77 11.69
N ALA S 333 -0.14 -72.71 12.62
CA ALA S 333 0.71 -72.45 13.77
C ALA S 333 2.19 -72.52 13.42
N TYR S 334 2.55 -73.33 12.42
CA TYR S 334 3.94 -73.41 12.02
C TYR S 334 4.45 -72.06 11.53
N SER S 335 3.67 -71.37 10.71
CA SER S 335 4.02 -70.04 10.25
C SER S 335 3.40 -69.05 11.22
N GLY S 336 4.23 -68.47 12.09
CA GLY S 336 3.72 -67.66 13.17
C GLY S 336 3.18 -66.33 12.71
N VAL S 337 2.07 -66.38 11.96
CA VAL S 337 1.38 -65.20 11.48
C VAL S 337 -0.02 -65.22 12.05
N GLN S 338 -0.39 -64.15 12.75
CA GLN S 338 -1.74 -64.01 13.31
C GLN S 338 -2.52 -63.03 12.45
N SER S 339 -3.08 -63.55 11.36
CA SER S 339 -3.89 -62.71 10.48
C SER S 339 -5.26 -62.43 11.07
N LYS S 340 -5.70 -63.22 12.07
CA LYS S 340 -7.01 -63.09 12.70
C LYS S 340 -8.14 -63.34 11.71
N LYS S 341 -7.80 -63.70 10.47
CA LYS S 341 -8.80 -63.99 9.46
C LYS S 341 -8.58 -65.36 8.88
N LEU S 342 -7.30 -65.77 8.77
CA LEU S 342 -7.00 -67.13 8.36
C LEU S 342 -7.53 -68.16 9.35
N THR S 343 -7.71 -67.76 10.61
CA THR S 343 -8.35 -68.64 11.57
C THR S 343 -9.78 -68.94 11.17
N ALA S 344 -10.48 -67.98 10.56
CA ALA S 344 -11.82 -68.25 10.05
C ALA S 344 -11.79 -69.30 8.95
N MET S 345 -10.78 -69.24 8.09
CA MET S 345 -10.63 -70.27 7.06
C MET S 345 -10.34 -71.62 7.71
N GLN S 346 -9.51 -71.63 8.75
CA GLN S 346 -9.25 -72.87 9.48
C GLN S 346 -10.54 -73.46 10.02
N ARG S 347 -11.39 -72.62 10.60
CA ARG S 347 -12.65 -73.11 11.14
C ARG S 347 -13.57 -73.61 10.03
N GLN S 348 -13.60 -72.91 8.89
CA GLN S 348 -14.45 -73.31 7.78
C GLN S 348 -13.99 -74.60 7.13
N LEU S 349 -12.71 -74.96 7.27
CA LEU S 349 -12.21 -76.17 6.60
C LEU S 349 -12.97 -77.42 7.01
N LYS S 350 -13.54 -77.44 8.21
CA LYS S 350 -14.23 -78.64 8.66
C LYS S 350 -15.48 -78.88 7.82
N LYS S 351 -16.37 -77.90 7.75
CA LYS S 351 -17.57 -78.05 6.95
C LYS S 351 -17.24 -78.14 5.47
N HIS S 352 -16.18 -77.44 5.02
CA HIS S 352 -15.76 -77.56 3.64
C HIS S 352 -15.31 -78.98 3.32
N PHE S 353 -14.80 -79.70 4.32
CA PHE S 353 -14.40 -81.09 4.14
C PHE S 353 -15.23 -82.01 5.01
N LYS S 354 -16.55 -81.80 5.01
CA LYS S 354 -17.47 -82.57 5.85
C LYS S 354 -17.28 -84.06 5.61
N GLU S 355 -17.00 -84.79 6.69
CA GLU S 355 -16.76 -86.22 6.66
C GLU S 355 -15.64 -86.58 5.68
N GLY S 356 -14.44 -86.04 5.97
CA GLY S 356 -13.29 -86.24 5.13
C GLY S 356 -12.41 -87.38 5.63
N LYS S 357 -11.20 -87.42 5.09
CA LYS S 357 -10.23 -88.45 5.43
C LYS S 357 -9.56 -88.12 6.76
N GLY S 358 -8.51 -88.87 7.09
CA GLY S 358 -7.85 -88.68 8.36
C GLY S 358 -6.43 -88.14 8.30
N LEU S 359 -5.91 -87.93 7.10
CA LEU S 359 -4.59 -87.29 6.90
C LEU S 359 -3.49 -88.04 7.65
N THR S 360 -3.23 -89.25 7.17
CA THR S 360 -2.23 -90.13 7.79
C THR S 360 -0.88 -89.44 7.98
N PHE S 361 -0.09 -89.96 8.90
CA PHE S 361 1.15 -89.29 9.30
C PHE S 361 2.10 -89.10 8.13
N GLN S 362 2.12 -90.03 7.18
CA GLN S 362 3.08 -89.91 6.08
C GLN S 362 2.75 -88.73 5.18
N GLU S 363 1.46 -88.43 5.00
CA GLU S 363 1.08 -87.31 4.15
C GLU S 363 1.56 -85.98 4.74
N VAL S 364 1.25 -85.75 6.02
CA VAL S 364 1.68 -84.52 6.66
C VAL S 364 3.20 -84.47 6.79
N GLU S 365 3.84 -85.62 6.97
CA GLU S 365 5.30 -85.66 6.99
C GLU S 365 5.87 -85.16 5.67
N ASN S 366 5.37 -85.71 4.56
CA ASN S 366 5.85 -85.27 3.25
C ASN S 366 5.58 -83.79 3.03
N PHE S 367 4.40 -83.32 3.43
CA PHE S 367 4.11 -81.90 3.21
C PHE S 367 5.01 -81.01 4.05
N PHE S 368 5.36 -81.45 5.27
CA PHE S 368 6.22 -80.64 6.11
C PHE S 368 7.66 -80.62 5.62
N THR S 369 8.15 -81.76 5.12
CA THR S 369 9.48 -81.73 4.51
C THR S 369 9.50 -80.85 3.26
N PHE S 370 8.41 -80.84 2.49
CA PHE S 370 8.36 -79.96 1.33
C PHE S 370 8.38 -78.51 1.76
N LEU S 371 7.57 -78.18 2.76
CA LEU S 371 7.51 -76.79 3.22
C LEU S 371 8.86 -76.35 3.77
N LYS S 372 9.56 -77.25 4.46
CA LYS S 372 10.89 -76.95 4.94
C LYS S 372 11.86 -76.68 3.80
N ASN S 373 11.73 -77.43 2.71
CA ASN S 373 12.60 -77.23 1.55
C ASN S 373 11.92 -76.31 0.53
N ILE S 374 11.59 -75.10 0.99
CA ILE S 374 10.93 -74.12 0.14
C ILE S 374 11.88 -73.04 -0.36
N ASN S 375 13.02 -72.83 0.30
CA ASN S 375 13.96 -71.83 -0.19
C ASN S 375 14.45 -72.16 -1.59
N ASP S 376 14.56 -73.44 -1.92
CA ASP S 376 14.88 -73.86 -3.27
C ASP S 376 13.64 -73.94 -4.16
N VAL S 377 12.48 -74.25 -3.59
CA VAL S 377 11.25 -74.30 -4.37
C VAL S 377 10.97 -72.93 -4.97
N ASP S 378 11.22 -71.87 -4.20
CA ASP S 378 10.96 -70.52 -4.68
C ASP S 378 11.76 -70.22 -5.94
N THR S 379 13.08 -70.37 -5.86
CA THR S 379 13.92 -70.11 -7.02
C THR S 379 13.72 -71.14 -8.13
N ALA S 380 13.11 -72.29 -7.82
CA ALA S 380 12.87 -73.28 -8.87
C ALA S 380 11.73 -72.88 -9.79
N LEU S 381 10.67 -72.29 -9.24
CA LEU S 381 9.56 -71.78 -10.04
C LEU S 381 9.67 -70.29 -10.29
N SER S 382 10.90 -69.77 -10.43
CA SER S 382 11.10 -68.34 -10.58
C SER S 382 10.47 -67.80 -11.87
N PHE S 383 10.23 -68.65 -12.87
CA PHE S 383 9.59 -68.17 -14.08
C PHE S 383 8.14 -67.82 -13.85
N TYR S 384 7.48 -68.46 -12.88
CA TYR S 384 6.12 -68.07 -12.55
C TYR S 384 6.09 -66.68 -11.94
N HIS S 385 7.06 -66.38 -11.09
CA HIS S 385 7.33 -64.99 -10.75
C HIS S 385 7.93 -64.30 -11.97
N MET S 386 8.06 -62.98 -11.90
CA MET S 386 8.56 -62.18 -13.00
C MET S 386 7.68 -62.31 -14.25
N ALA S 387 6.52 -62.96 -14.11
CA ALA S 387 5.59 -63.10 -15.21
C ALA S 387 4.15 -62.92 -14.74
N GLY S 388 3.93 -62.56 -13.48
CA GLY S 388 2.58 -62.38 -12.98
C GLY S 388 1.77 -63.64 -12.90
N ALA S 389 2.41 -64.80 -12.95
CA ALA S 389 1.69 -66.05 -12.94
C ALA S 389 1.26 -66.40 -11.52
N SER S 390 0.49 -67.48 -11.40
CA SER S 390 0.04 -67.97 -10.12
C SER S 390 0.20 -69.48 -10.10
N LEU S 391 0.21 -70.04 -8.89
CA LEU S 391 0.45 -71.46 -8.72
C LEU S 391 -0.78 -72.25 -9.16
N ASP S 392 -0.71 -73.57 -9.02
CA ASP S 392 -1.81 -74.44 -9.38
C ASP S 392 -1.59 -75.80 -8.73
N LYS S 393 -2.62 -76.64 -8.77
CA LYS S 393 -2.53 -77.96 -8.17
C LYS S 393 -1.44 -78.80 -8.83
N VAL S 394 -1.52 -78.97 -10.14
CA VAL S 394 -0.57 -79.82 -10.85
C VAL S 394 0.84 -79.25 -10.76
N THR S 395 0.97 -77.93 -10.84
CA THR S 395 2.30 -77.34 -10.75
C THR S 395 2.88 -77.52 -9.36
N MET S 396 2.05 -77.44 -8.33
CA MET S 396 2.54 -77.72 -6.98
C MET S 396 2.98 -79.16 -6.85
N GLN S 397 2.19 -80.09 -7.38
CA GLN S 397 2.59 -81.49 -7.41
C GLN S 397 3.96 -81.65 -8.05
N GLN S 398 4.14 -81.00 -9.21
CA GLN S 398 5.38 -81.17 -9.96
C GLN S 398 6.57 -80.58 -9.21
N VAL S 399 6.42 -79.38 -8.66
CA VAL S 399 7.54 -78.74 -8.00
C VAL S 399 7.88 -79.46 -6.70
N ALA S 400 6.88 -80.05 -6.03
CA ALA S 400 7.18 -80.83 -4.84
C ALA S 400 7.84 -82.15 -5.20
N ARG S 401 7.48 -82.73 -6.34
CA ARG S 401 8.11 -83.98 -6.75
C ARG S 401 9.55 -83.75 -7.20
N THR S 402 9.81 -82.63 -7.85
CA THR S 402 11.14 -82.38 -8.42
C THR S 402 12.10 -81.85 -7.36
N VAL S 403 11.75 -80.75 -6.72
CA VAL S 403 12.67 -80.08 -5.80
C VAL S 403 12.77 -80.85 -4.49
N ALA S 404 11.64 -81.00 -3.80
CA ALA S 404 11.63 -81.69 -2.52
C ALA S 404 11.85 -83.19 -2.66
N LYS S 405 11.71 -83.74 -3.86
CA LYS S 405 11.94 -85.16 -4.11
C LYS S 405 11.04 -86.02 -3.23
N VAL S 406 9.73 -85.73 -3.26
CA VAL S 406 8.76 -86.45 -2.44
C VAL S 406 7.39 -86.23 -3.05
N GLU S 407 6.53 -87.23 -2.91
CA GLU S 407 5.18 -87.17 -3.45
C GLU S 407 4.23 -86.49 -2.47
N LEU S 408 3.15 -85.92 -3.00
CA LEU S 408 2.11 -85.31 -2.21
C LEU S 408 0.75 -85.82 -2.70
N SER S 409 -0.05 -86.34 -1.78
CA SER S 409 -1.39 -86.77 -2.16
C SER S 409 -2.24 -85.56 -2.53
N ASP S 410 -3.18 -85.78 -3.45
CA ASP S 410 -4.01 -84.68 -3.94
C ASP S 410 -4.83 -84.07 -2.82
N HIS S 411 -5.15 -84.85 -1.79
CA HIS S 411 -5.97 -84.33 -0.70
C HIS S 411 -5.23 -83.27 0.10
N VAL S 412 -3.93 -83.44 0.29
CA VAL S 412 -3.16 -82.45 1.05
C VAL S 412 -3.06 -81.14 0.28
N CYS S 413 -2.76 -81.22 -1.02
CA CYS S 413 -2.74 -80.01 -1.82
C CYS S 413 -4.12 -79.35 -1.84
N ASP S 414 -5.17 -80.16 -1.85
CA ASP S 414 -6.52 -79.61 -1.82
C ASP S 414 -6.78 -78.84 -0.54
N VAL S 415 -6.39 -79.41 0.60
CA VAL S 415 -6.69 -78.73 1.86
C VAL S 415 -5.80 -77.50 2.01
N VAL S 416 -4.56 -77.53 1.52
CA VAL S 416 -3.74 -76.33 1.57
C VAL S 416 -4.33 -75.23 0.70
N PHE S 417 -4.81 -75.59 -0.49
CA PHE S 417 -5.47 -74.60 -1.35
C PHE S 417 -6.69 -74.02 -0.64
N ALA S 418 -7.50 -74.88 -0.02
CA ALA S 418 -8.69 -74.41 0.67
C ALA S 418 -8.35 -73.54 1.86
N LEU S 419 -7.17 -73.74 2.45
CA LEU S 419 -6.80 -72.93 3.61
C LEU S 419 -6.24 -71.58 3.19
N PHE S 420 -5.41 -71.54 2.15
CA PHE S 420 -4.66 -70.33 1.84
C PHE S 420 -5.26 -69.49 0.72
N ASP S 421 -5.76 -70.11 -0.34
CA ASP S 421 -6.27 -69.36 -1.49
C ASP S 421 -7.61 -68.72 -1.11
N CYS S 422 -7.51 -67.63 -0.36
CA CYS S 422 -8.70 -66.92 0.10
C CYS S 422 -9.14 -65.84 -0.90
N ASP S 423 -8.27 -64.87 -1.18
CA ASP S 423 -8.62 -63.86 -2.17
C ASP S 423 -8.79 -64.47 -3.55
N GLY S 424 -7.88 -65.35 -3.94
CA GLY S 424 -7.92 -65.93 -5.26
C GLY S 424 -9.12 -66.84 -5.44
N ASN S 425 -9.12 -67.51 -6.60
CA ASN S 425 -10.16 -68.45 -6.99
C ASN S 425 -9.57 -69.82 -7.27
N GLY S 426 -8.59 -70.21 -6.49
CA GLY S 426 -7.91 -71.48 -6.68
C GLY S 426 -6.57 -71.39 -7.37
N GLU S 427 -5.89 -70.24 -7.29
CA GLU S 427 -4.62 -70.06 -7.96
C GLU S 427 -3.44 -69.89 -7.01
N LEU S 428 -3.65 -69.31 -5.84
CA LEU S 428 -2.64 -69.28 -4.79
C LEU S 428 -1.36 -68.60 -5.27
N SER S 429 -1.49 -67.30 -5.51
CA SER S 429 -0.38 -66.49 -6.00
C SER S 429 0.73 -66.39 -4.95
N ASN S 430 1.79 -65.67 -5.32
CA ASN S 430 2.96 -65.56 -4.45
C ASN S 430 2.60 -64.99 -3.09
N LYS S 431 1.92 -63.85 -3.07
CA LYS S 431 1.61 -63.20 -1.80
C LYS S 431 0.71 -64.06 -0.93
N GLU S 432 0.00 -65.02 -1.52
CA GLU S 432 -0.94 -65.82 -0.76
C GLU S 432 -0.23 -66.88 0.08
N PHE S 433 0.59 -67.72 -0.55
CA PHE S 433 1.19 -68.84 0.18
C PHE S 433 2.70 -68.81 0.23
N VAL S 434 3.38 -68.71 -0.92
CA VAL S 434 4.82 -68.95 -0.94
C VAL S 434 5.56 -67.87 -0.16
N SER S 435 5.12 -66.62 -0.27
CA SER S 435 5.79 -65.53 0.42
C SER S 435 5.77 -65.74 1.93
N ILE S 436 4.66 -66.24 2.46
CA ILE S 436 4.55 -66.44 3.90
C ILE S 436 5.61 -67.40 4.40
N MET S 437 5.70 -68.57 3.78
CA MET S 437 6.66 -69.57 4.23
C MET S 437 8.10 -69.12 3.96
N LYS S 438 8.32 -68.45 2.82
CA LYS S 438 9.65 -67.95 2.51
C LYS S 438 10.10 -66.92 3.53
N GLN S 439 9.17 -66.12 4.06
CA GLN S 439 9.53 -65.15 5.08
C GLN S 439 9.68 -65.80 6.45
N ARG S 440 8.87 -66.81 6.74
CA ARG S 440 8.95 -67.46 8.05
C ARG S 440 10.19 -68.31 8.18
N LEU S 441 10.67 -68.89 7.09
CA LEU S 441 11.91 -69.66 7.15
C LEU S 441 13.12 -68.79 7.48
N MET S 442 12.99 -67.47 7.33
CA MET S 442 14.07 -66.54 7.63
C MET S 442 13.90 -65.88 8.99
N ARG S 443 13.41 -66.60 10.00
CA ARG S 443 13.27 -66.02 11.32
C ARG S 443 14.61 -65.66 11.97
N GLY S 444 15.72 -66.14 11.42
CA GLY S 444 17.02 -65.85 12.00
C GLY S 444 17.37 -64.38 12.02
N LEU S 445 16.66 -63.56 11.26
CA LEU S 445 16.87 -62.13 11.27
C LEU S 445 15.54 -61.40 11.44
N PHE S 453 2.62 -50.92 26.41
CA PHE S 453 2.41 -51.89 25.35
C PHE S 453 3.26 -51.56 24.12
N THR S 454 4.20 -52.44 23.80
CA THR S 454 5.07 -52.26 22.64
C THR S 454 4.48 -52.97 21.44
N ARG S 455 3.57 -53.91 21.69
CA ARG S 455 2.97 -54.70 20.62
C ARG S 455 1.79 -53.95 20.00
N LEU S 456 2.06 -52.77 19.45
CA LEU S 456 1.02 -51.94 18.87
C LEU S 456 1.60 -50.92 17.89
N MET S 457 2.71 -50.29 18.28
CA MET S 457 3.37 -49.29 17.45
C MET S 457 3.80 -49.83 16.10
N GLN S 458 4.68 -50.82 16.10
CA GLN S 458 5.19 -51.42 14.86
C GLN S 458 4.08 -52.02 14.02
N ALA S 459 3.15 -52.71 14.68
CA ALA S 459 2.03 -53.36 14.00
C ALA S 459 1.19 -52.32 13.25
N MET S 460 0.81 -51.28 13.97
CA MET S 460 -0.01 -50.21 13.41
C MET S 460 0.74 -49.52 12.29
N TRP S 461 2.06 -49.36 12.45
CA TRP S 461 2.88 -48.69 11.45
C TRP S 461 2.87 -49.49 10.16
N LYS S 462 3.09 -50.80 10.27
CA LYS S 462 3.12 -51.69 9.11
C LYS S 462 1.76 -51.69 8.43
N CYS S 463 0.70 -51.74 9.23
CA CYS S 463 -0.66 -51.75 8.70
C CYS S 463 -0.94 -50.48 7.92
N ALA S 464 -0.56 -49.34 8.49
CA ALA S 464 -0.78 -48.04 7.87
C ALA S 464 0.03 -47.92 6.59
N GLN S 465 1.25 -48.46 6.61
CA GLN S 465 2.12 -48.42 5.45
C GLN S 465 1.49 -49.20 4.29
N GLU S 466 1.01 -50.40 4.62
CA GLU S 466 0.38 -51.25 3.62
C GLU S 466 -0.88 -50.59 3.06
N THR S 467 -1.66 -49.98 3.95
CA THR S 467 -2.88 -49.30 3.55
C THR S 467 -2.60 -48.12 2.61
N ALA S 468 -1.59 -47.32 2.97
CA ALA S 468 -1.20 -46.18 2.17
C ALA S 468 -0.69 -46.62 0.80
N TRP S 469 0.08 -47.72 0.78
CA TRP S 469 0.59 -48.26 -0.46
C TRP S 469 -0.55 -48.70 -1.37
N ASP S 470 -1.51 -49.43 -0.78
CA ASP S 470 -2.66 -49.92 -1.52
C ASP S 470 -3.52 -48.77 -2.04
N PHE S 471 -3.61 -47.70 -1.26
CA PHE S 471 -4.38 -46.52 -1.66
C PHE S 471 -3.69 -45.78 -2.81
N ALA S 472 -2.38 -45.60 -2.70
CA ALA S 472 -1.61 -44.92 -3.73
C ALA S 472 -1.51 -45.77 -4.99
N LEU S 473 -1.78 -47.07 -4.86
CA LEU S 473 -1.76 -47.97 -6.00
C LEU S 473 -2.85 -47.57 -7.01
N PRO S 474 -2.57 -46.53 -7.79
CA PRO S 474 -3.47 -46.10 -8.84
C PRO S 474 -2.71 -45.73 -10.11
N LYS S 475 -1.53 -46.34 -10.27
CA LYS S 475 -0.71 -46.20 -11.47
C LYS S 475 -0.32 -44.75 -11.73
N GLN S 476 0.16 -44.48 -12.95
CA GLN S 476 0.56 -43.14 -13.34
C GLN S 476 -0.66 -42.31 -13.77
N PRO T 1 -1.19 -54.82 -20.46
CA PRO T 1 0.25 -54.61 -20.60
C PRO T 1 0.93 -54.39 -19.26
N SER T 2 1.50 -55.46 -18.69
CA SER T 2 2.16 -55.35 -17.41
C SER T 2 3.43 -54.51 -17.52
N LEU T 3 4.05 -54.25 -16.37
CA LEU T 3 5.28 -53.47 -16.35
C LEU T 3 6.38 -54.15 -17.13
N ARG T 4 6.50 -55.47 -17.01
CA ARG T 4 7.54 -56.19 -17.73
C ARG T 4 7.31 -56.11 -19.24
N LYS T 5 6.07 -56.32 -19.68
CA LYS T 5 5.78 -56.22 -21.11
C LYS T 5 5.94 -54.79 -21.60
N GLN T 6 5.62 -53.81 -20.76
CA GLN T 6 5.84 -52.41 -21.14
C GLN T 6 7.32 -52.14 -21.35
N ARG T 7 8.16 -52.61 -20.43
CA ARG T 7 9.61 -52.47 -20.60
C ARG T 7 10.08 -53.19 -21.86
N PHE T 8 9.52 -54.37 -22.12
CA PHE T 8 9.94 -55.15 -23.28
C PHE T 8 9.60 -54.43 -24.57
N MET T 9 8.39 -53.90 -24.67
CA MET T 9 8.02 -53.17 -25.88
C MET T 9 8.72 -51.83 -25.99
N GLN T 10 9.13 -51.26 -24.85
CA GLN T 10 9.92 -50.04 -24.90
C GLN T 10 11.32 -50.30 -25.45
N PHE T 11 11.95 -51.39 -25.02
CA PHE T 11 13.27 -51.75 -25.51
C PHE T 11 13.25 -52.62 -26.76
N SER T 12 12.06 -52.92 -27.30
CA SER T 12 11.97 -53.72 -28.50
C SER T 12 12.42 -52.92 -29.71
N SER T 13 12.62 -53.63 -30.83
CA SER T 13 12.99 -52.98 -32.07
C SER T 13 12.24 -53.49 -33.29
N LEU T 14 11.53 -54.61 -33.20
CA LEU T 14 10.83 -55.20 -34.34
C LEU T 14 9.41 -55.55 -33.95
N GLU T 15 8.49 -55.36 -34.88
CA GLU T 15 7.11 -55.79 -34.71
C GLU T 15 6.67 -56.56 -35.95
N HIS T 16 5.78 -57.52 -35.75
CA HIS T 16 5.32 -58.36 -36.86
C HIS T 16 3.95 -58.91 -36.52
N GLU T 17 2.97 -58.62 -37.38
CA GLU T 17 1.58 -59.06 -37.17
C GLU T 17 1.07 -58.61 -35.80
N GLY T 18 1.37 -57.36 -35.45
CA GLY T 18 0.94 -56.82 -34.17
C GLY T 18 1.56 -57.51 -32.98
N GLU T 19 2.86 -57.85 -33.07
CA GLU T 19 3.56 -58.51 -31.99
C GLU T 19 5.00 -58.01 -31.96
N TYR T 20 5.37 -57.32 -30.90
CA TYR T 20 6.71 -56.77 -30.79
C TYR T 20 7.73 -57.89 -30.60
N TYR T 21 8.90 -57.71 -31.20
CA TYR T 21 10.01 -58.65 -31.07
C TYR T 21 11.25 -57.88 -30.64
N MET T 22 12.36 -58.59 -30.52
CA MET T 22 13.57 -58.00 -29.97
C MET T 22 14.78 -58.76 -30.50
N THR T 23 15.87 -58.02 -30.74
CA THR T 23 17.17 -58.50 -31.19
C THR T 23 18.14 -58.56 -30.02
N PRO T 24 19.16 -59.42 -30.08
CA PRO T 24 20.10 -59.54 -28.95
C PRO T 24 20.71 -58.23 -28.51
N ARG T 25 20.90 -57.28 -29.42
CA ARG T 25 21.44 -55.99 -29.02
C ARG T 25 20.50 -55.30 -28.05
N ASP T 26 19.19 -55.40 -28.30
CA ASP T 26 18.24 -54.76 -27.41
C ASP T 26 18.14 -55.49 -26.09
N PHE T 27 18.30 -56.81 -26.10
CA PHE T 27 18.31 -57.55 -24.85
C PHE T 27 19.50 -57.15 -23.99
N LEU T 28 20.67 -57.01 -24.62
CA LEU T 28 21.85 -56.59 -23.88
C LEU T 28 21.69 -55.18 -23.33
N PHE T 29 21.09 -54.28 -24.11
CA PHE T 29 20.85 -52.94 -23.61
C PHE T 29 19.87 -52.94 -22.45
N SER T 30 18.82 -53.75 -22.53
CA SER T 30 17.88 -53.84 -21.42
C SER T 30 18.53 -54.43 -20.18
N VAL T 31 19.53 -55.29 -20.36
CA VAL T 31 20.21 -55.88 -19.21
C VAL T 31 21.15 -54.87 -18.56
N MET T 32 21.92 -54.12 -19.36
CA MET T 32 22.97 -53.28 -18.80
C MET T 32 22.59 -51.82 -18.65
N PHE T 33 21.61 -51.33 -19.39
CA PHE T 33 21.24 -49.92 -19.36
C PHE T 33 19.83 -49.78 -18.80
N GLU T 34 19.65 -48.89 -17.84
CA GLU T 34 18.34 -48.69 -17.23
C GLU T 34 17.36 -48.08 -18.23
N GLN T 35 17.78 -47.03 -18.93
CA GLN T 35 16.92 -46.38 -19.91
C GLN T 35 17.69 -46.10 -21.18
N MET T 36 17.07 -46.40 -22.32
CA MET T 36 17.64 -46.15 -23.64
C MET T 36 16.72 -45.26 -24.45
N GLU T 37 17.33 -44.30 -25.15
CA GLU T 37 16.61 -43.38 -26.03
C GLU T 37 16.76 -43.85 -27.46
N ARG T 38 15.66 -44.34 -28.04
CA ARG T 38 15.69 -44.88 -29.40
C ARG T 38 15.51 -43.73 -30.39
N LYS T 39 16.57 -43.42 -31.13
CA LYS T 39 16.48 -42.35 -32.12
C LYS T 39 15.54 -42.73 -33.26
N THR T 40 15.52 -43.99 -33.65
CA THR T 40 14.73 -44.44 -34.78
C THR T 40 13.40 -45.03 -34.30
N SER T 41 12.67 -45.62 -35.23
CA SER T 41 11.35 -46.18 -34.99
C SER T 41 11.35 -47.66 -35.28
N VAL T 42 10.29 -48.33 -34.83
CA VAL T 42 10.15 -49.76 -35.08
C VAL T 42 9.85 -50.01 -36.55
N LYS T 43 10.18 -51.22 -37.01
CA LYS T 43 9.97 -51.61 -38.40
C LYS T 43 9.29 -52.96 -38.47
N LYS T 44 8.45 -53.14 -39.47
CA LYS T 44 7.74 -54.39 -39.65
C LYS T 44 8.63 -55.41 -40.36
N LEU T 45 8.11 -56.61 -40.56
CA LEU T 45 8.89 -57.70 -41.12
C LEU T 45 8.06 -58.49 -42.11
N THR T 46 8.75 -59.29 -42.92
CA THR T 46 8.14 -60.30 -43.77
C THR T 46 8.95 -61.59 -43.61
N LYS T 47 8.51 -62.63 -44.33
CA LYS T 47 9.25 -63.88 -44.28
C LYS T 47 10.67 -63.71 -44.78
N LYS T 48 10.85 -62.87 -45.81
CA LYS T 48 12.19 -62.55 -46.27
C LYS T 48 12.99 -61.84 -45.18
N ASP T 49 12.35 -60.92 -44.46
CA ASP T 49 13.02 -60.29 -43.33
C ASP T 49 13.37 -61.30 -42.26
N ILE T 50 12.46 -62.24 -42.00
CA ILE T 50 12.71 -63.28 -41.01
C ILE T 50 13.92 -64.11 -41.38
N GLU T 51 14.05 -64.46 -42.66
CA GLU T 51 15.19 -65.27 -43.08
C GLU T 51 16.47 -64.46 -43.09
N ASP T 52 16.40 -63.20 -43.49
CA ASP T 52 17.59 -62.34 -43.42
C ASP T 52 18.07 -62.18 -42.00
N THR T 53 17.15 -62.18 -41.03
CA THR T 53 17.56 -62.10 -39.63
C THR T 53 18.10 -63.44 -39.13
N LEU T 54 17.43 -64.54 -39.45
CA LEU T 54 17.82 -65.85 -38.96
C LEU T 54 19.04 -66.41 -39.70
N SER T 55 19.52 -65.73 -40.73
CA SER T 55 20.72 -66.20 -41.43
C SER T 55 22.00 -65.96 -40.64
N GLY T 56 21.96 -65.61 -39.36
CA GLY T 56 23.17 -65.38 -38.59
C GLY T 56 23.60 -66.56 -37.76
N ILE T 57 22.62 -67.31 -37.25
CA ILE T 57 22.93 -68.42 -36.33
C ILE T 57 23.73 -69.50 -37.03
N GLN T 58 23.59 -69.62 -38.36
CA GLN T 58 24.32 -70.66 -39.07
C GLN T 58 25.83 -70.44 -39.00
N THR T 59 26.26 -69.19 -38.89
CA THR T 59 27.68 -68.85 -38.84
C THR T 59 28.07 -68.20 -37.52
N ALA T 60 27.33 -68.53 -36.46
CA ALA T 60 27.57 -67.99 -35.13
C ALA T 60 28.28 -69.01 -34.27
N GLY T 61 29.11 -68.52 -33.35
CA GLY T 61 29.85 -69.39 -32.46
C GLY T 61 29.04 -69.76 -31.24
N CYS T 62 28.91 -71.06 -31.00
CA CYS T 62 28.18 -71.58 -29.86
C CYS T 62 29.01 -71.63 -28.58
N GLY T 63 30.12 -70.92 -28.53
CA GLY T 63 30.99 -70.92 -27.37
C GLY T 63 30.55 -69.95 -26.30
N SER T 64 31.54 -69.38 -25.61
CA SER T 64 31.26 -68.45 -24.52
C SER T 64 30.62 -67.16 -25.05
N THR T 65 31.07 -66.69 -26.21
CA THR T 65 30.52 -65.49 -26.82
C THR T 65 29.45 -65.89 -27.84
N PHE T 66 28.22 -65.51 -27.57
CA PHE T 66 27.14 -65.85 -28.48
C PHE T 66 26.27 -64.65 -28.85
N PHE T 67 26.05 -63.72 -27.92
CA PHE T 67 25.12 -62.63 -28.21
C PHE T 67 25.79 -61.49 -28.97
N ARG T 68 26.96 -61.03 -28.51
CA ARG T 68 27.69 -60.03 -29.29
C ARG T 68 28.07 -60.58 -30.65
N ASP T 69 28.30 -61.89 -30.75
CA ASP T 69 28.60 -62.50 -32.04
C ASP T 69 27.40 -62.37 -32.97
N LEU T 70 26.19 -62.60 -32.46
CA LEU T 70 25.01 -62.44 -33.29
C LEU T 70 24.78 -60.99 -33.68
N GLY T 71 25.12 -60.07 -32.80
CA GLY T 71 24.96 -58.65 -33.09
C GLY T 71 23.51 -58.22 -33.14
N ASP T 72 23.02 -57.93 -34.34
CA ASP T 72 21.64 -57.46 -34.51
C ASP T 72 20.77 -58.45 -35.26
N LYS T 73 21.35 -59.41 -35.97
CA LYS T 73 20.58 -60.38 -36.76
C LYS T 73 20.16 -61.54 -35.86
N GLY T 74 19.18 -61.24 -35.00
CA GLY T 74 18.61 -62.23 -34.12
C GLY T 74 17.18 -61.89 -33.80
N LEU T 75 16.47 -62.86 -33.22
CA LEU T 75 15.05 -62.71 -32.93
C LEU T 75 14.73 -63.29 -31.57
N ILE T 76 14.05 -62.50 -30.74
CA ILE T 76 13.71 -62.89 -29.37
C ILE T 76 12.32 -62.35 -29.07
N SER T 77 11.41 -63.23 -28.65
CA SER T 77 10.06 -62.82 -28.32
C SER T 77 9.98 -62.53 -26.82
N TYR T 78 8.75 -62.32 -26.33
CA TYR T 78 8.57 -61.98 -24.92
C TYR T 78 8.87 -63.17 -24.02
N THR T 79 8.44 -64.36 -24.41
CA THR T 79 8.64 -65.53 -23.58
C THR T 79 10.11 -65.84 -23.39
N GLU T 80 10.87 -65.82 -24.49
CA GLU T 80 12.31 -66.04 -24.36
C GLU T 80 12.97 -64.91 -23.58
N TYR T 81 12.44 -63.69 -23.69
CA TYR T 81 12.97 -62.60 -22.89
C TYR T 81 12.84 -62.90 -21.41
N LEU T 82 11.65 -63.32 -20.97
CA LEU T 82 11.47 -63.64 -19.57
C LEU T 82 12.31 -64.83 -19.14
N PHE T 83 12.41 -65.83 -20.01
CA PHE T 83 13.22 -67.01 -19.67
C PHE T 83 14.68 -66.63 -19.46
N LEU T 84 15.25 -65.86 -20.39
CA LEU T 84 16.63 -65.42 -20.23
C LEU T 84 16.79 -64.53 -19.02
N LEU T 85 15.78 -63.71 -18.73
CA LEU T 85 15.87 -62.82 -17.58
C LEU T 85 15.91 -63.61 -16.28
N THR T 86 15.17 -64.72 -16.21
CA THR T 86 15.30 -65.58 -15.04
C THR T 86 16.63 -66.30 -15.01
N ILE T 87 17.17 -66.64 -16.18
CA ILE T 87 18.48 -67.29 -16.22
C ILE T 87 19.57 -66.37 -15.67
N LEU T 88 19.46 -65.07 -15.95
CA LEU T 88 20.48 -64.12 -15.50
C LEU T 88 20.76 -64.22 -14.00
N THR T 89 19.72 -64.37 -13.19
CA THR T 89 19.87 -64.32 -11.74
C THR T 89 19.70 -65.68 -11.08
N LYS T 90 19.75 -66.75 -11.84
CA LYS T 90 19.61 -68.08 -11.28
C LYS T 90 20.96 -68.56 -10.75
N PRO T 91 21.06 -68.92 -9.47
CA PRO T 91 22.33 -69.38 -8.94
C PRO T 91 22.62 -70.81 -9.36
N HIS T 92 23.85 -71.25 -9.10
CA HIS T 92 24.22 -72.62 -9.34
C HIS T 92 23.44 -73.54 -8.40
N SER T 93 23.57 -74.84 -8.66
CA SER T 93 22.82 -75.88 -7.95
C SER T 93 21.32 -75.75 -8.16
N GLY T 94 20.88 -74.84 -9.02
CA GLY T 94 19.50 -74.74 -9.39
C GLY T 94 19.37 -75.01 -10.87
N PHE T 95 20.51 -75.22 -11.52
CA PHE T 95 20.52 -75.50 -12.95
C PHE T 95 19.82 -76.82 -13.25
N HIS T 96 20.23 -77.88 -12.56
CA HIS T 96 19.61 -79.18 -12.81
C HIS T 96 18.14 -79.18 -12.41
N VAL T 97 17.80 -78.49 -11.32
CA VAL T 97 16.41 -78.40 -10.90
C VAL T 97 15.59 -77.66 -11.95
N ALA T 98 16.12 -76.55 -12.47
CA ALA T 98 15.41 -75.82 -13.50
C ALA T 98 15.25 -76.66 -14.76
N PHE T 99 16.27 -77.45 -15.10
CA PHE T 99 16.18 -78.31 -16.27
C PHE T 99 15.08 -79.35 -16.10
N LYS T 100 15.09 -80.05 -14.97
CA LYS T 100 14.04 -81.05 -14.73
C LYS T 100 12.67 -80.41 -14.63
N MET T 101 12.62 -79.14 -14.22
CA MET T 101 11.34 -78.46 -14.15
C MET T 101 10.79 -78.17 -15.53
N LEU T 102 11.66 -77.81 -16.47
CA LEU T 102 11.22 -77.49 -17.83
C LEU T 102 10.79 -78.67 -18.60
N ASP T 103 10.63 -79.86 -18.04
CA ASP T 103 10.13 -80.99 -18.82
C ASP T 103 9.36 -81.92 -17.91
N THR T 104 8.16 -82.29 -18.33
CA THR T 104 7.51 -83.46 -17.77
C THR T 104 8.25 -84.70 -18.27
N ASP T 105 8.53 -85.63 -17.36
CA ASP T 105 9.59 -86.60 -17.64
C ASP T 105 9.26 -87.55 -18.76
N GLY T 106 8.16 -87.37 -19.50
CA GLY T 106 7.96 -88.14 -20.72
C GLY T 106 9.08 -87.96 -21.73
N ASN T 107 9.87 -86.90 -21.61
CA ASN T 107 11.08 -86.71 -22.41
C ASN T 107 12.22 -86.39 -21.47
N GLU T 108 13.26 -87.23 -21.46
CA GLU T 108 14.42 -86.94 -20.63
C GLU T 108 15.19 -85.75 -21.18
N MET T 109 15.14 -85.53 -22.48
CA MET T 109 15.62 -84.29 -23.06
C MET T 109 14.45 -83.30 -23.13
N ILE T 110 14.67 -82.18 -23.79
CA ILE T 110 13.63 -81.16 -23.98
C ILE T 110 13.36 -81.04 -25.46
N GLU T 111 12.16 -81.43 -25.89
CA GLU T 111 11.69 -81.11 -27.21
C GLU T 111 10.98 -79.75 -27.16
N LYS T 112 10.68 -79.21 -28.34
CA LYS T 112 10.09 -77.88 -28.39
C LYS T 112 8.68 -77.84 -27.82
N ARG T 113 8.10 -78.99 -27.50
CA ARG T 113 6.78 -79.00 -26.89
C ARG T 113 6.80 -78.38 -25.50
N GLU T 114 7.93 -78.45 -24.80
CA GLU T 114 8.00 -77.88 -23.47
C GLU T 114 8.13 -76.37 -23.51
N PHE T 115 8.91 -75.84 -24.45
CA PHE T 115 8.89 -74.40 -24.66
C PHE T 115 7.53 -73.93 -25.15
N PHE T 116 6.82 -74.77 -25.90
CA PHE T 116 5.44 -74.44 -26.23
C PHE T 116 4.58 -74.39 -24.99
N LYS T 117 4.86 -75.26 -24.02
CA LYS T 117 4.15 -75.20 -22.75
C LYS T 117 4.45 -73.91 -22.00
N LEU T 118 5.70 -73.45 -22.06
CA LEU T 118 6.05 -72.18 -21.45
C LEU T 118 5.29 -71.03 -22.10
N GLN T 119 5.28 -71.01 -23.43
CA GLN T 119 4.51 -69.98 -24.14
C GLN T 119 3.03 -70.08 -23.81
N LYS T 120 2.52 -71.29 -23.57
CA LYS T 120 1.12 -71.46 -23.21
C LYS T 120 0.85 -70.93 -21.82
N ILE T 121 1.79 -71.10 -20.90
CA ILE T 121 1.65 -70.47 -19.59
C ILE T 121 1.55 -68.96 -19.74
N ILE T 122 2.44 -68.38 -20.55
CA ILE T 122 2.41 -66.94 -20.77
C ILE T 122 1.07 -66.51 -21.36
N SER T 123 0.60 -67.22 -22.38
CA SER T 123 -0.62 -66.82 -23.06
C SER T 123 -1.84 -67.02 -22.17
N LYS T 124 -1.84 -68.04 -21.31
CA LYS T 124 -2.95 -68.23 -20.40
C LYS T 124 -2.98 -67.14 -19.35
N GLN T 125 -1.81 -66.75 -18.84
CA GLN T 125 -1.77 -65.63 -17.90
C GLN T 125 -2.19 -64.33 -18.56
N ASP T 126 -1.90 -64.18 -19.86
CA ASP T 126 -2.25 -62.94 -20.56
C ASP T 126 -3.75 -62.87 -20.84
N ASP T 127 -4.29 -63.89 -21.51
CA ASP T 127 -5.66 -63.82 -22.00
C ASP T 127 -6.66 -63.76 -20.86
N LEU T 128 -6.38 -64.45 -19.75
CA LEU T 128 -7.29 -64.47 -18.61
C LEU T 128 -7.16 -63.17 -17.81
N MET T 129 -7.51 -62.08 -18.49
CA MET T 129 -7.44 -60.75 -17.90
C MET T 129 -8.61 -60.51 -16.96
N GLU T 147 4.80 -71.46 -35.65
CA GLU T 147 4.37 -70.31 -36.45
C GLU T 147 5.55 -69.41 -36.79
N ILE T 148 6.16 -68.84 -35.75
CA ILE T 148 7.31 -67.96 -35.91
C ILE T 148 8.48 -68.56 -35.13
N ASN T 149 9.61 -68.71 -35.79
CA ASN T 149 10.81 -69.28 -35.18
C ASN T 149 11.69 -68.17 -34.67
N THR T 150 11.97 -68.16 -33.38
CA THR T 150 12.89 -67.20 -32.82
C THR T 150 14.32 -67.72 -32.93
N THR T 151 15.27 -66.90 -32.52
CA THR T 151 16.67 -67.32 -32.61
C THR T 151 17.00 -68.36 -31.55
N LEU T 152 16.43 -68.22 -30.36
CA LEU T 152 16.76 -69.11 -29.26
C LEU T 152 16.27 -70.53 -29.54
N GLN T 153 15.06 -70.66 -30.08
CA GLN T 153 14.58 -71.98 -30.47
C GLN T 153 15.44 -72.58 -31.56
N MET T 154 15.84 -71.76 -32.53
CA MET T 154 16.74 -72.24 -33.58
C MET T 154 18.09 -72.65 -33.03
N ARG T 155 18.49 -72.09 -31.89
CA ARG T 155 19.74 -72.50 -31.27
C ARG T 155 19.58 -73.82 -30.52
N PHE T 156 18.53 -73.94 -29.72
CA PHE T 156 18.30 -75.18 -28.99
C PHE T 156 17.85 -76.29 -29.93
N PHE T 157 16.86 -76.02 -30.77
CA PHE T 157 16.31 -77.00 -31.69
C PHE T 157 16.68 -76.64 -33.12
N GLY T 158 16.75 -77.65 -33.97
CA GLY T 158 17.16 -77.44 -35.34
C GLY T 158 16.15 -76.64 -36.13
N LYS T 159 16.56 -76.27 -37.35
CA LYS T 159 15.65 -75.57 -38.26
C LYS T 159 14.43 -76.43 -38.58
N ARG T 160 14.61 -77.75 -38.66
CA ARG T 160 13.47 -78.63 -38.90
C ARG T 160 12.54 -78.64 -37.70
N GLY T 161 13.08 -78.65 -36.49
CA GLY T 161 12.28 -78.65 -35.28
C GLY T 161 12.26 -79.95 -34.52
N GLN T 162 12.98 -80.97 -34.97
CA GLN T 162 13.05 -82.25 -34.28
C GLN T 162 14.47 -82.41 -33.74
N ARG T 163 14.70 -81.92 -32.54
CA ARG T 163 16.02 -81.95 -31.92
C ARG T 163 15.86 -82.07 -30.42
N LYS T 164 16.60 -83.00 -29.82
CA LYS T 164 16.57 -83.18 -28.39
C LYS T 164 17.63 -82.30 -27.74
N LEU T 165 17.29 -81.72 -26.60
CA LEU T 165 18.18 -80.84 -25.86
C LEU T 165 18.52 -81.51 -24.54
N HIS T 166 19.78 -81.90 -24.38
CA HIS T 166 20.21 -82.58 -23.17
C HIS T 166 20.55 -81.57 -22.09
N TYR T 167 20.83 -82.09 -20.90
CA TYR T 167 21.05 -81.21 -19.75
C TYR T 167 22.41 -80.54 -19.81
N LYS T 168 23.42 -81.25 -20.31
CA LYS T 168 24.76 -80.68 -20.35
C LYS T 168 24.80 -79.45 -21.24
N GLU T 169 24.14 -79.51 -22.39
CA GLU T 169 24.08 -78.35 -23.27
C GLU T 169 23.33 -77.20 -22.60
N PHE T 170 22.30 -77.51 -21.83
CA PHE T 170 21.56 -76.49 -21.10
C PHE T 170 22.46 -75.77 -20.11
N ARG T 171 23.21 -76.54 -19.32
CA ARG T 171 24.12 -75.95 -18.34
C ARG T 171 25.19 -75.12 -19.02
N ARG T 172 25.74 -75.64 -20.14
CA ARG T 172 26.74 -74.88 -20.87
C ARG T 172 26.18 -73.55 -21.35
N PHE T 173 24.96 -73.57 -21.90
CA PHE T 173 24.36 -72.34 -22.39
C PHE T 173 24.14 -71.33 -21.29
N MET T 174 23.64 -71.78 -20.14
CA MET T 174 23.39 -70.84 -19.04
C MET T 174 24.68 -70.25 -18.51
N GLU T 175 25.71 -71.08 -18.33
CA GLU T 175 27.01 -70.57 -17.90
C GLU T 175 27.55 -69.56 -18.90
N ASN T 176 27.41 -69.85 -20.19
CA ASN T 176 27.90 -68.93 -21.21
C ASN T 176 27.17 -67.60 -21.15
N LEU T 177 25.85 -67.63 -20.95
CA LEU T 177 25.10 -66.39 -20.87
C LEU T 177 25.54 -65.56 -19.68
N GLN T 178 25.68 -66.19 -18.52
CA GLN T 178 26.10 -65.45 -17.33
C GLN T 178 27.49 -64.84 -17.53
N THR T 179 28.43 -65.63 -18.03
CA THR T 179 29.78 -65.13 -18.24
C THR T 179 29.80 -64.03 -19.29
N GLU T 180 28.95 -64.13 -20.31
CA GLU T 180 28.88 -63.09 -21.31
C GLU T 180 28.40 -61.78 -20.70
N ILE T 181 27.42 -61.86 -19.81
CA ILE T 181 26.95 -60.65 -19.14
C ILE T 181 28.04 -60.07 -18.24
N GLN T 182 28.78 -60.92 -17.53
CA GLN T 182 29.87 -60.39 -16.71
C GLN T 182 30.93 -59.70 -17.57
N GLU T 183 31.31 -60.31 -18.70
CA GLU T 183 32.27 -59.66 -19.59
C GLU T 183 31.74 -58.33 -20.09
N MET T 184 30.45 -58.28 -20.42
CA MET T 184 29.88 -57.03 -20.93
C MET T 184 29.95 -55.93 -19.88
N GLU T 185 29.58 -56.25 -18.64
CA GLU T 185 29.62 -55.24 -17.59
C GLU T 185 31.04 -54.82 -17.28
N PHE T 186 31.99 -55.77 -17.31
CA PHE T 186 33.39 -55.45 -17.07
C PHE T 186 33.92 -54.49 -18.11
N LEU T 187 33.65 -54.77 -19.39
CA LEU T 187 34.14 -53.90 -20.45
C LEU T 187 33.39 -52.58 -20.47
N GLN T 188 32.16 -52.55 -19.96
CA GLN T 188 31.44 -51.29 -19.89
C GLN T 188 31.96 -50.41 -18.75
N PHE T 189 32.47 -51.01 -17.68
CA PHE T 189 32.99 -50.22 -16.57
C PHE T 189 34.49 -49.97 -16.64
N SER T 190 35.21 -50.70 -17.49
CA SER T 190 36.65 -50.52 -17.62
C SER T 190 37.05 -49.67 -18.82
N LYS T 191 36.07 -49.16 -19.57
CA LYS T 191 36.27 -48.29 -20.72
C LYS T 191 37.05 -48.95 -21.85
N GLY T 192 37.32 -50.25 -21.74
CA GLY T 192 37.99 -51.00 -22.78
C GLY T 192 39.27 -51.67 -22.30
N LEU T 193 39.92 -51.10 -21.29
CA LEU T 193 41.17 -51.67 -20.80
C LEU T 193 40.93 -52.99 -20.11
N SER T 194 42.00 -53.78 -19.98
CA SER T 194 41.93 -55.11 -19.40
C SER T 194 42.21 -55.12 -17.90
N PHE T 195 42.36 -53.95 -17.28
CA PHE T 195 42.62 -53.86 -15.84
C PHE T 195 41.90 -52.62 -15.31
N MET T 196 40.71 -52.81 -14.78
CA MET T 196 39.96 -51.70 -14.22
C MET T 196 40.55 -51.24 -12.89
N ARG T 197 40.44 -49.94 -12.64
CA ARG T 197 40.93 -49.37 -11.40
C ARG T 197 40.01 -49.71 -10.25
N LYS T 198 40.60 -49.86 -9.06
CA LYS T 198 39.80 -50.16 -7.87
C LYS T 198 38.63 -49.20 -7.69
N GLU T 199 38.77 -47.97 -8.20
CA GLU T 199 37.68 -47.01 -8.06
C GLU T 199 36.46 -47.43 -8.86
N ASP T 200 36.67 -48.05 -10.01
CA ASP T 200 35.54 -48.52 -10.81
C ASP T 200 34.81 -49.65 -10.11
N PHE T 201 35.54 -50.58 -9.51
CA PHE T 201 34.90 -51.62 -8.72
C PHE T 201 34.18 -51.04 -7.52
N ALA T 202 34.76 -50.00 -6.90
CA ALA T 202 34.12 -49.36 -5.77
C ALA T 202 32.79 -48.73 -6.16
N GLU T 203 32.77 -48.00 -7.27
CA GLU T 203 31.53 -47.36 -7.68
C GLU T 203 30.52 -48.38 -8.19
N TRP T 204 30.99 -49.46 -8.82
CA TRP T 204 30.08 -50.51 -9.24
C TRP T 204 29.39 -51.15 -8.03
N LEU T 205 30.15 -51.38 -6.95
CA LEU T 205 29.53 -51.88 -5.73
C LEU T 205 28.56 -50.87 -5.14
N LEU T 206 29.00 -49.62 -5.01
CA LEU T 206 28.18 -48.59 -4.38
C LEU T 206 26.95 -48.24 -5.19
N PHE T 207 26.88 -48.63 -6.45
CA PHE T 207 25.71 -48.30 -7.26
C PHE T 207 24.43 -48.85 -6.65
N PHE T 208 24.39 -50.15 -6.40
CA PHE T 208 23.15 -50.80 -5.98
C PHE T 208 22.99 -50.91 -4.47
N THR T 209 23.96 -50.46 -3.69
CA THR T 209 23.79 -50.42 -2.25
C THR T 209 22.65 -49.48 -1.87
N ASN T 210 21.83 -49.91 -0.91
CA ASN T 210 20.63 -49.16 -0.53
C ASN T 210 20.92 -48.23 0.64
N THR T 211 21.76 -47.23 0.37
CA THR T 211 22.08 -46.19 1.32
C THR T 211 21.79 -44.83 0.71
N GLU T 212 21.70 -43.82 1.57
CA GLU T 212 21.37 -42.48 1.14
C GLU T 212 22.57 -41.53 1.13
N ASN T 213 23.68 -41.91 1.77
CA ASN T 213 24.85 -41.06 1.87
C ASN T 213 26.09 -41.90 1.57
N LYS T 214 26.53 -41.88 0.32
CA LYS T 214 27.78 -42.53 -0.06
C LYS T 214 29.00 -41.75 0.39
N ASP T 215 28.80 -40.61 1.06
CA ASP T 215 29.91 -39.73 1.42
C ASP T 215 30.93 -40.45 2.30
N ILE T 216 30.47 -41.28 3.23
CA ILE T 216 31.40 -41.98 4.11
C ILE T 216 32.22 -42.99 3.31
N TYR T 217 31.59 -43.68 2.37
CA TYR T 217 32.32 -44.65 1.56
C TYR T 217 33.29 -43.96 0.62
N TRP T 218 32.91 -42.80 0.09
CA TRP T 218 33.83 -42.05 -0.75
C TRP T 218 35.00 -41.51 0.06
N LYS T 219 34.75 -41.10 1.30
CA LYS T 219 35.84 -40.71 2.18
C LYS T 219 36.77 -41.90 2.44
N ASN T 220 36.20 -43.08 2.63
CA ASN T 220 37.00 -44.27 2.89
C ASN T 220 37.88 -44.61 1.68
N VAL T 221 37.31 -44.56 0.48
CA VAL T 221 38.09 -44.90 -0.70
C VAL T 221 39.10 -43.80 -1.01
N ARG T 222 38.83 -42.57 -0.59
CA ARG T 222 39.79 -41.50 -0.77
C ARG T 222 40.97 -41.65 0.19
N GLU T 223 40.68 -42.02 1.44
CA GLU T 223 41.71 -42.11 2.46
C GLU T 223 42.39 -43.47 2.47
N LYS T 224 41.62 -44.54 2.70
CA LYS T 224 42.22 -45.84 2.95
C LYS T 224 42.72 -46.51 1.67
N LEU T 225 41.97 -46.42 0.59
CA LEU T 225 42.35 -47.14 -0.62
C LEU T 225 43.53 -46.45 -1.29
N SER T 226 44.40 -47.27 -1.88
CA SER T 226 45.59 -46.75 -2.55
C SER T 226 45.20 -45.90 -3.74
N ALA T 227 46.15 -45.07 -4.19
CA ALA T 227 45.89 -44.21 -5.33
C ALA T 227 45.78 -45.01 -6.63
N GLY T 228 46.61 -46.03 -6.79
CA GLY T 228 46.57 -46.83 -7.98
C GLY T 228 46.64 -48.32 -7.74
N GLU T 229 45.62 -49.06 -8.19
CA GLU T 229 45.59 -50.51 -8.07
C GLU T 229 44.54 -51.03 -9.03
N SER T 230 44.77 -52.24 -9.53
CA SER T 230 43.98 -52.79 -10.62
C SER T 230 43.27 -54.07 -10.18
N ILE T 231 42.30 -54.48 -11.00
CA ILE T 231 41.53 -55.70 -10.80
C ILE T 231 41.45 -56.43 -12.13
N SER T 232 41.71 -57.73 -12.13
CA SER T 232 41.68 -58.53 -13.34
C SER T 232 40.24 -58.84 -13.71
N LEU T 233 40.05 -59.77 -14.65
CA LEU T 233 38.72 -60.16 -15.10
C LEU T 233 38.18 -61.36 -14.34
N ASP T 234 39.02 -62.37 -14.13
CA ASP T 234 38.59 -63.56 -13.41
C ASP T 234 38.15 -63.20 -11.99
N GLU T 235 38.85 -62.25 -11.37
CA GLU T 235 38.47 -61.83 -10.03
C GLU T 235 37.09 -61.17 -10.03
N PHE T 236 36.82 -60.34 -11.04
CA PHE T 236 35.50 -59.73 -11.14
C PHE T 236 34.42 -60.78 -11.35
N LYS T 237 34.69 -61.78 -12.18
CA LYS T 237 33.70 -62.84 -12.40
C LYS T 237 33.45 -63.64 -11.11
N SER T 238 34.51 -63.94 -10.37
CA SER T 238 34.35 -64.65 -9.11
C SER T 238 33.53 -63.84 -8.12
N PHE T 239 33.77 -62.53 -8.06
CA PHE T 239 32.98 -61.71 -7.14
C PHE T 239 31.53 -61.64 -7.57
N CYS T 240 31.27 -61.61 -8.88
CA CYS T 240 29.89 -61.61 -9.34
C CYS T 240 29.18 -62.91 -8.97
N HIS T 241 29.87 -64.05 -9.11
CA HIS T 241 29.25 -65.31 -8.72
C HIS T 241 28.99 -65.37 -7.22
N PHE T 242 29.89 -64.81 -6.42
CA PHE T 242 29.61 -64.69 -4.99
C PHE T 242 28.39 -63.82 -4.76
N THR T 243 28.26 -62.72 -5.51
CA THR T 243 27.12 -61.85 -5.32
C THR T 243 25.83 -62.58 -5.66
N THR T 244 25.87 -63.46 -6.65
CA THR T 244 24.65 -64.16 -7.01
C THR T 244 24.36 -65.35 -6.09
N HIS T 245 25.34 -65.79 -5.29
CA HIS T 245 25.08 -66.80 -4.28
C HIS T 245 24.97 -66.20 -2.88
N LEU T 246 24.86 -64.87 -2.79
CA LEU T 246 24.82 -64.18 -1.51
C LEU T 246 23.77 -64.74 -0.55
N GLU T 247 22.66 -65.28 -1.05
CA GLU T 247 21.62 -65.75 -0.15
C GLU T 247 22.09 -66.99 0.61
N ASP T 248 22.64 -67.96 -0.10
CA ASP T 248 23.20 -69.13 0.55
C ASP T 248 24.36 -68.74 1.46
N PHE T 249 25.16 -67.77 1.02
CA PHE T 249 26.25 -67.30 1.86
C PHE T 249 25.75 -66.72 3.18
N ALA T 250 24.67 -65.94 3.12
CA ALA T 250 24.14 -65.37 4.36
C ALA T 250 23.48 -66.43 5.23
N ILE T 251 22.85 -67.43 4.63
CA ILE T 251 22.31 -68.53 5.42
C ILE T 251 23.43 -69.24 6.16
N ALA T 252 24.57 -69.43 5.50
CA ALA T 252 25.70 -70.07 6.16
C ALA T 252 26.31 -69.17 7.24
N MET T 253 26.26 -67.86 7.03
CA MET T 253 26.87 -66.92 7.96
C MET T 253 25.96 -66.52 9.11
N GLN T 254 24.67 -66.88 9.07
CA GLN T 254 23.77 -66.51 10.16
C GLN T 254 24.21 -67.13 11.48
N MET T 255 24.78 -68.33 11.46
CA MET T 255 25.27 -68.91 12.70
C MET T 255 26.38 -68.05 13.30
N PHE T 256 27.23 -67.49 12.45
CA PHE T 256 28.32 -66.64 12.92
C PHE T 256 27.82 -65.27 13.34
N SER T 257 26.72 -64.80 12.72
CA SER T 257 26.15 -63.51 13.11
C SER T 257 25.56 -63.56 14.50
N LEU T 258 25.04 -64.72 14.91
CA LEU T 258 24.67 -64.91 16.29
C LEU T 258 25.87 -64.69 17.20
N ALA T 259 25.60 -64.14 18.38
CA ALA T 259 26.56 -63.59 19.33
C ALA T 259 27.18 -62.29 18.81
N HIS T 260 26.82 -61.85 17.61
CA HIS T 260 27.25 -60.56 17.07
C HIS T 260 28.77 -60.45 17.02
N ARG T 261 29.39 -61.44 16.37
CA ARG T 261 30.83 -61.51 16.27
C ARG T 261 31.27 -61.02 14.90
N PRO T 262 31.94 -59.87 14.80
CA PRO T 262 32.45 -59.43 13.50
C PRO T 262 33.49 -60.39 12.97
N VAL T 263 33.42 -60.66 11.67
CA VAL T 263 34.27 -61.65 11.02
C VAL T 263 35.48 -60.97 10.40
N ARG T 264 36.65 -61.59 10.55
CA ARG T 264 37.89 -61.06 10.01
C ARG T 264 37.98 -61.40 8.52
N LEU T 265 39.15 -61.18 7.93
CA LEU T 265 39.29 -61.40 6.49
C LEU T 265 39.53 -62.86 6.16
N ALA T 266 40.39 -63.53 6.92
CA ALA T 266 40.69 -64.93 6.63
C ALA T 266 39.45 -65.81 6.76
N GLU T 267 38.68 -65.60 7.83
CA GLU T 267 37.45 -66.37 7.99
C GLU T 267 36.42 -66.02 6.93
N PHE T 268 36.37 -64.75 6.52
CA PHE T 268 35.49 -64.37 5.43
C PHE T 268 35.83 -65.12 4.15
N LYS T 269 37.12 -65.18 3.83
CA LYS T 269 37.55 -65.87 2.61
C LYS T 269 37.25 -67.36 2.69
N ARG T 270 37.58 -67.99 3.83
CA ARG T 270 37.29 -69.41 3.99
C ARG T 270 35.79 -69.68 3.86
N ALA T 271 34.96 -68.82 4.45
CA ALA T 271 33.53 -69.04 4.44
C ALA T 271 32.94 -68.88 3.05
N VAL T 272 33.36 -67.84 2.32
CA VAL T 272 32.84 -67.67 0.96
C VAL T 272 33.31 -68.83 0.07
N LYS T 273 34.53 -69.30 0.28
CA LYS T 273 35.02 -70.44 -0.50
C LYS T 273 34.20 -71.69 -0.20
N VAL T 274 33.87 -71.92 1.07
CA VAL T 274 33.17 -73.15 1.41
C VAL T 274 31.68 -73.10 1.12
N ALA T 275 31.09 -71.91 1.05
CA ALA T 275 29.66 -71.80 0.85
C ALA T 275 29.27 -71.50 -0.59
N THR T 276 30.16 -70.90 -1.38
CA THR T 276 29.84 -70.56 -2.76
C THR T 276 30.78 -71.17 -3.78
N GLY T 277 31.87 -71.82 -3.35
CA GLY T 277 32.81 -72.39 -4.27
C GLY T 277 33.59 -71.40 -5.11
N GLN T 278 33.43 -70.11 -4.87
CA GLN T 278 34.13 -69.06 -5.61
C GLN T 278 35.18 -68.46 -4.68
N GLU T 279 36.41 -68.95 -4.76
CA GLU T 279 37.49 -68.39 -3.98
C GLU T 279 37.85 -67.00 -4.48
N LEU T 280 37.94 -66.04 -3.57
CA LEU T 280 38.25 -64.67 -3.91
C LEU T 280 39.72 -64.36 -3.64
N SER T 281 40.22 -63.33 -4.33
CA SER T 281 41.59 -62.90 -4.12
C SER T 281 41.67 -61.99 -2.90
N ASN T 282 42.90 -61.73 -2.48
CA ASN T 282 43.12 -60.79 -1.38
C ASN T 282 42.86 -59.36 -1.80
N ASN T 283 42.98 -59.04 -3.09
CA ASN T 283 42.79 -57.66 -3.54
C ASN T 283 41.33 -57.24 -3.38
N ILE T 284 40.41 -58.07 -3.86
CA ILE T 284 38.99 -57.70 -3.79
C ILE T 284 38.53 -57.63 -2.34
N LEU T 285 38.98 -58.57 -1.50
CA LEU T 285 38.56 -58.56 -0.11
C LEU T 285 39.14 -57.36 0.63
N ASP T 286 40.43 -57.07 0.39
CA ASP T 286 41.03 -55.87 0.95
C ASP T 286 40.23 -54.64 0.55
N THR T 287 39.86 -54.55 -0.73
CA THR T 287 39.13 -53.39 -1.22
C THR T 287 37.76 -53.27 -0.58
N VAL T 288 37.03 -54.38 -0.49
CA VAL T 288 35.68 -54.32 0.04
C VAL T 288 35.70 -54.04 1.54
N PHE T 289 36.77 -54.41 2.23
CA PHE T 289 36.90 -54.02 3.63
C PHE T 289 37.40 -52.60 3.79
N LYS T 290 38.10 -52.05 2.80
CA LYS T 290 38.47 -50.65 2.88
C LYS T 290 37.29 -49.74 2.58
N ILE T 291 36.35 -50.20 1.76
CA ILE T 291 35.18 -49.39 1.48
C ILE T 291 34.11 -49.56 2.56
N PHE T 292 33.96 -50.75 3.13
CA PHE T 292 32.79 -51.01 3.95
C PHE T 292 33.06 -50.99 5.45
N ASP T 293 34.30 -50.90 5.89
CA ASP T 293 34.58 -50.88 7.32
C ASP T 293 34.34 -49.48 7.85
N LEU T 294 33.11 -49.23 8.29
CA LEU T 294 32.78 -47.92 8.85
C LEU T 294 33.50 -47.68 10.17
N ASP T 295 33.69 -48.72 10.96
CA ASP T 295 34.34 -48.59 12.26
C ASP T 295 35.85 -48.53 12.07
N GLY T 296 36.59 -48.52 13.17
CA GLY T 296 38.03 -48.39 13.09
C GLY T 296 38.76 -49.72 13.11
N ASP T 297 38.06 -50.78 13.51
CA ASP T 297 38.68 -52.09 13.55
C ASP T 297 39.04 -52.56 12.15
N GLU T 298 39.94 -53.54 12.08
CA GLU T 298 40.40 -54.06 10.79
C GLU T 298 39.31 -54.81 10.05
N CYS T 299 38.27 -55.26 10.75
CA CYS T 299 37.18 -55.99 10.14
C CYS T 299 35.90 -55.60 10.84
N LEU T 300 34.81 -55.58 10.09
CA LEU T 300 33.52 -55.14 10.61
C LEU T 300 32.50 -56.26 10.46
N SER T 301 31.42 -56.16 11.23
CA SER T 301 30.46 -57.24 11.33
C SER T 301 29.69 -57.40 10.03
N HIS T 302 28.77 -58.38 10.04
CA HIS T 302 27.95 -58.64 8.86
C HIS T 302 26.96 -57.52 8.60
N GLU T 303 26.72 -56.67 9.61
CA GLU T 303 25.63 -55.70 9.52
C GLU T 303 25.69 -54.90 8.23
N GLU T 304 26.74 -54.09 8.07
CA GLU T 304 26.79 -53.17 6.94
C GLU T 304 26.80 -53.93 5.62
N PHE T 305 27.66 -54.94 5.50
CA PHE T 305 27.83 -55.59 4.21
C PHE T 305 26.56 -56.33 3.78
N LEU T 306 25.98 -57.10 4.70
CA LEU T 306 24.80 -57.88 4.35
C LEU T 306 23.57 -57.00 4.21
N GLY T 307 23.22 -56.24 5.25
CA GLY T 307 22.02 -55.44 5.19
C GLY T 307 22.05 -54.39 4.10
N VAL T 308 23.22 -53.80 3.85
CA VAL T 308 23.33 -52.78 2.81
C VAL T 308 23.30 -53.42 1.43
N LEU T 309 24.12 -54.45 1.22
CA LEU T 309 24.11 -55.19 -0.04
C LEU T 309 23.00 -56.25 0.03
N LYS T 310 21.77 -55.77 -0.08
CA LYS T 310 20.59 -56.60 0.12
C LYS T 310 19.79 -56.81 -1.15
N ASN T 311 19.78 -55.85 -2.07
CA ASN T 311 18.87 -55.93 -3.21
C ASN T 311 19.27 -57.02 -4.19
N ARG T 312 20.48 -56.93 -4.75
CA ARG T 312 20.99 -57.81 -5.79
C ARG T 312 20.20 -57.67 -7.09
N MET T 313 19.20 -56.79 -7.12
CA MET T 313 18.37 -56.54 -8.28
C MET T 313 19.01 -55.57 -9.26
N HIS T 314 20.31 -55.35 -9.11
CA HIS T 314 21.09 -54.47 -9.98
C HIS T 314 21.12 -54.97 -11.41
N ARG T 315 21.79 -54.22 -12.30
CA ARG T 315 21.95 -54.62 -13.69
C ARG T 315 20.59 -54.73 -14.39
N GLY T 316 19.95 -53.58 -14.51
CA GLY T 316 18.61 -53.56 -15.08
C GLY T 316 17.63 -54.16 -14.11
N LEU T 317 16.85 -55.14 -14.59
CA LEU T 317 15.93 -55.90 -13.75
C LEU T 317 15.02 -54.98 -12.95
N TRP T 318 14.57 -53.90 -13.60
CA TRP T 318 13.81 -52.88 -12.90
C TRP T 318 12.50 -53.45 -12.37
N VAL T 319 12.19 -53.11 -11.13
CA VAL T 319 10.93 -53.48 -10.49
C VAL T 319 10.14 -52.20 -10.24
N PRO T 320 9.59 -51.60 -11.28
CA PRO T 320 8.97 -50.27 -11.12
C PRO T 320 7.48 -50.38 -10.77
N GLN T 321 7.19 -50.83 -9.56
CA GLN T 321 5.82 -50.81 -9.07
C GLN T 321 5.50 -49.48 -8.40
N HIS T 322 5.88 -48.40 -9.09
CA HIS T 322 5.75 -47.03 -8.60
C HIS T 322 6.04 -46.93 -7.11
N GLN T 323 7.16 -47.52 -6.71
CA GLN T 323 7.53 -47.64 -5.31
C GLN T 323 8.09 -46.35 -4.73
N SER T 324 8.05 -45.23 -5.46
CA SER T 324 8.54 -43.97 -4.92
C SER T 324 7.71 -43.52 -3.72
N ILE T 325 6.41 -43.33 -3.93
CA ILE T 325 5.56 -42.80 -2.85
C ILE T 325 5.36 -43.83 -1.77
N GLN T 326 5.25 -45.11 -2.14
CA GLN T 326 5.16 -46.16 -1.12
C GLN T 326 6.45 -46.24 -0.30
N GLU T 327 7.60 -45.99 -0.93
CA GLU T 327 8.86 -45.97 -0.20
C GLU T 327 8.92 -44.78 0.76
N TYR T 328 8.48 -43.61 0.29
CA TYR T 328 8.46 -42.45 1.17
C TYR T 328 7.53 -42.66 2.36
N TRP T 329 6.36 -43.26 2.11
CA TRP T 329 5.42 -43.55 3.19
C TRP T 329 6.00 -44.55 4.19
N LYS T 330 6.63 -45.61 3.69
CA LYS T 330 7.23 -46.59 4.58
C LYS T 330 8.41 -46.00 5.35
N CYS T 331 9.12 -45.04 4.75
CA CYS T 331 10.16 -44.33 5.47
C CYS T 331 9.57 -43.50 6.61
N VAL T 332 8.53 -42.72 6.31
CA VAL T 332 7.89 -41.92 7.34
C VAL T 332 7.34 -42.79 8.46
N LYS T 333 6.91 -44.01 8.14
CA LYS T 333 6.33 -44.89 9.15
C LYS T 333 7.41 -45.57 9.99
N LYS T 334 8.26 -46.38 9.35
CA LYS T 334 9.18 -47.28 10.02
C LYS T 334 10.42 -46.60 10.57
N GLU T 335 10.66 -45.33 10.26
CA GLU T 335 11.95 -44.69 10.54
C GLU T 335 12.38 -44.85 11.99
N SER T 336 11.44 -44.96 12.92
CA SER T 336 11.77 -45.20 14.31
C SER T 336 12.30 -46.62 14.51
#